data_3PCB
#
_entry.id   3PCB
#
_cell.length_a   196.950
_cell.length_b   127.560
_cell.length_c   134.310
_cell.angle_alpha   90.00
_cell.angle_beta   97.60
_cell.angle_gamma   90.00
#
_symmetry.space_group_name_H-M   'I 1 2 1'
#
loop_
_entity.id
_entity.type
_entity.pdbx_description
1 polymer 'Protocatechuate 3,4-dioxygenase alpha chain'
2 polymer 'Protocatechuate 3,4-dioxygenase beta chain'
3 non-polymer 'FE (III) ION'
4 non-polymer '3-HYDROXYBENZOIC ACID'
5 water water
#
loop_
_entity_poly.entity_id
_entity_poly.type
_entity_poly.pdbx_seq_one_letter_code
_entity_poly.pdbx_strand_id
1 'polypeptide(L)'
;PIELLPETPSQTAGPYVHIGLALEAAGNPTRDQEIWNRLAKPDAPGEHILLLGQVYDGNGHLVRDSFLEVWQADANGEYQ
DAYNLENAFNSFGRTATTFDAGEWTLHTVKPGVVNNAAGVPMAPHINISLFARGINIHLHTRLYFDDEAQANAKCPVLNL
IEQPQRRETLIAKRCEVDGKTAYRFDIRIQGEGETVFFDF
;
A,B,C,D,E,F
2 'polypeptide(L)'
;PAQDNSRFVIRDRNWHPKALTPDYKTSIARSPRQALVSIPQSISETTGPNFSHLGFGAHDHDLLLNFNNGGLPIGERIIV
AGRVVDQYGKPVPNTLVEMWQANAGGRYRHKNDRYLAPLDPNFGGVGR(CME)LTDSDGYYSFRTIKPGPYPWRNGPNDW
RPAHIHFGISGPSIATKLITQLYFEGDPLIPMCPIVKSIANPEAVQQLIAKLDMNNANPMDCLAYRFDIVLRGQRKTHFE
NC
;
M,N,O,P,Q,R
#
# COMPACT_ATOMS: atom_id res chain seq x y z
N PRO A 1 -15.37 -14.49 -23.30
CA PRO A 1 -15.29 -15.93 -23.04
C PRO A 1 -15.45 -16.22 -21.54
N ILE A 2 -15.47 -17.49 -21.21
CA ILE A 2 -15.55 -17.93 -19.80
C ILE A 2 -14.11 -17.95 -19.26
N GLU A 3 -13.93 -17.49 -18.07
CA GLU A 3 -12.59 -17.46 -17.41
C GLU A 3 -12.71 -18.15 -16.05
N LEU A 4 -11.80 -19.05 -15.74
CA LEU A 4 -11.88 -19.77 -14.42
C LEU A 4 -11.04 -18.95 -13.45
N LEU A 5 -10.78 -19.50 -12.27
CA LEU A 5 -9.84 -18.82 -11.33
C LEU A 5 -8.47 -19.13 -12.03
N PRO A 6 -7.58 -18.18 -11.97
CA PRO A 6 -6.23 -18.34 -12.54
C PRO A 6 -5.46 -19.30 -11.57
N GLU A 7 -4.63 -20.09 -12.20
CA GLU A 7 -3.79 -21.05 -11.45
C GLU A 7 -2.72 -20.21 -10.70
N THR A 8 -2.31 -20.68 -9.55
CA THR A 8 -1.24 -20.02 -8.78
C THR A 8 0.02 -20.08 -9.68
N PRO A 9 0.67 -18.94 -9.81
CA PRO A 9 1.90 -18.84 -10.64
C PRO A 9 3.06 -19.63 -10.04
N SER A 10 3.80 -20.25 -10.93
CA SER A 10 5.00 -21.03 -10.51
C SER A 10 6.16 -20.06 -10.16
N GLN A 11 7.10 -20.58 -9.39
CA GLN A 11 8.33 -19.89 -9.02
C GLN A 11 9.45 -20.93 -9.03
N THR A 12 10.66 -20.47 -9.26
CA THR A 12 11.81 -21.39 -9.26
C THR A 12 11.87 -22.12 -7.91
N ALA A 13 12.49 -23.32 -7.98
CA ALA A 13 12.66 -24.10 -6.74
C ALA A 13 13.72 -23.43 -5.85
N GLY A 14 14.65 -22.74 -6.47
CA GLY A 14 15.74 -22.07 -5.76
C GLY A 14 16.86 -23.10 -5.54
N PRO A 15 18.03 -22.60 -5.14
CA PRO A 15 19.19 -23.45 -4.86
C PRO A 15 19.04 -24.37 -3.66
N TYR A 16 18.15 -24.12 -2.73
CA TYR A 16 17.95 -24.89 -1.52
C TYR A 16 16.84 -25.88 -1.52
N VAL A 17 16.35 -26.21 -2.69
CA VAL A 17 15.24 -27.20 -2.84
C VAL A 17 15.47 -28.48 -2.05
N HIS A 18 16.71 -28.90 -1.87
CA HIS A 18 17.06 -30.13 -1.19
C HIS A 18 16.63 -30.19 0.24
N ILE A 19 16.74 -29.04 0.92
CA ILE A 19 16.34 -29.02 2.34
C ILE A 19 14.89 -29.43 2.48
N GLY A 20 14.07 -29.09 1.51
CA GLY A 20 12.66 -29.45 1.56
C GLY A 20 12.30 -30.74 0.89
N LEU A 21 12.91 -31.05 -0.25
CA LEU A 21 12.55 -32.23 -1.03
C LEU A 21 13.52 -33.36 -1.20
N ALA A 22 14.74 -33.26 -0.72
CA ALA A 22 15.80 -34.24 -0.81
C ALA A 22 16.76 -34.05 0.39
N LEU A 23 16.17 -34.31 1.53
CA LEU A 23 16.80 -34.18 2.84
C LEU A 23 18.18 -34.78 2.92
N GLU A 24 18.30 -36.03 2.57
CA GLU A 24 19.58 -36.77 2.59
C GLU A 24 20.61 -36.00 1.76
N ALA A 25 20.20 -35.64 0.55
CA ALA A 25 21.04 -34.90 -0.40
C ALA A 25 21.52 -33.57 0.16
N ALA A 26 20.67 -32.91 0.90
CA ALA A 26 20.98 -31.60 1.52
C ALA A 26 21.99 -31.80 2.67
N GLY A 27 22.11 -33.06 3.03
CA GLY A 27 22.99 -33.44 4.14
C GLY A 27 22.36 -33.05 5.47
N ASN A 28 21.04 -33.29 5.56
CA ASN A 28 20.30 -33.03 6.80
C ASN A 28 19.64 -34.36 7.24
N PRO A 29 19.33 -34.41 8.52
CA PRO A 29 18.65 -35.58 9.09
C PRO A 29 17.28 -35.74 8.40
N THR A 30 16.97 -36.96 8.01
CA THR A 30 15.72 -37.30 7.36
C THR A 30 14.66 -37.76 8.36
N ARG A 31 13.44 -37.85 7.86
CA ARG A 31 12.27 -38.28 8.62
C ARG A 31 12.11 -39.79 8.42
N ASP A 32 11.15 -40.34 9.14
CA ASP A 32 10.90 -41.77 9.10
C ASP A 32 10.60 -42.22 7.67
N GLN A 33 9.72 -41.50 6.99
CA GLN A 33 9.34 -41.86 5.60
C GLN A 33 9.67 -40.72 4.62
N GLU A 34 10.49 -41.07 3.64
CA GLU A 34 10.91 -40.15 2.59
C GLU A 34 10.62 -40.74 1.21
N ILE A 35 10.38 -39.84 0.28
CA ILE A 35 10.11 -40.15 -1.13
C ILE A 35 11.49 -40.02 -1.81
N TRP A 36 12.03 -41.16 -2.21
CA TRP A 36 13.35 -41.20 -2.83
C TRP A 36 13.48 -41.89 -4.15
N ASN A 37 14.71 -42.27 -4.56
CA ASN A 37 15.08 -42.84 -5.82
C ASN A 37 15.08 -44.33 -6.04
N ARG A 38 14.41 -45.05 -5.18
CA ARG A 38 14.28 -46.51 -5.20
C ARG A 38 12.80 -46.84 -5.38
N LEU A 39 12.36 -46.91 -6.62
CA LEU A 39 10.97 -47.19 -6.97
C LEU A 39 10.58 -48.64 -6.77
N ALA A 40 11.51 -49.53 -7.06
CA ALA A 40 11.28 -50.97 -6.95
C ALA A 40 12.18 -51.64 -5.91
N LYS A 41 11.55 -52.54 -5.18
CA LYS A 41 12.27 -53.39 -4.18
C LYS A 41 12.80 -54.58 -5.01
N PRO A 42 13.87 -55.18 -4.56
CA PRO A 42 14.48 -56.34 -5.25
C PRO A 42 13.47 -57.39 -5.64
N ASP A 43 12.42 -57.53 -4.86
CA ASP A 43 11.37 -58.53 -5.09
C ASP A 43 10.28 -58.05 -6.04
N ALA A 44 10.50 -56.91 -6.69
CA ALA A 44 9.49 -56.39 -7.62
C ALA A 44 9.60 -57.09 -8.99
N PRO A 45 8.44 -57.46 -9.53
CA PRO A 45 8.37 -58.07 -10.86
C PRO A 45 8.78 -57.04 -11.95
N GLY A 46 9.45 -57.56 -12.97
CA GLY A 46 9.93 -56.80 -14.12
C GLY A 46 11.46 -56.86 -14.22
N GLU A 47 11.98 -56.18 -15.24
CA GLU A 47 13.41 -56.11 -15.44
C GLU A 47 13.95 -54.91 -14.63
N HIS A 48 14.75 -55.24 -13.66
CA HIS A 48 15.39 -54.30 -12.74
C HIS A 48 16.54 -53.60 -13.47
N ILE A 49 16.46 -52.29 -13.54
CA ILE A 49 17.45 -51.46 -14.20
C ILE A 49 17.82 -50.27 -13.27
N LEU A 50 18.94 -49.70 -13.63
CA LEU A 50 19.51 -48.51 -13.03
C LEU A 50 19.53 -47.41 -14.13
N LEU A 51 19.03 -46.25 -13.75
CA LEU A 51 19.01 -45.07 -14.64
C LEU A 51 19.98 -44.05 -14.04
N LEU A 52 20.70 -43.41 -14.94
CA LEU A 52 21.66 -42.37 -14.49
C LEU A 52 21.83 -41.29 -15.55
N GLY A 53 22.22 -40.09 -15.11
CA GLY A 53 22.43 -38.98 -15.97
C GLY A 53 22.92 -37.71 -15.29
N GLN A 54 23.26 -36.78 -16.18
CA GLN A 54 23.74 -35.44 -15.91
C GLN A 54 22.85 -34.43 -16.62
N VAL A 55 22.80 -33.24 -16.02
CA VAL A 55 22.01 -32.11 -16.54
C VAL A 55 22.99 -31.02 -16.92
N TYR A 56 22.86 -30.46 -18.10
CA TYR A 56 23.72 -29.39 -18.61
C TYR A 56 22.96 -28.09 -18.92
N ASP A 57 23.63 -26.99 -18.64
CA ASP A 57 23.09 -25.65 -18.90
C ASP A 57 23.48 -25.28 -20.33
N GLY A 58 23.11 -24.12 -20.82
CA GLY A 58 23.39 -23.65 -22.14
C GLY A 58 24.85 -23.42 -22.46
N ASN A 59 25.71 -23.49 -21.48
CA ASN A 59 27.14 -23.25 -21.68
C ASN A 59 27.93 -24.55 -21.75
N GLY A 60 27.24 -25.63 -21.47
CA GLY A 60 27.77 -26.99 -21.46
C GLY A 60 28.23 -27.34 -20.06
N HIS A 61 27.83 -26.54 -19.09
CA HIS A 61 28.23 -26.78 -17.69
C HIS A 61 27.19 -27.57 -16.90
N LEU A 62 27.69 -28.43 -16.02
CA LEU A 62 26.85 -29.25 -15.16
C LEU A 62 26.00 -28.38 -14.22
N VAL A 63 24.80 -28.84 -14.04
CA VAL A 63 23.81 -28.22 -13.13
C VAL A 63 23.82 -29.16 -11.91
N ARG A 64 24.50 -28.68 -10.87
CA ARG A 64 24.65 -29.53 -9.67
C ARG A 64 23.62 -29.31 -8.60
N ASP A 65 22.53 -28.63 -8.94
CA ASP A 65 21.49 -28.33 -7.93
C ASP A 65 20.11 -28.66 -8.44
N SER A 66 20.08 -29.56 -9.42
CA SER A 66 18.78 -29.94 -10.02
C SER A 66 18.03 -30.95 -9.15
N PHE A 67 16.72 -30.90 -9.32
CA PHE A 67 15.80 -31.82 -8.60
C PHE A 67 14.90 -32.45 -9.66
N LEU A 68 14.78 -33.77 -9.63
CA LEU A 68 13.96 -34.50 -10.60
C LEU A 68 12.90 -35.38 -9.95
N GLU A 69 11.76 -35.39 -10.61
CA GLU A 69 10.60 -36.19 -10.24
C GLU A 69 10.24 -37.08 -11.44
N VAL A 70 9.98 -38.35 -11.16
CA VAL A 70 9.66 -39.37 -12.15
C VAL A 70 8.33 -40.09 -11.88
N TRP A 71 7.65 -40.38 -12.95
CA TRP A 71 6.35 -41.07 -12.98
C TRP A 71 6.47 -42.11 -14.10
N GLN A 72 6.14 -43.32 -13.71
CA GLN A 72 6.21 -44.47 -14.69
C GLN A 72 5.24 -45.59 -14.32
N ALA A 73 4.95 -46.39 -15.36
CA ALA A 73 4.10 -47.59 -15.17
C ALA A 73 5.01 -48.72 -14.64
N ASP A 74 4.29 -49.69 -14.06
CA ASP A 74 5.00 -50.92 -13.57
C ASP A 74 5.26 -51.75 -14.86
N ALA A 75 5.78 -52.93 -14.68
CA ALA A 75 6.12 -53.87 -15.77
C ALA A 75 4.89 -54.31 -16.56
N ASN A 76 3.71 -54.29 -15.99
CA ASN A 76 2.47 -54.63 -16.68
C ASN A 76 1.96 -53.44 -17.49
N GLY A 77 2.57 -52.29 -17.30
CA GLY A 77 2.14 -51.07 -18.00
C GLY A 77 1.01 -50.43 -17.21
N GLU A 78 1.04 -50.61 -15.91
CA GLU A 78 0.08 -50.05 -14.97
C GLU A 78 0.66 -49.00 -14.01
N TYR A 79 -0.08 -47.92 -13.89
CA TYR A 79 0.30 -46.79 -13.02
C TYR A 79 -0.18 -47.04 -11.58
N GLN A 80 0.79 -47.13 -10.71
CA GLN A 80 0.53 -47.41 -9.28
C GLN A 80 0.57 -46.09 -8.49
N ASP A 81 -0.61 -45.50 -8.34
CA ASP A 81 -0.73 -44.23 -7.67
C ASP A 81 -0.72 -44.29 -6.16
N ALA A 82 -1.07 -45.44 -5.59
CA ALA A 82 -1.10 -45.57 -4.14
C ALA A 82 0.30 -45.74 -3.57
N TYR A 83 0.92 -44.61 -3.31
CA TYR A 83 2.26 -44.53 -2.75
C TYR A 83 2.38 -45.07 -1.33
N ASN A 84 3.25 -46.03 -1.17
CA ASN A 84 3.55 -46.71 0.10
C ASN A 84 4.94 -47.35 0.04
N LEU A 85 5.73 -47.10 1.06
CA LEU A 85 7.08 -47.62 1.23
C LEU A 85 7.06 -49.15 1.35
N GLU A 86 5.88 -49.67 1.66
CA GLU A 86 5.65 -51.11 1.79
C GLU A 86 5.55 -51.76 0.42
N ASN A 87 5.02 -51.03 -0.55
CA ASN A 87 4.86 -51.51 -1.92
C ASN A 87 6.26 -51.99 -2.42
N ALA A 88 6.24 -53.03 -3.21
CA ALA A 88 7.41 -53.61 -3.86
C ALA A 88 7.85 -52.69 -5.03
N PHE A 89 6.83 -51.99 -5.52
CA PHE A 89 6.98 -51.03 -6.61
C PHE A 89 6.12 -49.77 -6.45
N ASN A 90 6.76 -48.62 -6.55
CA ASN A 90 6.05 -47.32 -6.52
C ASN A 90 6.27 -46.71 -7.92
N SER A 91 5.22 -46.15 -8.49
CA SER A 91 5.24 -45.50 -9.79
C SER A 91 5.94 -44.14 -9.76
N PHE A 92 6.06 -43.59 -8.57
CA PHE A 92 6.69 -42.28 -8.36
C PHE A 92 8.00 -42.34 -7.60
N GLY A 93 8.86 -41.37 -7.94
CA GLY A 93 10.16 -41.23 -7.29
C GLY A 93 10.73 -39.81 -7.41
N ARG A 94 11.83 -39.59 -6.73
CA ARG A 94 12.60 -38.35 -6.71
C ARG A 94 14.08 -38.68 -6.65
N THR A 95 14.85 -37.83 -7.30
CA THR A 95 16.31 -37.94 -7.34
C THR A 95 16.84 -36.49 -7.47
N ALA A 96 18.13 -36.39 -7.40
CA ALA A 96 18.80 -35.08 -7.48
C ALA A 96 20.23 -35.26 -7.91
N THR A 97 20.82 -34.18 -8.45
CA THR A 97 22.23 -34.24 -8.88
C THR A 97 23.17 -33.76 -7.77
N THR A 98 24.24 -34.58 -7.70
CA THR A 98 25.34 -34.38 -6.74
C THR A 98 25.93 -32.97 -6.92
N PHE A 99 26.15 -32.35 -5.77
CA PHE A 99 26.77 -31.01 -5.73
C PHE A 99 28.20 -31.23 -6.24
N ASP A 100 28.66 -32.45 -6.16
CA ASP A 100 30.00 -32.88 -6.61
C ASP A 100 30.02 -33.33 -8.08
N ALA A 101 29.80 -34.64 -8.24
CA ALA A 101 29.81 -35.27 -9.58
C ALA A 101 28.68 -34.75 -10.45
N GLY A 102 27.59 -34.34 -9.85
CA GLY A 102 26.46 -33.78 -10.59
C GLY A 102 25.70 -34.82 -11.39
N GLU A 103 25.56 -36.00 -10.82
CA GLU A 103 24.84 -37.10 -11.48
C GLU A 103 23.74 -37.69 -10.62
N TRP A 104 22.61 -37.97 -11.25
CA TRP A 104 21.48 -38.57 -10.49
C TRP A 104 21.38 -40.05 -10.87
N THR A 105 20.75 -40.78 -9.98
CA THR A 105 20.50 -42.20 -10.15
C THR A 105 19.10 -42.53 -9.67
N LEU A 106 18.60 -43.56 -10.31
CA LEU A 106 17.27 -44.11 -10.05
C LEU A 106 17.33 -45.63 -10.16
N HIS A 107 16.67 -46.27 -9.22
CA HIS A 107 16.59 -47.75 -9.20
C HIS A 107 15.11 -48.10 -9.42
N THR A 108 14.86 -48.76 -10.55
CA THR A 108 13.50 -49.14 -10.92
C THR A 108 13.45 -50.38 -11.80
N VAL A 109 12.28 -50.56 -12.42
CA VAL A 109 11.96 -51.59 -13.39
C VAL A 109 11.59 -50.91 -14.72
N LYS A 110 11.78 -51.66 -15.78
CA LYS A 110 11.44 -51.17 -17.13
C LYS A 110 9.91 -51.17 -17.18
N PRO A 111 9.37 -50.00 -17.49
CA PRO A 111 7.90 -49.84 -17.55
C PRO A 111 7.35 -50.59 -18.76
N GLY A 112 6.12 -51.03 -18.66
CA GLY A 112 5.39 -51.73 -19.72
C GLY A 112 4.72 -50.69 -20.62
N VAL A 113 4.18 -51.11 -21.72
CA VAL A 113 3.50 -50.31 -22.72
C VAL A 113 2.16 -49.79 -22.23
N VAL A 114 1.85 -48.55 -22.54
CA VAL A 114 0.58 -47.91 -22.21
C VAL A 114 0.03 -47.31 -23.52
N ASN A 115 -1.28 -47.27 -23.64
CA ASN A 115 -1.96 -46.74 -24.81
C ASN A 115 -2.30 -45.24 -24.52
N ASN A 116 -2.37 -44.50 -25.61
CA ASN A 116 -2.72 -43.08 -25.51
C ASN A 116 -4.26 -43.01 -25.43
N ALA A 117 -4.78 -41.80 -25.40
CA ALA A 117 -6.23 -41.59 -25.31
C ALA A 117 -6.94 -42.26 -26.48
N ALA A 118 -6.32 -42.32 -27.66
CA ALA A 118 -6.93 -42.93 -28.82
C ALA A 118 -6.73 -44.43 -28.98
N GLY A 119 -6.20 -45.08 -27.98
CA GLY A 119 -5.98 -46.52 -28.00
C GLY A 119 -4.73 -46.96 -28.70
N VAL A 120 -3.81 -46.07 -29.03
CA VAL A 120 -2.53 -46.41 -29.67
C VAL A 120 -1.45 -46.51 -28.61
N PRO A 121 -0.71 -47.59 -28.64
CA PRO A 121 0.37 -47.85 -27.69
C PRO A 121 1.57 -46.94 -27.85
N MET A 122 2.08 -46.46 -26.74
CA MET A 122 3.26 -45.60 -26.65
C MET A 122 4.45 -46.51 -26.32
N ALA A 123 5.63 -46.18 -26.74
CA ALA A 123 6.82 -47.00 -26.38
C ALA A 123 7.08 -46.82 -24.89
N PRO A 124 7.72 -47.81 -24.27
CA PRO A 124 8.04 -47.74 -22.83
C PRO A 124 8.67 -46.38 -22.54
N HIS A 125 8.21 -45.71 -21.49
CA HIS A 125 8.80 -44.40 -21.15
C HIS A 125 8.60 -44.04 -19.68
N ILE A 126 9.45 -43.08 -19.31
CA ILE A 126 9.45 -42.50 -17.97
C ILE A 126 9.24 -40.99 -18.14
N ASN A 127 8.21 -40.52 -17.48
CA ASN A 127 7.86 -39.08 -17.46
C ASN A 127 8.76 -38.43 -16.38
N ILE A 128 9.38 -37.37 -16.78
CA ILE A 128 10.28 -36.58 -15.93
C ILE A 128 9.94 -35.10 -15.89
N SER A 129 10.09 -34.54 -14.69
CA SER A 129 9.91 -33.12 -14.39
C SER A 129 11.23 -32.63 -13.73
N LEU A 130 11.75 -31.58 -14.33
CA LEU A 130 13.00 -30.98 -13.85
C LEU A 130 12.78 -29.60 -13.19
N PHE A 131 13.35 -29.52 -12.01
CA PHE A 131 13.33 -28.31 -11.14
C PHE A 131 14.76 -27.92 -10.81
N ALA A 132 14.97 -26.61 -10.65
CA ALA A 132 16.28 -26.04 -10.29
C ALA A 132 16.25 -24.51 -10.27
N ARG A 133 17.26 -23.96 -9.59
CA ARG A 133 17.37 -22.49 -9.55
C ARG A 133 17.66 -22.08 -11.03
N GLY A 134 16.98 -21.01 -11.41
CA GLY A 134 17.11 -20.49 -12.78
C GLY A 134 15.97 -21.02 -13.64
N ILE A 135 15.25 -22.03 -13.14
CA ILE A 135 14.10 -22.59 -13.90
C ILE A 135 12.82 -22.08 -13.25
N ASN A 136 12.19 -21.14 -13.91
CA ASN A 136 10.99 -20.47 -13.39
C ASN A 136 9.79 -21.37 -13.24
N ILE A 137 9.63 -22.21 -14.26
CA ILE A 137 8.53 -23.19 -14.32
C ILE A 137 9.19 -24.50 -14.79
N HIS A 138 8.96 -25.58 -14.12
CA HIS A 138 9.58 -26.85 -14.39
C HIS A 138 9.36 -27.32 -15.82
N LEU A 139 10.34 -28.10 -16.25
CA LEU A 139 10.42 -28.68 -17.60
C LEU A 139 9.97 -30.12 -17.57
N HIS A 140 9.11 -30.44 -18.51
CA HIS A 140 8.58 -31.81 -18.69
C HIS A 140 9.29 -32.44 -19.90
N THR A 141 9.73 -33.66 -19.68
CA THR A 141 10.35 -34.51 -20.72
C THR A 141 9.97 -35.96 -20.53
N ARG A 142 10.49 -36.83 -21.37
CA ARG A 142 10.22 -38.28 -21.33
C ARG A 142 11.51 -39.03 -21.68
N LEU A 143 11.72 -40.13 -20.96
CA LEU A 143 12.89 -41.00 -21.21
C LEU A 143 12.38 -42.27 -21.94
N TYR A 144 13.02 -42.54 -23.07
CA TYR A 144 12.72 -43.74 -23.88
C TYR A 144 14.02 -44.57 -23.86
N PHE A 145 13.93 -45.81 -24.30
CA PHE A 145 15.04 -46.76 -24.31
C PHE A 145 15.53 -47.08 -25.72
N ASP A 146 16.84 -47.21 -25.85
CA ASP A 146 17.51 -47.47 -27.10
C ASP A 146 17.28 -48.89 -27.62
N ASP A 147 16.88 -49.80 -26.77
CA ASP A 147 16.58 -51.17 -27.08
C ASP A 147 15.10 -51.46 -27.34
N GLU A 148 14.33 -50.46 -27.63
CA GLU A 148 12.91 -50.52 -27.91
C GLU A 148 12.63 -49.77 -29.22
N ALA A 149 13.63 -49.88 -30.06
CA ALA A 149 13.71 -49.27 -31.39
C ALA A 149 12.44 -49.54 -32.17
N GLN A 150 11.96 -50.77 -32.12
CA GLN A 150 10.74 -51.15 -32.87
C GLN A 150 9.54 -50.36 -32.41
N ALA A 151 9.40 -50.26 -31.12
CA ALA A 151 8.31 -49.54 -30.44
C ALA A 151 8.47 -48.01 -30.60
N ASN A 152 9.68 -47.57 -30.41
CA ASN A 152 10.02 -46.15 -30.48
C ASN A 152 9.57 -45.57 -31.82
N ALA A 153 9.81 -46.34 -32.86
CA ALA A 153 9.45 -45.96 -34.22
C ALA A 153 7.97 -45.65 -34.38
N LYS A 154 7.14 -46.30 -33.60
CA LYS A 154 5.70 -46.17 -33.62
C LYS A 154 5.04 -45.38 -32.55
N CYS A 155 5.78 -44.80 -31.64
CA CYS A 155 5.15 -43.98 -30.56
C CYS A 155 4.48 -42.73 -31.15
N PRO A 156 3.21 -42.56 -30.83
CA PRO A 156 2.44 -41.39 -31.29
C PRO A 156 3.01 -40.14 -30.62
N VAL A 157 3.65 -40.33 -29.45
CA VAL A 157 4.22 -39.15 -28.75
C VAL A 157 5.46 -38.65 -29.44
N LEU A 158 6.40 -39.54 -29.62
CA LEU A 158 7.69 -39.33 -30.28
C LEU A 158 7.53 -38.87 -31.73
N ASN A 159 6.48 -39.33 -32.36
CA ASN A 159 6.07 -39.03 -33.70
C ASN A 159 5.53 -37.62 -33.85
N LEU A 160 5.20 -36.97 -32.74
CA LEU A 160 4.69 -35.59 -32.72
C LEU A 160 5.87 -34.61 -32.89
N ILE A 161 7.05 -35.09 -32.59
CA ILE A 161 8.26 -34.24 -32.72
C ILE A 161 8.58 -34.17 -34.25
N GLU A 162 8.33 -33.00 -34.79
CA GLU A 162 8.52 -32.66 -36.19
C GLU A 162 9.81 -33.22 -36.79
N GLN A 163 10.95 -32.90 -36.19
CA GLN A 163 12.27 -33.31 -36.64
C GLN A 163 12.84 -34.52 -35.98
N PRO A 164 13.05 -35.54 -36.79
CA PRO A 164 13.61 -36.82 -36.31
C PRO A 164 14.88 -36.64 -35.51
N GLN A 165 15.71 -35.69 -35.89
CA GLN A 165 16.99 -35.46 -35.19
C GLN A 165 16.74 -35.12 -33.70
N ARG A 166 15.59 -34.50 -33.43
CA ARG A 166 15.20 -34.08 -32.08
C ARG A 166 14.66 -35.25 -31.25
N ARG A 167 14.14 -36.26 -31.92
CA ARG A 167 13.58 -37.44 -31.27
C ARG A 167 14.65 -38.22 -30.52
N GLU A 168 15.87 -38.13 -31.05
CA GLU A 168 17.00 -38.85 -30.46
C GLU A 168 17.43 -38.31 -29.12
N THR A 169 17.05 -37.11 -28.77
CA THR A 169 17.39 -36.46 -27.50
C THR A 169 16.69 -37.17 -26.34
N LEU A 170 15.61 -37.86 -26.69
CA LEU A 170 14.79 -38.57 -25.72
C LEU A 170 15.18 -40.01 -25.47
N ILE A 171 16.13 -40.53 -26.20
CA ILE A 171 16.59 -41.91 -26.11
C ILE A 171 17.73 -42.22 -25.21
N ALA A 172 17.45 -42.94 -24.12
CA ALA A 172 18.48 -43.33 -23.15
C ALA A 172 19.39 -44.41 -23.77
N LYS A 173 20.67 -44.30 -23.44
CA LYS A 173 21.69 -45.23 -23.95
C LYS A 173 21.98 -46.34 -22.93
N ARG A 174 21.67 -47.55 -23.35
CA ARG A 174 21.84 -48.77 -22.59
C ARG A 174 23.33 -49.09 -22.40
N CYS A 175 23.64 -49.43 -21.17
CA CYS A 175 24.99 -49.78 -20.74
C CYS A 175 24.79 -50.79 -19.58
N GLU A 176 25.88 -50.97 -18.87
CA GLU A 176 25.93 -51.85 -17.70
C GLU A 176 26.77 -51.14 -16.63
N VAL A 177 26.33 -51.33 -15.39
CA VAL A 177 27.05 -50.71 -14.24
C VAL A 177 27.17 -51.88 -13.25
N ASP A 178 28.42 -52.19 -12.94
CA ASP A 178 28.66 -53.34 -12.00
C ASP A 178 27.81 -54.53 -12.44
N GLY A 179 27.91 -54.85 -13.73
CA GLY A 179 27.18 -55.96 -14.33
C GLY A 179 25.67 -55.83 -14.28
N LYS A 180 25.16 -54.62 -14.03
CA LYS A 180 23.71 -54.40 -13.99
C LYS A 180 23.31 -53.58 -15.23
N THR A 181 22.06 -53.83 -15.61
CA THR A 181 21.50 -53.09 -16.77
C THR A 181 21.16 -51.66 -16.33
N ALA A 182 21.83 -50.75 -17.01
CA ALA A 182 21.73 -49.32 -16.83
C ALA A 182 21.46 -48.62 -18.17
N TYR A 183 20.89 -47.45 -18.03
CA TYR A 183 20.57 -46.54 -19.12
C TYR A 183 21.01 -45.13 -18.64
N ARG A 184 21.72 -44.49 -19.53
CA ARG A 184 22.22 -43.16 -19.35
C ARG A 184 21.32 -42.16 -20.10
N PHE A 185 20.84 -41.18 -19.37
CA PHE A 185 19.95 -40.13 -19.89
C PHE A 185 20.43 -38.74 -19.47
N ASP A 186 21.09 -38.07 -20.39
CA ASP A 186 21.59 -36.70 -20.13
C ASP A 186 20.55 -35.73 -20.67
N ILE A 187 20.43 -34.62 -19.98
CA ILE A 187 19.51 -33.56 -20.33
C ILE A 187 20.34 -32.30 -20.62
N ARG A 188 20.09 -31.73 -21.78
CA ARG A 188 20.76 -30.48 -22.21
C ARG A 188 19.60 -29.47 -22.25
N ILE A 189 19.67 -28.49 -21.34
CA ILE A 189 18.59 -27.53 -21.19
C ILE A 189 18.53 -26.58 -22.36
N GLN A 190 19.71 -26.28 -22.87
CA GLN A 190 19.77 -25.27 -23.95
C GLN A 190 20.94 -25.52 -24.88
N GLY A 191 20.80 -25.14 -26.13
CA GLY A 191 21.88 -25.23 -27.09
C GLY A 191 21.94 -26.51 -27.87
N GLU A 192 23.17 -26.85 -28.23
CA GLU A 192 23.53 -28.03 -29.02
C GLU A 192 22.86 -29.26 -28.39
N GLY A 193 22.11 -29.97 -29.18
CA GLY A 193 21.42 -31.17 -28.75
C GLY A 193 20.45 -30.90 -27.61
N GLU A 194 19.84 -29.74 -27.61
CA GLU A 194 18.85 -29.37 -26.57
C GLU A 194 17.74 -30.43 -26.57
N THR A 195 17.44 -30.92 -25.39
CA THR A 195 16.45 -31.94 -25.13
C THR A 195 15.05 -31.40 -25.38
N VAL A 196 14.22 -32.25 -25.99
CA VAL A 196 12.82 -31.87 -26.20
C VAL A 196 12.14 -31.82 -24.79
N PHE A 197 11.38 -30.76 -24.60
CA PHE A 197 10.56 -30.52 -23.38
C PHE A 197 9.11 -30.42 -23.91
N PHE A 198 8.17 -30.89 -23.13
CA PHE A 198 6.77 -30.90 -23.53
C PHE A 198 5.86 -29.92 -22.76
N ASP A 199 4.71 -29.71 -23.39
CA ASP A 199 3.64 -28.89 -22.80
C ASP A 199 2.38 -29.79 -22.93
N PHE A 200 1.65 -29.87 -21.86
CA PHE A 200 0.41 -30.70 -21.80
C PHE A 200 -0.49 -30.15 -20.64
N PRO B 1 -4.90 -49.66 -10.04
CA PRO B 1 -3.93 -48.68 -10.64
C PRO B 1 -4.74 -47.46 -11.08
N ALA B 2 -4.03 -46.42 -11.52
CA ALA B 2 -4.67 -45.17 -11.96
C ALA B 2 -5.43 -45.28 -13.28
N GLN B 3 -6.47 -44.47 -13.35
CA GLN B 3 -7.38 -44.40 -14.52
C GLN B 3 -7.39 -43.07 -15.25
N ASP B 4 -7.37 -43.18 -16.59
CA ASP B 4 -7.42 -42.02 -17.50
C ASP B 4 -8.89 -41.55 -17.64
N ASN B 5 -9.35 -40.89 -16.60
CA ASN B 5 -10.72 -40.38 -16.56
C ASN B 5 -10.80 -38.88 -16.76
N SER B 6 -9.80 -38.13 -16.35
CA SER B 6 -9.81 -36.66 -16.40
C SER B 6 -9.01 -35.98 -17.50
N ARG B 7 -9.28 -34.68 -17.58
CA ARG B 7 -8.55 -33.78 -18.53
C ARG B 7 -8.22 -32.58 -17.65
N PHE B 8 -7.16 -31.87 -17.88
CA PHE B 8 -6.80 -30.71 -17.04
C PHE B 8 -6.73 -29.46 -17.93
N VAL B 9 -7.34 -28.40 -17.46
CA VAL B 9 -7.35 -27.12 -18.19
C VAL B 9 -5.88 -26.83 -18.58
N ILE B 10 -5.69 -26.42 -19.80
CA ILE B 10 -4.39 -26.09 -20.34
C ILE B 10 -3.81 -24.88 -19.59
N ARG B 11 -2.49 -24.98 -19.36
CA ARG B 11 -1.78 -23.92 -18.70
C ARG B 11 -1.68 -22.64 -19.51
N ASP B 12 -1.80 -21.53 -18.80
CA ASP B 12 -1.63 -20.19 -19.37
C ASP B 12 -0.16 -19.82 -19.09
N ARG B 13 0.66 -20.01 -20.10
CA ARG B 13 2.09 -19.74 -20.05
C ARG B 13 2.48 -18.30 -20.15
N ASN B 14 1.45 -17.44 -20.24
CA ASN B 14 1.65 -16.00 -20.22
C ASN B 14 1.33 -15.52 -18.78
N TRP B 15 0.61 -16.31 -18.04
CA TRP B 15 0.26 -15.96 -16.64
C TRP B 15 1.47 -16.28 -15.73
N HIS B 16 1.99 -17.48 -15.96
CA HIS B 16 3.13 -18.03 -15.30
C HIS B 16 4.33 -17.24 -15.90
N PRO B 17 5.40 -17.24 -15.13
CA PRO B 17 6.66 -16.60 -15.58
C PRO B 17 7.18 -17.42 -16.81
N LYS B 18 7.84 -16.67 -17.67
CA LYS B 18 8.45 -17.27 -18.90
C LYS B 18 9.77 -17.91 -18.43
N ALA B 19 10.38 -18.69 -19.26
CA ALA B 19 11.65 -19.34 -18.98
C ALA B 19 12.79 -18.31 -18.96
N LEU B 20 12.84 -17.48 -20.01
CA LEU B 20 13.87 -16.48 -20.17
C LEU B 20 13.50 -15.14 -19.57
N THR B 21 14.08 -14.80 -18.43
CA THR B 21 13.82 -13.51 -17.74
C THR B 21 15.18 -12.98 -17.27
N PRO B 22 15.86 -12.33 -18.22
CA PRO B 22 17.19 -11.82 -18.03
C PRO B 22 17.55 -11.18 -16.72
N ASP B 23 16.67 -10.43 -16.04
CA ASP B 23 17.10 -9.80 -14.76
C ASP B 23 17.41 -10.83 -13.67
N TYR B 24 16.78 -11.98 -13.85
CA TYR B 24 17.03 -13.15 -13.00
C TYR B 24 18.17 -13.92 -13.76
N LYS B 25 19.37 -13.47 -13.51
CA LYS B 25 20.58 -13.94 -14.14
C LYS B 25 20.70 -15.40 -14.49
N THR B 26 20.40 -16.29 -13.57
CA THR B 26 20.51 -17.73 -13.74
C THR B 26 19.55 -18.30 -14.79
N SER B 27 18.49 -17.60 -15.09
CA SER B 27 17.52 -18.06 -16.09
C SER B 27 18.08 -18.02 -17.52
N ILE B 28 19.12 -17.22 -17.75
CA ILE B 28 19.74 -17.07 -19.08
C ILE B 28 20.25 -18.37 -19.67
N ALA B 29 21.12 -19.01 -18.95
CA ALA B 29 21.75 -20.29 -19.30
C ALA B 29 20.86 -21.50 -18.97
N ARG B 30 19.77 -21.29 -18.25
CA ARG B 30 18.92 -22.44 -17.90
C ARG B 30 17.54 -22.40 -18.51
N SER B 31 17.43 -21.80 -19.67
CA SER B 31 16.11 -21.70 -20.34
C SER B 31 16.29 -22.26 -21.75
N PRO B 32 15.33 -23.09 -22.15
CA PRO B 32 15.37 -23.72 -23.50
C PRO B 32 15.23 -22.65 -24.58
N ARG B 33 15.92 -22.90 -25.68
CA ARG B 33 15.88 -22.01 -26.85
C ARG B 33 14.90 -22.58 -27.85
N GLN B 34 14.60 -23.88 -27.77
CA GLN B 34 13.55 -24.41 -28.69
C GLN B 34 12.18 -24.25 -28.03
N ALA B 35 11.15 -24.15 -28.84
CA ALA B 35 9.75 -24.05 -28.39
C ALA B 35 9.38 -25.41 -27.78
N LEU B 36 8.50 -25.38 -26.81
CA LEU B 36 8.03 -26.61 -26.14
C LEU B 36 7.12 -27.34 -27.13
N VAL B 37 7.17 -28.64 -27.17
CA VAL B 37 6.29 -29.45 -28.05
C VAL B 37 5.01 -29.79 -27.27
N SER B 38 3.88 -29.36 -27.79
CA SER B 38 2.58 -29.65 -27.15
C SER B 38 2.16 -31.09 -27.47
N ILE B 39 1.69 -31.80 -26.46
CA ILE B 39 1.23 -33.18 -26.59
C ILE B 39 -0.15 -33.34 -25.91
N PRO B 40 -0.95 -34.21 -26.50
CA PRO B 40 -2.29 -34.50 -26.00
C PRO B 40 -2.16 -35.20 -24.64
N GLN B 41 -3.09 -34.95 -23.76
CA GLN B 41 -3.07 -35.58 -22.40
C GLN B 41 -3.39 -37.07 -22.58
N SER B 42 -2.70 -37.89 -21.86
CA SER B 42 -2.82 -39.36 -21.87
C SER B 42 -2.76 -39.77 -20.41
N ILE B 43 -2.92 -41.04 -20.16
CA ILE B 43 -2.90 -41.56 -18.78
C ILE B 43 -1.57 -41.19 -18.11
N SER B 44 -0.53 -41.10 -18.93
CA SER B 44 0.80 -40.76 -18.45
C SER B 44 0.82 -39.39 -17.74
N GLU B 45 0.10 -38.43 -18.28
CA GLU B 45 0.01 -37.09 -17.75
C GLU B 45 -1.15 -36.75 -16.84
N THR B 46 -2.22 -37.50 -16.93
CA THR B 46 -3.44 -37.25 -16.17
C THR B 46 -3.53 -38.01 -14.85
N THR B 47 -2.46 -38.70 -14.52
CA THR B 47 -2.42 -39.46 -13.25
C THR B 47 -1.23 -38.96 -12.47
N GLY B 48 -1.12 -39.41 -11.25
CA GLY B 48 -0.04 -38.99 -10.32
C GLY B 48 -0.26 -39.77 -9.01
N PRO B 49 0.73 -39.67 -8.16
CA PRO B 49 0.72 -40.36 -6.85
C PRO B 49 -0.24 -39.69 -5.86
N ASN B 50 -0.70 -40.56 -4.96
CA ASN B 50 -1.58 -40.27 -3.86
C ASN B 50 -0.77 -40.61 -2.58
N PHE B 51 -0.60 -39.62 -1.78
CA PHE B 51 0.21 -39.80 -0.54
C PHE B 51 -0.59 -40.07 0.71
N SER B 52 -1.79 -40.59 0.57
CA SER B 52 -2.66 -40.91 1.70
C SER B 52 -2.00 -41.82 2.71
N HIS B 53 -1.30 -42.83 2.23
CA HIS B 53 -0.64 -43.80 3.05
C HIS B 53 0.76 -43.50 3.46
N LEU B 54 1.24 -42.30 3.19
CA LEU B 54 2.63 -41.94 3.61
C LEU B 54 2.54 -41.80 5.13
N GLY B 55 3.55 -42.27 5.82
CA GLY B 55 3.58 -42.23 7.30
C GLY B 55 4.16 -40.92 7.79
N PHE B 56 3.30 -39.94 7.99
CA PHE B 56 3.75 -38.60 8.47
C PHE B 56 3.95 -38.66 10.01
N GLY B 57 4.99 -37.98 10.45
CA GLY B 57 5.30 -37.83 11.86
C GLY B 57 4.29 -36.79 12.41
N ALA B 58 4.16 -36.77 13.70
CA ALA B 58 3.26 -35.91 14.45
C ALA B 58 3.56 -34.42 14.37
N HIS B 59 4.81 -34.05 14.14
CA HIS B 59 5.10 -32.57 14.07
C HIS B 59 5.62 -32.24 12.68
N ASP B 60 5.21 -33.04 11.72
CA ASP B 60 5.69 -32.88 10.33
C ASP B 60 5.46 -31.45 9.84
N HIS B 61 4.30 -30.95 10.24
CA HIS B 61 3.86 -29.61 9.86
C HIS B 61 4.12 -28.54 10.88
N ASP B 62 4.78 -28.88 12.00
CA ASP B 62 5.06 -27.89 13.08
C ASP B 62 6.54 -27.59 13.12
N LEU B 63 6.96 -26.52 12.49
CA LEU B 63 8.35 -26.11 12.42
C LEU B 63 8.90 -25.60 13.76
N LEU B 64 8.03 -25.42 14.72
CA LEU B 64 8.34 -24.98 16.06
C LEU B 64 8.90 -26.15 16.89
N LEU B 65 8.42 -27.35 16.62
CA LEU B 65 8.82 -28.56 17.28
C LEU B 65 9.52 -29.67 16.50
N ASN B 66 9.53 -29.66 15.19
CA ASN B 66 10.10 -30.76 14.42
C ASN B 66 11.59 -30.76 14.22
N PHE B 67 12.35 -29.85 14.74
CA PHE B 67 13.80 -29.87 14.51
C PHE B 67 14.49 -30.65 15.67
N GLY B 71 14.46 -26.65 22.86
CA GLY B 71 14.37 -25.18 22.77
C GLY B 71 13.43 -24.75 21.65
N LEU B 72 12.95 -23.53 21.77
CA LEU B 72 12.02 -22.94 20.78
C LEU B 72 12.85 -22.02 19.85
N PRO B 73 12.41 -22.02 18.59
CA PRO B 73 13.07 -21.16 17.60
C PRO B 73 12.84 -19.70 18.02
N ILE B 74 13.75 -18.84 17.63
CA ILE B 74 13.64 -17.39 17.84
C ILE B 74 13.04 -16.77 16.57
N GLY B 75 12.06 -15.94 16.69
CA GLY B 75 11.41 -15.24 15.57
C GLY B 75 9.90 -15.14 15.82
N GLU B 76 9.26 -14.47 14.90
CA GLU B 76 7.80 -14.24 14.95
C GLU B 76 7.06 -15.54 14.69
N ARG B 77 6.37 -16.01 15.67
CA ARG B 77 5.59 -17.24 15.64
C ARG B 77 4.35 -16.98 14.79
N ILE B 78 4.15 -17.82 13.77
CA ILE B 78 3.00 -17.66 12.90
C ILE B 78 2.44 -19.01 12.46
N ILE B 79 1.18 -18.91 12.07
CA ILE B 79 0.48 -20.06 11.46
C ILE B 79 0.26 -19.63 9.97
N VAL B 80 0.62 -20.55 9.11
CA VAL B 80 0.41 -20.39 7.65
C VAL B 80 -0.62 -21.51 7.29
N ALA B 81 -1.78 -21.06 6.88
CA ALA B 81 -2.88 -21.94 6.52
C ALA B 81 -3.60 -21.39 5.30
N GLY B 82 -4.39 -22.28 4.71
CA GLY B 82 -5.19 -21.96 3.54
C GLY B 82 -5.83 -23.21 2.98
N ARG B 83 -6.26 -23.01 1.76
CA ARG B 83 -6.95 -24.12 1.03
C ARG B 83 -6.36 -24.27 -0.36
N VAL B 84 -6.43 -25.53 -0.80
CA VAL B 84 -5.99 -25.96 -2.12
C VAL B 84 -7.29 -26.32 -2.88
N VAL B 85 -7.52 -25.60 -3.95
CA VAL B 85 -8.63 -25.72 -4.84
C VAL B 85 -8.13 -25.74 -6.32
N ASP B 86 -9.02 -26.22 -7.16
CA ASP B 86 -8.78 -26.25 -8.62
C ASP B 86 -9.39 -24.95 -9.19
N GLN B 87 -9.18 -24.75 -10.50
CA GLN B 87 -9.68 -23.56 -11.19
C GLN B 87 -11.21 -23.52 -11.16
N TYR B 88 -11.85 -24.69 -11.04
CA TYR B 88 -13.33 -24.68 -10.97
C TYR B 88 -13.78 -24.27 -9.56
N GLY B 89 -12.83 -24.15 -8.65
CA GLY B 89 -13.12 -23.79 -7.26
C GLY B 89 -13.43 -25.04 -6.43
N LYS B 90 -13.11 -26.19 -6.94
CA LYS B 90 -13.32 -27.50 -6.25
C LYS B 90 -12.12 -27.77 -5.34
N PRO B 91 -12.40 -28.20 -4.12
CA PRO B 91 -11.37 -28.50 -3.12
C PRO B 91 -10.52 -29.70 -3.55
N VAL B 92 -9.24 -29.69 -3.21
CA VAL B 92 -8.31 -30.77 -3.55
C VAL B 92 -7.92 -31.48 -2.24
N PRO B 93 -8.62 -32.54 -1.95
CA PRO B 93 -8.43 -33.32 -0.72
C PRO B 93 -7.30 -34.32 -0.79
N ASN B 94 -6.76 -34.58 0.39
CA ASN B 94 -5.66 -35.50 0.62
C ASN B 94 -4.54 -35.30 -0.40
N THR B 95 -4.05 -34.10 -0.54
CA THR B 95 -2.98 -33.75 -1.45
C THR B 95 -1.77 -33.29 -0.64
N LEU B 96 -0.59 -33.57 -1.13
CA LEU B 96 0.65 -33.28 -0.54
C LEU B 96 1.16 -31.84 -0.72
N VAL B 97 1.36 -31.21 0.44
CA VAL B 97 1.86 -29.85 0.56
C VAL B 97 3.20 -29.90 1.33
N GLU B 98 4.24 -29.48 0.64
CA GLU B 98 5.60 -29.43 1.21
C GLU B 98 6.11 -28.00 1.23
N MET B 99 6.83 -27.66 2.30
CA MET B 99 7.37 -26.30 2.47
C MET B 99 8.76 -26.32 3.07
N TRP B 100 9.54 -25.34 2.78
CA TRP B 100 10.91 -25.13 3.26
C TRP B 100 11.16 -23.61 3.27
N GLN B 101 12.01 -23.18 4.16
CA GLN B 101 12.32 -21.71 4.33
C GLN B 101 13.57 -21.51 5.19
N ALA B 102 13.95 -20.23 5.25
CA ALA B 102 15.11 -19.80 6.05
C ALA B 102 14.59 -19.49 7.47
N ASN B 103 15.54 -19.21 8.36
CA ASN B 103 15.25 -18.86 9.75
C ASN B 103 14.93 -17.36 9.79
N ALA B 104 14.64 -16.90 11.00
CA ALA B 104 14.31 -15.50 11.27
C ALA B 104 15.28 -14.49 10.69
N GLY B 105 16.53 -14.89 10.52
CA GLY B 105 17.58 -14.04 9.98
C GLY B 105 17.83 -14.21 8.50
N GLY B 106 17.13 -15.15 7.86
CA GLY B 106 17.31 -15.40 6.43
C GLY B 106 18.41 -16.43 6.15
N ARG B 107 18.75 -17.22 7.15
CA ARG B 107 19.76 -18.26 7.02
C ARG B 107 19.10 -19.60 6.75
N TYR B 108 19.62 -20.33 5.79
CA TYR B 108 19.07 -21.67 5.43
C TYR B 108 20.03 -22.74 6.01
N ARG B 109 19.44 -23.80 6.48
CA ARG B 109 20.17 -24.96 7.06
C ARG B 109 20.44 -25.92 5.87
N HIS B 110 21.43 -25.50 5.10
CA HIS B 110 21.97 -26.09 3.90
C HIS B 110 23.46 -25.70 3.77
N LYS B 111 24.29 -26.67 3.53
CA LYS B 111 25.74 -26.58 3.37
C LYS B 111 26.18 -25.33 2.57
N ASN B 112 25.54 -25.18 1.43
CA ASN B 112 25.86 -24.10 0.51
C ASN B 112 25.48 -22.72 1.01
N ASP B 113 24.76 -22.57 2.12
CA ASP B 113 24.36 -21.25 2.61
C ASP B 113 25.43 -20.67 3.54
N ARG B 114 26.15 -19.72 2.97
CA ARG B 114 27.24 -19.03 3.59
C ARG B 114 26.88 -17.68 4.21
N TYR B 115 25.64 -17.24 4.01
CA TYR B 115 25.22 -15.94 4.58
C TYR B 115 25.68 -15.87 6.04
N LEU B 116 26.17 -14.69 6.39
CA LEU B 116 26.67 -14.41 7.73
C LEU B 116 25.64 -14.40 8.83
N ALA B 117 24.36 -14.54 8.54
CA ALA B 117 23.34 -14.58 9.64
C ALA B 117 23.48 -16.00 10.23
N PRO B 118 23.48 -16.10 11.55
CA PRO B 118 23.66 -17.38 12.22
C PRO B 118 22.53 -18.36 12.06
N LEU B 119 22.88 -19.64 12.26
CA LEU B 119 21.86 -20.72 12.23
C LEU B 119 21.13 -20.60 13.58
N ASP B 120 19.97 -21.16 13.66
CA ASP B 120 19.15 -21.22 14.89
C ASP B 120 19.16 -22.71 15.30
N PRO B 121 19.71 -22.93 16.50
CA PRO B 121 19.82 -24.26 17.09
C PRO B 121 18.54 -25.05 17.13
N ASN B 122 17.39 -24.41 17.25
CA ASN B 122 16.09 -25.08 17.32
C ASN B 122 15.28 -25.01 16.05
N PHE B 123 15.91 -24.66 14.93
CA PHE B 123 15.14 -24.55 13.69
C PHE B 123 15.73 -25.29 12.51
N GLY B 124 14.90 -26.09 11.88
CA GLY B 124 15.33 -26.85 10.65
C GLY B 124 14.79 -26.12 9.39
N GLY B 125 13.49 -25.89 9.36
CA GLY B 125 12.80 -25.22 8.28
C GLY B 125 12.19 -26.06 7.17
N VAL B 126 11.67 -27.21 7.48
CA VAL B 126 11.00 -28.13 6.57
C VAL B 126 9.68 -28.60 7.16
N GLY B 127 8.63 -28.64 6.39
CA GLY B 127 7.33 -29.13 6.85
C GLY B 127 6.61 -29.81 5.69
N ARG B 128 5.64 -30.61 6.00
CA ARG B 128 4.79 -31.34 5.03
C ARG B 128 3.44 -31.54 5.74
N LEU B 130 -0.68 -33.12 4.67
CA LEU B 130 -1.63 -33.67 3.70
C LEU B 130 -2.92 -32.85 3.94
N THR B 131 -3.42 -32.22 2.90
CA THR B 131 -4.67 -31.43 3.04
C THR B 131 -5.78 -32.41 3.46
N ASP B 132 -6.77 -31.85 4.09
CA ASP B 132 -7.92 -32.63 4.57
C ASP B 132 -9.04 -32.69 3.53
N SER B 133 -10.10 -33.27 3.94
CA SER B 133 -11.33 -33.53 3.19
C SER B 133 -11.84 -32.28 2.48
N ASP B 134 -11.56 -31.13 3.06
CA ASP B 134 -11.98 -29.84 2.55
C ASP B 134 -10.94 -29.06 1.79
N GLY B 135 -9.76 -29.64 1.61
CA GLY B 135 -8.64 -29.01 0.93
C GLY B 135 -7.80 -28.09 1.78
N TYR B 136 -7.97 -28.06 3.09
CA TYR B 136 -7.22 -27.25 4.00
C TYR B 136 -5.91 -27.86 4.52
N TYR B 137 -4.96 -26.98 4.76
CA TYR B 137 -3.64 -27.32 5.29
C TYR B 137 -3.26 -26.17 6.28
N SER B 138 -2.28 -26.49 7.11
CA SER B 138 -1.75 -25.49 8.03
C SER B 138 -0.36 -25.97 8.48
N PHE B 139 0.41 -24.96 8.79
CA PHE B 139 1.77 -25.10 9.28
C PHE B 139 1.92 -24.05 10.42
N ARG B 140 2.88 -24.39 11.23
CA ARG B 140 3.23 -23.52 12.35
C ARG B 140 4.74 -23.34 12.23
N THR B 141 5.13 -22.08 12.15
CA THR B 141 6.59 -21.81 11.98
C THR B 141 6.93 -20.41 12.45
N ILE B 142 8.10 -19.94 12.03
CA ILE B 142 8.52 -18.57 12.37
C ILE B 142 8.57 -17.83 11.01
N LYS B 143 8.36 -16.54 11.00
CA LYS B 143 8.42 -15.73 9.77
C LYS B 143 9.90 -15.62 9.36
N PRO B 144 10.16 -16.04 8.11
CA PRO B 144 11.55 -16.02 7.59
C PRO B 144 11.96 -14.57 7.31
N GLY B 145 13.25 -14.37 7.28
CA GLY B 145 13.81 -13.03 7.02
C GLY B 145 14.33 -13.01 5.57
N PRO B 146 14.36 -11.81 5.04
CA PRO B 146 14.86 -11.63 3.63
C PRO B 146 16.35 -12.04 3.70
N TYR B 147 16.96 -12.05 2.57
CA TYR B 147 18.39 -12.38 2.43
C TYR B 147 18.93 -11.94 1.08
N PRO B 148 20.20 -11.59 1.15
CA PRO B 148 20.94 -11.12 -0.04
C PRO B 148 21.30 -12.31 -0.92
N TRP B 149 21.50 -12.05 -2.21
CA TRP B 149 21.86 -13.19 -3.11
C TRP B 149 22.64 -12.52 -4.23
N ARG B 150 23.56 -13.34 -4.73
CA ARG B 150 24.46 -12.84 -5.79
C ARG B 150 23.74 -12.82 -7.11
N ASN B 151 23.02 -11.77 -7.43
CA ASN B 151 22.28 -11.54 -8.66
C ASN B 151 22.84 -10.16 -9.12
N GLY B 152 22.14 -9.13 -8.78
CA GLY B 152 22.66 -7.75 -9.07
C GLY B 152 23.58 -7.51 -7.83
N PRO B 153 24.25 -6.39 -7.84
CA PRO B 153 25.16 -6.01 -6.74
C PRO B 153 24.48 -5.80 -5.39
N ASN B 154 23.19 -5.50 -5.34
CA ASN B 154 22.52 -5.30 -4.05
C ASN B 154 21.09 -5.81 -4.09
N ASP B 155 20.93 -7.07 -4.46
CA ASP B 155 19.65 -7.78 -4.53
C ASP B 155 19.37 -8.53 -3.22
N TRP B 156 18.12 -8.43 -2.81
CA TRP B 156 17.56 -9.04 -1.63
C TRP B 156 16.19 -9.70 -1.97
N ARG B 157 16.14 -10.97 -1.61
CA ARG B 157 14.88 -11.74 -1.78
C ARG B 157 13.95 -11.23 -0.64
N PRO B 158 12.72 -10.99 -0.98
CA PRO B 158 11.71 -10.64 0.05
C PRO B 158 11.58 -11.89 0.96
N ALA B 159 11.06 -11.74 2.15
CA ALA B 159 10.86 -12.91 3.05
C ALA B 159 9.89 -13.83 2.28
N HIS B 160 10.17 -15.12 2.29
CA HIS B 160 9.27 -16.08 1.56
C HIS B 160 9.38 -17.50 2.10
N ILE B 161 8.32 -18.24 1.80
CA ILE B 161 8.25 -19.68 2.09
C ILE B 161 8.13 -20.41 0.73
N HIS B 162 8.98 -21.41 0.54
CA HIS B 162 8.94 -22.22 -0.69
C HIS B 162 7.83 -23.29 -0.53
N PHE B 163 7.03 -23.46 -1.56
CA PHE B 163 5.94 -24.45 -1.52
C PHE B 163 6.03 -25.44 -2.70
N GLY B 164 5.55 -26.61 -2.42
CA GLY B 164 5.46 -27.74 -3.34
C GLY B 164 4.04 -28.33 -3.17
N ILE B 165 3.33 -28.49 -4.27
CA ILE B 165 1.96 -29.06 -4.16
C ILE B 165 1.79 -30.15 -5.22
N SER B 166 1.32 -31.31 -4.79
CA SER B 166 1.19 -32.43 -5.75
C SER B 166 -0.06 -32.36 -6.60
N GLY B 167 -1.22 -32.27 -5.99
CA GLY B 167 -2.47 -32.25 -6.75
C GLY B 167 -2.72 -33.70 -7.24
N PRO B 168 -3.82 -33.83 -8.00
CA PRO B 168 -4.28 -35.09 -8.52
C PRO B 168 -3.42 -35.78 -9.55
N SER B 169 -2.51 -35.07 -10.19
CA SER B 169 -1.65 -35.64 -11.23
C SER B 169 -0.36 -34.89 -11.43
N ILE B 170 0.49 -35.45 -12.28
CA ILE B 170 1.78 -34.77 -12.56
C ILE B 170 1.52 -33.53 -13.42
N ALA B 171 0.27 -33.45 -13.96
CA ALA B 171 -0.08 -32.26 -14.79
C ALA B 171 -0.38 -31.04 -13.88
N THR B 172 -0.77 -31.31 -12.65
CA THR B 172 -1.11 -30.28 -11.67
C THR B 172 0.04 -29.89 -10.75
N LYS B 173 1.04 -30.75 -10.62
CA LYS B 173 2.17 -30.51 -9.70
C LYS B 173 2.80 -29.15 -9.88
N LEU B 174 3.01 -28.45 -8.77
CA LEU B 174 3.56 -27.08 -8.79
C LEU B 174 4.52 -26.78 -7.66
N ILE B 175 5.48 -25.94 -7.98
CA ILE B 175 6.43 -25.38 -7.02
C ILE B 175 6.29 -23.85 -7.12
N THR B 176 6.15 -23.22 -5.96
CA THR B 176 5.95 -21.75 -5.95
C THR B 176 6.60 -21.15 -4.69
N GLN B 177 6.27 -19.89 -4.45
CA GLN B 177 6.85 -19.15 -3.28
C GLN B 177 5.73 -18.22 -2.76
N LEU B 178 5.57 -18.25 -1.47
CA LEU B 178 4.60 -17.37 -0.75
C LEU B 178 5.43 -16.14 -0.30
N TYR B 179 4.83 -14.99 -0.44
CA TYR B 179 5.44 -13.70 -0.03
C TYR B 179 4.51 -13.16 1.05
N PHE B 180 4.95 -12.22 1.86
CA PHE B 180 4.13 -11.66 2.96
C PHE B 180 3.64 -10.25 2.66
N GLU B 181 2.38 -10.04 2.96
CA GLU B 181 1.65 -8.80 2.78
C GLU B 181 2.39 -7.57 3.28
N GLY B 182 2.54 -6.57 2.45
CA GLY B 182 3.15 -5.31 2.66
C GLY B 182 4.64 -5.22 2.50
N ASP B 183 5.32 -6.35 2.35
CA ASP B 183 6.78 -6.43 2.17
C ASP B 183 7.25 -5.55 1.03
N PRO B 184 8.03 -4.53 1.39
CA PRO B 184 8.54 -3.52 0.43
C PRO B 184 9.54 -4.06 -0.55
N LEU B 185 10.15 -5.19 -0.24
CA LEU B 185 11.09 -5.85 -1.13
C LEU B 185 10.40 -6.52 -2.35
N ILE B 186 9.12 -6.83 -2.22
CA ILE B 186 8.38 -7.50 -3.24
C ILE B 186 8.57 -6.97 -4.65
N PRO B 187 8.23 -5.72 -4.86
CA PRO B 187 8.33 -5.09 -6.16
C PRO B 187 9.74 -4.91 -6.68
N MET B 188 10.76 -5.17 -5.88
CA MET B 188 12.12 -4.97 -6.42
C MET B 188 12.77 -6.28 -6.83
N CYS B 189 12.14 -7.39 -6.49
CA CYS B 189 12.68 -8.71 -6.74
C CYS B 189 12.51 -9.19 -8.19
N PRO B 190 13.66 -9.50 -8.77
CA PRO B 190 13.77 -10.00 -10.15
C PRO B 190 13.11 -11.35 -10.31
N ILE B 191 13.13 -12.20 -9.28
CA ILE B 191 12.45 -13.50 -9.32
C ILE B 191 10.93 -13.25 -9.36
N VAL B 192 10.49 -12.35 -8.50
CA VAL B 192 9.06 -11.99 -8.44
C VAL B 192 8.64 -11.45 -9.82
N LYS B 193 9.39 -10.50 -10.30
CA LYS B 193 9.23 -9.82 -11.56
C LYS B 193 9.39 -10.78 -12.75
N SER B 194 9.72 -12.04 -12.44
CA SER B 194 9.79 -13.02 -13.57
C SER B 194 8.33 -13.13 -14.04
N ILE B 195 7.39 -12.76 -13.19
CA ILE B 195 5.96 -12.78 -13.50
C ILE B 195 5.58 -11.43 -14.12
N ALA B 196 5.19 -11.43 -15.37
CA ALA B 196 4.82 -10.21 -16.09
C ALA B 196 3.54 -9.52 -15.62
N ASN B 197 2.53 -10.23 -15.19
CA ASN B 197 1.27 -9.62 -14.75
C ASN B 197 1.25 -9.39 -13.24
N PRO B 198 1.05 -8.16 -12.84
CA PRO B 198 1.00 -7.73 -11.44
C PRO B 198 -0.10 -8.48 -10.70
N GLU B 199 -1.16 -8.75 -11.44
CA GLU B 199 -2.30 -9.50 -10.88
C GLU B 199 -1.86 -10.90 -10.53
N ALA B 200 -0.93 -11.48 -11.27
CA ALA B 200 -0.42 -12.83 -10.98
C ALA B 200 0.40 -12.78 -9.70
N VAL B 201 1.14 -11.70 -9.56
CA VAL B 201 1.98 -11.45 -8.37
C VAL B 201 1.14 -11.44 -7.08
N GLN B 202 -0.03 -10.81 -7.19
CA GLN B 202 -0.95 -10.69 -6.06
C GLN B 202 -1.34 -12.07 -5.50
N GLN B 203 -1.42 -13.04 -6.39
CA GLN B 203 -1.78 -14.41 -6.01
C GLN B 203 -0.74 -15.02 -5.09
N LEU B 204 0.50 -14.56 -5.11
CA LEU B 204 1.55 -15.12 -4.27
C LEU B 204 1.72 -14.45 -2.90
N ILE B 205 0.92 -13.42 -2.63
CA ILE B 205 1.06 -12.70 -1.34
C ILE B 205 0.11 -13.18 -0.28
N ALA B 206 0.62 -13.74 0.79
CA ALA B 206 -0.19 -14.24 1.93
C ALA B 206 -0.69 -12.98 2.69
N LYS B 207 -1.96 -13.07 3.07
CA LYS B 207 -2.62 -11.98 3.80
C LYS B 207 -2.69 -12.32 5.31
N LEU B 208 -2.51 -11.23 6.07
CA LEU B 208 -2.56 -11.28 7.53
C LEU B 208 -3.99 -11.75 7.87
N ASP B 209 -4.05 -12.70 8.77
CA ASP B 209 -5.35 -13.30 9.16
C ASP B 209 -5.52 -13.27 10.67
N MET B 210 -6.04 -12.16 11.18
CA MET B 210 -6.27 -11.92 12.59
C MET B 210 -7.24 -12.94 13.19
N ASN B 211 -8.16 -13.39 12.38
CA ASN B 211 -9.20 -14.35 12.72
C ASN B 211 -8.66 -15.73 13.08
N ASN B 212 -7.56 -16.11 12.49
CA ASN B 212 -6.94 -17.42 12.70
C ASN B 212 -5.82 -17.39 13.74
N ALA B 213 -5.48 -16.21 14.22
CA ALA B 213 -4.42 -16.06 15.21
C ALA B 213 -4.85 -16.59 16.59
N ASN B 214 -3.84 -16.95 17.34
CA ASN B 214 -3.99 -17.42 18.75
C ASN B 214 -3.50 -16.19 19.58
N PRO B 215 -4.47 -15.54 20.19
CA PRO B 215 -4.17 -14.33 21.02
C PRO B 215 -3.09 -14.63 22.03
N MET B 216 -2.19 -13.69 22.20
CA MET B 216 -1.08 -13.79 23.15
C MET B 216 -0.18 -14.95 22.76
N ASP B 217 -0.25 -15.39 21.52
CA ASP B 217 0.61 -16.57 21.13
C ASP B 217 1.31 -16.40 19.81
N CYS B 218 0.50 -16.48 18.75
CA CYS B 218 0.98 -16.34 17.38
C CYS B 218 -0.06 -15.73 16.46
N LEU B 219 0.46 -15.12 15.41
CA LEU B 219 -0.32 -14.50 14.34
C LEU B 219 -0.56 -15.60 13.28
N ALA B 220 -1.27 -15.20 12.23
CA ALA B 220 -1.59 -16.12 11.13
C ALA B 220 -1.70 -15.39 9.79
N TYR B 221 -1.32 -16.16 8.78
CA TYR B 221 -1.30 -15.79 7.39
C TYR B 221 -2.14 -16.81 6.62
N ARG B 222 -2.84 -16.27 5.65
CA ARG B 222 -3.72 -17.05 4.79
C ARG B 222 -3.13 -17.13 3.40
N PHE B 223 -2.95 -18.37 2.94
CA PHE B 223 -2.42 -18.61 1.58
C PHE B 223 -3.20 -19.70 0.86
N ASP B 224 -4.07 -19.31 -0.05
CA ASP B 224 -4.87 -20.29 -0.84
C ASP B 224 -4.12 -20.56 -2.16
N ILE B 225 -4.19 -21.78 -2.60
CA ILE B 225 -3.51 -22.27 -3.80
C ILE B 225 -4.56 -22.84 -4.77
N VAL B 226 -4.42 -22.45 -6.00
CA VAL B 226 -5.23 -22.84 -7.14
C VAL B 226 -4.43 -23.68 -8.14
N LEU B 227 -4.87 -24.91 -8.30
CA LEU B 227 -4.32 -25.89 -9.21
C LEU B 227 -5.21 -25.91 -10.48
N ARG B 228 -4.63 -26.41 -11.56
CA ARG B 228 -5.35 -26.50 -12.85
C ARG B 228 -6.69 -27.17 -12.66
N GLY B 229 -7.67 -26.64 -13.36
CA GLY B 229 -9.06 -27.17 -13.33
C GLY B 229 -9.09 -28.60 -13.91
N GLN B 230 -9.81 -29.43 -13.19
CA GLN B 230 -9.98 -30.84 -13.54
C GLN B 230 -11.42 -31.08 -14.05
N ARG B 231 -11.48 -31.64 -15.26
CA ARG B 231 -12.79 -31.96 -15.82
C ARG B 231 -12.81 -33.41 -16.33
N LYS B 232 -14.06 -33.82 -16.56
CA LYS B 232 -14.28 -35.19 -17.14
C LYS B 232 -14.07 -35.02 -18.65
N THR B 233 -13.58 -36.09 -19.25
CA THR B 233 -13.36 -36.10 -20.71
C THR B 233 -14.81 -36.17 -21.26
N HIS B 234 -14.97 -35.61 -22.44
CA HIS B 234 -16.32 -35.61 -23.07
C HIS B 234 -16.16 -35.64 -24.60
N PHE B 235 -17.08 -36.39 -25.18
CA PHE B 235 -17.14 -36.58 -26.65
C PHE B 235 -15.78 -36.93 -27.21
N GLU B 236 -14.94 -37.59 -26.44
CA GLU B 236 -13.59 -37.89 -26.96
C GLU B 236 -13.52 -38.79 -28.15
N PRO C 1 9.74 3.18 -0.24
CA PRO C 1 11.19 3.22 0.06
C PRO C 1 11.76 4.60 -0.32
N ILE C 2 13.03 4.80 -0.03
CA ILE C 2 13.73 6.04 -0.36
C ILE C 2 14.32 6.02 -1.77
N GLU C 3 14.06 7.09 -2.50
CA GLU C 3 14.63 7.23 -3.85
C GLU C 3 15.50 8.47 -3.93
N LEU C 4 16.66 8.37 -4.57
CA LEU C 4 17.60 9.51 -4.75
C LEU C 4 17.30 10.17 -6.08
N LEU C 5 18.11 11.14 -6.51
CA LEU C 5 17.88 11.69 -7.90
C LEU C 5 18.40 10.48 -8.76
N PRO C 6 17.78 10.33 -9.90
CA PRO C 6 18.19 9.23 -10.82
C PRO C 6 19.46 9.68 -11.55
N GLU C 7 20.31 8.69 -11.82
CA GLU C 7 21.57 9.00 -12.55
C GLU C 7 21.24 9.29 -14.00
N THR C 8 22.00 10.21 -14.59
CA THR C 8 21.87 10.53 -16.02
C THR C 8 22.13 9.21 -16.78
N PRO C 9 21.22 8.89 -17.66
CA PRO C 9 21.31 7.65 -18.46
C PRO C 9 22.47 7.70 -19.44
N SER C 10 23.09 6.53 -19.62
CA SER C 10 24.15 6.30 -20.57
C SER C 10 23.60 6.31 -22.01
N GLN C 11 24.49 6.57 -22.94
CA GLN C 11 24.21 6.55 -24.38
C GLN C 11 25.53 6.01 -24.99
N THR C 12 25.44 5.43 -26.15
CA THR C 12 26.60 4.89 -26.87
C THR C 12 27.53 6.10 -27.20
N ALA C 13 28.80 5.80 -27.25
CA ALA C 13 29.83 6.76 -27.59
C ALA C 13 29.70 7.16 -29.07
N GLY C 14 29.16 6.20 -29.85
CA GLY C 14 28.95 6.39 -31.30
C GLY C 14 30.30 6.11 -32.01
N PRO C 15 30.25 6.09 -33.34
CA PRO C 15 31.44 5.85 -34.16
C PRO C 15 32.43 6.98 -34.20
N TYR C 16 32.08 8.21 -33.85
CA TYR C 16 32.97 9.37 -33.86
C TYR C 16 33.62 9.70 -32.52
N VAL C 17 33.58 8.76 -31.60
CA VAL C 17 34.17 8.92 -30.26
C VAL C 17 35.56 9.52 -30.32
N HIS C 18 36.35 9.12 -31.29
CA HIS C 18 37.72 9.56 -31.49
C HIS C 18 37.93 11.06 -31.64
N ILE C 19 36.97 11.78 -32.23
CA ILE C 19 37.12 13.22 -32.35
C ILE C 19 37.19 13.90 -30.99
N GLY C 20 36.51 13.32 -30.02
CA GLY C 20 36.46 13.85 -28.68
C GLY C 20 37.45 13.26 -27.71
N LEU C 21 37.74 11.98 -27.78
CA LEU C 21 38.63 11.31 -26.84
C LEU C 21 39.88 10.67 -27.35
N ALA C 22 40.15 10.74 -28.62
CA ALA C 22 41.31 10.12 -29.27
C ALA C 22 41.63 10.85 -30.57
N LEU C 23 41.94 12.15 -30.40
CA LEU C 23 42.25 13.08 -31.46
C LEU C 23 43.22 12.57 -32.50
N GLU C 24 44.37 12.09 -32.06
CA GLU C 24 45.40 11.51 -32.96
C GLU C 24 44.72 10.44 -33.82
N ALA C 25 44.08 9.48 -33.16
CA ALA C 25 43.38 8.36 -33.80
C ALA C 25 42.32 8.78 -34.79
N ALA C 26 41.66 9.90 -34.52
CA ALA C 26 40.62 10.44 -35.41
C ALA C 26 41.29 11.10 -36.63
N GLY C 27 42.62 11.26 -36.45
CA GLY C 27 43.46 11.90 -37.47
C GLY C 27 43.26 13.43 -37.49
N ASN C 28 43.08 14.00 -36.31
CA ASN C 28 42.90 15.45 -36.16
C ASN C 28 44.02 16.02 -35.29
N PRO C 29 44.22 17.33 -35.46
CA PRO C 29 45.26 18.03 -34.66
C PRO C 29 44.92 17.83 -33.18
N THR C 30 45.92 17.57 -32.38
CA THR C 30 45.76 17.39 -30.93
C THR C 30 46.08 18.73 -30.26
N ARG C 31 45.81 18.76 -28.98
CA ARG C 31 46.05 19.89 -28.08
C ARG C 31 47.37 19.62 -27.33
N ASP C 32 47.86 20.63 -26.68
CA ASP C 32 49.11 20.60 -25.90
C ASP C 32 49.20 19.31 -25.08
N GLN C 33 48.15 19.11 -24.30
CA GLN C 33 48.08 17.94 -23.41
C GLN C 33 46.89 17.04 -23.71
N GLU C 34 47.19 15.77 -23.87
CA GLU C 34 46.24 14.70 -24.18
C GLU C 34 46.42 13.47 -23.30
N ILE C 35 45.32 12.79 -23.02
CA ILE C 35 45.32 11.56 -22.21
C ILE C 35 45.37 10.41 -23.23
N TRP C 36 46.52 9.73 -23.27
CA TRP C 36 46.74 8.64 -24.21
C TRP C 36 47.18 7.32 -23.61
N ASN C 37 47.81 6.44 -24.39
CA ASN C 37 48.19 5.10 -24.06
C ASN C 37 49.54 4.79 -23.46
N ARG C 38 50.26 5.75 -22.98
CA ARG C 38 51.61 5.61 -22.37
C ARG C 38 51.48 5.94 -20.89
N LEU C 39 51.25 4.96 -20.06
CA LEU C 39 51.04 5.16 -18.62
C LEU C 39 52.35 5.40 -17.87
N ALA C 40 53.40 4.81 -18.41
CA ALA C 40 54.73 4.92 -17.77
C ALA C 40 55.81 5.49 -18.65
N LYS C 41 56.65 6.31 -18.03
CA LYS C 41 57.84 6.89 -18.68
C LYS C 41 58.93 5.81 -18.49
N PRO C 42 59.88 5.75 -19.39
CA PRO C 42 60.96 4.76 -19.35
C PRO C 42 61.62 4.65 -18.00
N ASP C 43 61.67 5.75 -17.26
CA ASP C 43 62.33 5.71 -15.93
C ASP C 43 61.40 5.40 -14.79
N ALA C 44 60.27 4.77 -15.07
CA ALA C 44 59.28 4.41 -14.05
C ALA C 44 59.63 3.03 -13.48
N PRO C 45 59.58 2.96 -12.15
CA PRO C 45 59.87 1.71 -11.43
C PRO C 45 58.82 0.66 -11.88
N GLY C 46 59.21 -0.58 -11.79
CA GLY C 46 58.35 -1.71 -12.14
C GLY C 46 58.81 -2.35 -13.43
N GLU C 47 58.21 -3.49 -13.71
CA GLU C 47 58.51 -4.24 -14.94
C GLU C 47 57.71 -3.68 -16.11
N HIS C 48 58.37 -3.00 -17.01
CA HIS C 48 57.80 -2.41 -18.20
C HIS C 48 57.26 -3.45 -19.17
N ILE C 49 56.01 -3.28 -19.56
CA ILE C 49 55.33 -4.20 -20.47
C ILE C 49 54.50 -3.47 -21.52
N LEU C 50 54.18 -4.23 -22.55
CA LEU C 50 53.35 -3.81 -23.64
C LEU C 50 52.09 -4.71 -23.63
N LEU C 51 50.97 -4.07 -23.71
CA LEU C 51 49.65 -4.75 -23.74
C LEU C 51 49.06 -4.44 -25.14
N LEU C 52 48.46 -5.47 -25.68
CA LEU C 52 47.83 -5.39 -26.99
C LEU C 52 46.68 -6.37 -27.08
N GLY C 53 45.71 -6.03 -27.91
CA GLY C 53 44.56 -6.90 -28.11
C GLY C 53 43.68 -6.38 -29.23
N GLN C 54 42.72 -7.28 -29.48
CA GLN C 54 41.68 -7.13 -30.48
C GLN C 54 40.34 -7.30 -29.77
N VAL C 55 39.33 -6.75 -30.40
CA VAL C 55 37.96 -6.80 -29.93
C VAL C 55 37.09 -7.45 -31.04
N TYR C 56 36.34 -8.45 -30.63
CA TYR C 56 35.43 -9.20 -31.43
C TYR C 56 33.95 -9.05 -31.07
N ASP C 57 33.14 -8.94 -32.12
CA ASP C 57 31.68 -8.87 -31.98
C ASP C 57 31.21 -10.35 -32.01
N GLY C 58 29.94 -10.57 -31.90
CA GLY C 58 29.25 -11.82 -31.86
C GLY C 58 29.36 -12.69 -33.08
N ASN C 59 29.78 -12.13 -34.22
CA ASN C 59 29.94 -12.87 -35.46
C ASN C 59 31.40 -13.21 -35.71
N GLY C 60 32.24 -12.91 -34.78
CA GLY C 60 33.67 -13.15 -34.85
C GLY C 60 34.40 -12.07 -35.60
N HIS C 61 33.74 -10.96 -35.88
CA HIS C 61 34.36 -9.86 -36.61
C HIS C 61 34.99 -8.83 -35.66
N LEU C 62 36.10 -8.26 -36.13
CA LEU C 62 36.80 -7.23 -35.38
C LEU C 62 35.91 -5.96 -35.21
N VAL C 63 36.05 -5.41 -34.04
CA VAL C 63 35.36 -4.11 -33.69
C VAL C 63 36.49 -3.07 -33.87
N ARG C 64 36.42 -2.34 -34.96
CA ARG C 64 37.43 -1.39 -35.32
C ARG C 64 37.20 0.02 -34.86
N ASP C 65 36.13 0.26 -34.18
CA ASP C 65 35.87 1.64 -33.65
C ASP C 65 35.75 1.64 -32.15
N SER C 66 36.38 0.70 -31.46
CA SER C 66 36.31 0.65 -29.99
C SER C 66 37.24 1.68 -29.32
N PHE C 67 36.88 2.03 -28.11
CA PHE C 67 37.58 3.01 -27.25
C PHE C 67 37.69 2.36 -25.88
N LEU C 68 38.89 2.29 -25.33
CA LEU C 68 39.16 1.68 -24.02
C LEU C 68 39.82 2.65 -23.02
N GLU C 69 39.42 2.48 -21.77
CA GLU C 69 39.95 3.28 -20.64
C GLU C 69 40.50 2.31 -19.63
N VAL C 70 41.70 2.59 -19.11
CA VAL C 70 42.30 1.67 -18.14
C VAL C 70 42.65 2.34 -16.84
N TRP C 71 42.54 1.55 -15.78
CA TRP C 71 42.86 1.99 -14.40
C TRP C 71 43.66 0.86 -13.73
N GLN C 72 44.83 1.23 -13.24
CA GLN C 72 45.73 0.27 -12.57
C GLN C 72 46.65 0.93 -11.54
N ALA C 73 47.06 0.10 -10.57
CA ALA C 73 48.00 0.52 -9.53
C ALA C 73 49.40 0.50 -10.18
N ASP C 74 50.29 1.19 -9.52
CA ASP C 74 51.72 1.23 -9.93
C ASP C 74 52.32 -0.12 -9.44
N ALA C 75 53.62 -0.23 -9.70
CA ALA C 75 54.35 -1.46 -9.33
C ALA C 75 54.30 -1.75 -7.84
N ASN C 76 54.13 -0.72 -7.02
CA ASN C 76 54.04 -0.88 -5.56
C ASN C 76 52.58 -1.09 -5.12
N GLY C 77 51.71 -1.41 -6.09
CA GLY C 77 50.32 -1.63 -5.80
C GLY C 77 49.64 -0.36 -5.28
N GLU C 78 50.00 0.81 -5.76
CA GLU C 78 49.34 2.05 -5.39
C GLU C 78 48.72 2.79 -6.57
N TYR C 79 47.50 3.27 -6.31
CA TYR C 79 46.75 4.03 -7.33
C TYR C 79 47.20 5.50 -7.25
N GLN C 80 47.72 5.97 -8.34
CA GLN C 80 48.19 7.35 -8.50
C GLN C 80 47.10 8.13 -9.22
N ASP C 81 46.21 8.77 -8.48
CA ASP C 81 45.07 9.49 -9.02
C ASP C 81 45.32 10.89 -9.52
N ALA C 82 46.44 11.47 -9.09
CA ALA C 82 46.75 12.84 -9.54
C ALA C 82 47.35 12.74 -10.95
N TYR C 83 46.48 12.82 -11.95
CA TYR C 83 46.89 12.74 -13.34
C TYR C 83 47.77 13.92 -13.76
N ASN C 84 48.94 13.61 -14.28
CA ASN C 84 49.90 14.64 -14.71
C ASN C 84 50.91 14.05 -15.70
N LEU C 85 51.03 14.76 -16.81
CA LEU C 85 51.94 14.39 -17.90
C LEU C 85 53.40 14.40 -17.46
N GLU C 86 53.71 15.07 -16.37
CA GLU C 86 55.08 15.15 -15.83
C GLU C 86 55.41 13.89 -15.06
N ASN C 87 54.42 13.22 -14.53
CA ASN C 87 54.57 11.98 -13.77
C ASN C 87 55.33 10.92 -14.61
N ALA C 88 56.00 10.07 -13.88
CA ALA C 88 56.77 8.95 -14.48
C ALA C 88 55.77 7.78 -14.72
N PHE C 89 54.73 7.82 -13.92
CA PHE C 89 53.62 6.89 -13.92
C PHE C 89 52.27 7.57 -13.66
N ASN C 90 51.33 7.16 -14.53
CA ASN C 90 49.92 7.58 -14.45
C ASN C 90 49.12 6.26 -14.35
N SER C 91 48.21 6.22 -13.40
CA SER C 91 47.35 5.05 -13.16
C SER C 91 46.26 4.84 -14.21
N PHE C 92 45.92 5.90 -14.91
CA PHE C 92 44.94 6.05 -15.94
C PHE C 92 45.50 6.24 -17.35
N GLY C 93 44.85 5.61 -18.30
CA GLY C 93 45.19 5.69 -19.72
C GLY C 93 43.98 5.47 -20.64
N ARG C 94 44.21 5.77 -21.87
CA ARG C 94 43.29 5.65 -22.99
C ARG C 94 44.00 5.09 -24.23
N THR C 95 43.21 4.23 -24.87
CA THR C 95 43.60 3.55 -26.10
C THR C 95 42.38 3.33 -26.99
N ALA C 96 42.59 2.96 -28.20
CA ALA C 96 41.54 2.70 -29.20
C ALA C 96 42.05 1.70 -30.22
N THR C 97 41.15 1.04 -30.93
CA THR C 97 41.53 0.11 -31.96
C THR C 97 41.59 0.84 -33.32
N THR C 98 42.65 0.43 -34.02
CA THR C 98 42.98 0.92 -35.37
C THR C 98 41.84 0.56 -36.36
N PHE C 99 41.48 1.59 -37.13
CA PHE C 99 40.42 1.39 -38.13
C PHE C 99 40.96 0.38 -39.14
N ASP C 100 42.24 0.11 -39.09
CA ASP C 100 42.90 -0.87 -39.97
C ASP C 100 43.05 -2.27 -39.39
N ALA C 101 44.14 -2.49 -38.64
CA ALA C 101 44.40 -3.79 -38.02
C ALA C 101 43.34 -4.05 -36.93
N GLY C 102 42.88 -2.97 -36.31
CA GLY C 102 41.85 -3.11 -35.27
C GLY C 102 42.44 -3.66 -33.96
N GLU C 103 43.67 -3.24 -33.72
CA GLU C 103 44.40 -3.63 -32.51
C GLU C 103 44.75 -2.43 -31.64
N TRP C 104 44.61 -2.55 -30.34
CA TRP C 104 44.94 -1.43 -29.41
C TRP C 104 46.27 -1.78 -28.72
N THR C 105 46.97 -0.78 -28.24
CA THR C 105 48.24 -1.00 -27.52
C THR C 105 48.28 -0.01 -26.36
N LEU C 106 48.99 -0.43 -25.33
CA LEU C 106 49.19 0.39 -24.11
C LEU C 106 50.59 0.14 -23.59
N HIS C 107 51.25 1.17 -23.16
CA HIS C 107 52.63 1.05 -22.64
C HIS C 107 52.54 1.31 -21.14
N THR C 108 52.79 0.26 -20.35
CA THR C 108 52.69 0.45 -18.86
C THR C 108 53.65 -0.44 -18.11
N VAL C 109 53.40 -0.63 -16.82
CA VAL C 109 54.13 -1.50 -15.91
C VAL C 109 53.14 -2.54 -15.33
N LYS C 110 53.68 -3.69 -14.93
CA LYS C 110 52.79 -4.71 -14.29
C LYS C 110 52.39 -4.13 -12.92
N PRO C 111 51.09 -4.14 -12.66
CA PRO C 111 50.56 -3.59 -11.43
C PRO C 111 50.96 -4.45 -10.23
N GLY C 112 51.10 -3.79 -9.08
CA GLY C 112 51.39 -4.51 -7.82
C GLY C 112 50.03 -4.94 -7.25
N VAL C 113 50.05 -5.66 -6.17
CA VAL C 113 48.94 -6.22 -5.44
C VAL C 113 48.22 -5.19 -4.56
N VAL C 114 46.89 -5.27 -4.61
CA VAL C 114 45.99 -4.42 -3.84
C VAL C 114 45.04 -5.37 -3.11
N ASN C 115 44.58 -4.94 -1.95
CA ASN C 115 43.65 -5.81 -1.16
C ASN C 115 42.19 -5.31 -1.34
N ASN C 116 41.28 -6.25 -1.25
CA ASN C 116 39.86 -5.88 -1.33
C ASN C 116 39.51 -5.17 0.01
N ALA C 117 38.23 -4.85 0.08
CA ALA C 117 37.64 -4.15 1.22
C ALA C 117 37.79 -5.00 2.46
N ALA C 118 37.71 -6.31 2.35
CA ALA C 118 37.87 -7.20 3.49
C ALA C 118 39.35 -7.49 3.80
N GLY C 119 40.30 -6.82 3.21
CA GLY C 119 41.70 -7.06 3.45
C GLY C 119 42.34 -8.20 2.72
N VAL C 120 41.66 -8.90 1.85
CA VAL C 120 42.26 -10.01 1.04
C VAL C 120 42.89 -9.41 -0.23
N PRO C 121 44.11 -9.86 -0.53
CA PRO C 121 44.82 -9.40 -1.72
C PRO C 121 44.18 -10.00 -2.98
N MET C 122 44.13 -9.15 -4.00
CA MET C 122 43.59 -9.49 -5.33
C MET C 122 44.83 -9.73 -6.22
N ALA C 123 44.73 -10.58 -7.22
CA ALA C 123 45.93 -10.78 -8.10
C ALA C 123 46.18 -9.49 -8.85
N PRO C 124 47.41 -9.27 -9.29
CA PRO C 124 47.71 -8.05 -10.12
C PRO C 124 46.65 -8.00 -11.24
N HIS C 125 46.06 -6.84 -11.42
CA HIS C 125 45.05 -6.64 -12.47
C HIS C 125 44.95 -5.20 -12.93
N ILE C 126 44.38 -5.09 -14.14
CA ILE C 126 44.10 -3.81 -14.81
C ILE C 126 42.60 -3.69 -15.03
N ASN C 127 42.03 -2.56 -14.63
CA ASN C 127 40.59 -2.33 -14.81
C ASN C 127 40.38 -1.73 -16.22
N ILE C 128 39.42 -2.34 -16.92
CA ILE C 128 39.10 -1.89 -18.28
C ILE C 128 37.63 -1.55 -18.45
N SER C 129 37.41 -0.52 -19.23
CA SER C 129 36.10 -0.01 -19.63
C SER C 129 36.11 0.04 -21.17
N LEU C 130 35.10 -0.56 -21.78
CA LEU C 130 34.99 -0.57 -23.22
C LEU C 130 33.75 0.18 -23.71
N PHE C 131 33.98 1.05 -24.66
CA PHE C 131 33.00 1.92 -25.29
C PHE C 131 33.10 1.76 -26.83
N ALA C 132 31.99 1.86 -27.50
CA ALA C 132 31.89 1.77 -28.94
C ALA C 132 30.43 1.95 -29.41
N ARG C 133 30.33 2.19 -30.72
CA ARG C 133 28.96 2.32 -31.30
C ARG C 133 28.35 0.88 -31.18
N GLY C 134 27.08 0.87 -30.81
CA GLY C 134 26.42 -0.43 -30.62
C GLY C 134 26.45 -0.83 -29.15
N ILE C 135 27.22 -0.16 -28.34
CA ILE C 135 27.32 -0.43 -26.90
C ILE C 135 26.61 0.74 -26.21
N ASN C 136 25.46 0.47 -25.66
CA ASN C 136 24.61 1.48 -25.02
C ASN C 136 25.20 2.02 -23.69
N ILE C 137 25.77 1.06 -22.98
CA ILE C 137 26.44 1.38 -21.69
C ILE C 137 27.76 0.59 -21.69
N HIS C 138 28.83 1.25 -21.34
CA HIS C 138 30.17 0.66 -21.36
C HIS C 138 30.27 -0.62 -20.57
N LEU C 139 31.22 -1.44 -20.98
CA LEU C 139 31.49 -2.73 -20.39
C LEU C 139 32.75 -2.73 -19.52
N HIS C 140 32.55 -3.26 -18.32
CA HIS C 140 33.60 -3.39 -17.34
C HIS C 140 34.19 -4.83 -17.37
N THR C 141 35.49 -4.86 -17.34
CA THR C 141 36.26 -6.10 -17.26
C THR C 141 37.56 -5.87 -16.50
N ARG C 142 38.31 -6.94 -16.32
CA ARG C 142 39.61 -6.93 -15.67
C ARG C 142 40.59 -7.77 -16.52
N LEU C 143 41.82 -7.35 -16.52
CA LEU C 143 42.89 -8.09 -17.22
C LEU C 143 43.82 -8.68 -16.14
N TYR C 144 43.98 -9.97 -16.17
CA TYR C 144 44.85 -10.73 -15.29
C TYR C 144 46.01 -11.26 -16.18
N PHE C 145 47.07 -11.71 -15.51
CA PHE C 145 48.29 -12.19 -16.16
C PHE C 145 48.50 -13.69 -15.97
N ASP C 146 48.75 -14.38 -17.08
CA ASP C 146 48.93 -15.83 -17.04
C ASP C 146 50.14 -16.25 -16.21
N ASP C 147 51.11 -15.40 -16.03
CA ASP C 147 52.27 -15.77 -15.24
C ASP C 147 52.05 -15.51 -13.76
N GLU C 148 50.82 -15.33 -13.34
CA GLU C 148 50.45 -15.07 -11.96
C GLU C 148 49.44 -16.10 -11.48
N ALA C 149 49.64 -17.31 -11.97
CA ALA C 149 48.78 -18.44 -11.65
C ALA C 149 48.49 -18.55 -10.17
N GLN C 150 49.53 -18.52 -9.35
CA GLN C 150 49.35 -18.64 -7.90
C GLN C 150 48.42 -17.58 -7.33
N ALA C 151 48.68 -16.34 -7.65
CA ALA C 151 47.85 -15.21 -7.14
C ALA C 151 46.42 -15.29 -7.69
N ASN C 152 46.36 -15.67 -8.97
CA ASN C 152 45.12 -15.77 -9.70
C ASN C 152 44.20 -16.78 -9.04
N ALA C 153 44.82 -17.88 -8.64
CA ALA C 153 44.06 -18.98 -8.04
C ALA C 153 43.35 -18.55 -6.78
N LYS C 154 43.94 -17.57 -6.10
CA LYS C 154 43.37 -17.09 -4.84
C LYS C 154 42.63 -15.78 -4.92
N CYS C 155 42.52 -15.12 -6.06
CA CYS C 155 41.83 -13.84 -6.14
C CYS C 155 40.37 -13.95 -5.73
N PRO C 156 39.98 -13.14 -4.77
CA PRO C 156 38.61 -13.10 -4.30
C PRO C 156 37.65 -12.66 -5.42
N VAL C 157 38.14 -11.93 -6.40
CA VAL C 157 37.30 -11.44 -7.51
C VAL C 157 37.14 -12.56 -8.55
N LEU C 158 38.25 -13.09 -9.01
CA LEU C 158 38.24 -14.21 -9.99
C LEU C 158 37.39 -15.37 -9.46
N ASN C 159 37.48 -15.61 -8.14
CA ASN C 159 36.70 -16.67 -7.50
C ASN C 159 35.22 -16.38 -7.45
N LEU C 160 34.73 -15.22 -7.77
CA LEU C 160 33.30 -14.90 -7.74
C LEU C 160 32.64 -15.43 -9.02
N ILE C 161 33.49 -15.76 -9.99
CA ILE C 161 33.00 -16.33 -11.27
C ILE C 161 32.80 -17.85 -11.05
N GLU C 162 31.53 -18.19 -11.02
CA GLU C 162 31.03 -19.51 -10.84
C GLU C 162 31.74 -20.58 -11.67
N GLN C 163 31.81 -20.42 -12.97
CA GLN C 163 32.43 -21.37 -13.88
C GLN C 163 33.88 -21.04 -14.20
N PRO C 164 34.73 -21.93 -13.72
CA PRO C 164 36.18 -21.84 -13.90
C PRO C 164 36.61 -21.57 -15.32
N GLN C 165 35.89 -22.11 -16.29
CA GLN C 165 36.25 -21.89 -17.70
C GLN C 165 36.09 -20.41 -18.08
N ARG C 166 35.16 -19.79 -17.35
CA ARG C 166 34.84 -18.36 -17.58
C ARG C 166 35.94 -17.47 -17.08
N ARG C 167 36.66 -17.91 -16.05
CA ARG C 167 37.77 -17.16 -15.45
C ARG C 167 38.93 -17.00 -16.42
N GLU C 168 39.10 -18.00 -17.26
CA GLU C 168 40.17 -18.01 -18.26
C GLU C 168 40.05 -16.91 -19.29
N THR C 169 38.86 -16.36 -19.46
CA THR C 169 38.64 -15.27 -20.44
C THR C 169 39.32 -14.00 -19.97
N LEU C 170 39.61 -13.93 -18.68
CA LEU C 170 40.26 -12.74 -18.12
C LEU C 170 41.76 -12.84 -18.03
N ILE C 171 42.35 -13.92 -18.49
CA ILE C 171 43.82 -14.10 -18.38
C ILE C 171 44.60 -13.75 -19.61
N ALA C 172 45.40 -12.70 -19.54
CA ALA C 172 46.24 -12.28 -20.68
C ALA C 172 47.43 -13.27 -20.83
N LYS C 173 47.73 -13.56 -22.07
CA LYS C 173 48.80 -14.48 -22.46
C LYS C 173 50.07 -13.68 -22.71
N ARG C 174 51.10 -14.07 -21.95
CA ARG C 174 52.42 -13.45 -22.07
C ARG C 174 53.06 -13.91 -23.39
N CYS C 175 53.63 -12.93 -24.03
CA CYS C 175 54.30 -13.07 -25.33
C CYS C 175 55.40 -12.03 -25.39
N GLU C 176 55.93 -11.86 -26.59
CA GLU C 176 57.03 -10.88 -26.80
C GLU C 176 56.78 -10.17 -28.11
N VAL C 177 57.02 -8.87 -28.11
CA VAL C 177 56.83 -8.01 -29.31
C VAL C 177 58.17 -7.27 -29.44
N ASP C 178 58.88 -7.64 -30.51
CA ASP C 178 60.23 -7.10 -30.76
C ASP C 178 61.09 -7.35 -29.52
N GLY C 179 61.02 -8.63 -29.11
CA GLY C 179 61.74 -9.11 -27.94
C GLY C 179 61.54 -8.26 -26.70
N LYS C 180 60.33 -7.79 -26.53
CA LYS C 180 59.90 -6.94 -25.38
C LYS C 180 58.70 -7.70 -24.77
N THR C 181 58.61 -7.74 -23.46
CA THR C 181 57.52 -8.45 -22.79
C THR C 181 56.19 -7.74 -23.08
N ALA C 182 55.27 -8.55 -23.56
CA ALA C 182 53.92 -8.16 -23.92
C ALA C 182 52.92 -9.23 -23.49
N TYR C 183 51.68 -8.82 -23.35
CA TYR C 183 50.57 -9.66 -22.94
C TYR C 183 49.43 -9.33 -23.92
N ARG C 184 48.85 -10.39 -24.42
CA ARG C 184 47.74 -10.25 -25.37
C ARG C 184 46.44 -10.57 -24.61
N PHE C 185 45.55 -9.62 -24.79
CA PHE C 185 44.24 -9.64 -24.15
C PHE C 185 43.15 -9.29 -25.15
N ASP C 186 42.55 -10.31 -25.70
CA ASP C 186 41.46 -10.18 -26.66
C ASP C 186 40.13 -10.14 -25.90
N ILE C 187 39.21 -9.35 -26.42
CA ILE C 187 37.89 -9.23 -25.84
C ILE C 187 36.85 -9.80 -26.81
N ARG C 188 36.04 -10.72 -26.32
CA ARG C 188 34.97 -11.32 -27.18
C ARG C 188 33.68 -10.80 -26.53
N ILE C 189 33.03 -9.86 -27.17
CA ILE C 189 31.85 -9.22 -26.63
C ILE C 189 30.69 -10.18 -26.44
N GLN C 190 30.60 -11.09 -27.42
CA GLN C 190 29.48 -12.03 -27.44
C GLN C 190 29.83 -13.36 -28.07
N GLY C 191 29.18 -14.42 -27.59
CA GLY C 191 29.40 -15.74 -28.15
C GLY C 191 30.37 -16.67 -27.48
N GLU C 192 31.00 -17.47 -28.31
CA GLU C 192 31.99 -18.50 -27.90
C GLU C 192 33.19 -17.82 -27.24
N GLY C 193 33.48 -18.18 -26.03
CA GLY C 193 34.61 -17.57 -25.28
C GLY C 193 34.25 -16.15 -24.87
N GLU C 194 32.98 -15.82 -24.79
CA GLU C 194 32.56 -14.45 -24.40
C GLU C 194 33.26 -14.07 -23.09
N THR C 195 33.87 -12.92 -23.09
CA THR C 195 34.58 -12.36 -21.94
C THR C 195 33.62 -11.97 -20.81
N VAL C 196 34.08 -12.24 -19.58
CA VAL C 196 33.34 -11.90 -18.37
C VAL C 196 33.39 -10.34 -18.24
N PHE C 197 32.24 -9.80 -18.02
CA PHE C 197 31.95 -8.37 -17.81
C PHE C 197 31.30 -8.27 -16.42
N PHE C 198 31.71 -7.27 -15.68
CA PHE C 198 31.31 -7.02 -14.32
C PHE C 198 30.34 -5.84 -14.20
N ASP C 199 29.70 -5.86 -13.05
CA ASP C 199 28.75 -4.86 -12.56
C ASP C 199 29.21 -4.58 -11.13
N PHE C 200 29.33 -3.33 -10.78
CA PHE C 200 29.79 -2.87 -9.48
C PHE C 200 29.29 -1.43 -9.29
N PRO D 1 48.66 8.18 -2.83
CA PRO D 1 47.77 7.40 -3.73
C PRO D 1 46.34 7.57 -3.24
N ALA D 2 45.40 7.06 -4.03
CA ALA D 2 43.97 7.15 -3.66
C ALA D 2 43.66 6.11 -2.56
N GLN D 3 42.58 6.39 -1.84
CA GLN D 3 42.13 5.52 -0.75
C GLN D 3 40.66 5.11 -0.89
N ASP D 4 40.42 3.88 -0.45
CA ASP D 4 39.08 3.30 -0.46
C ASP D 4 38.32 3.90 0.74
N ASN D 5 37.66 5.02 0.52
CA ASN D 5 36.88 5.61 1.65
C ASN D 5 35.40 5.71 1.29
N SER D 6 35.08 5.51 0.04
CA SER D 6 33.73 5.62 -0.49
C SER D 6 33.12 4.37 -1.09
N ARG D 7 31.80 4.44 -1.16
CA ARG D 7 30.92 3.45 -1.72
C ARG D 7 29.99 4.24 -2.68
N PHE D 8 29.64 3.61 -3.79
CA PHE D 8 28.76 4.27 -4.78
C PHE D 8 27.47 3.51 -4.87
N VAL D 9 26.39 4.27 -4.97
CA VAL D 9 25.02 3.73 -5.09
C VAL D 9 24.98 2.83 -6.36
N ILE D 10 24.53 1.61 -6.19
CA ILE D 10 24.41 0.64 -7.26
C ILE D 10 23.66 1.25 -8.46
N ARG D 11 24.16 1.00 -9.64
CA ARG D 11 23.46 1.51 -10.85
C ARG D 11 22.15 0.74 -11.04
N ASP D 12 21.19 1.46 -11.57
CA ASP D 12 19.84 0.97 -11.91
C ASP D 12 19.88 0.65 -13.41
N ARG D 13 20.18 -0.62 -13.68
CA ARG D 13 20.31 -1.14 -15.04
C ARG D 13 19.03 -1.26 -15.82
N ASN D 14 17.95 -0.81 -15.19
CA ASN D 14 16.62 -0.74 -15.80
C ASN D 14 16.36 0.73 -16.16
N TRP D 15 17.10 1.66 -15.59
CA TRP D 15 16.96 3.10 -15.88
C TRP D 15 17.81 3.39 -17.14
N HIS D 16 19.02 2.88 -17.09
CA HIS D 16 19.97 2.98 -18.21
C HIS D 16 19.40 2.05 -19.33
N PRO D 17 19.87 2.31 -20.53
CA PRO D 17 19.47 1.43 -21.68
C PRO D 17 20.04 0.03 -21.49
N LYS D 18 19.32 -0.97 -21.99
CA LYS D 18 19.83 -2.36 -21.94
C LYS D 18 20.83 -2.51 -23.11
N ALA D 19 21.62 -3.58 -23.03
CA ALA D 19 22.64 -3.91 -24.01
C ALA D 19 22.05 -4.28 -25.39
N LEU D 20 21.08 -5.18 -25.33
CA LEU D 20 20.40 -5.66 -26.53
C LEU D 20 19.14 -4.85 -26.82
N THR D 21 19.19 -4.00 -27.84
CA THR D 21 18.02 -3.16 -28.24
C THR D 21 18.00 -3.20 -29.76
N PRO D 22 17.39 -4.27 -30.29
CA PRO D 22 17.35 -4.55 -31.70
C PRO D 22 17.03 -3.46 -32.68
N ASP D 23 16.26 -2.44 -32.37
CA ASP D 23 16.00 -1.36 -33.37
C ASP D 23 17.29 -0.61 -33.70
N TYR D 24 18.19 -0.70 -32.76
CA TYR D 24 19.54 -0.11 -32.85
C TYR D 24 20.43 -1.30 -33.28
N LYS D 25 20.42 -1.52 -34.54
CA LYS D 25 21.07 -2.59 -35.28
C LYS D 25 22.39 -3.04 -34.79
N THR D 26 23.34 -2.14 -34.65
CA THR D 26 24.70 -2.47 -34.20
C THR D 26 24.74 -3.15 -32.85
N SER D 27 23.75 -2.92 -32.01
CA SER D 27 23.70 -3.50 -30.67
C SER D 27 23.49 -5.00 -30.70
N ILE D 28 23.01 -5.55 -31.82
CA ILE D 28 22.72 -6.99 -31.93
C ILE D 28 23.92 -7.85 -31.65
N ALA D 29 24.96 -7.58 -32.44
CA ALA D 29 26.23 -8.28 -32.37
C ALA D 29 27.21 -7.73 -31.37
N ARG D 30 26.90 -6.59 -30.74
CA ARG D 30 27.79 -5.98 -29.75
C ARG D 30 27.28 -5.94 -28.32
N SER D 31 26.53 -6.92 -27.92
CA SER D 31 25.94 -7.04 -26.60
C SER D 31 26.25 -8.45 -26.09
N PRO D 32 26.66 -8.54 -24.83
CA PRO D 32 27.00 -9.84 -24.24
C PRO D 32 25.72 -10.68 -24.14
N ARG D 33 25.85 -11.95 -24.10
CA ARG D 33 24.69 -12.85 -23.98
C ARG D 33 24.76 -13.46 -22.56
N GLN D 34 25.93 -13.36 -21.97
CA GLN D 34 26.06 -13.89 -20.59
C GLN D 34 25.72 -12.70 -19.67
N ALA D 35 25.23 -13.01 -18.49
CA ALA D 35 24.86 -11.99 -17.48
C ALA D 35 26.14 -11.36 -16.94
N LEU D 36 26.08 -10.10 -16.56
CA LEU D 36 27.22 -9.40 -15.95
C LEU D 36 27.46 -10.03 -14.56
N VAL D 37 28.68 -10.18 -14.17
CA VAL D 37 29.01 -10.72 -12.83
C VAL D 37 29.16 -9.52 -11.85
N SER D 38 28.31 -9.62 -10.80
CA SER D 38 28.32 -8.60 -9.74
C SER D 38 29.55 -8.82 -8.85
N ILE D 39 30.23 -7.71 -8.59
CA ILE D 39 31.39 -7.77 -7.69
C ILE D 39 31.25 -6.63 -6.66
N PRO D 40 31.81 -6.92 -5.48
CA PRO D 40 31.80 -5.91 -4.40
C PRO D 40 32.73 -4.76 -4.79
N GLN D 41 32.54 -3.58 -4.24
CA GLN D 41 33.38 -2.41 -4.51
C GLN D 41 34.67 -2.56 -3.70
N SER D 42 35.75 -2.25 -4.34
CA SER D 42 37.12 -2.25 -3.82
C SER D 42 37.80 -0.93 -4.25
N ILE D 43 39.01 -0.74 -3.76
CA ILE D 43 39.80 0.44 -4.07
C ILE D 43 39.94 0.64 -5.59
N SER D 44 40.00 -0.48 -6.28
CA SER D 44 40.09 -0.57 -7.73
C SER D 44 38.90 0.14 -8.39
N GLU D 45 37.71 -0.06 -7.82
CA GLU D 45 36.49 0.53 -8.40
C GLU D 45 36.09 1.86 -7.81
N THR D 46 36.46 2.12 -6.58
CA THR D 46 36.10 3.35 -5.86
C THR D 46 36.99 4.55 -6.06
N THR D 47 38.05 4.44 -6.78
CA THR D 47 39.04 5.42 -7.12
C THR D 47 38.99 5.71 -8.62
N GLY D 48 39.67 6.75 -9.03
CA GLY D 48 39.78 7.21 -10.39
C GLY D 48 40.68 8.45 -10.43
N PRO D 49 41.04 8.82 -11.65
CA PRO D 49 41.89 9.95 -11.92
C PRO D 49 41.27 11.28 -11.56
N ASN D 50 42.16 12.16 -11.14
CA ASN D 50 41.83 13.56 -10.80
C ASN D 50 42.53 14.35 -11.93
N PHE D 51 41.84 15.22 -12.60
CA PHE D 51 42.39 15.97 -13.73
C PHE D 51 42.69 17.44 -13.47
N SER D 52 42.77 17.81 -12.22
CA SER D 52 43.08 19.14 -11.74
C SER D 52 44.40 19.65 -12.33
N HIS D 53 45.39 18.79 -12.42
CA HIS D 53 46.67 19.23 -12.96
C HIS D 53 46.82 19.11 -14.43
N LEU D 54 45.78 18.73 -15.16
CA LEU D 54 45.93 18.65 -16.64
C LEU D 54 46.06 20.11 -17.12
N GLY D 55 46.91 20.30 -18.10
CA GLY D 55 47.15 21.62 -18.67
C GLY D 55 46.13 21.94 -19.74
N PHE D 56 45.10 22.69 -19.39
CA PHE D 56 44.05 23.08 -20.33
C PHE D 56 44.43 24.36 -21.09
N GLY D 57 44.15 24.39 -22.36
CA GLY D 57 44.38 25.58 -23.21
C GLY D 57 43.22 26.54 -22.82
N ALA D 58 43.42 27.78 -23.15
CA ALA D 58 42.55 28.91 -22.90
C ALA D 58 41.18 28.84 -23.57
N HIS D 59 41.14 28.15 -24.70
CA HIS D 59 39.89 27.97 -25.44
C HIS D 59 39.46 26.51 -25.58
N ASP D 60 39.89 25.69 -24.64
CA ASP D 60 39.57 24.25 -24.63
C ASP D 60 38.05 24.02 -24.68
N HIS D 61 37.38 24.91 -23.95
CA HIS D 61 35.95 24.93 -23.83
C HIS D 61 35.24 25.87 -24.79
N ASP D 62 35.95 26.58 -25.65
CA ASP D 62 35.32 27.53 -26.60
C ASP D 62 35.46 27.09 -28.05
N LEU D 63 34.45 26.36 -28.52
CA LEU D 63 34.36 25.79 -29.88
C LEU D 63 34.30 26.82 -30.99
N LEU D 64 33.96 28.05 -30.63
CA LEU D 64 33.89 29.19 -31.52
C LEU D 64 35.30 29.66 -31.89
N LEU D 65 36.28 29.36 -31.01
CA LEU D 65 37.65 29.76 -31.23
C LEU D 65 38.72 28.67 -31.17
N ASN D 66 38.47 27.49 -30.70
CA ASN D 66 39.51 26.47 -30.55
C ASN D 66 39.89 25.72 -31.79
N PHE D 67 39.29 25.99 -32.95
CA PHE D 67 39.69 25.16 -34.13
C PHE D 67 40.81 25.89 -34.90
N GLY D 71 38.37 32.82 -38.76
CA GLY D 71 36.94 33.14 -38.83
C GLY D 71 36.11 32.42 -37.77
N LEU D 72 34.84 32.74 -37.80
CA LEU D 72 33.80 32.20 -36.93
C LEU D 72 33.07 31.10 -37.72
N PRO D 73 32.65 30.12 -36.98
CA PRO D 73 31.87 29.01 -37.59
C PRO D 73 30.47 29.58 -37.91
N ILE D 74 29.86 28.94 -38.90
CA ILE D 74 28.48 29.32 -39.32
C ILE D 74 27.47 28.46 -38.55
N GLY D 75 26.43 29.07 -38.00
CA GLY D 75 25.43 28.32 -37.23
C GLY D 75 25.00 29.09 -35.97
N GLU D 76 24.05 28.51 -35.28
CA GLU D 76 23.46 29.11 -34.06
C GLU D 76 24.41 29.06 -32.88
N ARG D 77 24.88 30.25 -32.57
CA ARG D 77 25.81 30.44 -31.43
C ARG D 77 25.00 30.19 -30.14
N ILE D 78 25.52 29.29 -29.36
CA ILE D 78 24.93 28.92 -28.08
C ILE D 78 26.02 28.63 -27.02
N ILE D 79 25.54 28.80 -25.82
CA ILE D 79 26.22 28.48 -24.61
C ILE D 79 25.52 27.20 -24.07
N VAL D 80 26.29 26.23 -23.73
CA VAL D 80 25.77 24.99 -23.08
C VAL D 80 26.42 25.01 -21.68
N ALA D 81 25.62 25.15 -20.67
CA ALA D 81 26.14 25.17 -19.28
C ALA D 81 25.24 24.34 -18.39
N GLY D 82 25.75 24.01 -17.21
CA GLY D 82 24.98 23.22 -16.23
C GLY D 82 25.87 22.83 -15.07
N ARG D 83 25.32 21.98 -14.24
CA ARG D 83 26.05 21.56 -13.03
C ARG D 83 26.16 20.07 -12.91
N VAL D 84 27.29 19.57 -12.39
CA VAL D 84 27.45 18.14 -12.17
C VAL D 84 27.29 17.86 -10.67
N VAL D 85 26.30 17.08 -10.35
CA VAL D 85 25.97 16.68 -8.96
C VAL D 85 25.88 15.16 -8.89
N ASP D 86 25.80 14.63 -7.68
CA ASP D 86 25.66 13.18 -7.44
C ASP D 86 24.18 12.96 -7.09
N GLN D 87 23.83 11.69 -6.91
CA GLN D 87 22.47 11.30 -6.59
C GLN D 87 21.95 11.92 -5.29
N TYR D 88 22.86 12.33 -4.39
CA TYR D 88 22.47 12.97 -3.14
C TYR D 88 22.26 14.45 -3.36
N GLY D 89 22.64 15.00 -4.47
CA GLY D 89 22.48 16.44 -4.77
C GLY D 89 23.77 17.21 -4.48
N LYS D 90 24.81 16.53 -4.20
CA LYS D 90 26.16 17.09 -3.87
C LYS D 90 26.94 17.35 -5.13
N PRO D 91 27.45 18.57 -5.24
CA PRO D 91 28.24 19.02 -6.40
C PRO D 91 29.49 18.16 -6.52
N VAL D 92 29.97 18.05 -7.75
CA VAL D 92 31.19 17.27 -8.08
C VAL D 92 32.17 18.29 -8.67
N PRO D 93 33.02 18.78 -7.80
CA PRO D 93 34.00 19.83 -8.19
C PRO D 93 35.22 19.20 -8.84
N ASN D 94 35.85 19.99 -9.69
CA ASN D 94 37.04 19.66 -10.41
C ASN D 94 36.96 18.34 -11.18
N THR D 95 35.88 18.13 -11.87
CA THR D 95 35.66 16.90 -12.65
C THR D 95 35.82 17.22 -14.13
N LEU D 96 36.25 16.26 -14.90
CA LEU D 96 36.46 16.45 -16.35
C LEU D 96 35.18 16.22 -17.18
N VAL D 97 34.82 17.22 -17.96
CA VAL D 97 33.68 17.16 -18.85
C VAL D 97 34.22 17.35 -20.28
N GLU D 98 34.02 16.38 -21.12
CA GLU D 98 34.46 16.39 -22.52
C GLU D 98 33.26 16.21 -23.43
N MET D 99 33.27 16.93 -24.52
CA MET D 99 32.17 16.89 -25.51
C MET D 99 32.73 16.95 -26.92
N TRP D 100 31.94 16.47 -27.84
CA TRP D 100 32.19 16.35 -29.25
C TRP D 100 30.85 16.37 -29.98
N GLN D 101 30.81 17.01 -31.13
CA GLN D 101 29.57 17.14 -31.92
C GLN D 101 29.90 17.40 -33.39
N ALA D 102 28.86 17.36 -34.18
CA ALA D 102 28.91 17.66 -35.62
C ALA D 102 28.81 19.19 -35.82
N ASN D 103 28.89 19.63 -37.07
CA ASN D 103 28.75 21.06 -37.39
C ASN D 103 27.24 21.39 -37.50
N ALA D 104 26.94 22.58 -37.96
CA ALA D 104 25.57 23.08 -38.14
C ALA D 104 24.74 22.30 -39.14
N GLY D 105 25.38 21.62 -40.08
CA GLY D 105 24.78 20.85 -41.13
C GLY D 105 24.75 19.35 -40.90
N GLY D 106 25.25 18.91 -39.77
CA GLY D 106 25.33 17.53 -39.37
C GLY D 106 26.58 16.79 -39.81
N ARG D 107 27.61 17.48 -40.17
CA ARG D 107 28.89 16.82 -40.58
C ARG D 107 29.94 16.77 -39.47
N TYR D 108 30.49 15.60 -39.19
CA TYR D 108 31.56 15.49 -38.16
C TYR D 108 32.93 15.59 -38.89
N ARG D 109 33.88 16.13 -38.18
CA ARG D 109 35.27 16.27 -38.67
C ARG D 109 36.03 14.99 -38.31
N HIS D 110 35.64 13.92 -39.04
CA HIS D 110 36.18 12.56 -38.89
C HIS D 110 36.24 11.89 -40.27
N LYS D 111 37.36 11.24 -40.53
CA LYS D 111 37.66 10.55 -41.79
C LYS D 111 36.41 9.77 -42.28
N ASN D 112 35.90 8.96 -41.37
CA ASN D 112 34.77 8.10 -41.61
C ASN D 112 33.48 8.82 -41.91
N ASP D 113 33.41 10.14 -41.87
CA ASP D 113 32.14 10.83 -42.14
C ASP D 113 32.08 11.26 -43.59
N ARG D 114 31.22 10.52 -44.29
CA ARG D 114 31.03 10.77 -45.74
C ARG D 114 29.76 11.53 -46.06
N TYR D 115 29.12 12.07 -45.03
CA TYR D 115 27.84 12.81 -45.21
C TYR D 115 28.13 13.97 -46.15
N LEU D 116 27.18 14.17 -47.05
CA LEU D 116 27.25 15.19 -48.10
C LEU D 116 27.26 16.60 -47.62
N ALA D 117 26.83 16.88 -46.41
CA ALA D 117 26.90 18.28 -45.87
C ALA D 117 28.40 18.56 -45.67
N PRO D 118 28.78 19.77 -46.04
CA PRO D 118 30.19 20.18 -45.97
C PRO D 118 30.70 20.45 -44.57
N LEU D 119 32.02 20.42 -44.49
CA LEU D 119 32.75 20.76 -43.26
C LEU D 119 32.79 22.30 -43.19
N ASP D 120 32.90 22.78 -41.98
CA ASP D 120 33.01 24.24 -41.69
C ASP D 120 34.52 24.45 -41.41
N PRO D 121 35.13 25.27 -42.24
CA PRO D 121 36.55 25.58 -42.14
C PRO D 121 36.96 26.21 -40.83
N ASN D 122 36.04 26.75 -40.05
CA ASN D 122 36.34 27.33 -38.74
C ASN D 122 35.80 26.50 -37.58
N PHE D 123 35.45 25.25 -37.81
CA PHE D 123 34.85 24.39 -36.78
C PHE D 123 35.51 23.03 -36.64
N GLY D 124 35.87 22.73 -35.41
CA GLY D 124 36.48 21.48 -34.99
C GLY D 124 35.47 20.50 -34.39
N GLY D 125 34.71 20.92 -33.40
CA GLY D 125 33.72 20.10 -32.71
C GLY D 125 34.19 19.43 -31.44
N VAL D 126 35.30 19.86 -30.85
CA VAL D 126 35.77 19.31 -29.58
C VAL D 126 35.95 20.32 -28.46
N GLY D 127 35.49 20.01 -27.26
CA GLY D 127 35.63 20.86 -26.09
C GLY D 127 35.85 20.02 -24.83
N ARG D 128 36.40 20.62 -23.82
CA ARG D 128 36.68 20.01 -22.49
C ARG D 128 36.65 21.17 -21.48
N LEU D 130 36.92 21.64 -16.94
CA LEU D 130 36.96 21.01 -15.58
C LEU D 130 35.90 21.77 -14.77
N THR D 131 35.02 21.13 -14.08
CA THR D 131 33.97 21.82 -13.30
C THR D 131 34.64 22.62 -12.14
N ASP D 132 33.97 23.65 -11.72
CA ASP D 132 34.44 24.56 -10.67
C ASP D 132 34.07 24.00 -9.31
N SER D 133 34.33 24.79 -8.30
CA SER D 133 34.06 24.39 -6.89
C SER D 133 32.61 24.06 -6.66
N ASP D 134 31.71 24.59 -7.47
CA ASP D 134 30.30 24.33 -7.33
C ASP D 134 29.76 23.29 -8.31
N GLY D 135 30.65 22.71 -9.06
CA GLY D 135 30.24 21.69 -10.05
C GLY D 135 29.78 22.26 -11.36
N TYR D 136 29.95 23.53 -11.64
CA TYR D 136 29.53 24.13 -12.90
C TYR D 136 30.56 23.97 -14.02
N TYR D 137 30.02 23.79 -15.22
CA TYR D 137 30.84 23.69 -16.44
C TYR D 137 30.11 24.60 -17.46
N SER D 138 30.85 24.99 -18.46
CA SER D 138 30.19 25.77 -19.52
C SER D 138 31.02 25.63 -20.79
N PHE D 139 30.32 25.65 -21.90
CA PHE D 139 30.91 25.52 -23.21
C PHE D 139 30.30 26.59 -24.10
N ARG D 140 31.08 26.88 -25.12
CA ARG D 140 30.50 27.85 -26.14
C ARG D 140 30.74 27.21 -27.51
N THR D 141 29.64 27.04 -28.22
CA THR D 141 29.67 26.35 -29.52
C THR D 141 28.51 26.80 -30.41
N ILE D 142 28.23 25.97 -31.42
CA ILE D 142 27.13 26.23 -32.34
C ILE D 142 26.23 24.97 -32.19
N LYS D 143 24.95 25.13 -32.38
CA LYS D 143 23.98 24.04 -32.31
C LYS D 143 24.22 23.10 -33.52
N PRO D 144 24.46 21.85 -33.19
CA PRO D 144 24.70 20.82 -34.25
C PRO D 144 23.40 20.56 -35.03
N GLY D 145 23.57 20.06 -36.25
CA GLY D 145 22.44 19.64 -37.08
C GLY D 145 22.24 18.10 -36.89
N PRO D 146 21.04 17.68 -37.25
CA PRO D 146 20.67 16.25 -37.24
C PRO D 146 21.43 15.61 -38.45
N TYR D 147 21.51 14.29 -38.45
CA TYR D 147 22.18 13.61 -39.53
C TYR D 147 21.67 12.20 -39.73
N PRO D 148 21.70 11.84 -40.99
CA PRO D 148 21.21 10.52 -41.44
C PRO D 148 22.24 9.45 -41.10
N TRP D 149 21.79 8.26 -40.82
CA TRP D 149 22.69 7.15 -40.52
C TRP D 149 22.11 5.83 -40.99
N ARG D 150 23.06 4.91 -41.25
CA ARG D 150 22.69 3.59 -41.76
C ARG D 150 22.16 2.63 -40.75
N ASN D 151 20.90 2.83 -40.37
CA ASN D 151 20.15 1.99 -39.44
C ASN D 151 18.99 1.44 -40.30
N GLY D 152 17.86 2.02 -40.14
CA GLY D 152 16.66 1.71 -40.96
C GLY D 152 16.93 2.54 -42.25
N PRO D 153 16.12 2.34 -43.25
CA PRO D 153 16.25 3.07 -44.51
C PRO D 153 16.09 4.56 -44.38
N ASN D 154 15.44 5.10 -43.35
CA ASN D 154 15.30 6.59 -43.27
C ASN D 154 15.45 7.07 -41.84
N ASP D 155 16.56 6.75 -41.23
CA ASP D 155 16.83 7.12 -39.81
C ASP D 155 17.68 8.40 -39.77
N TRP D 156 17.29 9.25 -38.84
CA TRP D 156 18.03 10.53 -38.65
C TRP D 156 18.29 10.72 -37.15
N ARG D 157 19.50 11.03 -36.80
CA ARG D 157 19.86 11.32 -35.41
C ARG D 157 19.32 12.75 -35.15
N PRO D 158 18.67 12.91 -34.01
CA PRO D 158 18.24 14.29 -33.60
C PRO D 158 19.54 15.08 -33.32
N ALA D 159 19.47 16.39 -33.33
CA ALA D 159 20.66 17.22 -33.00
C ALA D 159 21.07 16.80 -31.55
N HIS D 160 22.38 16.58 -31.42
CA HIS D 160 22.95 16.11 -30.14
C HIS D 160 24.43 16.42 -29.99
N ILE D 161 24.84 16.52 -28.73
CA ILE D 161 26.22 16.71 -28.31
C ILE D 161 26.63 15.49 -27.48
N HIS D 162 27.73 14.90 -27.80
CA HIS D 162 28.21 13.72 -27.02
C HIS D 162 28.96 14.23 -25.78
N PHE D 163 28.62 13.65 -24.63
CA PHE D 163 29.28 14.03 -23.38
C PHE D 163 30.01 12.87 -22.70
N GLY D 164 31.14 13.21 -22.13
CA GLY D 164 31.97 12.24 -21.34
C GLY D 164 32.21 12.95 -19.99
N ILE D 165 31.91 12.31 -18.89
CA ILE D 165 32.12 12.90 -17.56
C ILE D 165 32.86 11.90 -16.68
N SER D 166 33.93 12.35 -16.04
CA SER D 166 34.76 11.48 -15.20
C SER D 166 34.19 11.10 -13.87
N GLY D 167 33.91 12.10 -13.05
CA GLY D 167 33.40 11.97 -11.71
C GLY D 167 34.59 11.55 -10.81
N PRO D 168 34.22 11.21 -9.58
CA PRO D 168 35.17 10.79 -8.57
C PRO D 168 35.85 9.50 -8.76
N SER D 169 35.25 8.54 -9.43
CA SER D 169 36.00 7.22 -9.59
C SER D 169 35.61 6.67 -10.96
N ILE D 170 36.20 5.54 -11.29
CA ILE D 170 35.84 4.86 -12.55
C ILE D 170 34.42 4.31 -12.45
N ALA D 171 33.93 4.21 -11.20
CA ALA D 171 32.57 3.72 -10.96
C ALA D 171 31.53 4.74 -11.39
N THR D 172 31.88 6.00 -11.43
CA THR D 172 30.99 7.10 -11.79
C THR D 172 31.13 7.50 -13.23
N LYS D 173 32.22 7.13 -13.88
CA LYS D 173 32.50 7.51 -15.28
C LYS D 173 31.28 7.24 -16.15
N LEU D 174 30.94 8.23 -17.00
CA LEU D 174 29.79 8.10 -17.86
C LEU D 174 29.98 8.79 -19.22
N ILE D 175 29.39 8.16 -20.22
CA ILE D 175 29.33 8.69 -21.59
C ILE D 175 27.81 8.79 -21.90
N THR D 176 27.43 9.93 -22.42
CA THR D 176 26.03 10.18 -22.80
C THR D 176 25.94 11.18 -23.95
N GLN D 177 24.70 11.56 -24.27
CA GLN D 177 24.35 12.47 -25.32
C GLN D 177 23.22 13.41 -24.80
N LEU D 178 23.40 14.65 -25.17
CA LEU D 178 22.50 15.76 -24.89
C LEU D 178 21.61 15.99 -26.16
N TYR D 179 20.33 16.19 -25.91
CA TYR D 179 19.36 16.49 -26.99
C TYR D 179 18.79 17.87 -26.71
N PHE D 180 18.23 18.53 -27.70
CA PHE D 180 17.67 19.89 -27.59
C PHE D 180 16.15 19.85 -27.47
N GLU D 181 15.66 20.58 -26.50
CA GLU D 181 14.26 20.72 -26.16
C GLU D 181 13.41 20.99 -27.38
N GLY D 182 12.35 20.20 -27.50
CA GLY D 182 11.39 20.35 -28.61
C GLY D 182 11.73 19.65 -29.92
N ASP D 183 12.91 19.18 -30.13
CA ASP D 183 13.36 18.48 -31.34
C ASP D 183 12.44 17.27 -31.61
N PRO D 184 11.72 17.41 -32.73
CA PRO D 184 10.75 16.40 -33.17
C PRO D 184 11.36 15.06 -33.53
N LEU D 185 12.67 14.99 -33.78
CA LEU D 185 13.37 13.77 -34.09
C LEU D 185 13.55 12.89 -32.83
N ILE D 186 13.57 13.48 -31.65
CA ILE D 186 13.78 12.75 -30.43
C ILE D 186 13.03 11.44 -30.26
N PRO D 187 11.71 11.50 -30.27
CA PRO D 187 10.85 10.35 -30.05
C PRO D 187 10.93 9.28 -31.10
N MET D 188 11.55 9.57 -32.23
CA MET D 188 11.70 8.65 -33.34
C MET D 188 13.05 7.93 -33.31
N CYS D 189 13.99 8.36 -32.51
CA CYS D 189 15.32 7.78 -32.52
C CYS D 189 15.50 6.47 -31.80
N PRO D 190 15.95 5.46 -32.54
CA PRO D 190 16.23 4.13 -32.00
C PRO D 190 17.30 4.17 -30.92
N ILE D 191 18.30 5.03 -31.01
CA ILE D 191 19.34 5.16 -29.97
C ILE D 191 18.72 5.72 -28.67
N VAL D 192 17.94 6.78 -28.85
CA VAL D 192 17.19 7.42 -27.74
C VAL D 192 16.26 6.34 -27.14
N LYS D 193 15.62 5.58 -28.02
CA LYS D 193 14.69 4.52 -27.66
C LYS D 193 15.30 3.33 -26.95
N SER D 194 16.64 3.26 -26.94
CA SER D 194 17.33 2.16 -26.23
C SER D 194 16.91 2.31 -24.76
N ILE D 195 16.59 3.57 -24.39
CA ILE D 195 16.12 3.90 -23.06
C ILE D 195 14.62 3.60 -22.95
N ALA D 196 14.23 2.61 -22.18
CA ALA D 196 12.82 2.24 -22.00
C ALA D 196 11.97 3.20 -21.19
N ASN D 197 12.49 3.90 -20.20
CA ASN D 197 11.61 4.81 -19.40
C ASN D 197 11.66 6.20 -19.99
N PRO D 198 10.49 6.71 -20.37
CA PRO D 198 10.34 8.03 -20.98
C PRO D 198 10.85 9.11 -20.03
N GLU D 199 10.73 8.80 -18.75
CA GLU D 199 11.23 9.71 -17.71
C GLU D 199 12.74 9.79 -17.77
N ALA D 200 13.38 8.71 -18.16
CA ALA D 200 14.86 8.71 -18.25
C ALA D 200 15.27 9.60 -19.44
N VAL D 201 14.44 9.57 -20.47
CA VAL D 201 14.65 10.32 -21.69
C VAL D 201 14.65 11.82 -21.42
N GLN D 202 13.74 12.31 -20.62
CA GLN D 202 13.64 13.74 -20.26
C GLN D 202 14.94 14.24 -19.63
N GLN D 203 15.66 13.39 -18.94
CA GLN D 203 16.93 13.79 -18.34
C GLN D 203 18.01 14.16 -19.37
N LEU D 204 17.88 13.68 -20.60
CA LEU D 204 18.81 13.93 -21.68
C LEU D 204 18.50 15.17 -22.47
N ILE D 205 17.37 15.79 -22.23
CA ILE D 205 17.01 16.99 -22.99
C ILE D 205 17.38 18.31 -22.34
N ALA D 206 18.31 19.01 -22.96
CA ALA D 206 18.77 20.32 -22.51
C ALA D 206 17.62 21.34 -22.62
N LYS D 207 17.45 22.20 -21.62
CA LYS D 207 16.34 23.19 -21.71
C LYS D 207 16.88 24.57 -22.12
N LEU D 208 16.11 25.24 -22.96
CA LEU D 208 16.41 26.61 -23.42
C LEU D 208 16.50 27.48 -22.13
N ASP D 209 17.59 28.22 -22.03
CA ASP D 209 17.80 29.06 -20.83
C ASP D 209 18.05 30.53 -21.19
N MET D 210 17.00 31.30 -21.33
CA MET D 210 16.99 32.71 -21.69
C MET D 210 17.74 33.60 -20.69
N ASN D 211 17.77 33.19 -19.45
CA ASN D 211 18.48 33.90 -18.38
C ASN D 211 20.01 33.81 -18.58
N ASN D 212 20.49 32.79 -19.25
CA ASN D 212 21.91 32.62 -19.41
C ASN D 212 22.45 33.11 -20.74
N ALA D 213 21.54 33.54 -21.60
CA ALA D 213 21.82 34.03 -22.92
C ALA D 213 22.50 35.41 -22.90
N ASN D 214 23.22 35.67 -23.97
CA ASN D 214 23.91 36.96 -24.17
C ASN D 214 23.04 37.71 -25.21
N PRO D 215 22.33 38.68 -24.70
CA PRO D 215 21.42 39.50 -25.58
C PRO D 215 22.16 39.91 -26.81
N MET D 216 21.52 39.90 -27.95
CA MET D 216 22.09 40.27 -29.25
C MET D 216 23.36 39.51 -29.56
N ASP D 217 23.60 38.39 -28.91
CA ASP D 217 24.85 37.62 -29.12
C ASP D 217 24.59 36.15 -29.34
N CYS D 218 24.27 35.46 -28.24
CA CYS D 218 23.99 34.03 -28.31
C CYS D 218 22.97 33.58 -27.28
N LEU D 219 22.33 32.46 -27.62
CA LEU D 219 21.35 31.78 -26.77
C LEU D 219 22.09 30.81 -25.84
N ALA D 220 21.38 30.19 -24.92
CA ALA D 220 21.92 29.25 -23.96
C ALA D 220 20.94 28.13 -23.62
N TYR D 221 21.51 26.98 -23.34
CA TYR D 221 20.89 25.74 -22.97
C TYR D 221 21.45 25.22 -21.64
N ARG D 222 20.61 24.69 -20.84
CA ARG D 222 20.98 24.13 -19.51
C ARG D 222 20.95 22.62 -19.54
N PHE D 223 22.08 22.05 -19.07
CA PHE D 223 22.20 20.57 -19.02
C PHE D 223 22.86 20.14 -17.70
N ASP D 224 22.05 19.64 -16.80
CA ASP D 224 22.60 19.18 -15.50
C ASP D 224 22.81 17.67 -15.62
N ILE D 225 23.89 17.22 -15.07
CA ILE D 225 24.25 15.80 -15.08
C ILE D 225 24.32 15.30 -13.63
N VAL D 226 23.79 14.12 -13.43
CA VAL D 226 23.76 13.46 -12.16
C VAL D 226 24.58 12.16 -12.22
N LEU D 227 25.57 12.11 -11.32
CA LEU D 227 26.42 10.92 -11.21
C LEU D 227 25.99 10.10 -9.99
N ARG D 228 26.40 8.84 -9.95
CA ARG D 228 26.11 7.95 -8.83
C ARG D 228 26.46 8.63 -7.49
N GLY D 229 25.54 8.42 -6.56
CA GLY D 229 25.66 8.94 -5.21
C GLY D 229 26.89 8.25 -4.57
N GLN D 230 27.62 9.11 -3.86
CA GLN D 230 28.82 8.81 -3.07
C GLN D 230 28.44 8.86 -1.56
N ARG D 231 28.74 7.84 -0.84
CA ARG D 231 28.50 7.72 0.59
C ARG D 231 29.75 7.08 1.22
N LYS D 232 29.88 7.30 2.51
CA LYS D 232 30.96 6.76 3.33
C LYS D 232 30.53 5.32 3.68
N THR D 233 31.54 4.50 3.83
CA THR D 233 31.29 3.08 4.21
C THR D 233 30.84 3.14 5.66
N HIS D 234 30.12 2.16 6.09
CA HIS D 234 29.60 2.06 7.46
C HIS D 234 29.44 0.56 7.79
N PHE D 235 29.70 0.27 9.04
CA PHE D 235 29.63 -1.06 9.62
C PHE D 235 30.16 -2.13 8.66
N GLU D 236 31.22 -1.79 7.89
CA GLU D 236 31.73 -2.81 6.95
C GLU D 236 32.60 -3.89 7.57
N PRO E 1 4.78 15.72 -36.27
CA PRO E 1 5.06 15.39 -37.65
C PRO E 1 3.82 14.97 -38.45
N ILE E 2 4.00 14.92 -39.76
CA ILE E 2 2.95 14.47 -40.66
C ILE E 2 2.86 12.91 -40.56
N GLU E 3 1.64 12.46 -40.45
CA GLU E 3 1.32 11.02 -40.40
C GLU E 3 0.43 10.66 -41.60
N LEU E 4 0.77 9.61 -42.32
CA LEU E 4 -0.08 9.15 -43.47
C LEU E 4 -0.95 8.00 -42.94
N LEU E 5 -1.77 7.42 -43.81
CA LEU E 5 -2.56 6.23 -43.35
C LEU E 5 -1.49 5.12 -43.16
N PRO E 6 -1.71 4.31 -42.16
CA PRO E 6 -0.76 3.21 -41.89
C PRO E 6 -1.03 2.08 -42.90
N GLU E 7 0.08 1.45 -43.27
CA GLU E 7 0.03 0.30 -44.18
C GLU E 7 -0.63 -0.86 -43.42
N THR E 8 -1.40 -1.65 -44.14
CA THR E 8 -2.04 -2.89 -43.58
C THR E 8 -0.88 -3.80 -43.14
N PRO E 9 -0.93 -4.31 -41.93
CA PRO E 9 0.11 -5.16 -41.38
C PRO E 9 0.19 -6.54 -42.09
N SER E 10 1.42 -7.00 -42.22
CA SER E 10 1.74 -8.29 -42.78
C SER E 10 1.34 -9.38 -41.75
N GLN E 11 1.15 -10.58 -42.29
CA GLN E 11 0.83 -11.81 -41.59
C GLN E 11 1.52 -12.97 -42.36
N THR E 12 1.85 -14.02 -41.67
CA THR E 12 2.51 -15.19 -42.24
C THR E 12 1.60 -15.77 -43.36
N ALA E 13 2.26 -16.31 -44.35
CA ALA E 13 1.54 -16.95 -45.49
C ALA E 13 0.83 -18.19 -44.96
N GLY E 14 1.40 -18.80 -43.94
CA GLY E 14 0.80 -20.02 -43.35
C GLY E 14 1.26 -21.25 -44.15
N PRO E 15 0.97 -22.42 -43.58
CA PRO E 15 1.34 -23.70 -44.17
C PRO E 15 0.67 -24.07 -45.48
N TYR E 16 -0.50 -23.54 -45.79
CA TYR E 16 -1.26 -23.79 -46.95
C TYR E 16 -1.19 -22.76 -48.05
N VAL E 17 -0.16 -21.94 -48.09
CA VAL E 17 -0.02 -20.92 -49.14
C VAL E 17 -0.08 -21.48 -50.56
N HIS E 18 0.26 -22.77 -50.70
CA HIS E 18 0.32 -23.40 -52.04
C HIS E 18 -1.05 -23.41 -52.71
N ILE E 19 -2.05 -23.57 -51.83
CA ILE E 19 -3.42 -23.58 -52.33
C ILE E 19 -3.78 -22.33 -53.09
N GLY E 20 -3.29 -21.17 -52.68
CA GLY E 20 -3.66 -19.96 -53.41
C GLY E 20 -2.64 -19.52 -54.44
N LEU E 21 -1.36 -19.81 -54.16
CA LEU E 21 -0.31 -19.33 -55.06
C LEU E 21 0.55 -20.36 -55.72
N ALA E 22 0.41 -21.60 -55.38
CA ALA E 22 1.26 -22.67 -56.02
C ALA E 22 0.37 -23.91 -56.16
N LEU E 23 -0.69 -23.70 -56.96
CA LEU E 23 -1.76 -24.65 -57.22
C LEU E 23 -1.24 -26.05 -57.51
N GLU E 24 -0.41 -26.12 -58.53
CA GLU E 24 0.23 -27.38 -58.94
C GLU E 24 0.89 -28.06 -57.74
N ALA E 25 1.70 -27.27 -57.01
CA ALA E 25 2.43 -27.76 -55.84
C ALA E 25 1.55 -28.27 -54.72
N ALA E 26 0.37 -27.69 -54.56
CA ALA E 26 -0.59 -28.12 -53.52
C ALA E 26 -1.19 -29.47 -53.96
N GLY E 27 -0.97 -29.70 -55.27
CA GLY E 27 -1.49 -30.93 -55.92
C GLY E 27 -3.02 -30.82 -56.08
N ASN E 28 -3.44 -29.68 -56.57
CA ASN E 28 -4.82 -29.31 -56.85
C ASN E 28 -4.84 -28.86 -58.33
N PRO E 29 -6.01 -28.97 -58.93
CA PRO E 29 -6.20 -28.58 -60.32
C PRO E 29 -5.88 -27.11 -60.50
N THR E 30 -5.22 -26.81 -61.60
CA THR E 30 -4.85 -25.39 -61.89
C THR E 30 -5.88 -24.78 -62.82
N ARG E 31 -5.73 -23.49 -62.98
CA ARG E 31 -6.58 -22.66 -63.86
C ARG E 31 -5.84 -22.61 -65.20
N ASP E 32 -6.46 -22.00 -66.17
CA ASP E 32 -5.91 -21.88 -67.52
C ASP E 32 -4.55 -21.17 -67.47
N GLN E 33 -4.52 -20.07 -66.76
CA GLN E 33 -3.30 -19.25 -66.63
C GLN E 33 -2.79 -19.15 -65.19
N GLU E 34 -1.57 -19.63 -65.01
CA GLU E 34 -0.91 -19.62 -63.72
C GLU E 34 0.45 -18.93 -63.85
N ILE E 35 0.89 -18.29 -62.78
CA ILE E 35 2.20 -17.62 -62.65
C ILE E 35 3.09 -18.71 -62.00
N TRP E 36 4.10 -19.12 -62.73
CA TRP E 36 4.98 -20.20 -62.23
C TRP E 36 6.44 -19.94 -62.41
N ASN E 37 7.26 -20.99 -62.35
CA ASN E 37 8.71 -20.98 -62.42
C ASN E 37 9.46 -20.95 -63.70
N ARG E 38 8.82 -20.68 -64.82
CA ARG E 38 9.49 -20.64 -66.15
C ARG E 38 9.44 -19.20 -66.64
N LEU E 39 10.47 -18.45 -66.38
CA LEU E 39 10.45 -17.02 -66.78
C LEU E 39 10.70 -16.81 -68.26
N ALA E 40 11.47 -17.72 -68.80
CA ALA E 40 11.89 -17.72 -70.20
C ALA E 40 11.43 -18.90 -71.04
N LYS E 41 10.91 -18.53 -72.19
CA LYS E 41 10.54 -19.65 -73.15
C LYS E 41 11.93 -20.03 -73.71
N PRO E 42 12.10 -21.26 -74.14
CA PRO E 42 13.37 -21.75 -74.68
C PRO E 42 13.95 -20.85 -75.75
N ASP E 43 13.11 -20.15 -76.49
CA ASP E 43 13.60 -19.26 -77.57
C ASP E 43 13.83 -17.83 -77.16
N ALA E 44 14.03 -17.57 -75.87
CA ALA E 44 14.27 -16.18 -75.43
C ALA E 44 15.77 -15.91 -75.46
N PRO E 45 16.10 -14.67 -75.78
CA PRO E 45 17.49 -14.23 -75.80
C PRO E 45 18.10 -14.27 -74.39
N GLY E 46 19.41 -14.39 -74.40
CA GLY E 46 20.27 -14.44 -73.23
C GLY E 46 20.72 -15.87 -72.99
N GLU E 47 21.53 -15.99 -71.96
CA GLU E 47 22.10 -17.26 -71.53
C GLU E 47 21.09 -17.98 -70.64
N HIS E 48 20.43 -18.99 -71.14
CA HIS E 48 19.42 -19.75 -70.41
C HIS E 48 20.07 -20.48 -69.24
N ILE E 49 19.51 -20.31 -68.05
CA ILE E 49 20.08 -21.01 -66.88
C ILE E 49 18.96 -21.66 -66.06
N LEU E 50 19.38 -22.54 -65.21
CA LEU E 50 18.56 -23.26 -64.27
C LEU E 50 19.04 -22.85 -62.85
N LEU E 51 18.09 -22.41 -62.05
CA LEU E 51 18.37 -22.01 -60.64
C LEU E 51 17.73 -23.06 -59.72
N LEU E 52 18.46 -23.44 -58.70
CA LEU E 52 17.89 -24.39 -57.71
C LEU E 52 18.45 -24.10 -56.33
N GLY E 53 17.72 -24.49 -55.29
CA GLY E 53 18.17 -24.26 -53.93
C GLY E 53 17.28 -24.88 -52.87
N GLN E 54 17.82 -24.79 -51.67
CA GLN E 54 17.19 -25.26 -50.43
C GLN E 54 17.12 -24.07 -49.47
N VAL E 55 16.24 -24.21 -48.51
CA VAL E 55 15.98 -23.18 -47.48
C VAL E 55 16.13 -23.91 -46.14
N TYR E 56 16.96 -23.41 -45.26
CA TYR E 56 17.19 -24.01 -43.93
C TYR E 56 16.73 -23.05 -42.80
N ASP E 57 16.29 -23.66 -41.71
CA ASP E 57 15.84 -22.92 -40.53
C ASP E 57 17.05 -22.72 -39.60
N GLY E 58 16.86 -22.17 -38.43
CA GLY E 58 17.91 -21.94 -37.47
C GLY E 58 18.52 -23.21 -36.89
N ASN E 59 17.92 -24.36 -37.12
CA ASN E 59 18.38 -25.64 -36.61
C ASN E 59 19.10 -26.42 -37.72
N GLY E 60 19.12 -25.86 -38.90
CA GLY E 60 19.74 -26.44 -40.08
C GLY E 60 18.83 -27.47 -40.74
N HIS E 61 17.54 -27.41 -40.46
CA HIS E 61 16.57 -28.30 -41.04
C HIS E 61 15.89 -27.59 -42.21
N LEU E 62 15.59 -28.37 -43.22
CA LEU E 62 14.97 -27.92 -44.45
C LEU E 62 13.56 -27.38 -44.15
N VAL E 63 13.30 -26.31 -44.83
CA VAL E 63 11.95 -25.65 -44.76
C VAL E 63 11.25 -26.21 -46.01
N ARG E 64 10.32 -27.13 -45.79
CA ARG E 64 9.65 -27.73 -46.96
C ARG E 64 8.34 -27.11 -47.32
N ASP E 65 8.02 -25.90 -46.91
CA ASP E 65 6.73 -25.28 -47.23
C ASP E 65 6.89 -23.80 -47.57
N SER E 66 8.10 -23.47 -48.00
CA SER E 66 8.43 -22.05 -48.34
C SER E 66 7.91 -21.75 -49.74
N PHE E 67 7.62 -20.51 -49.97
CA PHE E 67 7.11 -19.92 -51.19
C PHE E 67 8.03 -18.73 -51.52
N LEU E 68 8.48 -18.63 -52.77
CA LEU E 68 9.36 -17.57 -53.24
C LEU E 68 8.81 -16.87 -54.48
N GLU E 69 9.12 -15.61 -54.61
CA GLU E 69 8.77 -14.77 -55.75
C GLU E 69 10.06 -14.13 -56.20
N VAL E 70 10.28 -14.07 -57.49
CA VAL E 70 11.44 -13.54 -58.17
C VAL E 70 11.04 -12.43 -59.16
N TRP E 71 11.96 -11.47 -59.28
CA TRP E 71 11.92 -10.28 -60.11
C TRP E 71 13.37 -10.00 -60.61
N GLN E 72 13.46 -9.99 -61.94
CA GLN E 72 14.76 -9.74 -62.60
C GLN E 72 14.61 -9.09 -63.96
N ALA E 73 15.68 -8.46 -64.39
CA ALA E 73 15.70 -7.83 -65.73
C ALA E 73 15.99 -8.97 -66.75
N ASP E 74 15.68 -8.67 -67.97
CA ASP E 74 15.94 -9.61 -69.09
C ASP E 74 17.45 -9.50 -69.35
N ALA E 75 17.92 -10.26 -70.32
CA ALA E 75 19.36 -10.28 -70.68
C ALA E 75 19.86 -8.92 -71.13
N ASN E 76 19.01 -7.98 -71.50
CA ASN E 76 19.43 -6.64 -71.91
C ASN E 76 19.40 -5.65 -70.74
N GLY E 77 19.20 -6.18 -69.54
CA GLY E 77 19.13 -5.39 -68.32
C GLY E 77 17.84 -4.57 -68.30
N GLU E 78 16.72 -5.15 -68.72
CA GLU E 78 15.43 -4.51 -68.75
C GLU E 78 14.37 -5.30 -68.04
N TYR E 79 13.55 -4.52 -67.30
CA TYR E 79 12.43 -5.11 -66.54
C TYR E 79 11.19 -5.16 -67.41
N GLN E 80 10.72 -6.37 -67.60
CA GLN E 80 9.50 -6.59 -68.41
C GLN E 80 8.31 -6.68 -67.44
N ASP E 81 7.67 -5.55 -67.20
CA ASP E 81 6.57 -5.50 -66.26
C ASP E 81 5.26 -6.02 -66.77
N ALA E 82 4.98 -5.91 -68.06
CA ALA E 82 3.69 -6.41 -68.58
C ALA E 82 3.78 -7.94 -68.64
N TYR E 83 3.18 -8.58 -67.66
CA TYR E 83 3.15 -10.03 -67.52
C TYR E 83 2.13 -10.64 -68.48
N ASN E 84 2.67 -11.63 -69.18
CA ASN E 84 1.86 -12.34 -70.23
C ASN E 84 2.48 -13.72 -70.48
N LEU E 85 1.60 -14.70 -70.58
CA LEU E 85 2.03 -16.08 -70.82
C LEU E 85 2.55 -16.25 -72.25
N GLU E 86 2.24 -15.33 -73.12
CA GLU E 86 2.65 -15.24 -74.49
C GLU E 86 4.08 -14.79 -74.67
N ASN E 87 4.54 -13.91 -73.80
CA ASN E 87 5.90 -13.36 -73.82
C ASN E 87 6.92 -14.52 -73.78
N ALA E 88 8.04 -14.28 -74.44
CA ALA E 88 9.14 -15.28 -74.44
C ALA E 88 9.91 -15.20 -73.12
N PHE E 89 9.83 -14.02 -72.52
CA PHE E 89 10.42 -13.65 -71.25
C PHE E 89 9.53 -12.75 -70.37
N ASN E 90 9.43 -13.18 -69.12
CA ASN E 90 8.71 -12.48 -68.04
C ASN E 90 9.74 -12.20 -66.91
N SER E 91 9.66 -10.97 -66.44
CA SER E 91 10.53 -10.49 -65.35
C SER E 91 10.17 -11.10 -64.00
N PHE E 92 8.93 -11.48 -63.82
CA PHE E 92 8.38 -12.05 -62.58
C PHE E 92 8.12 -13.54 -62.64
N GLY E 93 8.38 -14.23 -61.54
CA GLY E 93 8.13 -15.65 -61.39
C GLY E 93 7.84 -16.09 -59.97
N ARG E 94 7.41 -17.35 -59.85
CA ARG E 94 7.06 -17.99 -58.59
C ARG E 94 7.57 -19.42 -58.53
N THR E 95 7.98 -19.79 -57.33
CA THR E 95 8.50 -21.15 -57.08
C THR E 95 8.17 -21.51 -55.63
N ALA E 96 8.45 -22.72 -55.27
CA ALA E 96 8.17 -23.22 -53.91
C ALA E 96 9.03 -24.44 -53.68
N THR E 97 9.24 -24.85 -52.43
CA THR E 97 10.02 -26.02 -52.14
C THR E 97 9.15 -27.28 -51.89
N THR E 98 9.74 -28.37 -52.43
CA THR E 98 9.13 -29.68 -52.35
C THR E 98 8.88 -30.14 -50.90
N PHE E 99 7.63 -30.61 -50.74
CA PHE E 99 7.20 -31.17 -49.45
C PHE E 99 8.12 -32.39 -49.24
N ASP E 100 8.75 -32.87 -50.30
CA ASP E 100 9.66 -34.04 -50.17
C ASP E 100 11.13 -33.68 -50.06
N ALA E 101 11.72 -33.47 -51.24
CA ALA E 101 13.14 -33.08 -51.34
C ALA E 101 13.30 -31.68 -50.72
N GLY E 102 12.26 -30.84 -50.82
CA GLY E 102 12.38 -29.48 -50.28
C GLY E 102 13.37 -28.63 -51.08
N GLU E 103 13.34 -28.79 -52.39
CA GLU E 103 14.19 -28.02 -53.31
C GLU E 103 13.33 -27.26 -54.31
N TRP E 104 13.66 -26.02 -54.63
CA TRP E 104 12.90 -25.20 -55.59
C TRP E 104 13.74 -25.11 -56.86
N THR E 105 13.14 -24.75 -57.94
CA THR E 105 13.80 -24.60 -59.24
C THR E 105 13.12 -23.47 -60.00
N LEU E 106 13.91 -22.87 -60.84
CA LEU E 106 13.41 -21.72 -61.68
C LEU E 106 14.16 -21.83 -63.01
N HIS E 107 13.45 -21.61 -64.10
CA HIS E 107 13.94 -21.66 -65.47
C HIS E 107 13.89 -20.24 -66.01
N THR E 108 15.08 -19.68 -66.18
CA THR E 108 15.22 -18.29 -66.66
C THR E 108 16.47 -18.10 -67.47
N VAL E 109 16.83 -16.82 -67.60
CA VAL E 109 18.00 -16.32 -68.25
C VAL E 109 18.77 -15.43 -67.25
N LYS E 110 20.07 -15.34 -67.52
CA LYS E 110 20.96 -14.51 -66.68
C LYS E 110 20.61 -13.03 -66.95
N PRO E 111 20.29 -12.33 -65.85
CA PRO E 111 19.91 -10.92 -65.93
C PRO E 111 21.08 -10.05 -66.40
N GLY E 112 20.72 -9.08 -67.21
CA GLY E 112 21.66 -8.04 -67.71
C GLY E 112 21.82 -7.02 -66.55
N VAL E 113 22.71 -6.08 -66.76
CA VAL E 113 23.06 -5.08 -65.76
C VAL E 113 22.12 -3.91 -65.72
N VAL E 114 21.75 -3.51 -64.51
CA VAL E 114 20.90 -2.32 -64.28
C VAL E 114 21.71 -1.35 -63.40
N ASN E 115 21.37 -0.09 -63.52
CA ASN E 115 22.05 0.99 -62.75
C ASN E 115 21.20 1.34 -61.52
N ASN E 116 21.86 1.82 -60.52
CA ASN E 116 21.16 2.28 -59.29
C ASN E 116 20.69 3.72 -59.57
N ALA E 117 20.05 4.29 -58.58
CA ALA E 117 19.49 5.67 -58.71
C ALA E 117 20.62 6.64 -59.02
N ALA E 118 21.80 6.45 -58.48
CA ALA E 118 22.94 7.33 -58.77
C ALA E 118 23.52 7.20 -60.15
N GLY E 119 23.21 6.18 -60.91
CA GLY E 119 23.77 5.96 -62.24
C GLY E 119 24.89 4.92 -62.20
N VAL E 120 25.11 4.31 -61.06
CA VAL E 120 26.12 3.27 -60.89
C VAL E 120 25.51 1.89 -61.21
N PRO E 121 26.20 1.12 -62.02
CA PRO E 121 25.78 -0.22 -62.43
C PRO E 121 25.89 -1.20 -61.23
N MET E 122 24.87 -2.01 -61.10
CA MET E 122 24.78 -3.06 -60.08
C MET E 122 25.19 -4.37 -60.79
N ALA E 123 25.73 -5.31 -60.04
CA ALA E 123 26.11 -6.61 -60.68
C ALA E 123 24.80 -7.31 -61.01
N PRO E 124 24.83 -8.19 -62.00
CA PRO E 124 23.61 -8.95 -62.42
C PRO E 124 22.98 -9.60 -61.18
N HIS E 125 21.67 -9.42 -61.02
CA HIS E 125 21.05 -10.05 -59.83
C HIS E 125 19.55 -10.28 -60.00
N ILE E 126 19.11 -11.23 -59.17
CA ILE E 126 17.73 -11.63 -59.04
C ILE E 126 17.23 -11.27 -57.62
N ASN E 127 16.15 -10.49 -57.63
CA ASN E 127 15.47 -10.06 -56.41
C ASN E 127 14.57 -11.20 -55.92
N ILE E 128 14.75 -11.57 -54.68
CA ILE E 128 13.96 -12.66 -54.06
C ILE E 128 13.19 -12.20 -52.81
N SER E 129 11.98 -12.71 -52.67
CA SER E 129 11.06 -12.53 -51.55
C SER E 129 10.69 -13.95 -51.05
N LEU E 130 10.96 -14.19 -49.79
CA LEU E 130 10.67 -15.46 -49.12
C LEU E 130 9.51 -15.38 -48.14
N PHE E 131 8.54 -16.26 -48.34
CA PHE E 131 7.34 -16.38 -47.54
C PHE E 131 7.26 -17.83 -46.99
N ALA E 132 6.64 -17.97 -45.84
CA ALA E 132 6.44 -19.30 -45.23
C ALA E 132 5.86 -19.19 -43.84
N ARG E 133 5.30 -20.29 -43.40
CA ARG E 133 4.74 -20.36 -42.02
C ARG E 133 5.96 -20.11 -41.09
N GLY E 134 5.66 -19.34 -40.05
CA GLY E 134 6.71 -18.95 -39.10
C GLY E 134 7.35 -17.65 -39.53
N ILE E 135 7.08 -17.13 -40.71
CA ILE E 135 7.62 -15.87 -41.20
C ILE E 135 6.49 -14.85 -41.21
N ASN E 136 6.51 -13.91 -40.23
CA ASN E 136 5.47 -12.91 -40.07
C ASN E 136 5.41 -11.91 -41.20
N ILE E 137 6.58 -11.49 -41.61
CA ILE E 137 6.73 -10.51 -42.72
C ILE E 137 7.85 -11.07 -43.62
N HIS E 138 7.53 -11.15 -44.92
CA HIS E 138 8.47 -11.73 -45.87
C HIS E 138 9.87 -11.12 -45.84
N LEU E 139 10.84 -11.93 -46.20
CA LEU E 139 12.26 -11.65 -46.28
C LEU E 139 12.71 -11.41 -47.74
N HIS E 140 13.44 -10.31 -47.90
CA HIS E 140 14.01 -9.85 -49.15
C HIS E 140 15.53 -10.14 -49.21
N THR E 141 15.95 -10.72 -50.32
CA THR E 141 17.36 -11.04 -50.58
C THR E 141 17.61 -10.84 -52.07
N ARG E 142 18.84 -11.03 -52.46
CA ARG E 142 19.29 -10.91 -53.84
C ARG E 142 20.16 -12.13 -54.16
N LEU E 143 20.07 -12.58 -55.39
CA LEU E 143 20.92 -13.72 -55.85
C LEU E 143 21.94 -13.13 -56.85
N TYR E 144 23.19 -13.29 -56.50
CA TYR E 144 24.32 -12.85 -57.34
C TYR E 144 24.98 -14.17 -57.83
N PHE E 145 25.80 -14.05 -58.85
CA PHE E 145 26.46 -15.18 -59.56
C PHE E 145 27.95 -15.23 -59.34
N ASP E 146 28.48 -16.40 -59.03
CA ASP E 146 29.89 -16.61 -58.77
C ASP E 146 30.81 -16.31 -59.94
N ASP E 147 30.34 -16.38 -61.15
CA ASP E 147 31.19 -16.11 -62.33
C ASP E 147 31.14 -14.66 -62.75
N GLU E 148 30.69 -13.80 -61.83
CA GLU E 148 30.62 -12.35 -62.12
C GLU E 148 31.37 -11.56 -61.07
N ALA E 149 32.43 -12.15 -60.55
CA ALA E 149 33.26 -11.56 -59.52
C ALA E 149 33.65 -10.11 -59.75
N GLN E 150 34.07 -9.77 -60.95
CA GLN E 150 34.49 -8.43 -61.28
C GLN E 150 33.36 -7.47 -60.93
N ALA E 151 32.20 -7.76 -61.52
CA ALA E 151 31.02 -6.89 -61.30
C ALA E 151 30.62 -6.87 -59.84
N ASN E 152 30.65 -8.05 -59.23
CA ASN E 152 30.30 -8.18 -57.82
C ASN E 152 31.19 -7.31 -56.92
N ALA E 153 32.46 -7.21 -57.24
CA ALA E 153 33.38 -6.44 -56.38
C ALA E 153 33.00 -4.97 -56.38
N LYS E 154 32.37 -4.52 -57.43
CA LYS E 154 31.96 -3.11 -57.53
C LYS E 154 30.50 -2.83 -57.34
N CYS E 155 29.71 -3.77 -56.89
CA CYS E 155 28.28 -3.52 -56.71
C CYS E 155 28.04 -2.57 -55.54
N PRO E 156 27.32 -1.48 -55.84
CA PRO E 156 26.99 -0.50 -54.79
C PRO E 156 26.11 -1.12 -53.71
N VAL E 157 25.34 -2.16 -54.09
CA VAL E 157 24.44 -2.81 -53.13
C VAL E 157 25.23 -3.74 -52.23
N LEU E 158 25.95 -4.59 -52.88
CA LEU E 158 26.79 -5.61 -52.19
C LEU E 158 27.77 -4.91 -51.27
N ASN E 159 28.23 -3.73 -51.66
CA ASN E 159 29.19 -2.91 -50.95
C ASN E 159 28.64 -2.28 -49.68
N LEU E 160 27.33 -2.24 -49.54
CA LEU E 160 26.67 -1.70 -48.35
C LEU E 160 26.74 -2.70 -47.21
N ILE E 161 27.06 -3.97 -47.49
CA ILE E 161 27.16 -4.95 -46.37
C ILE E 161 28.55 -4.75 -45.79
N GLU E 162 28.60 -4.31 -44.54
CA GLU E 162 29.84 -4.03 -43.82
C GLU E 162 30.88 -5.13 -43.95
N GLN E 163 30.57 -6.29 -43.43
CA GLN E 163 31.36 -7.49 -43.42
C GLN E 163 31.43 -8.24 -44.73
N PRO E 164 32.65 -8.31 -45.23
CA PRO E 164 32.96 -9.03 -46.48
C PRO E 164 32.42 -10.44 -46.47
N GLN E 165 32.60 -11.14 -45.37
CA GLN E 165 32.15 -12.52 -45.20
C GLN E 165 30.66 -12.68 -45.42
N ARG E 166 29.88 -11.66 -45.11
CA ARG E 166 28.42 -11.71 -45.25
C ARG E 166 27.97 -11.57 -46.69
N ARG E 167 28.77 -10.87 -47.49
CA ARG E 167 28.47 -10.68 -48.93
C ARG E 167 28.45 -12.04 -49.65
N GLU E 168 29.28 -12.94 -49.17
CA GLU E 168 29.41 -14.28 -49.71
C GLU E 168 28.12 -15.08 -49.72
N THR E 169 27.25 -14.83 -48.76
CA THR E 169 25.98 -15.51 -48.65
C THR E 169 25.03 -15.23 -49.82
N LEU E 170 25.21 -14.20 -50.58
CA LEU E 170 24.37 -13.82 -51.70
C LEU E 170 24.90 -14.35 -53.02
N ILE E 171 25.98 -15.11 -52.99
CA ILE E 171 26.57 -15.60 -54.26
C ILE E 171 26.23 -17.02 -54.60
N ALA E 172 25.49 -17.13 -55.71
CA ALA E 172 25.08 -18.48 -56.21
C ALA E 172 26.31 -19.11 -56.87
N LYS E 173 26.47 -20.39 -56.66
CA LYS E 173 27.56 -21.22 -57.15
C LYS E 173 27.18 -22.00 -58.41
N ARG E 174 27.90 -21.68 -59.48
CA ARG E 174 27.73 -22.29 -60.79
C ARG E 174 28.00 -23.77 -60.82
N CYS E 175 27.10 -24.46 -61.49
CA CYS E 175 27.16 -25.94 -61.67
C CYS E 175 26.56 -26.27 -63.04
N GLU E 176 26.23 -27.51 -63.21
CA GLU E 176 25.65 -28.05 -64.46
C GLU E 176 24.69 -29.20 -64.17
N VAL E 177 23.51 -29.06 -64.72
CA VAL E 177 22.47 -30.12 -64.53
C VAL E 177 22.17 -30.62 -65.95
N ASP E 178 22.40 -31.92 -66.14
CA ASP E 178 22.16 -32.53 -67.48
C ASP E 178 22.77 -31.64 -68.56
N GLY E 179 24.06 -31.37 -68.42
CA GLY E 179 24.76 -30.52 -69.40
C GLY E 179 24.05 -29.19 -69.63
N LYS E 180 23.34 -28.70 -68.62
CA LYS E 180 22.65 -27.40 -68.64
C LYS E 180 23.27 -26.52 -67.53
N THR E 181 23.47 -25.25 -67.84
CA THR E 181 24.07 -24.31 -66.88
C THR E 181 23.10 -24.06 -65.70
N ALA E 182 23.58 -24.39 -64.53
CA ALA E 182 22.82 -24.23 -63.27
C ALA E 182 23.62 -23.47 -62.20
N TYR E 183 22.86 -22.86 -61.30
CA TYR E 183 23.42 -22.14 -60.15
C TYR E 183 22.57 -22.55 -58.93
N ARG E 184 23.26 -22.95 -57.92
CA ARG E 184 22.71 -23.36 -56.64
C ARG E 184 22.82 -22.15 -55.66
N PHE E 185 21.69 -21.88 -55.06
CA PHE E 185 21.52 -20.78 -54.08
C PHE E 185 20.67 -21.23 -52.87
N ASP E 186 21.37 -21.60 -51.83
CA ASP E 186 20.79 -22.03 -50.56
C ASP E 186 20.56 -20.78 -49.69
N ILE E 187 19.49 -20.82 -48.93
CA ILE E 187 19.09 -19.75 -48.04
C ILE E 187 19.12 -20.28 -46.60
N ARG E 188 19.91 -19.58 -45.79
CA ARG E 188 19.95 -19.98 -44.34
C ARG E 188 19.28 -18.81 -43.62
N ILE E 189 18.08 -19.03 -43.13
CA ILE E 189 17.27 -18.04 -42.43
C ILE E 189 17.89 -17.54 -41.13
N GLN E 190 18.53 -18.45 -40.41
CA GLN E 190 19.11 -18.17 -39.12
C GLN E 190 20.34 -18.97 -38.79
N GLY E 191 21.23 -18.36 -38.04
CA GLY E 191 22.44 -19.01 -37.55
C GLY E 191 23.68 -18.86 -38.41
N GLU E 192 24.55 -19.87 -38.32
CA GLU E 192 25.82 -19.96 -39.01
C GLU E 192 25.60 -19.91 -40.51
N GLY E 193 26.20 -18.91 -41.14
CA GLY E 193 26.06 -18.72 -42.59
C GLY E 193 24.74 -18.03 -42.92
N GLU E 194 24.11 -17.42 -41.93
CA GLU E 194 22.84 -16.73 -42.13
C GLU E 194 22.91 -15.78 -43.34
N THR E 195 21.91 -15.90 -44.20
CA THR E 195 21.80 -15.08 -45.39
C THR E 195 21.45 -13.61 -45.08
N VAL E 196 22.06 -12.73 -45.84
CA VAL E 196 21.76 -11.30 -45.72
C VAL E 196 20.33 -11.07 -46.29
N PHE E 197 19.57 -10.33 -45.51
CA PHE E 197 18.19 -9.95 -45.84
C PHE E 197 18.18 -8.42 -45.82
N PHE E 198 17.44 -7.84 -46.75
CA PHE E 198 17.36 -6.42 -46.91
C PHE E 198 16.00 -5.81 -46.48
N ASP E 199 16.14 -4.51 -46.25
CA ASP E 199 15.09 -3.55 -45.93
C ASP E 199 15.21 -2.39 -46.96
N PHE E 200 14.08 -2.06 -47.56
CA PHE E 200 14.05 -0.98 -48.56
C PHE E 200 12.59 -0.44 -48.67
N PRO F 1 9.71 -1.22 -71.18
CA PRO F 1 10.10 -1.85 -69.88
C PRO F 1 9.81 -0.86 -68.75
N ALA F 2 9.96 -1.35 -67.52
CA ALA F 2 9.66 -0.49 -66.34
C ALA F 2 10.69 0.62 -66.21
N GLN F 3 10.33 1.69 -65.52
CA GLN F 3 11.21 2.84 -65.27
C GLN F 3 11.17 3.28 -63.79
N ASP F 4 12.33 3.68 -63.28
CA ASP F 4 12.52 4.16 -61.91
C ASP F 4 12.03 5.61 -61.80
N ASN F 5 10.75 5.76 -61.52
CA ASN F 5 10.16 7.10 -61.40
C ASN F 5 9.59 7.33 -60.00
N SER F 6 9.39 6.25 -59.26
CA SER F 6 8.79 6.30 -57.93
C SER F 6 9.69 5.95 -56.76
N ARG F 7 9.22 6.45 -55.63
CA ARG F 7 9.85 6.20 -54.34
C ARG F 7 8.65 5.77 -53.46
N PHE F 8 8.91 4.82 -52.58
CA PHE F 8 7.88 4.29 -51.68
C PHE F 8 8.24 4.59 -50.23
N VAL F 9 7.23 5.10 -49.51
CA VAL F 9 7.42 5.42 -48.09
C VAL F 9 8.00 4.17 -47.38
N ILE F 10 9.02 4.42 -46.58
CA ILE F 10 9.70 3.41 -45.80
C ILE F 10 8.69 2.74 -44.85
N ARG F 11 8.86 1.42 -44.76
CA ARG F 11 7.96 0.63 -43.90
C ARG F 11 8.24 0.91 -42.42
N ASP F 12 7.18 0.79 -41.66
CA ASP F 12 7.24 0.97 -40.19
C ASP F 12 7.26 -0.47 -39.65
N ARG F 13 8.49 -0.89 -39.33
CA ARG F 13 8.74 -2.23 -38.83
C ARG F 13 8.33 -2.50 -37.40
N ASN F 14 7.77 -1.49 -36.76
CA ASN F 14 7.24 -1.52 -35.41
C ASN F 14 5.70 -1.61 -35.52
N TRP F 15 5.17 -1.32 -36.69
CA TRP F 15 3.72 -1.42 -36.96
C TRP F 15 3.41 -2.89 -37.33
N HIS F 16 4.24 -3.40 -38.25
CA HIS F 16 4.13 -4.78 -38.71
C HIS F 16 4.66 -5.66 -37.55
N PRO F 17 4.33 -6.92 -37.60
CA PRO F 17 4.83 -7.88 -36.61
C PRO F 17 6.35 -8.01 -36.80
N LYS F 18 7.04 -8.26 -35.69
CA LYS F 18 8.53 -8.45 -35.75
C LYS F 18 8.73 -9.91 -36.22
N ALA F 19 9.94 -10.27 -36.55
CA ALA F 19 10.25 -11.65 -37.00
C ALA F 19 10.20 -12.65 -35.85
N LEU F 20 10.75 -12.30 -34.69
CA LEU F 20 10.75 -13.24 -33.55
C LEU F 20 9.61 -13.00 -32.61
N THR F 21 8.62 -13.84 -32.61
CA THR F 21 7.41 -13.66 -31.69
C THR F 21 7.17 -15.02 -31.08
N PRO F 22 7.94 -15.34 -30.05
CA PRO F 22 7.96 -16.64 -29.44
C PRO F 22 6.70 -17.36 -29.18
N ASP F 23 5.59 -16.70 -28.95
CA ASP F 23 4.30 -17.42 -28.69
C ASP F 23 3.87 -18.20 -29.94
N TYR F 24 4.29 -17.67 -31.07
CA TYR F 24 4.09 -18.25 -32.39
C TYR F 24 5.40 -19.11 -32.57
N LYS F 25 5.26 -20.33 -32.06
CA LYS F 25 6.37 -21.26 -32.00
C LYS F 25 7.28 -21.38 -33.19
N THR F 26 6.72 -21.50 -34.39
CA THR F 26 7.49 -21.64 -35.61
C THR F 26 8.37 -20.45 -35.94
N SER F 27 8.01 -19.26 -35.46
CA SER F 27 8.79 -18.05 -35.71
C SER F 27 10.19 -18.14 -35.09
N ILE F 28 10.31 -18.95 -34.04
CA ILE F 28 11.58 -19.12 -33.34
C ILE F 28 12.74 -19.50 -34.24
N ALA F 29 12.60 -20.60 -34.96
CA ALA F 29 13.65 -21.08 -35.87
C ALA F 29 13.63 -20.48 -37.25
N ARG F 30 12.59 -19.75 -37.61
CA ARG F 30 12.45 -19.13 -38.93
C ARG F 30 12.58 -17.60 -38.92
N SER F 31 13.31 -17.05 -37.95
CA SER F 31 13.51 -15.57 -37.92
C SER F 31 15.00 -15.32 -37.93
N PRO F 32 15.45 -14.36 -38.69
CA PRO F 32 16.89 -14.02 -38.76
C PRO F 32 17.41 -13.55 -37.40
N ARG F 33 18.68 -13.74 -37.17
CA ARG F 33 19.31 -13.28 -35.94
C ARG F 33 20.15 -12.05 -36.28
N GLN F 34 20.48 -11.88 -37.55
CA GLN F 34 21.26 -10.68 -37.95
C GLN F 34 20.24 -9.60 -38.28
N ALA F 35 20.60 -8.34 -38.17
CA ALA F 35 19.73 -7.21 -38.50
C ALA F 35 19.61 -7.13 -40.03
N LEU F 36 18.49 -6.65 -40.51
CA LEU F 36 18.26 -6.47 -41.95
C LEU F 36 19.23 -5.38 -42.42
N VAL F 37 19.72 -5.48 -43.62
CA VAL F 37 20.58 -4.45 -44.19
C VAL F 37 19.70 -3.47 -44.97
N SER F 38 19.71 -2.20 -44.60
CA SER F 38 18.91 -1.19 -45.37
C SER F 38 19.62 -0.81 -46.65
N ILE F 39 18.89 -0.64 -47.73
CA ILE F 39 19.50 -0.26 -49.04
C ILE F 39 18.56 0.77 -49.70
N PRO F 40 19.20 1.64 -50.47
CA PRO F 40 18.49 2.70 -51.19
C PRO F 40 17.59 2.05 -52.25
N GLN F 41 16.50 2.75 -52.52
CA GLN F 41 15.54 2.23 -53.57
C GLN F 41 16.15 2.51 -54.97
N SER F 42 16.07 1.50 -55.79
CA SER F 42 16.53 1.54 -57.20
C SER F 42 15.40 0.92 -58.05
N ILE F 43 15.60 0.88 -59.35
CA ILE F 43 14.65 0.33 -60.31
C ILE F 43 14.34 -1.12 -59.95
N SER F 44 15.31 -1.76 -59.31
CA SER F 44 15.12 -3.16 -58.88
C SER F 44 13.97 -3.28 -57.90
N GLU F 45 13.86 -2.36 -56.98
CA GLU F 45 12.86 -2.30 -55.93
C GLU F 45 11.61 -1.51 -56.21
N THR F 46 11.67 -0.52 -57.08
CA THR F 46 10.54 0.34 -57.37
C THR F 46 9.65 -0.07 -58.51
N THR F 47 9.90 -1.23 -59.08
CA THR F 47 9.09 -1.71 -60.23
C THR F 47 8.61 -3.09 -59.78
N GLY F 48 7.67 -3.61 -60.52
CA GLY F 48 7.07 -4.93 -60.25
C GLY F 48 6.13 -5.25 -61.46
N PRO F 49 5.67 -6.47 -61.44
CA PRO F 49 4.77 -6.99 -62.49
C PRO F 49 3.40 -6.33 -62.52
N ASN F 50 2.88 -6.23 -63.72
CA ASN F 50 1.55 -5.67 -64.00
C ASN F 50 0.72 -6.84 -64.54
N PHE F 51 -0.37 -7.18 -63.88
CA PHE F 51 -1.16 -8.34 -64.32
C PHE F 51 -2.37 -8.07 -65.21
N SER F 52 -2.41 -6.94 -65.84
CA SER F 52 -3.48 -6.52 -66.72
C SER F 52 -3.73 -7.51 -67.84
N HIS F 53 -2.71 -8.15 -68.40
CA HIS F 53 -2.94 -9.11 -69.48
C HIS F 53 -3.09 -10.53 -69.04
N LEU F 54 -3.12 -10.77 -67.72
CA LEU F 54 -3.30 -12.15 -67.26
C LEU F 54 -4.72 -12.54 -67.72
N GLY F 55 -4.85 -13.78 -68.14
CA GLY F 55 -6.16 -14.26 -68.62
C GLY F 55 -6.94 -14.85 -67.47
N PHE F 56 -7.78 -14.06 -66.84
CA PHE F 56 -8.60 -14.53 -65.72
C PHE F 56 -9.84 -15.27 -66.23
N GLY F 57 -10.20 -16.33 -65.56
CA GLY F 57 -11.44 -17.09 -65.88
C GLY F 57 -12.60 -16.19 -65.36
N ALA F 58 -13.79 -16.43 -65.85
CA ALA F 58 -14.97 -15.65 -65.49
C ALA F 58 -15.45 -15.80 -64.05
N HIS F 59 -15.08 -16.89 -63.40
CA HIS F 59 -15.45 -17.15 -62.01
C HIS F 59 -14.20 -17.21 -61.11
N ASP F 60 -13.13 -16.57 -61.52
CA ASP F 60 -11.87 -16.58 -60.76
C ASP F 60 -12.08 -16.03 -59.33
N HIS F 61 -13.00 -15.09 -59.27
CA HIS F 61 -13.35 -14.43 -58.00
C HIS F 61 -14.60 -14.93 -57.34
N ASP F 62 -15.24 -15.98 -57.87
CA ASP F 62 -16.46 -16.52 -57.26
C ASP F 62 -16.23 -17.91 -56.69
N LEU F 63 -15.99 -18.05 -55.38
CA LEU F 63 -15.74 -19.35 -54.79
C LEU F 63 -16.95 -20.26 -54.70
N LEU F 64 -18.12 -19.73 -54.99
CA LEU F 64 -19.38 -20.44 -55.00
C LEU F 64 -19.49 -21.30 -56.27
N LEU F 65 -18.87 -20.83 -57.34
CA LEU F 65 -18.86 -21.47 -58.64
C LEU F 65 -17.55 -21.97 -59.20
N ASN F 66 -16.38 -21.59 -58.76
CA ASN F 66 -15.12 -21.99 -59.34
C ASN F 66 -14.52 -23.32 -59.01
N PHE F 67 -15.09 -24.22 -58.27
CA PHE F 67 -14.44 -25.50 -57.98
C PHE F 67 -15.10 -26.59 -58.89
N GLY F 71 -22.88 -28.75 -57.56
CA GLY F 71 -23.62 -28.16 -56.45
C GLY F 71 -22.88 -26.99 -55.77
N LEU F 72 -23.59 -26.38 -54.85
CA LEU F 72 -23.19 -25.26 -54.03
C LEU F 72 -22.53 -25.74 -52.72
N PRO F 73 -21.54 -24.95 -52.31
CA PRO F 73 -20.84 -25.21 -51.02
C PRO F 73 -21.83 -24.96 -49.87
N ILE F 74 -21.58 -25.66 -48.78
CA ILE F 74 -22.37 -25.50 -47.55
C ILE F 74 -21.66 -24.41 -46.73
N GLY F 75 -22.38 -23.52 -46.10
CA GLY F 75 -21.77 -22.46 -45.29
C GLY F 75 -22.43 -21.11 -45.53
N GLU F 76 -21.96 -20.11 -44.79
CA GLU F 76 -22.49 -18.76 -44.87
C GLU F 76 -22.03 -18.04 -46.14
N ARG F 77 -22.98 -17.71 -46.97
CA ARG F 77 -22.70 -16.97 -48.23
C ARG F 77 -22.43 -15.49 -47.86
N ILE F 78 -21.27 -15.04 -48.27
CA ILE F 78 -20.84 -13.66 -48.03
C ILE F 78 -20.09 -13.14 -49.26
N ILE F 79 -20.11 -11.84 -49.34
CA ILE F 79 -19.35 -11.09 -50.35
C ILE F 79 -18.21 -10.41 -49.53
N VAL F 80 -17.02 -10.52 -50.01
CA VAL F 80 -15.86 -9.85 -49.38
C VAL F 80 -15.41 -8.77 -50.40
N ALA F 81 -15.60 -7.52 -50.06
CA ALA F 81 -15.26 -6.43 -50.98
C ALA F 81 -14.53 -5.31 -50.25
N GLY F 82 -13.89 -4.46 -50.99
CA GLY F 82 -13.14 -3.33 -50.45
C GLY F 82 -12.33 -2.68 -51.53
N ARG F 83 -11.47 -1.81 -51.07
CA ARG F 83 -10.60 -1.03 -51.98
C ARG F 83 -9.15 -1.07 -51.50
N VAL F 84 -8.26 -0.95 -52.47
CA VAL F 84 -6.83 -0.92 -52.26
C VAL F 84 -6.38 0.50 -52.57
N VAL F 85 -5.89 1.17 -51.57
CA VAL F 85 -5.36 2.55 -51.68
C VAL F 85 -3.92 2.47 -51.15
N ASP F 86 -3.18 3.53 -51.31
CA ASP F 86 -1.81 3.68 -50.84
C ASP F 86 -1.92 4.56 -49.58
N GLN F 87 -0.79 4.84 -48.94
CA GLN F 87 -0.82 5.65 -47.70
C GLN F 87 -1.29 7.07 -47.93
N TYR F 88 -1.17 7.53 -49.17
CA TYR F 88 -1.63 8.90 -49.48
C TYR F 88 -3.14 8.88 -49.73
N GLY F 89 -3.75 7.72 -49.66
CA GLY F 89 -5.18 7.56 -49.91
C GLY F 89 -5.51 7.48 -51.40
N LYS F 90 -4.54 7.23 -52.24
CA LYS F 90 -4.74 7.16 -53.71
C LYS F 90 -5.03 5.73 -54.11
N PRO F 91 -6.04 5.53 -54.94
CA PRO F 91 -6.45 4.19 -55.39
C PRO F 91 -5.34 3.49 -56.15
N VAL F 92 -5.28 2.19 -56.03
CA VAL F 92 -4.29 1.36 -56.75
C VAL F 92 -5.12 0.46 -57.70
N PRO F 93 -5.24 0.95 -58.92
CA PRO F 93 -6.01 0.29 -59.99
C PRO F 93 -5.23 -0.81 -60.70
N ASN F 94 -5.96 -1.78 -61.20
CA ASN F 94 -5.46 -2.93 -61.91
C ASN F 94 -4.40 -3.71 -61.15
N THR F 95 -4.67 -4.00 -59.90
CA THR F 95 -3.67 -4.72 -59.08
C THR F 95 -4.15 -6.11 -58.80
N LEU F 96 -3.23 -7.01 -58.52
CA LEU F 96 -3.63 -8.40 -58.26
C LEU F 96 -3.85 -8.72 -56.77
N VAL F 97 -5.05 -9.17 -56.51
CA VAL F 97 -5.55 -9.62 -55.25
C VAL F 97 -5.87 -11.13 -55.34
N GLU F 98 -5.17 -11.90 -54.56
CA GLU F 98 -5.32 -13.35 -54.48
C GLU F 98 -5.73 -13.71 -53.08
N MET F 99 -6.56 -14.73 -52.94
CA MET F 99 -7.06 -15.17 -51.62
C MET F 99 -7.20 -16.66 -51.57
N TRP F 100 -7.13 -17.27 -50.42
CA TRP F 100 -7.25 -18.69 -50.17
C TRP F 100 -7.86 -18.81 -48.77
N GLN F 101 -8.54 -19.90 -48.50
CA GLN F 101 -9.16 -20.06 -47.16
C GLN F 101 -9.66 -21.49 -46.99
N ALA F 102 -10.10 -21.82 -45.77
CA ALA F 102 -10.65 -23.12 -45.47
C ALA F 102 -12.18 -23.03 -45.81
N ASN F 103 -12.82 -24.19 -45.72
CA ASN F 103 -14.26 -24.37 -45.92
C ASN F 103 -14.96 -23.97 -44.60
N ALA F 104 -16.26 -24.19 -44.58
CA ALA F 104 -17.10 -23.83 -43.44
C ALA F 104 -16.72 -24.45 -42.11
N GLY F 105 -16.03 -25.57 -42.11
CA GLY F 105 -15.61 -26.31 -40.93
C GLY F 105 -14.15 -26.12 -40.58
N GLY F 106 -13.45 -25.22 -41.28
CA GLY F 106 -12.06 -24.99 -41.02
C GLY F 106 -11.09 -25.98 -41.64
N ARG F 107 -11.53 -26.72 -42.63
CA ARG F 107 -10.69 -27.69 -43.37
C ARG F 107 -10.23 -27.11 -44.71
N TYR F 108 -8.95 -27.23 -44.98
CA TYR F 108 -8.32 -26.76 -46.23
C TYR F 108 -8.22 -27.94 -47.22
N ARG F 109 -8.39 -27.59 -48.49
CA ARG F 109 -8.27 -28.61 -49.59
C ARG F 109 -6.77 -28.60 -49.96
N HIS F 110 -6.03 -29.26 -49.10
CA HIS F 110 -4.59 -29.44 -49.14
C HIS F 110 -4.23 -30.77 -48.47
N LYS F 111 -3.31 -31.46 -49.11
CA LYS F 111 -2.81 -32.77 -48.71
C LYS F 111 -2.46 -32.84 -47.21
N ASN F 112 -1.69 -31.86 -46.79
CA ASN F 112 -1.21 -31.75 -45.43
C ASN F 112 -2.26 -31.48 -44.37
N ASP F 113 -3.48 -31.13 -44.75
CA ASP F 113 -4.53 -30.85 -43.73
C ASP F 113 -5.26 -32.12 -43.37
N ARG F 114 -4.94 -32.63 -42.16
CA ARG F 114 -5.63 -33.86 -41.71
C ARG F 114 -6.60 -33.53 -40.58
N TYR F 115 -7.11 -32.31 -40.54
CA TYR F 115 -8.07 -31.93 -39.50
C TYR F 115 -9.30 -32.83 -39.78
N LEU F 116 -9.97 -33.23 -38.73
CA LEU F 116 -11.12 -34.14 -38.86
C LEU F 116 -12.36 -33.60 -39.48
N ALA F 117 -12.47 -32.29 -39.64
CA ALA F 117 -13.65 -31.67 -40.32
C ALA F 117 -13.44 -32.05 -41.80
N PRO F 118 -14.54 -32.48 -42.40
CA PRO F 118 -14.48 -32.97 -43.78
C PRO F 118 -14.39 -31.86 -44.81
N LEU F 119 -14.00 -32.30 -46.00
CA LEU F 119 -13.93 -31.45 -47.18
C LEU F 119 -15.38 -31.28 -47.68
N ASP F 120 -15.54 -30.21 -48.40
CA ASP F 120 -16.80 -29.82 -49.03
C ASP F 120 -16.58 -30.07 -50.54
N PRO F 121 -17.30 -31.10 -50.99
CA PRO F 121 -17.25 -31.53 -52.39
C PRO F 121 -17.41 -30.46 -53.42
N ASN F 122 -18.00 -29.32 -53.08
CA ASN F 122 -18.21 -28.23 -54.04
C ASN F 122 -17.38 -27.00 -53.69
N PHE F 123 -16.33 -27.19 -52.92
CA PHE F 123 -15.54 -25.97 -52.53
C PHE F 123 -14.06 -26.20 -52.62
N GLY F 124 -13.41 -25.27 -53.32
CA GLY F 124 -11.93 -25.35 -53.48
C GLY F 124 -11.20 -24.39 -52.50
N GLY F 125 -11.68 -23.18 -52.41
CA GLY F 125 -11.20 -22.12 -51.57
C GLY F 125 -10.12 -21.20 -52.08
N VAL F 126 -10.07 -20.98 -53.38
CA VAL F 126 -9.07 -20.10 -54.02
C VAL F 126 -9.75 -19.09 -54.93
N GLY F 127 -9.28 -17.86 -54.91
CA GLY F 127 -9.87 -16.82 -55.79
C GLY F 127 -8.77 -15.83 -56.14
N ARG F 128 -9.07 -14.99 -57.11
CA ARG F 128 -8.16 -13.93 -57.60
C ARG F 128 -9.07 -12.90 -58.30
N LEU F 130 -8.54 -8.74 -60.13
CA LEU F 130 -7.71 -7.59 -60.48
C LEU F 130 -8.59 -6.36 -60.14
N THR F 131 -8.04 -5.42 -59.41
CA THR F 131 -8.77 -4.22 -59.03
C THR F 131 -9.12 -3.41 -60.27
N ASP F 132 -10.21 -2.67 -60.13
CA ASP F 132 -10.73 -1.81 -61.19
C ASP F 132 -10.00 -0.46 -61.11
N SER F 133 -10.54 0.43 -61.90
CA SER F 133 -10.11 1.82 -62.06
C SER F 133 -10.08 2.57 -60.74
N ASP F 134 -11.01 2.25 -59.86
CA ASP F 134 -11.09 2.90 -58.56
C ASP F 134 -10.43 2.14 -57.43
N GLY F 135 -9.73 1.09 -57.73
CA GLY F 135 -9.05 0.24 -56.78
C GLY F 135 -9.95 -0.76 -56.06
N TYR F 136 -11.16 -0.99 -56.55
CA TYR F 136 -12.12 -1.90 -55.97
C TYR F 136 -11.96 -3.34 -56.44
N TYR F 137 -12.15 -4.27 -55.54
CA TYR F 137 -12.09 -5.71 -55.71
C TYR F 137 -13.32 -6.31 -54.98
N SER F 138 -13.60 -7.55 -55.34
CA SER F 138 -14.69 -8.26 -54.70
C SER F 138 -14.66 -9.76 -55.06
N PHE F 139 -14.96 -10.51 -54.01
CA PHE F 139 -15.00 -11.97 -54.04
C PHE F 139 -16.37 -12.42 -53.50
N ARG F 140 -16.75 -13.61 -53.89
CA ARG F 140 -18.01 -14.19 -53.38
C ARG F 140 -17.56 -15.56 -52.86
N THR F 141 -17.93 -15.78 -51.61
CA THR F 141 -17.46 -17.05 -50.99
C THR F 141 -18.36 -17.42 -49.83
N ILE F 142 -17.84 -18.28 -48.98
CA ILE F 142 -18.50 -18.77 -47.77
C ILE F 142 -17.56 -18.43 -46.62
N LYS F 143 -18.15 -18.10 -45.48
CA LYS F 143 -17.35 -17.73 -44.28
C LYS F 143 -16.59 -18.96 -43.78
N PRO F 144 -15.27 -18.83 -43.72
CA PRO F 144 -14.42 -19.95 -43.26
C PRO F 144 -14.64 -20.20 -41.77
N GLY F 145 -14.42 -21.43 -41.32
CA GLY F 145 -14.51 -21.79 -39.91
C GLY F 145 -13.10 -21.71 -39.28
N PRO F 146 -13.10 -21.56 -37.95
CA PRO F 146 -11.85 -21.52 -37.19
C PRO F 146 -11.31 -22.96 -37.25
N TYR F 147 -10.05 -23.09 -36.88
CA TYR F 147 -9.42 -24.42 -36.86
C TYR F 147 -8.27 -24.46 -35.85
N PRO F 148 -8.08 -25.70 -35.38
CA PRO F 148 -7.06 -25.99 -34.35
C PRO F 148 -5.73 -26.18 -35.00
N TRP F 149 -4.65 -25.88 -34.27
CA TRP F 149 -3.30 -26.02 -34.87
C TRP F 149 -2.34 -26.40 -33.76
N ARG F 150 -1.27 -27.03 -34.18
CA ARG F 150 -0.30 -27.52 -33.17
C ARG F 150 0.68 -26.48 -32.71
N ASN F 151 0.23 -25.54 -31.90
CA ASN F 151 1.07 -24.45 -31.34
C ASN F 151 1.10 -24.79 -29.81
N GLY F 152 0.29 -24.10 -29.07
CA GLY F 152 0.16 -24.45 -27.62
C GLY F 152 -0.81 -25.69 -27.72
N PRO F 153 -1.05 -26.31 -26.59
CA PRO F 153 -1.94 -27.49 -26.55
C PRO F 153 -3.38 -27.22 -26.92
N ASN F 154 -3.92 -26.00 -26.86
CA ASN F 154 -5.35 -25.80 -27.23
C ASN F 154 -5.48 -24.51 -28.01
N ASP F 155 -4.72 -24.36 -29.07
CA ASP F 155 -4.71 -23.16 -29.91
C ASP F 155 -5.67 -23.28 -31.08
N TRP F 156 -6.38 -22.17 -31.31
CA TRP F 156 -7.36 -22.08 -32.40
C TRP F 156 -7.23 -20.76 -33.17
N ARG F 157 -7.00 -20.90 -34.48
CA ARG F 157 -6.95 -19.69 -35.34
C ARG F 157 -8.40 -19.17 -35.46
N PRO F 158 -8.55 -17.87 -35.38
CA PRO F 158 -9.89 -17.26 -35.60
C PRO F 158 -10.18 -17.49 -37.12
N ALA F 159 -11.42 -17.44 -37.48
CA ALA F 159 -11.82 -17.59 -38.93
C ALA F 159 -11.07 -16.42 -39.65
N HIS F 160 -10.46 -16.81 -40.77
CA HIS F 160 -9.71 -15.84 -41.59
C HIS F 160 -9.55 -16.29 -43.04
N ILE F 161 -9.28 -15.25 -43.84
CA ILE F 161 -9.03 -15.40 -45.26
C ILE F 161 -7.59 -14.87 -45.50
N HIS F 162 -6.80 -15.68 -46.16
CA HIS F 162 -5.42 -15.28 -46.49
C HIS F 162 -5.50 -14.38 -47.74
N PHE F 163 -4.75 -13.27 -47.69
CA PHE F 163 -4.73 -12.31 -48.79
C PHE F 163 -3.31 -12.05 -49.31
N GLY F 164 -3.22 -11.90 -50.63
CA GLY F 164 -1.96 -11.61 -51.32
C GLY F 164 -2.26 -10.39 -52.21
N ILE F 165 -1.48 -9.35 -52.13
CA ILE F 165 -1.62 -8.13 -52.89
C ILE F 165 -0.29 -7.71 -53.52
N SER F 166 -0.32 -7.49 -54.84
CA SER F 166 0.85 -7.08 -55.59
C SER F 166 1.26 -5.62 -55.38
N GLY F 167 0.34 -4.73 -55.78
CA GLY F 167 0.59 -3.28 -55.72
C GLY F 167 1.49 -3.02 -56.98
N PRO F 168 1.95 -1.77 -57.06
CA PRO F 168 2.78 -1.33 -58.16
C PRO F 168 4.20 -1.80 -58.19
N SER F 169 4.71 -2.44 -57.16
CA SER F 169 6.15 -2.87 -57.21
C SER F 169 6.42 -3.97 -56.19
N ILE F 170 7.57 -4.58 -56.22
CA ILE F 170 7.92 -5.61 -55.25
C ILE F 170 8.04 -4.98 -53.86
N ALA F 171 8.19 -3.65 -53.86
CA ALA F 171 8.29 -2.85 -52.64
C ALA F 171 6.95 -2.83 -51.88
N THR F 172 5.84 -2.76 -52.57
CA THR F 172 4.51 -2.78 -51.99
C THR F 172 3.89 -4.14 -51.82
N LYS F 173 4.42 -5.18 -52.44
CA LYS F 173 3.81 -6.53 -52.34
C LYS F 173 3.63 -6.93 -50.89
N LEU F 174 2.46 -7.52 -50.62
CA LEU F 174 2.07 -7.90 -49.27
C LEU F 174 1.15 -9.09 -49.15
N ILE F 175 1.37 -9.89 -48.15
CA ILE F 175 0.62 -11.04 -47.75
C ILE F 175 0.10 -10.77 -46.31
N THR F 176 -1.18 -10.99 -46.15
CA THR F 176 -1.83 -10.77 -44.85
C THR F 176 -2.99 -11.71 -44.65
N GLN F 177 -3.78 -11.43 -43.60
CA GLN F 177 -4.97 -12.24 -43.25
C GLN F 177 -6.10 -11.31 -42.86
N LEU F 178 -7.31 -11.61 -43.28
CA LEU F 178 -8.52 -10.83 -42.96
C LEU F 178 -9.21 -11.62 -41.82
N TYR F 179 -9.69 -10.94 -40.81
CA TYR F 179 -10.42 -11.53 -39.69
C TYR F 179 -11.84 -10.93 -39.70
N PHE F 180 -12.74 -11.54 -39.01
CA PHE F 180 -14.15 -11.15 -38.96
C PHE F 180 -14.53 -10.45 -37.65
N GLU F 181 -15.22 -9.35 -37.85
CA GLU F 181 -15.71 -8.45 -36.77
C GLU F 181 -16.38 -9.22 -35.65
N GLY F 182 -16.00 -8.95 -34.42
CA GLY F 182 -16.52 -9.56 -33.21
C GLY F 182 -16.06 -10.96 -32.88
N ASP F 183 -15.31 -11.64 -33.71
CA ASP F 183 -14.81 -13.01 -33.42
C ASP F 183 -14.02 -13.00 -32.10
N PRO F 184 -14.50 -13.81 -31.14
CA PRO F 184 -13.88 -13.89 -29.82
C PRO F 184 -12.50 -14.49 -29.80
N LEU F 185 -12.15 -15.28 -30.81
CA LEU F 185 -10.85 -15.92 -30.94
C LEU F 185 -9.75 -14.93 -31.27
N ILE F 186 -10.06 -13.84 -31.93
CA ILE F 186 -9.04 -12.87 -32.33
C ILE F 186 -8.01 -12.51 -31.29
N PRO F 187 -8.46 -12.04 -30.13
CA PRO F 187 -7.58 -11.61 -29.03
C PRO F 187 -6.72 -12.67 -28.42
N MET F 188 -6.96 -13.94 -28.63
CA MET F 188 -6.19 -15.04 -28.06
C MET F 188 -5.23 -15.69 -29.04
N CYS F 189 -5.24 -15.27 -30.31
CA CYS F 189 -4.36 -15.90 -31.30
C CYS F 189 -2.97 -15.33 -31.27
N PRO F 190 -2.00 -16.24 -31.12
CA PRO F 190 -0.57 -15.90 -31.12
C PRO F 190 -0.13 -15.36 -32.46
N ILE F 191 -0.77 -15.70 -33.57
CA ILE F 191 -0.38 -15.16 -34.88
C ILE F 191 -0.75 -13.69 -34.97
N VAL F 192 -1.95 -13.41 -34.48
CA VAL F 192 -2.54 -12.08 -34.43
C VAL F 192 -1.68 -11.23 -33.47
N LYS F 193 -1.34 -11.85 -32.35
CA LYS F 193 -0.55 -11.20 -31.32
C LYS F 193 0.88 -10.90 -31.74
N SER F 194 1.27 -11.44 -32.90
CA SER F 194 2.60 -11.16 -33.45
C SER F 194 2.60 -9.62 -33.68
N ILE F 195 1.40 -9.06 -33.80
CA ILE F 195 1.26 -7.60 -34.04
C ILE F 195 1.15 -6.93 -32.64
N ALA F 196 2.15 -6.18 -32.27
CA ALA F 196 2.27 -5.46 -31.02
C ALA F 196 1.26 -4.37 -30.77
N ASN F 197 0.87 -3.59 -31.72
CA ASN F 197 -0.06 -2.48 -31.59
C ASN F 197 -1.50 -2.85 -31.94
N PRO F 198 -2.34 -2.82 -30.93
CA PRO F 198 -3.76 -3.14 -31.01
C PRO F 198 -4.46 -2.43 -32.16
N GLU F 199 -3.94 -1.23 -32.42
CA GLU F 199 -4.50 -0.37 -33.48
C GLU F 199 -4.21 -0.98 -34.84
N ALA F 200 -3.08 -1.65 -34.94
CA ALA F 200 -2.66 -2.31 -36.18
C ALA F 200 -3.54 -3.54 -36.40
N VAL F 201 -3.97 -4.20 -35.32
CA VAL F 201 -4.84 -5.36 -35.39
C VAL F 201 -6.19 -5.04 -36.02
N GLN F 202 -6.72 -3.87 -35.62
CA GLN F 202 -7.99 -3.37 -36.06
C GLN F 202 -8.08 -3.30 -37.58
N GLN F 203 -6.93 -3.04 -38.21
CA GLN F 203 -6.92 -2.87 -39.69
C GLN F 203 -7.19 -4.19 -40.43
N LEU F 204 -6.97 -5.28 -39.74
CA LEU F 204 -7.12 -6.64 -40.22
C LEU F 204 -8.53 -7.21 -40.01
N ILE F 205 -9.40 -6.43 -39.40
CA ILE F 205 -10.76 -6.88 -39.16
C ILE F 205 -11.77 -6.32 -40.16
N ALA F 206 -12.35 -7.23 -40.91
CA ALA F 206 -13.39 -6.93 -41.92
C ALA F 206 -14.67 -6.57 -41.16
N LYS F 207 -15.28 -5.50 -41.54
CA LYS F 207 -16.54 -5.08 -40.89
C LYS F 207 -17.75 -5.56 -41.68
N LEU F 208 -18.76 -5.94 -40.94
CA LEU F 208 -20.07 -6.38 -41.53
C LEU F 208 -20.56 -5.19 -42.39
N ASP F 209 -21.01 -5.47 -43.60
CA ASP F 209 -21.47 -4.35 -44.48
C ASP F 209 -22.83 -4.68 -45.09
N MET F 210 -23.87 -4.38 -44.38
CA MET F 210 -25.27 -4.60 -44.70
C MET F 210 -25.74 -3.88 -45.97
N ASN F 211 -25.09 -2.74 -46.21
CA ASN F 211 -25.34 -1.89 -47.37
C ASN F 211 -24.99 -2.64 -48.68
N ASN F 212 -24.00 -3.49 -48.60
CA ASN F 212 -23.50 -4.23 -49.75
C ASN F 212 -24.04 -5.65 -49.86
N ALA F 213 -24.85 -6.04 -48.89
CA ALA F 213 -25.43 -7.38 -48.89
C ALA F 213 -26.59 -7.46 -49.89
N ASN F 214 -26.82 -8.68 -50.37
CA ASN F 214 -27.94 -8.99 -51.28
C ASN F 214 -29.04 -9.59 -50.38
N PRO F 215 -30.12 -8.85 -50.19
CA PRO F 215 -31.25 -9.30 -49.37
C PRO F 215 -31.70 -10.70 -49.81
N MET F 216 -32.03 -11.55 -48.87
CA MET F 216 -32.48 -12.92 -49.03
C MET F 216 -31.44 -13.80 -49.73
N ASP F 217 -30.19 -13.38 -49.75
CA ASP F 217 -29.16 -14.18 -50.47
C ASP F 217 -27.84 -14.35 -49.75
N CYS F 218 -27.16 -13.24 -49.47
CA CYS F 218 -25.87 -13.26 -48.78
C CYS F 218 -25.54 -11.91 -48.09
N LEU F 219 -24.66 -12.07 -47.13
CA LEU F 219 -24.11 -10.94 -46.36
C LEU F 219 -22.86 -10.45 -47.08
N ALA F 220 -22.35 -9.35 -46.59
CA ALA F 220 -21.15 -8.70 -47.11
C ALA F 220 -20.34 -8.12 -45.96
N TYR F 221 -19.05 -8.18 -46.20
CA TYR F 221 -17.96 -7.69 -45.36
C TYR F 221 -17.07 -6.78 -46.22
N ARG F 222 -16.60 -5.74 -45.59
CA ARG F 222 -15.74 -4.72 -46.23
C ARG F 222 -14.34 -4.80 -45.63
N PHE F 223 -13.35 -4.93 -46.49
CA PHE F 223 -11.92 -5.01 -46.13
C PHE F 223 -11.14 -4.10 -47.10
N ASP F 224 -10.63 -3.03 -46.60
CA ASP F 224 -9.83 -2.06 -47.38
C ASP F 224 -8.35 -2.37 -47.08
N ILE F 225 -7.52 -2.18 -48.07
CA ILE F 225 -6.09 -2.45 -47.92
C ILE F 225 -5.30 -1.21 -48.24
N VAL F 226 -4.35 -0.91 -47.38
CA VAL F 226 -3.45 0.25 -47.59
C VAL F 226 -2.02 -0.32 -47.82
N LEU F 227 -1.54 0.09 -48.97
CA LEU F 227 -0.18 -0.27 -49.42
C LEU F 227 0.73 0.99 -49.25
N ARG F 228 2.03 0.75 -49.29
CA ARG F 228 3.02 1.81 -49.16
C ARG F 228 2.65 2.98 -50.08
N GLY F 229 2.84 4.16 -49.49
CA GLY F 229 2.58 5.43 -50.18
C GLY F 229 3.67 5.55 -51.28
N GLN F 230 3.20 5.97 -52.41
CA GLN F 230 4.01 6.16 -53.62
C GLN F 230 4.07 7.66 -53.93
N ARG F 231 5.26 8.13 -54.16
CA ARG F 231 5.54 9.54 -54.47
C ARG F 231 6.60 9.60 -55.56
N LYS F 232 6.60 10.76 -56.23
CA LYS F 232 7.65 10.95 -57.30
C LYS F 232 8.95 11.33 -56.53
N THR F 233 10.04 11.09 -57.19
CA THR F 233 11.39 11.42 -56.69
C THR F 233 11.50 12.97 -56.74
N HIS F 234 12.36 13.50 -55.92
CA HIS F 234 12.57 14.98 -55.92
C HIS F 234 13.96 15.25 -55.41
N PHE F 235 14.56 16.27 -56.02
CA PHE F 235 15.91 16.74 -55.70
C PHE F 235 16.89 15.59 -55.53
N GLU F 236 16.70 14.54 -56.31
CA GLU F 236 17.61 13.38 -56.15
C GLU F 236 18.97 13.59 -56.76
N PRO G 1 -1.82 30.88 5.89
CA PRO G 1 -0.76 31.07 6.89
C PRO G 1 0.50 30.28 6.50
N ILE G 2 1.57 30.59 7.20
CA ILE G 2 2.87 29.93 7.00
C ILE G 2 2.84 28.62 7.80
N GLU G 3 3.21 27.53 7.18
CA GLU G 3 3.26 26.22 7.89
C GLU G 3 4.73 25.74 7.85
N LEU G 4 5.25 25.26 8.95
CA LEU G 4 6.68 24.76 8.97
C LEU G 4 6.59 23.24 8.83
N LEU G 5 7.68 22.52 8.96
CA LEU G 5 7.59 21.04 8.95
C LEU G 5 6.90 20.73 10.33
N PRO G 6 6.00 19.80 10.30
CA PRO G 6 5.33 19.36 11.55
C PRO G 6 6.32 18.52 12.37
N GLU G 7 6.22 18.73 13.67
CA GLU G 7 7.05 17.97 14.65
C GLU G 7 6.62 16.49 14.59
N THR G 8 7.62 15.65 14.83
CA THR G 8 7.37 14.18 14.90
C THR G 8 6.40 14.00 16.10
N PRO G 9 5.36 13.23 15.87
CA PRO G 9 4.35 12.95 16.91
C PRO G 9 4.91 12.07 18.04
N SER G 10 4.48 12.37 19.24
CA SER G 10 4.82 11.62 20.43
C SER G 10 4.03 10.29 20.43
N GLN G 11 4.53 9.37 21.22
CA GLN G 11 4.02 8.06 21.51
C GLN G 11 4.45 7.70 22.97
N THR G 12 3.61 6.95 23.60
CA THR G 12 3.82 6.48 24.96
C THR G 12 5.19 5.80 25.07
N ALA G 13 5.76 5.89 26.28
CA ALA G 13 7.06 5.31 26.55
C ALA G 13 6.91 3.78 26.61
N GLY G 14 5.68 3.40 26.99
CA GLY G 14 5.35 1.94 27.09
C GLY G 14 5.88 1.44 28.43
N PRO G 15 5.55 0.18 28.76
CA PRO G 15 5.94 -0.45 30.01
C PRO G 15 7.39 -0.85 30.19
N TYR G 16 8.16 -1.00 29.16
CA TYR G 16 9.55 -1.41 29.17
C TYR G 16 10.52 -0.26 29.04
N VAL G 17 10.03 0.96 29.26
CA VAL G 17 10.88 2.14 29.17
C VAL G 17 12.20 2.02 29.93
N HIS G 18 12.21 1.28 31.01
CA HIS G 18 13.40 1.09 31.85
C HIS G 18 14.59 0.48 31.17
N ILE G 19 14.35 -0.46 30.26
CA ILE G 19 15.45 -1.15 29.54
C ILE G 19 16.30 -0.15 28.79
N GLY G 20 15.62 0.88 28.28
CA GLY G 20 16.24 1.92 27.50
C GLY G 20 16.79 3.10 28.26
N LEU G 21 16.06 3.55 29.27
CA LEU G 21 16.41 4.74 30.06
C LEU G 21 16.61 4.62 31.54
N ALA G 22 16.56 3.44 32.10
CA ALA G 22 16.70 3.17 33.53
C ALA G 22 17.17 1.71 33.72
N LEU G 23 18.34 1.47 33.16
CA LEU G 23 18.98 0.15 33.11
C LEU G 23 18.96 -0.57 34.44
N GLU G 24 19.53 0.08 35.44
CA GLU G 24 19.57 -0.47 36.81
C GLU G 24 18.17 -0.85 37.26
N ALA G 25 17.23 0.08 37.03
CA ALA G 25 15.83 -0.15 37.41
C ALA G 25 15.20 -1.32 36.72
N ALA G 26 15.56 -1.57 35.46
CA ALA G 26 15.01 -2.73 34.71
C ALA G 26 15.67 -4.01 35.24
N GLY G 27 16.76 -3.81 35.98
CA GLY G 27 17.53 -4.92 36.52
C GLY G 27 18.41 -5.55 35.43
N ASN G 28 19.00 -4.67 34.60
CA ASN G 28 19.89 -5.14 33.51
C ASN G 28 21.27 -4.52 33.79
N PRO G 29 22.27 -5.13 33.22
CA PRO G 29 23.65 -4.64 33.39
C PRO G 29 23.66 -3.21 32.85
N THR G 30 24.34 -2.34 33.56
CA THR G 30 24.40 -0.92 33.10
C THR G 30 25.69 -0.75 32.33
N ARG G 31 25.79 0.40 31.70
CA ARG G 31 27.01 0.76 30.92
C ARG G 31 27.87 1.60 31.86
N ASP G 32 29.04 1.95 31.41
CA ASP G 32 30.04 2.72 32.12
C ASP G 32 29.45 4.00 32.72
N GLN G 33 28.72 4.72 31.87
CA GLN G 33 28.13 6.00 32.31
C GLN G 33 26.62 6.00 32.06
N GLU G 34 25.90 6.32 33.11
CA GLU G 34 24.45 6.42 33.10
C GLU G 34 23.92 7.71 33.72
N ILE G 35 22.82 8.18 33.15
CA ILE G 35 22.11 9.38 33.64
C ILE G 35 21.11 8.81 34.67
N TRP G 36 21.39 9.15 35.94
CA TRP G 36 20.53 8.64 37.02
C TRP G 36 20.04 9.70 37.98
N ASN G 37 19.66 9.30 39.18
CA ASN G 37 19.07 10.16 40.19
C ASN G 37 19.89 10.94 41.19
N ARG G 38 21.16 11.11 40.95
CA ARG G 38 22.08 11.84 41.83
C ARG G 38 22.62 13.08 41.13
N LEU G 39 22.00 14.21 41.29
CA LEU G 39 22.36 15.47 40.66
C LEU G 39 23.57 16.12 41.32
N ALA G 40 23.75 15.87 42.61
CA ALA G 40 24.87 16.45 43.36
C ALA G 40 25.71 15.44 44.14
N LYS G 41 27.00 15.71 44.11
CA LYS G 41 28.00 14.93 44.87
C LYS G 41 28.11 15.65 46.22
N PRO G 42 28.45 14.88 47.25
CA PRO G 42 28.60 15.39 48.61
C PRO G 42 29.24 16.74 48.75
N ASP G 43 30.19 17.04 47.88
CA ASP G 43 30.88 18.36 48.00
C ASP G 43 30.31 19.43 47.10
N ALA G 44 29.07 19.28 46.69
CA ALA G 44 28.43 20.31 45.82
C ALA G 44 27.90 21.40 46.76
N PRO G 45 28.03 22.63 46.32
CA PRO G 45 27.58 23.80 47.10
C PRO G 45 26.06 23.79 47.22
N GLY G 46 25.60 24.37 48.31
CA GLY G 46 24.13 24.49 48.53
C GLY G 46 23.69 23.51 49.62
N GLU G 47 22.41 23.52 49.87
CA GLU G 47 21.76 22.67 50.86
C GLU G 47 21.27 21.37 50.23
N HIS G 48 21.89 20.27 50.59
CA HIS G 48 21.62 18.93 50.12
C HIS G 48 20.29 18.43 50.66
N ILE G 49 19.46 17.97 49.75
CA ILE G 49 18.13 17.46 50.13
C ILE G 49 17.83 16.15 49.40
N LEU G 50 16.81 15.51 49.90
CA LEU G 50 16.28 14.30 49.33
C LEU G 50 14.81 14.61 48.92
N LEU G 51 14.55 14.19 47.71
CA LEU G 51 13.24 14.27 47.06
C LEU G 51 12.73 12.83 46.86
N LEU G 52 11.47 12.67 47.21
CA LEU G 52 10.77 11.39 47.05
C LEU G 52 9.30 11.63 46.81
N GLY G 53 8.67 10.65 46.16
CA GLY G 53 7.27 10.70 45.84
C GLY G 53 6.73 9.45 45.16
N GLN G 54 5.41 9.50 45.12
CA GLN G 54 4.58 8.46 44.50
C GLN G 54 3.74 9.12 43.39
N VAL G 55 3.30 8.25 42.50
CA VAL G 55 2.48 8.66 41.33
C VAL G 55 1.19 7.86 41.36
N TYR G 56 0.09 8.58 41.25
CA TYR G 56 -1.23 7.95 41.28
C TYR G 56 -2.00 8.14 39.97
N ASP G 57 -2.77 7.13 39.66
CA ASP G 57 -3.63 7.13 38.47
C ASP G 57 -4.99 7.70 38.93
N GLY G 58 -5.95 7.73 38.05
CA GLY G 58 -7.28 8.25 38.29
C GLY G 58 -8.11 7.43 39.26
N ASN G 59 -7.67 6.24 39.58
CA ASN G 59 -8.32 5.32 40.48
C ASN G 59 -7.65 5.36 41.88
N GLY G 60 -6.64 6.18 42.02
CA GLY G 60 -5.90 6.30 43.29
C GLY G 60 -4.97 5.11 43.47
N HIS G 61 -4.65 4.47 42.36
CA HIS G 61 -3.73 3.31 42.41
C HIS G 61 -2.36 3.84 41.97
N LEU G 62 -1.35 3.24 42.55
CA LEU G 62 0.04 3.58 42.33
C LEU G 62 0.47 3.20 40.90
N VAL G 63 1.13 4.14 40.29
CA VAL G 63 1.71 3.91 38.94
C VAL G 63 3.14 3.43 39.22
N ARG G 64 3.35 2.16 39.00
CA ARG G 64 4.64 1.52 39.26
C ARG G 64 5.57 1.44 38.09
N ASP G 65 5.29 2.02 36.97
CA ASP G 65 6.16 1.93 35.77
C ASP G 65 6.49 3.30 35.20
N SER G 66 6.30 4.29 36.06
CA SER G 66 6.56 5.69 35.65
C SER G 66 8.06 5.96 35.54
N PHE G 67 8.39 6.88 34.67
CA PHE G 67 9.71 7.38 34.37
C PHE G 67 9.65 8.93 34.45
N LEU G 68 10.59 9.49 35.18
CA LEU G 68 10.65 10.95 35.39
C LEU G 68 12.01 11.56 35.04
N GLU G 69 11.91 12.72 34.42
CA GLU G 69 13.07 13.55 34.07
C GLU G 69 12.98 14.86 34.83
N VAL G 70 14.08 15.32 35.39
CA VAL G 70 14.18 16.55 36.16
C VAL G 70 15.25 17.51 35.63
N TRP G 71 14.93 18.77 35.74
CA TRP G 71 15.83 19.88 35.29
C TRP G 71 15.69 21.01 36.34
N GLN G 72 16.82 21.42 36.90
CA GLN G 72 16.86 22.48 37.91
C GLN G 72 18.15 23.27 37.88
N ALA G 73 18.07 24.45 38.49
CA ALA G 73 19.25 25.32 38.65
C ALA G 73 20.03 24.82 39.90
N ASP G 74 21.29 25.20 39.95
CA ASP G 74 22.18 24.85 41.09
C ASP G 74 21.82 25.88 42.19
N ALA G 75 22.42 25.73 43.35
CA ALA G 75 22.14 26.62 44.48
C ALA G 75 22.32 28.09 44.15
N ASN G 76 23.02 28.45 43.09
CA ASN G 76 23.21 29.88 42.76
C ASN G 76 22.17 30.33 41.73
N GLY G 77 21.18 29.50 41.55
CA GLY G 77 20.11 29.77 40.59
C GLY G 77 20.74 29.75 39.19
N GLU G 78 21.69 28.87 38.99
CA GLU G 78 22.30 28.73 37.65
C GLU G 78 22.04 27.36 37.03
N TYR G 79 21.81 27.39 35.72
CA TYR G 79 21.55 26.12 34.97
C TYR G 79 22.82 25.56 34.33
N GLN G 80 23.23 24.43 34.83
CA GLN G 80 24.45 23.74 34.37
C GLN G 80 24.06 22.76 33.27
N ASP G 81 24.26 23.20 32.04
CA ASP G 81 23.86 22.37 30.88
C ASP G 81 24.88 21.36 30.45
N ALA G 82 26.16 21.62 30.66
CA ALA G 82 27.22 20.66 30.26
C ALA G 82 27.20 19.46 31.21
N TYR G 83 26.48 18.43 30.83
CA TYR G 83 26.33 17.20 31.58
C TYR G 83 27.63 16.39 31.68
N ASN G 84 27.99 16.09 32.91
CA ASN G 84 29.24 15.33 33.16
C ASN G 84 29.23 14.71 34.54
N LEU G 85 29.57 13.42 34.54
CA LEU G 85 29.63 12.62 35.78
C LEU G 85 30.75 13.13 36.68
N GLU G 86 31.70 13.84 36.12
CA GLU G 86 32.81 14.41 36.89
C GLU G 86 32.33 15.61 37.70
N ASN G 87 31.29 16.27 37.25
CA ASN G 87 30.70 17.43 37.88
C ASN G 87 30.22 17.14 39.29
N ALA G 88 30.32 18.21 40.09
CA ALA G 88 29.87 18.12 41.51
C ALA G 88 28.33 18.24 41.50
N PHE G 89 27.85 18.99 40.51
CA PHE G 89 26.44 19.21 40.31
C PHE G 89 26.06 19.15 38.82
N ASN G 90 24.99 18.43 38.56
CA ASN G 90 24.35 18.31 37.25
C ASN G 90 22.91 18.83 37.46
N SER G 91 22.46 19.67 36.54
CA SER G 91 21.13 20.25 36.57
C SER G 91 20.04 19.27 36.07
N PHE G 92 20.48 18.23 35.41
CA PHE G 92 19.62 17.19 34.84
C PHE G 92 19.78 15.84 35.50
N GLY G 93 18.65 15.17 35.63
CA GLY G 93 18.63 13.81 36.19
C GLY G 93 17.40 13.01 35.79
N ARG G 94 17.52 11.72 36.09
CA ARG G 94 16.48 10.74 35.84
C ARG G 94 16.19 9.89 37.07
N THR G 95 14.92 9.53 37.15
CA THR G 95 14.40 8.71 38.22
C THR G 95 13.18 7.93 37.72
N ALA G 96 12.80 6.93 38.46
CA ALA G 96 11.70 6.04 38.13
C ALA G 96 11.10 5.43 39.38
N THR G 97 9.85 4.98 39.27
CA THR G 97 9.18 4.37 40.42
C THR G 97 9.36 2.86 40.45
N THR G 98 9.62 2.39 41.68
CA THR G 98 9.83 0.96 41.97
C THR G 98 8.64 0.09 41.52
N PHE G 99 9.02 -1.08 40.98
CA PHE G 99 7.93 -2.02 40.55
C PHE G 99 7.21 -2.52 41.81
N ASP G 100 7.84 -2.39 42.95
CA ASP G 100 7.33 -2.77 44.28
C ASP G 100 6.70 -1.63 45.08
N ALA G 101 7.58 -0.88 45.75
CA ALA G 101 7.12 0.27 46.59
C ALA G 101 6.46 1.31 45.67
N GLY G 102 7.05 1.48 44.49
CA GLY G 102 6.52 2.45 43.54
C GLY G 102 6.85 3.85 44.03
N GLU G 103 8.01 4.03 44.62
CA GLU G 103 8.41 5.39 45.06
C GLU G 103 9.70 5.82 44.38
N TRP G 104 9.78 7.07 43.99
CA TRP G 104 10.99 7.55 43.29
C TRP G 104 11.71 8.44 44.32
N THR G 105 13.01 8.55 44.14
CA THR G 105 13.86 9.37 45.00
C THR G 105 14.90 10.07 44.11
N LEU G 106 15.29 11.20 44.61
CA LEU G 106 16.32 12.02 43.89
C LEU G 106 17.21 12.62 44.98
N HIS G 107 18.48 12.70 44.69
CA HIS G 107 19.49 13.31 45.59
C HIS G 107 20.02 14.56 44.87
N THR G 108 19.76 15.72 45.43
CA THR G 108 20.18 17.00 44.81
C THR G 108 20.33 18.08 45.89
N VAL G 109 20.29 19.31 45.48
CA VAL G 109 20.34 20.50 46.30
C VAL G 109 19.14 21.40 45.95
N LYS G 110 18.78 22.25 46.87
CA LYS G 110 17.66 23.20 46.70
C LYS G 110 18.11 24.22 45.64
N PRO G 111 17.32 24.36 44.58
CA PRO G 111 17.65 25.25 43.46
C PRO G 111 17.60 26.74 43.82
N GLY G 112 18.53 27.53 43.30
CA GLY G 112 18.57 28.97 43.50
C GLY G 112 17.38 29.55 42.68
N VAL G 113 17.14 30.83 42.84
CA VAL G 113 16.09 31.61 42.21
C VAL G 113 16.52 32.01 40.81
N VAL G 114 15.61 31.95 39.89
CA VAL G 114 15.84 32.31 38.49
C VAL G 114 14.70 33.28 38.11
N ASN G 115 15.02 34.17 37.21
CA ASN G 115 14.08 35.18 36.72
C ASN G 115 13.39 34.67 35.46
N ASN G 116 12.20 35.13 35.25
CA ASN G 116 11.39 34.85 34.07
C ASN G 116 11.88 35.85 33.00
N ALA G 117 11.36 35.65 31.82
CA ALA G 117 11.66 36.43 30.64
C ALA G 117 11.57 37.91 30.96
N ALA G 118 10.56 38.35 31.66
CA ALA G 118 10.36 39.76 32.02
C ALA G 118 11.25 40.27 33.14
N GLY G 119 12.17 39.49 33.67
CA GLY G 119 13.04 39.91 34.75
C GLY G 119 12.46 39.68 36.14
N VAL G 120 11.33 39.03 36.25
CA VAL G 120 10.70 38.74 37.54
C VAL G 120 11.17 37.40 38.07
N PRO G 121 11.52 37.35 39.35
CA PRO G 121 12.01 36.13 39.99
C PRO G 121 10.94 35.08 40.20
N MET G 122 11.28 33.84 39.92
CA MET G 122 10.36 32.70 40.14
C MET G 122 10.79 32.06 41.46
N ALA G 123 9.84 31.49 42.17
CA ALA G 123 10.22 30.81 43.46
C ALA G 123 11.07 29.59 43.12
N PRO G 124 11.92 29.16 44.03
CA PRO G 124 12.77 27.96 43.79
C PRO G 124 11.86 26.87 43.26
N HIS G 125 12.32 26.16 42.24
CA HIS G 125 11.54 25.08 41.60
C HIS G 125 12.44 24.15 40.78
N ILE G 126 11.84 22.98 40.57
CA ILE G 126 12.33 21.86 39.82
C ILE G 126 11.28 21.53 38.72
N ASN G 127 11.78 21.47 37.51
CA ASN G 127 10.96 21.16 36.32
C ASN G 127 10.91 19.64 36.19
N ILE G 128 9.71 19.14 36.07
CA ILE G 128 9.46 17.72 35.94
C ILE G 128 8.70 17.34 34.67
N SER G 129 9.11 16.20 34.14
CA SER G 129 8.55 15.55 32.97
C SER G 129 8.23 14.09 33.37
N LEU G 130 6.96 13.76 33.24
CA LEU G 130 6.46 12.42 33.56
C LEU G 130 6.14 11.58 32.31
N PHE G 131 6.68 10.35 32.33
CA PHE G 131 6.50 9.40 31.21
C PHE G 131 6.05 8.04 31.79
N ALA G 132 5.24 7.35 30.99
CA ALA G 132 4.76 6.02 31.34
C ALA G 132 3.76 5.47 30.31
N ARG G 133 3.64 4.15 30.45
CA ARG G 133 2.63 3.42 29.63
C ARG G 133 1.27 4.07 29.99
N GLY G 134 0.44 4.32 28.96
CA GLY G 134 -0.85 4.96 29.22
C GLY G 134 -0.78 6.46 29.03
N ILE G 135 0.42 7.02 28.97
CA ILE G 135 0.58 8.46 28.74
C ILE G 135 1.11 8.65 27.30
N ASN G 136 0.26 9.15 26.42
CA ASN G 136 0.58 9.35 25.00
C ASN G 136 1.63 10.40 24.77
N ILE G 137 1.50 11.50 25.54
CA ILE G 137 2.48 12.61 25.44
C ILE G 137 2.81 12.98 26.89
N HIS G 138 4.10 13.12 27.17
CA HIS G 138 4.57 13.38 28.53
C HIS G 138 3.95 14.61 29.18
N LEU G 139 3.84 14.51 30.50
CA LEU G 139 3.28 15.59 31.35
C LEU G 139 4.38 16.42 32.00
N HIS G 140 4.27 17.70 31.92
CA HIS G 140 5.15 18.74 32.46
C HIS G 140 4.53 19.34 33.75
N THR G 141 5.30 19.32 34.80
CA THR G 141 4.91 19.91 36.08
C THR G 141 6.11 20.63 36.67
N ARG G 142 5.90 21.24 37.80
CA ARG G 142 6.91 21.97 38.59
C ARG G 142 6.72 21.59 40.09
N LEU G 143 7.85 21.44 40.72
CA LEU G 143 7.91 21.12 42.16
C LEU G 143 8.41 22.38 42.89
N TYR G 144 7.57 22.85 43.80
CA TYR G 144 7.83 24.01 44.66
C TYR G 144 7.97 23.48 46.11
N PHE G 145 8.49 24.29 46.98
CA PHE G 145 8.76 23.86 48.38
C PHE G 145 7.86 24.60 49.35
N ASP G 146 7.39 23.90 50.34
CA ASP G 146 6.49 24.49 51.35
C ASP G 146 7.18 25.54 52.22
N ASP G 147 8.46 25.44 52.40
CA ASP G 147 9.24 26.36 53.22
C ASP G 147 9.67 27.63 52.50
N GLU G 148 9.07 27.92 51.37
CA GLU G 148 9.32 29.07 50.52
C GLU G 148 8.05 29.85 50.22
N ALA G 149 7.11 29.76 51.15
CA ALA G 149 5.83 30.43 51.07
C ALA G 149 5.88 31.87 50.58
N GLN G 150 6.85 32.66 51.00
CA GLN G 150 6.95 34.06 50.60
C GLN G 150 7.22 34.19 49.10
N ALA G 151 8.22 33.43 48.67
CA ALA G 151 8.62 33.43 47.24
C ALA G 151 7.45 32.88 46.40
N ASN G 152 6.90 31.78 46.85
CA ASN G 152 5.78 31.09 46.23
C ASN G 152 4.61 32.04 45.98
N ALA G 153 4.35 32.93 46.94
CA ALA G 153 3.24 33.86 46.80
C ALA G 153 3.46 34.87 45.69
N LYS G 154 4.70 35.12 45.32
CA LYS G 154 5.01 36.11 44.28
C LYS G 154 5.44 35.49 42.97
N CYS G 155 5.37 34.17 42.84
CA CYS G 155 5.81 33.49 41.60
C CYS G 155 4.88 33.81 40.46
N PRO G 156 5.46 34.39 39.42
CA PRO G 156 4.69 34.74 38.21
C PRO G 156 4.15 33.46 37.55
N VAL G 157 4.80 32.33 37.75
CA VAL G 157 4.28 31.07 37.17
C VAL G 157 3.13 30.57 38.02
N LEU G 158 3.39 30.41 39.30
CA LEU G 158 2.36 29.95 40.25
C LEU G 158 1.09 30.82 40.15
N ASN G 159 1.30 32.10 39.93
CA ASN G 159 0.25 33.09 39.82
C ASN G 159 -0.60 32.97 38.59
N LEU G 160 -0.17 32.28 37.55
CA LEU G 160 -0.95 32.10 36.32
C LEU G 160 -2.06 31.07 36.57
N ILE G 161 -1.90 30.27 37.60
CA ILE G 161 -2.91 29.24 37.94
C ILE G 161 -4.07 29.96 38.65
N GLU G 162 -5.15 30.10 37.91
CA GLU G 162 -6.36 30.75 38.31
C GLU G 162 -6.80 30.45 39.75
N GLN G 163 -7.04 29.19 40.03
CA GLN G 163 -7.51 28.71 41.32
C GLN G 163 -6.43 28.42 42.33
N PRO G 164 -6.45 29.21 43.39
CA PRO G 164 -5.51 29.08 44.50
C PRO G 164 -5.38 27.64 44.97
N GLN G 165 -6.50 26.96 45.10
CA GLN G 165 -6.50 25.57 45.56
C GLN G 165 -5.62 24.66 44.69
N ARG G 166 -5.49 24.93 43.42
CA ARG G 166 -4.69 24.11 42.50
C ARG G 166 -3.18 24.28 42.65
N ARG G 167 -2.79 25.46 43.10
CA ARG G 167 -1.40 25.87 43.33
C ARG G 167 -0.79 24.97 44.41
N GLU G 168 -1.64 24.69 45.39
CA GLU G 168 -1.20 23.81 46.49
C GLU G 168 -0.66 22.50 45.93
N THR G 169 -1.25 21.98 44.86
CA THR G 169 -0.86 20.73 44.23
C THR G 169 0.62 20.67 43.84
N LEU G 170 1.22 21.82 43.70
CA LEU G 170 2.61 21.94 43.31
C LEU G 170 3.61 22.09 44.44
N ILE G 171 3.18 22.15 45.67
CA ILE G 171 4.08 22.38 46.80
C ILE G 171 4.49 21.10 47.50
N ALA G 172 5.78 20.89 47.58
CA ALA G 172 6.34 19.69 48.23
C ALA G 172 6.34 19.96 49.76
N LYS G 173 6.06 18.90 50.48
CA LYS G 173 5.98 18.91 51.95
C LYS G 173 7.32 18.46 52.55
N ARG G 174 7.91 19.37 53.28
CA ARG G 174 9.19 19.19 53.96
C ARG G 174 9.05 18.17 55.11
N CYS G 175 9.95 17.22 55.12
CA CYS G 175 10.07 16.14 56.08
C CYS G 175 11.57 15.92 56.37
N GLU G 176 11.84 14.78 56.93
CA GLU G 176 13.21 14.37 57.30
C GLU G 176 13.32 12.86 57.07
N VAL G 177 14.43 12.45 56.50
CA VAL G 177 14.65 11.00 56.25
C VAL G 177 16.08 10.74 56.73
N ASP G 178 16.12 9.90 57.75
CA ASP G 178 17.42 9.55 58.41
C ASP G 178 18.10 10.88 58.73
N GLY G 179 17.33 11.72 59.42
CA GLY G 179 17.79 13.06 59.81
C GLY G 179 18.30 13.88 58.64
N LYS G 180 17.86 13.56 57.44
CA LYS G 180 18.25 14.30 56.21
C LYS G 180 17.01 15.09 55.75
N THR G 181 17.23 16.33 55.33
CA THR G 181 16.10 17.18 54.89
C THR G 181 15.52 16.52 53.61
N ALA G 182 14.24 16.27 53.68
CA ALA G 182 13.50 15.64 52.57
C ALA G 182 12.21 16.43 52.32
N TYR G 183 11.70 16.29 51.13
CA TYR G 183 10.48 16.89 50.64
C TYR G 183 9.71 15.78 49.86
N ARG G 184 8.47 15.65 50.18
CA ARG G 184 7.63 14.66 49.54
C ARG G 184 6.77 15.41 48.52
N PHE G 185 6.76 14.82 47.34
CA PHE G 185 6.00 15.38 46.20
C PHE G 185 5.30 14.23 45.47
N ASP G 186 4.03 14.13 45.71
CA ASP G 186 3.16 13.14 45.11
C ASP G 186 2.49 13.77 43.87
N ILE G 187 2.30 12.88 42.89
CA ILE G 187 1.67 13.27 41.63
C ILE G 187 0.36 12.51 41.49
N ARG G 188 -0.66 13.25 41.21
CA ARG G 188 -2.03 12.69 41.00
C ARG G 188 -2.39 13.16 39.59
N ILE G 189 -2.28 12.18 38.68
CA ILE G 189 -2.49 12.36 37.25
C ILE G 189 -3.91 12.75 36.90
N GLN G 190 -4.83 12.16 37.66
CA GLN G 190 -6.27 12.37 37.38
C GLN G 190 -7.07 12.39 38.67
N GLY G 191 -8.19 13.07 38.67
CA GLY G 191 -9.12 13.17 39.76
C GLY G 191 -8.89 14.20 40.86
N GLU G 192 -9.44 13.85 42.01
CA GLU G 192 -9.39 14.66 43.24
C GLU G 192 -7.93 14.97 43.56
N GLY G 193 -7.66 16.27 43.61
CA GLY G 193 -6.31 16.76 43.87
C GLY G 193 -5.40 16.55 42.68
N GLU G 194 -5.98 16.49 41.50
CA GLU G 194 -5.19 16.31 40.25
C GLU G 194 -4.13 17.44 40.20
N THR G 195 -2.91 17.02 39.98
CA THR G 195 -1.75 17.90 39.90
C THR G 195 -1.86 18.76 38.63
N VAL G 196 -1.39 19.98 38.77
CA VAL G 196 -1.36 20.95 37.69
C VAL G 196 -0.19 20.48 36.73
N PHE G 197 -0.53 20.51 35.45
CA PHE G 197 0.38 20.16 34.35
C PHE G 197 0.35 21.37 33.39
N PHE G 198 1.48 21.68 32.85
CA PHE G 198 1.68 22.83 31.99
C PHE G 198 1.85 22.46 30.52
N ASP G 199 1.77 23.54 29.78
CA ASP G 199 1.98 23.56 28.32
C ASP G 199 2.84 24.83 28.11
N PHE G 200 3.88 24.65 27.35
CA PHE G 200 4.86 25.66 27.01
C PHE G 200 5.59 25.33 25.67
N PRO H 1 26.98 28.46 32.39
CA PRO H 1 25.60 27.93 32.60
C PRO H 1 24.76 28.36 31.40
N ALA H 2 23.63 27.68 31.22
CA ALA H 2 22.75 27.98 30.06
C ALA H 2 22.14 29.38 30.14
N GLN H 3 21.77 29.88 28.96
CA GLN H 3 21.15 31.22 28.86
C GLN H 3 19.90 31.20 28.00
N ASP H 4 18.94 32.02 28.42
CA ASP H 4 17.65 32.15 27.73
C ASP H 4 17.80 33.06 26.52
N ASN H 5 18.03 32.44 25.37
CA ASN H 5 18.20 33.19 24.12
C ASN H 5 17.26 32.71 23.01
N SER H 6 16.56 31.62 23.23
CA SER H 6 15.68 31.02 22.26
C SER H 6 14.23 30.88 22.72
N ARG H 7 13.40 30.79 21.69
CA ARG H 7 11.95 30.56 21.80
C ARG H 7 11.68 29.32 20.94
N PHE H 8 10.78 28.49 21.33
CA PHE H 8 10.43 27.26 20.60
C PHE H 8 9.01 27.37 20.10
N VAL H 9 8.83 27.04 18.81
CA VAL H 9 7.47 27.15 18.23
C VAL H 9 6.56 26.30 19.15
N ILE H 10 5.38 26.78 19.40
CA ILE H 10 4.37 26.11 20.21
C ILE H 10 3.95 24.77 19.59
N ARG H 11 3.77 23.78 20.47
CA ARG H 11 3.35 22.45 20.07
C ARG H 11 1.90 22.42 19.58
N ASP H 12 1.68 21.63 18.55
CA ASP H 12 0.31 21.44 17.99
C ASP H 12 -0.21 20.14 18.64
N ARG H 13 -1.00 20.36 19.66
CA ARG H 13 -1.61 19.29 20.44
C ARG H 13 -2.73 18.58 19.71
N ASN H 14 -3.02 19.08 18.48
CA ASN H 14 -4.00 18.37 17.63
C ASN H 14 -3.22 17.40 16.72
N TRP H 15 -1.94 17.59 16.55
CA TRP H 15 -1.02 16.78 15.74
C TRP H 15 -0.57 15.53 16.49
N HIS H 16 -0.17 15.77 17.70
CA HIS H 16 0.27 14.78 18.68
C HIS H 16 -1.03 14.09 19.16
N PRO H 17 -0.86 12.89 19.67
CA PRO H 17 -2.00 12.14 20.24
C PRO H 17 -2.55 12.92 21.47
N LYS H 18 -3.82 12.77 21.70
CA LYS H 18 -4.47 13.40 22.87
C LYS H 18 -4.15 12.50 24.09
N ALA H 19 -4.49 13.01 25.26
CA ALA H 19 -4.24 12.24 26.50
C ALA H 19 -5.26 11.10 26.65
N LEU H 20 -6.53 11.41 26.36
CA LEU H 20 -7.57 10.40 26.48
C LEU H 20 -7.92 9.76 25.14
N THR H 21 -7.52 8.54 24.97
CA THR H 21 -7.79 7.75 23.73
C THR H 21 -8.23 6.38 24.19
N PRO H 22 -9.54 6.28 24.53
CA PRO H 22 -10.12 5.08 25.07
C PRO H 22 -9.83 3.76 24.46
N ASP H 23 -9.49 3.59 23.20
CA ASP H 23 -9.17 2.25 22.64
C ASP H 23 -7.86 1.71 23.22
N TYR H 24 -7.08 2.67 23.65
CA TYR H 24 -5.80 2.42 24.34
C TYR H 24 -6.19 2.54 25.85
N LYS H 25 -6.66 1.42 26.34
CA LYS H 25 -7.18 1.20 27.64
C LYS H 25 -6.50 1.88 28.82
N THR H 26 -5.18 1.74 28.91
CA THR H 26 -4.42 2.32 29.99
C THR H 26 -4.51 3.87 30.04
N SER H 27 -4.75 4.52 28.93
CA SER H 27 -4.85 5.97 28.89
C SER H 27 -6.07 6.50 29.66
N ILE H 28 -7.02 5.62 29.92
CA ILE H 28 -8.25 6.03 30.59
C ILE H 28 -7.98 6.63 31.95
N ALA H 29 -7.29 5.88 32.79
CA ALA H 29 -6.93 6.26 34.14
C ALA H 29 -5.65 7.06 34.25
N ARG H 30 -4.88 7.14 33.18
CA ARG H 30 -3.59 7.90 33.25
C ARG H 30 -3.63 9.17 32.43
N SER H 31 -4.80 9.76 32.29
CA SER H 31 -4.88 11.02 31.52
C SER H 31 -5.52 12.07 32.43
N PRO H 32 -5.04 13.29 32.39
CA PRO H 32 -5.61 14.40 33.20
C PRO H 32 -7.03 14.77 32.78
N ARG H 33 -7.84 15.20 33.70
CA ARG H 33 -9.22 15.63 33.44
C ARG H 33 -9.29 17.15 33.43
N GLN H 34 -8.30 17.80 33.99
CA GLN H 34 -8.23 19.29 33.98
C GLN H 34 -7.37 19.71 32.77
N ALA H 35 -7.63 20.89 32.24
CA ALA H 35 -6.89 21.44 31.12
C ALA H 35 -5.46 21.77 31.57
N LEU H 36 -4.53 21.59 30.62
CA LEU H 36 -3.13 21.96 30.86
C LEU H 36 -3.10 23.50 31.06
N VAL H 37 -2.20 23.97 31.87
CA VAL H 37 -2.07 25.44 32.10
C VAL H 37 -0.94 25.98 31.22
N SER H 38 -1.24 26.91 30.35
CA SER H 38 -0.23 27.48 29.46
C SER H 38 0.61 28.51 30.22
N ILE H 39 1.91 28.44 30.00
CA ILE H 39 2.87 29.38 30.62
C ILE H 39 3.89 29.80 29.55
N PRO H 40 4.34 31.04 29.68
CA PRO H 40 5.33 31.60 28.77
C PRO H 40 6.65 30.87 29.03
N GLN H 41 7.45 30.88 27.99
CA GLN H 41 8.78 30.23 28.07
C GLN H 41 9.73 31.19 28.82
N SER H 42 10.50 30.63 29.69
CA SER H 42 11.53 31.23 30.51
C SER H 42 12.77 30.31 30.36
N ILE H 43 13.85 30.71 30.97
CA ILE H 43 15.09 29.97 30.91
C ILE H 43 14.93 28.54 31.41
N SER H 44 13.92 28.35 32.27
CA SER H 44 13.63 27.04 32.83
C SER H 44 13.23 26.02 31.74
N GLU H 45 12.46 26.51 30.81
CA GLU H 45 11.89 25.76 29.69
C GLU H 45 12.72 25.77 28.41
N THR H 46 13.45 26.85 28.18
CA THR H 46 14.25 27.01 26.95
C THR H 46 15.66 26.51 27.00
N THR H 47 16.03 25.84 28.08
CA THR H 47 17.38 25.27 28.27
C THR H 47 17.23 23.77 28.52
N GLY H 48 18.37 23.09 28.41
CA GLY H 48 18.36 21.62 28.62
C GLY H 48 19.82 21.17 28.66
N PRO H 49 19.97 19.92 29.05
CA PRO H 49 21.30 19.31 29.16
C PRO H 49 21.89 19.09 27.77
N ASN H 50 23.19 19.14 27.75
CA ASN H 50 24.03 18.91 26.58
C ASN H 50 24.85 17.65 26.95
N PHE H 51 24.74 16.63 26.12
CA PHE H 51 25.46 15.37 26.42
C PHE H 51 26.76 15.13 25.68
N SER H 52 27.38 16.18 25.18
CA SER H 52 28.65 16.10 24.47
C SER H 52 29.77 15.42 25.26
N HIS H 53 29.79 15.59 26.56
CA HIS H 53 30.86 15.01 27.37
C HIS H 53 30.47 13.72 28.05
N LEU H 54 29.34 13.14 27.63
CA LEU H 54 28.95 11.82 28.21
C LEU H 54 29.98 10.84 27.58
N GLY H 55 30.35 9.87 28.34
CA GLY H 55 31.34 8.86 27.89
C GLY H 55 30.66 7.67 27.28
N PHE H 56 30.49 7.75 25.97
CA PHE H 56 29.83 6.67 25.19
C PHE H 56 30.82 5.52 24.94
N GLY H 57 30.32 4.31 25.04
CA GLY H 57 31.09 3.10 24.76
C GLY H 57 31.19 2.99 23.23
N ALA H 58 32.15 2.20 22.79
CA ALA H 58 32.46 1.94 21.40
C ALA H 58 31.32 1.31 20.61
N HIS H 59 30.50 0.51 21.27
CA HIS H 59 29.37 -0.15 20.61
C HIS H 59 28.04 0.28 21.23
N ASP H 60 27.98 1.50 21.72
CA ASP H 60 26.74 1.98 22.38
C ASP H 60 25.54 1.91 21.43
N HIS H 61 25.85 2.17 20.17
CA HIS H 61 24.89 2.23 19.09
C HIS H 61 24.83 1.00 18.23
N ASP H 62 25.61 -0.02 18.54
CA ASP H 62 25.60 -1.29 17.71
C ASP H 62 25.10 -2.46 18.56
N LEU H 63 23.82 -2.73 18.46
CA LEU H 63 23.05 -3.74 19.13
C LEU H 63 23.40 -5.16 18.73
N LEU H 64 24.19 -5.31 17.71
CA LEU H 64 24.69 -6.58 17.21
C LEU H 64 25.87 -7.06 18.06
N LEU H 65 26.54 -6.10 18.69
CA LEU H 65 27.69 -6.28 19.51
C LEU H 65 27.66 -5.79 20.94
N ASN H 66 26.75 -4.92 21.33
CA ASN H 66 26.75 -4.37 22.68
C ASN H 66 26.20 -5.23 23.78
N PHE H 67 25.76 -6.45 23.55
CA PHE H 67 25.20 -7.23 24.69
C PHE H 67 26.33 -8.18 25.17
N GLY H 71 28.62 -14.20 20.50
CA GLY H 71 27.72 -14.67 19.44
C GLY H 71 26.92 -13.48 18.84
N LEU H 72 26.33 -13.81 17.72
CA LEU H 72 25.51 -12.84 16.95
C LEU H 72 24.03 -13.12 17.23
N PRO H 73 23.29 -12.04 17.36
CA PRO H 73 21.83 -12.18 17.56
C PRO H 73 21.20 -12.81 16.30
N ILE H 74 20.08 -13.46 16.52
CA ILE H 74 19.31 -14.05 15.39
C ILE H 74 18.23 -13.03 14.96
N GLY H 75 18.13 -12.80 13.67
CA GLY H 75 17.15 -11.89 13.09
C GLY H 75 17.68 -11.13 11.90
N GLU H 76 16.86 -10.29 11.35
CA GLU H 76 17.15 -9.45 10.19
C GLU H 76 18.08 -8.31 10.59
N ARG H 77 19.24 -8.34 9.98
CA ARG H 77 20.31 -7.35 10.24
C ARG H 77 19.92 -6.09 9.48
N ILE H 78 19.81 -4.99 10.24
CA ILE H 78 19.42 -3.73 9.63
C ILE H 78 20.21 -2.60 10.34
N ILE H 79 20.34 -1.53 9.62
CA ILE H 79 20.89 -0.27 10.03
C ILE H 79 19.67 0.70 10.10
N VAL H 80 19.56 1.43 11.19
CA VAL H 80 18.45 2.45 11.30
C VAL H 80 19.21 3.78 11.38
N ALA H 81 18.98 4.61 10.38
CA ALA H 81 19.66 5.89 10.27
C ALA H 81 18.70 6.98 9.88
N GLY H 82 19.12 8.22 10.09
CA GLY H 82 18.29 9.37 9.74
C GLY H 82 18.97 10.61 10.30
N ARG H 83 18.20 11.68 10.31
CA ARG H 83 18.76 12.99 10.78
C ARG H 83 17.72 13.63 11.69
N VAL H 84 18.23 14.49 12.57
CA VAL H 84 17.36 15.23 13.50
C VAL H 84 17.40 16.69 13.07
N VAL H 85 16.27 17.25 12.75
CA VAL H 85 16.18 18.65 12.32
C VAL H 85 15.05 19.31 13.10
N ASP H 86 15.03 20.63 13.11
CA ASP H 86 13.95 21.38 13.79
C ASP H 86 12.89 21.68 12.72
N GLN H 87 11.80 22.28 13.12
CA GLN H 87 10.70 22.62 12.20
C GLN H 87 11.13 23.60 11.11
N TYR H 88 12.23 24.30 11.29
CA TYR H 88 12.76 25.23 10.31
C TYR H 88 13.67 24.48 9.34
N GLY H 89 13.87 23.19 9.56
CA GLY H 89 14.70 22.36 8.69
C GLY H 89 16.19 22.44 9.03
N LYS H 90 16.47 22.95 10.21
CA LYS H 90 17.86 23.11 10.73
C LYS H 90 18.27 21.88 11.48
N PRO H 91 19.47 21.41 11.18
CA PRO H 91 20.04 20.21 11.84
C PRO H 91 20.26 20.49 13.33
N VAL H 92 20.12 19.41 14.08
CA VAL H 92 20.27 19.39 15.53
C VAL H 92 21.50 18.52 15.83
N PRO H 93 22.63 19.21 15.98
CA PRO H 93 23.91 18.53 16.24
C PRO H 93 24.16 18.22 17.69
N ASN H 94 24.91 17.16 17.95
CA ASN H 94 25.29 16.67 19.25
C ASN H 94 24.12 16.56 20.23
N THR H 95 23.08 15.89 19.75
CA THR H 95 21.87 15.64 20.53
C THR H 95 21.80 14.14 20.84
N LEU H 96 21.22 13.83 22.00
CA LEU H 96 21.12 12.46 22.46
C LEU H 96 19.93 11.69 21.90
N VAL H 97 20.27 10.60 21.25
CA VAL H 97 19.27 9.69 20.65
C VAL H 97 19.40 8.33 21.36
N GLU H 98 18.37 7.96 22.06
CA GLU H 98 18.28 6.69 22.77
C GLU H 98 17.19 5.82 22.17
N MET H 99 17.40 4.52 22.21
CA MET H 99 16.44 3.54 21.66
C MET H 99 16.48 2.22 22.40
N TRP H 100 15.35 1.53 22.37
CA TRP H 100 15.19 0.21 23.00
C TRP H 100 14.15 -0.56 22.15
N GLN H 101 14.20 -1.86 22.22
CA GLN H 101 13.24 -2.69 21.44
C GLN H 101 13.34 -4.17 21.92
N ALA H 102 12.40 -4.92 21.33
CA ALA H 102 12.30 -6.37 21.56
C ALA H 102 13.28 -7.04 20.58
N ASN H 103 13.39 -8.35 20.73
CA ASN H 103 14.24 -9.19 19.85
C ASN H 103 13.38 -9.58 18.63
N ALA H 104 14.01 -10.44 17.80
CA ALA H 104 13.37 -10.92 16.58
C ALA H 104 12.02 -11.58 16.82
N GLY H 105 11.80 -12.13 17.99
CA GLY H 105 10.55 -12.80 18.31
C GLY H 105 9.49 -11.97 18.97
N GLY H 106 9.82 -10.75 19.35
CA GLY H 106 8.89 -9.83 20.07
C GLY H 106 9.09 -9.93 21.60
N ARG H 107 10.21 -10.50 22.02
CA ARG H 107 10.54 -10.61 23.44
C ARG H 107 11.44 -9.50 23.95
N TYR H 108 11.03 -8.85 25.04
CA TYR H 108 11.87 -7.78 25.66
C TYR H 108 12.66 -8.41 26.82
N ARG H 109 13.88 -7.93 26.97
CA ARG H 109 14.77 -8.37 28.06
C ARG H 109 14.48 -7.42 29.26
N HIS H 110 13.36 -7.74 29.87
CA HIS H 110 12.75 -7.07 31.01
C HIS H 110 11.99 -8.11 31.83
N LYS H 111 12.17 -7.94 33.14
CA LYS H 111 11.60 -8.78 34.17
C LYS H 111 10.10 -9.04 33.94
N ASN H 112 9.38 -7.99 33.62
CA ASN H 112 7.95 -8.05 33.42
C ASN H 112 7.47 -8.67 32.12
N ASP H 113 8.37 -8.93 31.17
CA ASP H 113 7.99 -9.51 29.89
C ASP H 113 7.88 -11.03 30.01
N ARG H 114 6.63 -11.47 30.03
CA ARG H 114 6.37 -12.93 30.15
C ARG H 114 6.01 -13.60 28.85
N TYR H 115 6.02 -12.90 27.75
CA TYR H 115 5.65 -13.46 26.43
C TYR H 115 6.45 -14.74 26.23
N LEU H 116 5.80 -15.73 25.64
CA LEU H 116 6.36 -17.03 25.37
C LEU H 116 7.49 -17.06 24.37
N ALA H 117 7.67 -16.06 23.54
CA ALA H 117 8.83 -16.09 22.60
C ALA H 117 10.09 -15.99 23.47
N PRO H 118 11.08 -16.83 23.17
CA PRO H 118 12.33 -16.89 23.89
C PRO H 118 13.23 -15.67 23.81
N LEU H 119 14.05 -15.53 24.84
CA LEU H 119 15.07 -14.46 24.90
C LEU H 119 16.19 -14.90 23.95
N ASP H 120 16.94 -13.95 23.48
CA ASP H 120 18.08 -14.25 22.57
C ASP H 120 19.33 -13.97 23.44
N PRO H 121 20.11 -15.01 23.68
CA PRO H 121 21.31 -14.88 24.52
C PRO H 121 22.31 -13.87 24.04
N ASN H 122 22.26 -13.43 22.81
CA ASN H 122 23.20 -12.43 22.28
C ASN H 122 22.57 -11.06 22.06
N PHE H 123 21.36 -10.86 22.54
CA PHE H 123 20.69 -9.55 22.30
C PHE H 123 20.15 -8.93 23.59
N GLY H 124 20.45 -7.66 23.79
CA GLY H 124 20.00 -6.86 24.91
C GLY H 124 18.81 -5.98 24.51
N GLY H 125 18.96 -5.22 23.45
CA GLY H 125 17.97 -4.34 22.89
C GLY H 125 18.01 -2.88 23.26
N VAL H 126 19.14 -2.31 23.62
CA VAL H 126 19.30 -0.90 23.96
C VAL H 126 20.48 -0.29 23.23
N GLY H 127 20.33 0.95 22.79
CA GLY H 127 21.41 1.68 22.07
C GLY H 127 21.25 3.16 22.36
N ARG H 128 22.29 3.91 22.05
CA ARG H 128 22.33 5.37 22.22
C ARG H 128 23.41 5.87 21.24
N LEU H 130 24.93 9.94 19.80
CA LEU H 130 24.96 11.40 19.81
C LEU H 130 25.01 11.81 18.34
N THR H 131 24.10 12.62 17.89
CA THR H 131 24.08 13.10 16.51
C THR H 131 25.36 13.91 16.25
N ASP H 132 25.72 13.87 14.97
CA ASP H 132 26.93 14.54 14.47
C ASP H 132 26.62 15.99 14.14
N SER H 133 27.64 16.61 13.58
CA SER H 133 27.59 18.04 13.21
C SER H 133 26.45 18.29 12.21
N ASP H 134 26.04 17.27 11.49
CA ASP H 134 24.96 17.46 10.53
C ASP H 134 23.60 16.99 10.98
N GLY H 135 23.49 16.48 12.18
CA GLY H 135 22.29 15.95 12.77
C GLY H 135 22.02 14.49 12.50
N TYR H 136 22.99 13.73 12.01
CA TYR H 136 22.92 12.34 11.69
C TYR H 136 23.20 11.41 12.86
N TYR H 137 22.44 10.32 12.82
CA TYR H 137 22.54 9.27 13.85
C TYR H 137 22.40 7.95 13.07
N SER H 138 22.85 6.89 13.70
CA SER H 138 22.67 5.56 13.12
C SER H 138 22.89 4.50 14.19
N PHE H 139 22.21 3.39 13.94
CA PHE H 139 22.26 2.23 14.84
C PHE H 139 22.33 0.99 13.91
N ARG H 140 22.78 -0.08 14.49
CA ARG H 140 22.89 -1.39 13.80
C ARG H 140 22.22 -2.33 14.81
N THR H 141 21.19 -2.97 14.31
CA THR H 141 20.37 -3.86 15.19
C THR H 141 19.75 -4.94 14.31
N ILE H 142 18.76 -5.61 14.85
CA ILE H 142 17.97 -6.63 14.21
C ILE H 142 16.51 -6.13 14.25
N LYS H 143 15.73 -6.51 13.25
CA LYS H 143 14.32 -6.08 13.15
C LYS H 143 13.54 -6.77 14.26
N PRO H 144 12.90 -5.95 15.09
CA PRO H 144 12.07 -6.48 16.21
C PRO H 144 10.83 -7.14 15.64
N GLY H 145 10.26 -8.06 16.39
CA GLY H 145 9.02 -8.73 15.97
C GLY H 145 7.84 -8.04 16.67
N PRO H 146 6.66 -8.25 16.08
CA PRO H 146 5.42 -7.70 16.70
C PRO H 146 5.23 -8.57 17.97
N TYR H 147 4.37 -8.11 18.85
CA TYR H 147 4.00 -8.84 20.07
C TYR H 147 2.59 -8.45 20.52
N PRO H 148 1.96 -9.45 21.11
CA PRO H 148 0.58 -9.35 21.64
C PRO H 148 0.66 -8.63 22.98
N TRP H 149 -0.39 -8.05 23.42
CA TRP H 149 -0.43 -7.29 24.71
C TRP H 149 -1.89 -7.28 25.18
N ARG H 150 -2.04 -7.15 26.47
CA ARG H 150 -3.38 -7.19 27.05
C ARG H 150 -4.15 -5.91 26.86
N ASN H 151 -4.77 -5.65 25.72
CA ASN H 151 -5.58 -4.43 25.48
C ASN H 151 -6.97 -5.03 25.17
N GLY H 152 -7.20 -5.22 23.89
CA GLY H 152 -8.44 -5.92 23.46
C GLY H 152 -7.96 -7.41 23.55
N PRO H 153 -8.87 -8.33 23.33
CA PRO H 153 -8.60 -9.76 23.39
C PRO H 153 -7.62 -10.27 22.34
N ASN H 154 -7.34 -9.52 21.27
CA ASN H 154 -6.43 -9.97 20.21
C ASN H 154 -5.67 -8.79 19.62
N ASP H 155 -5.03 -8.01 20.48
CA ASP H 155 -4.25 -6.84 20.05
C ASP H 155 -2.77 -7.27 19.92
N TRP H 156 -2.18 -6.72 18.88
CA TRP H 156 -0.78 -6.96 18.51
C TRP H 156 -0.15 -5.61 18.11
N ARG H 157 0.98 -5.34 18.76
CA ARG H 157 1.74 -4.12 18.45
C ARG H 157 2.50 -4.47 17.12
N PRO H 158 2.51 -3.50 16.24
CA PRO H 158 3.32 -3.67 14.99
C PRO H 158 4.80 -3.66 15.43
N ALA H 159 5.68 -4.23 14.70
CA ALA H 159 7.12 -4.22 15.02
C ALA H 159 7.46 -2.71 15.23
N HIS H 160 8.22 -2.43 16.27
CA HIS H 160 8.59 -1.01 16.48
C HIS H 160 9.84 -0.82 17.30
N ILE H 161 10.43 0.33 17.11
CA ILE H 161 11.62 0.71 17.92
C ILE H 161 11.22 1.91 18.78
N HIS H 162 11.51 1.88 20.06
CA HIS H 162 11.19 3.08 20.91
C HIS H 162 12.38 4.06 20.81
N PHE H 163 12.08 5.33 20.72
CA PHE H 163 13.05 6.42 20.62
C PHE H 163 12.77 7.55 21.63
N GLY H 164 13.88 8.10 22.11
CA GLY H 164 13.91 9.24 23.02
C GLY H 164 14.92 10.25 22.42
N ILE H 165 14.50 11.48 22.26
CA ILE H 165 15.36 12.53 21.70
C ILE H 165 15.40 13.76 22.61
N SER H 166 16.64 14.19 22.91
CA SER H 166 16.84 15.36 23.81
C SER H 166 16.56 16.70 23.17
N GLY H 167 17.25 17.05 22.11
CA GLY H 167 17.07 18.35 21.44
C GLY H 167 17.80 19.38 22.36
N PRO H 168 17.73 20.63 21.93
CA PRO H 168 18.39 21.72 22.64
C PRO H 168 17.81 22.13 23.97
N SER H 169 16.64 21.67 24.34
CA SER H 169 15.99 22.01 25.58
C SER H 169 14.99 20.97 26.06
N ILE H 170 14.45 21.26 27.23
CA ILE H 170 13.42 20.37 27.81
C ILE H 170 12.10 20.60 27.06
N ALA H 171 12.01 21.76 26.40
CA ALA H 171 10.82 22.06 25.58
C ALA H 171 10.76 21.17 24.32
N THR H 172 11.92 20.73 23.83
CA THR H 172 12.04 19.89 22.64
C THR H 172 12.09 18.42 22.90
N LYS H 173 12.40 17.99 24.11
CA LYS H 173 12.53 16.58 24.48
C LYS H 173 11.30 15.81 24.04
N LEU H 174 11.57 14.64 23.46
CA LEU H 174 10.50 13.79 22.93
C LEU H 174 10.78 12.30 22.99
N ILE H 175 9.72 11.56 23.24
CA ILE H 175 9.66 10.12 23.27
C ILE H 175 8.64 9.73 22.15
N THR H 176 9.04 8.74 21.36
CA THR H 176 8.26 8.25 20.24
C THR H 176 8.58 6.82 19.88
N GLN H 177 7.99 6.37 18.78
CA GLN H 177 8.14 4.98 18.28
C GLN H 177 8.18 5.01 16.76
N LEU H 178 9.08 4.27 16.21
CA LEU H 178 9.28 4.08 14.74
C LEU H 178 8.59 2.74 14.37
N TYR H 179 7.88 2.80 13.26
CA TYR H 179 7.19 1.66 12.65
C TYR H 179 7.88 1.36 11.31
N PHE H 180 7.64 0.13 10.82
CA PHE H 180 8.29 -0.29 9.56
C PHE H 180 7.34 -0.23 8.38
N GLU H 181 7.85 0.35 7.31
CA GLU H 181 7.09 0.51 6.05
C GLU H 181 6.45 -0.80 5.59
N GLY H 182 5.15 -0.70 5.35
CA GLY H 182 4.32 -1.78 4.88
C GLY H 182 3.70 -2.72 5.87
N ASP H 183 4.09 -2.60 7.15
CA ASP H 183 3.53 -3.47 8.22
C ASP H 183 2.01 -3.36 8.27
N PRO H 184 1.38 -4.49 7.98
CA PRO H 184 -0.10 -4.59 7.95
C PRO H 184 -0.76 -4.34 9.27
N LEU H 185 -0.06 -4.48 10.40
CA LEU H 185 -0.50 -4.26 11.73
C LEU H 185 -0.66 -2.79 12.09
N ILE H 186 0.07 -1.92 11.48
CA ILE H 186 0.02 -0.49 11.78
C ILE H 186 -1.36 0.11 11.91
N PRO H 187 -2.20 -0.08 10.89
CA PRO H 187 -3.54 0.55 10.91
C PRO H 187 -4.47 -0.04 11.93
N MET H 188 -4.10 -1.14 12.52
CA MET H 188 -4.95 -1.83 13.50
C MET H 188 -4.62 -1.43 14.91
N CYS H 189 -3.48 -0.77 15.11
CA CYS H 189 -2.99 -0.41 16.44
C CYS H 189 -3.63 0.76 17.14
N PRO H 190 -4.17 0.47 18.34
CA PRO H 190 -4.82 1.47 19.19
C PRO H 190 -3.85 2.52 19.68
N ILE H 191 -2.59 2.13 19.87
CA ILE H 191 -1.58 3.10 20.29
C ILE H 191 -1.26 4.05 19.11
N VAL H 192 -1.10 3.46 17.92
CA VAL H 192 -0.81 4.20 16.71
C VAL H 192 -2.03 5.14 16.46
N LYS H 193 -3.20 4.56 16.63
CA LYS H 193 -4.47 5.25 16.47
C LYS H 193 -4.71 6.34 17.49
N SER H 194 -3.85 6.44 18.50
CA SER H 194 -3.99 7.58 19.46
C SER H 194 -3.77 8.88 18.67
N ILE H 195 -3.04 8.79 17.57
CA ILE H 195 -2.78 9.92 16.68
C ILE H 195 -3.99 10.03 15.74
N ALA H 196 -4.75 11.07 15.82
CA ALA H 196 -5.92 11.33 15.02
C ALA H 196 -5.69 11.58 13.54
N ASN H 197 -4.66 12.24 13.09
CA ASN H 197 -4.37 12.55 11.70
C ASN H 197 -3.45 11.53 11.02
N PRO H 198 -3.90 10.95 9.93
CA PRO H 198 -3.18 9.96 9.15
C PRO H 198 -1.82 10.43 8.67
N GLU H 199 -1.75 11.71 8.36
CA GLU H 199 -0.53 12.37 7.91
C GLU H 199 0.50 12.32 9.04
N ALA H 200 0.04 12.38 10.28
CA ALA H 200 0.97 12.36 11.42
C ALA H 200 1.53 10.95 11.54
N VAL H 201 0.65 9.97 11.32
CA VAL H 201 1.08 8.55 11.37
C VAL H 201 2.24 8.27 10.39
N GLN H 202 2.10 8.85 9.21
CA GLN H 202 3.11 8.68 8.17
C GLN H 202 4.50 9.05 8.67
N GLN H 203 4.57 10.12 9.49
CA GLN H 203 5.83 10.61 10.05
C GLN H 203 6.58 9.56 10.90
N LEU H 204 5.87 8.57 11.40
CA LEU H 204 6.39 7.50 12.23
C LEU H 204 6.87 6.25 11.50
N ILE H 205 6.66 6.26 10.18
CA ILE H 205 7.08 5.06 9.40
C ILE H 205 8.43 5.15 8.75
N ALA H 206 9.36 4.31 9.20
CA ALA H 206 10.72 4.30 8.60
C ALA H 206 10.56 3.69 7.19
N LYS H 207 11.33 4.25 6.27
CA LYS H 207 11.28 3.76 4.87
C LYS H 207 12.50 2.90 4.56
N LEU H 208 12.23 1.82 3.83
CA LEU H 208 13.31 0.91 3.38
C LEU H 208 14.29 1.83 2.58
N ASP H 209 15.55 1.71 2.92
CA ASP H 209 16.59 2.52 2.27
C ASP H 209 17.73 1.65 1.72
N MET H 210 17.50 1.17 0.49
CA MET H 210 18.41 0.31 -0.25
C MET H 210 19.77 0.98 -0.47
N ASN H 211 19.73 2.29 -0.60
CA ASN H 211 20.95 3.10 -0.83
C ASN H 211 21.95 3.00 0.34
N ASN H 212 21.46 2.79 1.52
CA ASN H 212 22.26 2.71 2.74
C ASN H 212 22.61 1.31 3.19
N ALA H 213 22.01 0.33 2.51
CA ALA H 213 22.25 -1.08 2.85
C ALA H 213 23.68 -1.48 2.52
N ASN H 214 24.13 -2.52 3.16
CA ASN H 214 25.47 -3.11 2.92
C ASN H 214 25.19 -4.43 2.16
N PRO H 215 25.47 -4.41 0.88
CA PRO H 215 25.23 -5.60 0.01
C PRO H 215 25.72 -6.87 0.66
N MET H 216 24.96 -7.94 0.60
CA MET H 216 25.26 -9.24 1.16
C MET H 216 25.44 -9.16 2.70
N ASP H 217 24.90 -8.13 3.32
CA ASP H 217 25.12 -8.05 4.79
C ASP H 217 23.89 -7.61 5.53
N CYS H 218 23.50 -6.35 5.32
CA CYS H 218 22.28 -5.85 6.00
C CYS H 218 21.54 -4.77 5.22
N LEU H 219 20.26 -4.71 5.49
CA LEU H 219 19.28 -3.77 4.95
C LEU H 219 19.38 -2.51 5.82
N ALA H 220 18.69 -1.47 5.41
CA ALA H 220 18.65 -0.17 6.01
C ALA H 220 17.27 0.50 5.82
N TYR H 221 16.93 1.23 6.89
CA TYR H 221 15.70 1.98 7.04
C TYR H 221 16.13 3.41 7.45
N ARG H 222 15.41 4.37 6.97
CA ARG H 222 15.68 5.79 7.18
C ARG H 222 14.60 6.38 8.08
N PHE H 223 14.99 7.03 9.13
CA PHE H 223 13.97 7.65 10.05
C PHE H 223 14.50 9.02 10.51
N ASP H 224 13.93 10.04 9.92
CA ASP H 224 14.28 11.43 10.25
C ASP H 224 13.29 11.88 11.34
N ILE H 225 13.77 12.74 12.19
CA ILE H 225 12.98 13.27 13.31
C ILE H 225 12.98 14.78 13.26
N VAL H 226 11.80 15.33 13.49
CA VAL H 226 11.59 16.76 13.54
C VAL H 226 11.27 17.23 14.94
N LEU H 227 12.10 18.13 15.42
CA LEU H 227 11.88 18.71 16.80
C LEU H 227 11.30 20.10 16.57
N ARG H 228 10.76 20.66 17.64
CA ARG H 228 10.15 21.99 17.62
C ARG H 228 11.14 23.00 17.08
N GLY H 229 10.60 23.92 16.27
CA GLY H 229 11.43 24.97 15.65
C GLY H 229 11.91 25.93 16.76
N GLN H 230 13.17 26.29 16.64
CA GLN H 230 13.91 27.20 17.51
C GLN H 230 14.17 28.52 16.76
N ARG H 231 13.84 29.62 17.41
CA ARG H 231 14.05 30.96 16.85
C ARG H 231 14.60 31.89 17.95
N LYS H 232 15.21 32.95 17.47
CA LYS H 232 15.76 33.98 18.39
C LYS H 232 14.50 34.75 18.84
N THR H 233 14.65 35.36 20.02
CA THR H 233 13.53 36.17 20.57
C THR H 233 13.55 37.49 19.80
N HIS H 234 12.41 38.14 19.72
CA HIS H 234 12.32 39.43 19.02
C HIS H 234 11.32 40.34 19.71
N PHE H 235 11.64 41.63 19.66
CA PHE H 235 10.82 42.68 20.25
C PHE H 235 10.17 42.22 21.56
N GLU H 236 10.88 41.46 22.37
CA GLU H 236 10.36 40.97 23.62
C GLU H 236 10.13 41.91 24.76
N PRO I 1 -5.39 -7.45 4.76
CA PRO I 1 -5.62 -8.60 5.62
C PRO I 1 -6.97 -9.26 5.26
N ILE I 2 -7.19 -10.44 5.85
CA ILE I 2 -8.44 -11.16 5.60
C ILE I 2 -9.58 -10.53 6.39
N GLU I 3 -10.67 -10.28 5.75
CA GLU I 3 -11.88 -9.70 6.39
C GLU I 3 -13.02 -10.71 6.27
N LEU I 4 -13.76 -10.96 7.33
CA LEU I 4 -14.91 -11.93 7.26
C LEU I 4 -16.18 -11.10 7.08
N LEU I 5 -17.36 -11.68 7.04
CA LEU I 5 -18.58 -10.86 7.00
C LEU I 5 -18.57 -10.22 8.45
N PRO I 6 -19.09 -9.03 8.54
CA PRO I 6 -19.19 -8.31 9.80
C PRO I 6 -20.36 -8.84 10.64
N GLU I 7 -20.12 -8.93 11.96
CA GLU I 7 -21.17 -9.36 12.89
C GLU I 7 -22.26 -8.29 12.87
N THR I 8 -23.51 -8.73 12.99
CA THR I 8 -24.63 -7.78 13.07
C THR I 8 -24.38 -6.94 14.35
N PRO I 9 -24.54 -5.64 14.23
CA PRO I 9 -24.36 -4.70 15.33
C PRO I 9 -25.47 -4.77 16.36
N SER I 10 -25.04 -4.69 17.60
CA SER I 10 -25.91 -4.67 18.80
C SER I 10 -26.66 -3.33 18.89
N GLN I 11 -27.75 -3.39 19.61
CA GLN I 11 -28.64 -2.27 19.92
C GLN I 11 -29.17 -2.56 21.36
N THR I 12 -29.50 -1.52 22.06
CA THR I 12 -30.05 -1.57 23.43
C THR I 12 -31.36 -2.40 23.36
N ALA I 13 -31.60 -3.10 24.45
CA ALA I 13 -32.80 -3.94 24.61
C ALA I 13 -34.02 -3.05 24.76
N GLY I 14 -33.84 -1.83 25.18
CA GLY I 14 -34.93 -0.86 25.36
C GLY I 14 -35.64 -1.18 26.69
N PRO I 15 -36.51 -0.24 27.07
CA PRO I 15 -37.28 -0.33 28.30
C PRO I 15 -38.35 -1.42 28.35
N TYR I 16 -38.80 -1.93 27.22
CA TYR I 16 -39.84 -2.95 27.16
C TYR I 16 -39.34 -4.33 26.90
N VAL I 17 -38.06 -4.57 27.21
CA VAL I 17 -37.51 -5.91 26.98
C VAL I 17 -38.33 -7.01 27.63
N HIS I 18 -39.02 -6.68 28.70
CA HIS I 18 -39.79 -7.68 29.48
C HIS I 18 -40.86 -8.39 28.69
N ILE I 19 -41.52 -7.63 27.81
CA ILE I 19 -42.60 -8.22 26.99
C ILE I 19 -42.09 -9.36 26.14
N GLY I 20 -40.85 -9.31 25.68
CA GLY I 20 -40.29 -10.37 24.85
C GLY I 20 -39.55 -11.48 25.55
N LEU I 21 -38.86 -11.14 26.64
CA LEU I 21 -38.02 -12.05 27.38
C LEU I 21 -38.34 -12.28 28.84
N ALA I 22 -39.29 -11.56 29.37
CA ALA I 22 -39.66 -11.69 30.80
C ALA I 22 -41.12 -11.30 30.99
N LEU I 23 -41.99 -12.09 30.36
CA LEU I 23 -43.44 -11.98 30.29
C LEU I 23 -44.14 -11.76 31.61
N GLU I 24 -43.85 -12.66 32.55
CA GLU I 24 -44.41 -12.54 33.93
C GLU I 24 -44.10 -11.13 34.45
N ALA I 25 -42.82 -10.80 34.34
CA ALA I 25 -42.26 -9.51 34.76
C ALA I 25 -42.97 -8.36 34.10
N ALA I 26 -43.26 -8.55 32.82
CA ALA I 26 -43.95 -7.48 32.05
C ALA I 26 -45.41 -7.38 32.47
N GLY I 27 -45.87 -8.38 33.23
CA GLY I 27 -47.25 -8.43 33.70
C GLY I 27 -48.21 -8.81 32.55
N ASN I 28 -47.77 -9.74 31.72
CA ASN I 28 -48.51 -10.26 30.57
C ASN I 28 -48.59 -11.79 30.71
N PRO I 29 -49.59 -12.35 30.04
CA PRO I 29 -49.82 -13.80 30.06
C PRO I 29 -48.59 -14.51 29.54
N THR I 30 -48.16 -15.58 30.18
CA THR I 30 -46.95 -16.30 29.72
C THR I 30 -47.42 -17.46 28.86
N ARG I 31 -46.45 -18.08 28.22
CA ARG I 31 -46.68 -19.24 27.33
C ARG I 31 -46.47 -20.51 28.15
N ASP I 32 -46.77 -21.64 27.56
CA ASP I 32 -46.66 -22.94 28.15
C ASP I 32 -45.27 -23.18 28.76
N GLN I 33 -44.24 -22.82 28.02
CA GLN I 33 -42.84 -23.04 28.50
C GLN I 33 -42.03 -21.74 28.41
N GLU I 34 -41.53 -21.29 29.56
CA GLU I 34 -40.76 -20.06 29.66
C GLU I 34 -39.39 -20.34 30.26
N ILE I 35 -38.41 -19.55 29.92
CA ILE I 35 -37.02 -19.66 30.45
C ILE I 35 -36.94 -18.62 31.58
N TRP I 36 -36.86 -19.11 32.81
CA TRP I 36 -36.85 -18.12 33.94
C TRP I 36 -35.78 -18.31 34.95
N ASN I 37 -35.97 -17.83 36.18
CA ASN I 37 -34.98 -17.84 37.25
C ASN I 37 -34.83 -19.02 38.16
N ARG I 38 -35.34 -20.17 37.84
CA ARG I 38 -35.23 -21.39 38.68
C ARG I 38 -34.36 -22.41 37.96
N LEU I 39 -33.06 -22.33 38.04
CA LEU I 39 -32.15 -23.27 37.38
C LEU I 39 -32.23 -24.68 37.91
N ALA I 40 -32.41 -24.79 39.24
CA ALA I 40 -32.47 -26.14 39.85
C ALA I 40 -33.82 -26.48 40.45
N LYS I 41 -34.15 -27.75 40.31
CA LYS I 41 -35.37 -28.33 40.94
C LYS I 41 -34.90 -28.85 42.31
N PRO I 42 -35.81 -28.82 43.26
CA PRO I 42 -35.58 -29.25 44.63
C PRO I 42 -34.67 -30.44 44.75
N ASP I 43 -34.87 -31.40 43.86
CA ASP I 43 -34.07 -32.64 43.91
C ASP I 43 -32.80 -32.62 43.08
N ALA I 44 -32.34 -31.42 42.76
CA ALA I 44 -31.08 -31.28 41.99
C ALA I 44 -29.93 -31.36 43.03
N PRO I 45 -28.93 -32.13 42.66
CA PRO I 45 -27.76 -32.33 43.51
C PRO I 45 -26.91 -31.09 43.64
N GLY I 46 -26.39 -30.82 44.84
CA GLY I 46 -25.54 -29.67 45.11
C GLY I 46 -26.14 -28.78 46.16
N GLU I 47 -25.33 -27.82 46.62
CA GLU I 47 -25.83 -26.90 47.66
C GLU I 47 -26.83 -25.94 47.01
N HIS I 48 -28.09 -26.04 47.40
CA HIS I 48 -29.12 -25.13 46.89
C HIS I 48 -28.92 -23.74 47.48
N ILE I 49 -28.91 -22.74 46.62
CA ILE I 49 -28.70 -21.34 47.06
C ILE I 49 -29.66 -20.38 46.37
N LEU I 50 -29.78 -19.21 46.96
CA LEU I 50 -30.62 -18.13 46.45
C LEU I 50 -29.65 -16.96 46.16
N LEU I 51 -29.76 -16.42 44.96
CA LEU I 51 -28.90 -15.27 44.57
C LEU I 51 -29.83 -14.05 44.46
N LEU I 52 -29.39 -12.92 44.89
CA LEU I 52 -30.21 -11.69 44.78
C LEU I 52 -29.30 -10.50 44.68
N GLY I 53 -29.77 -9.41 44.12
CA GLY I 53 -29.00 -8.19 43.97
C GLY I 53 -29.78 -7.05 43.35
N GLN I 54 -29.09 -5.93 43.35
CA GLN I 54 -29.54 -4.66 42.78
C GLN I 54 -28.53 -4.17 41.75
N VAL I 55 -29.01 -3.31 40.86
CA VAL I 55 -28.18 -2.71 39.81
C VAL I 55 -28.19 -1.19 39.96
N TYR I 56 -27.03 -0.58 39.96
CA TYR I 56 -26.92 0.88 40.10
C TYR I 56 -26.28 1.56 38.88
N ASP I 57 -26.83 2.72 38.58
CA ASP I 57 -26.36 3.60 37.50
C ASP I 57 -25.26 4.47 38.12
N GLY I 58 -24.65 5.30 37.31
CA GLY I 58 -23.58 6.20 37.62
C GLY I 58 -23.87 7.22 38.71
N ASN I 59 -25.12 7.55 38.92
CA ASN I 59 -25.51 8.52 39.96
C ASN I 59 -25.91 7.79 41.26
N GLY I 60 -25.78 6.50 41.28
CA GLY I 60 -26.11 5.63 42.38
C GLY I 60 -27.57 5.24 42.49
N HIS I 61 -28.33 5.49 41.45
CA HIS I 61 -29.77 5.17 41.38
C HIS I 61 -29.98 3.76 40.87
N LEU I 62 -31.05 3.13 41.37
CA LEU I 62 -31.38 1.75 41.00
C LEU I 62 -31.85 1.72 39.51
N VAL I 63 -31.47 0.65 38.89
CA VAL I 63 -31.81 0.34 37.49
C VAL I 63 -32.96 -0.67 37.63
N ARG I 64 -34.16 -0.12 37.41
CA ARG I 64 -35.34 -0.94 37.58
C ARG I 64 -35.85 -1.59 36.33
N ASP I 65 -35.07 -1.64 35.25
CA ASP I 65 -35.58 -2.26 34.00
C ASP I 65 -34.53 -3.16 33.38
N SER I 66 -33.66 -3.69 34.22
CA SER I 66 -32.59 -4.55 33.72
C SER I 66 -33.06 -5.96 33.46
N PHE I 67 -32.37 -6.61 32.57
CA PHE I 67 -32.60 -7.99 32.16
C PHE I 67 -31.24 -8.68 32.26
N LEU I 68 -31.19 -9.82 32.95
CA LEU I 68 -29.94 -10.56 33.15
C LEU I 68 -30.11 -12.00 32.67
N GLU I 69 -29.02 -12.56 32.17
CA GLU I 69 -28.97 -13.95 31.72
C GLU I 69 -27.79 -14.60 32.42
N VAL I 70 -27.98 -15.81 32.94
CA VAL I 70 -26.87 -16.48 33.68
C VAL I 70 -26.52 -17.80 33.04
N TRP I 71 -25.29 -18.19 33.20
CA TRP I 71 -24.71 -19.45 32.68
C TRP I 71 -23.68 -19.90 33.74
N GLN I 72 -23.92 -21.13 34.21
CA GLN I 72 -23.02 -21.73 35.22
C GLN I 72 -23.02 -23.26 35.10
N ALA I 73 -21.94 -23.87 35.57
CA ALA I 73 -21.83 -25.34 35.61
C ALA I 73 -22.75 -25.84 36.77
N ASP I 74 -22.90 -27.14 36.75
CA ASP I 74 -23.70 -27.87 37.75
C ASP I 74 -22.74 -28.18 38.92
N ALA I 75 -23.34 -28.74 39.96
CA ALA I 75 -22.58 -29.10 41.18
C ALA I 75 -21.34 -29.91 40.83
N ASN I 76 -21.35 -30.63 39.72
CA ASN I 76 -20.21 -31.43 39.29
C ASN I 76 -19.27 -30.62 38.40
N GLY I 77 -19.56 -29.34 38.26
CA GLY I 77 -18.71 -28.50 37.41
C GLY I 77 -18.90 -28.95 35.96
N GLU I 78 -20.11 -29.35 35.58
CA GLU I 78 -20.42 -29.73 34.20
C GLU I 78 -21.45 -28.74 33.62
N TYR I 79 -21.20 -28.42 32.34
CA TYR I 79 -22.17 -27.48 31.66
C TYR I 79 -23.30 -28.30 31.08
N GLN I 80 -24.49 -28.03 31.51
CA GLN I 80 -25.68 -28.77 30.99
C GLN I 80 -26.34 -27.92 29.91
N ASP I 81 -25.94 -28.09 28.67
CA ASP I 81 -26.42 -27.34 27.54
C ASP I 81 -27.77 -27.66 26.98
N ALA I 82 -28.20 -28.89 27.07
CA ALA I 82 -29.54 -29.28 26.56
C ALA I 82 -30.58 -28.78 27.54
N TYR I 83 -31.14 -27.61 27.28
CA TYR I 83 -32.14 -26.94 28.08
C TYR I 83 -33.47 -27.68 27.99
N ASN I 84 -33.97 -27.99 29.18
CA ASN I 84 -35.24 -28.75 29.27
C ASN I 84 -35.91 -28.42 30.58
N LEU I 85 -37.20 -28.22 30.51
CA LEU I 85 -38.02 -27.88 31.68
C LEU I 85 -38.12 -29.02 32.68
N GLU I 86 -37.82 -30.20 32.17
CA GLU I 86 -37.86 -31.45 32.90
C GLU I 86 -36.60 -31.67 33.72
N ASN I 87 -35.49 -31.18 33.18
CA ASN I 87 -34.18 -31.31 33.85
C ASN I 87 -34.33 -30.90 35.32
N ALA I 88 -33.51 -31.57 36.13
CA ALA I 88 -33.51 -31.26 37.60
C ALA I 88 -32.69 -29.95 37.72
N PHE I 89 -31.75 -29.89 36.78
CA PHE I 89 -30.87 -28.73 36.67
C PHE I 89 -30.65 -28.28 35.22
N ASN I 90 -30.65 -26.96 35.04
CA ASN I 90 -30.38 -26.26 33.77
C ASN I 90 -29.25 -25.24 34.07
N SER I 91 -28.24 -25.28 33.22
CA SER I 91 -27.08 -24.40 33.32
C SER I 91 -27.40 -22.96 32.92
N PHE I 92 -28.59 -22.75 32.34
CA PHE I 92 -29.00 -21.39 31.89
C PHE I 92 -30.28 -20.89 32.53
N GLY I 93 -30.30 -19.59 32.80
CA GLY I 93 -31.48 -18.92 33.39
C GLY I 93 -31.55 -17.44 32.99
N ARG I 94 -32.68 -16.87 33.38
CA ARG I 94 -32.99 -15.46 33.11
C ARG I 94 -33.73 -14.86 34.30
N THR I 95 -33.49 -13.56 34.45
CA THR I 95 -34.10 -12.82 35.57
C THR I 95 -34.12 -11.34 35.25
N ALA I 96 -34.70 -10.56 36.12
CA ALA I 96 -34.82 -9.09 35.91
C ALA I 96 -35.08 -8.37 37.23
N THR I 97 -34.88 -7.06 37.24
CA THR I 97 -35.13 -6.22 38.41
C THR I 97 -36.54 -5.64 38.42
N THR I 98 -37.12 -5.74 39.63
CA THR I 98 -38.48 -5.25 39.90
C THR I 98 -38.56 -3.74 39.60
N PHE I 99 -39.65 -3.36 38.96
CA PHE I 99 -39.89 -1.94 38.62
C PHE I 99 -40.07 -1.21 39.98
N ASP I 100 -40.38 -1.94 41.01
CA ASP I 100 -40.56 -1.39 42.38
C ASP I 100 -39.28 -1.40 43.23
N ALA I 101 -39.05 -2.58 43.79
CA ALA I 101 -37.87 -2.79 44.67
C ALA I 101 -36.60 -2.65 43.81
N GLY I 102 -36.73 -3.21 42.59
CA GLY I 102 -35.59 -3.18 41.67
C GLY I 102 -34.58 -4.25 42.06
N GLU I 103 -35.03 -5.40 42.50
CA GLU I 103 -34.08 -6.48 42.89
C GLU I 103 -34.33 -7.73 42.06
N TRP I 104 -33.30 -8.53 41.80
CA TRP I 104 -33.52 -9.75 41.00
C TRP I 104 -33.17 -10.90 41.96
N THR I 105 -33.74 -12.04 41.68
CA THR I 105 -33.51 -13.25 42.43
C THR I 105 -33.39 -14.41 41.44
N LEU I 106 -32.65 -15.39 41.89
CA LEU I 106 -32.43 -16.60 41.01
C LEU I 106 -32.25 -17.75 41.99
N HIS I 107 -32.79 -18.90 41.65
CA HIS I 107 -32.66 -20.09 42.52
C HIS I 107 -31.85 -21.14 41.78
N THR I 108 -30.69 -21.45 42.32
CA THR I 108 -29.78 -22.45 41.69
C THR I 108 -29.06 -23.27 42.74
N VAL I 109 -27.95 -23.85 42.32
CA VAL I 109 -27.01 -24.63 43.11
C VAL I 109 -25.61 -23.98 42.93
N LYS I 110 -24.74 -24.30 43.86
CA LYS I 110 -23.36 -23.73 43.79
C LYS I 110 -22.60 -24.50 42.72
N PRO I 111 -22.10 -23.73 41.74
CA PRO I 111 -21.38 -24.32 40.61
C PRO I 111 -20.09 -24.99 41.08
N GLY I 112 -19.79 -26.11 40.46
CA GLY I 112 -18.56 -26.89 40.69
C GLY I 112 -17.47 -26.17 39.88
N VAL I 113 -16.25 -26.64 40.00
CA VAL I 113 -15.07 -26.08 39.36
C VAL I 113 -14.87 -26.60 37.94
N VAL I 114 -14.45 -25.66 37.08
CA VAL I 114 -14.14 -25.98 35.65
C VAL I 114 -12.72 -25.45 35.37
N ASN I 115 -12.06 -26.12 34.44
CA ASN I 115 -10.70 -25.75 34.04
C ASN I 115 -10.71 -24.77 32.85
N ASN I 116 -9.77 -23.86 32.88
CA ASN I 116 -9.60 -22.91 31.75
C ASN I 116 -8.90 -23.76 30.65
N ALA I 117 -8.70 -23.18 29.51
CA ALA I 117 -8.11 -23.84 28.37
C ALA I 117 -6.75 -24.39 28.64
N ALA I 118 -5.98 -23.77 29.49
CA ALA I 118 -4.62 -24.24 29.83
C ALA I 118 -4.63 -25.38 30.85
N GLY I 119 -5.82 -25.79 31.31
CA GLY I 119 -5.95 -26.86 32.27
C GLY I 119 -5.92 -26.43 33.72
N VAL I 120 -5.95 -25.15 34.01
CA VAL I 120 -5.96 -24.58 35.36
C VAL I 120 -7.42 -24.39 35.79
N PRO I 121 -7.72 -24.84 37.00
CA PRO I 121 -9.06 -24.72 37.57
C PRO I 121 -9.38 -23.24 37.90
N MET I 122 -10.63 -22.90 37.62
CA MET I 122 -11.09 -21.50 37.91
C MET I 122 -11.98 -21.63 39.17
N ALA I 123 -12.07 -20.57 39.95
CA ALA I 123 -12.96 -20.68 41.17
C ALA I 123 -14.41 -20.79 40.68
N PRO I 124 -15.25 -21.45 41.47
CA PRO I 124 -16.67 -21.61 41.13
C PRO I 124 -17.19 -20.25 40.69
N HIS I 125 -17.90 -20.17 39.57
CA HIS I 125 -18.42 -18.83 39.19
C HIS I 125 -19.63 -18.97 38.27
N ILE I 126 -20.39 -17.88 38.26
CA ILE I 126 -21.57 -17.75 37.40
C ILE I 126 -21.28 -16.60 36.40
N ASN I 127 -21.41 -16.92 35.16
CA ASN I 127 -21.23 -15.93 34.03
C ASN I 127 -22.58 -15.18 33.94
N ILE I 128 -22.53 -13.89 33.83
CA ILE I 128 -23.73 -13.06 33.73
C ILE I 128 -23.63 -12.07 32.56
N SER I 129 -24.79 -11.85 31.94
CA SER I 129 -24.84 -10.84 30.85
C SER I 129 -25.94 -9.86 31.27
N LEU I 130 -25.66 -8.57 31.28
CA LEU I 130 -26.67 -7.57 31.66
C LEU I 130 -27.09 -6.71 30.47
N PHE I 131 -28.37 -6.49 30.34
CA PHE I 131 -29.04 -5.72 29.28
C PHE I 131 -30.00 -4.70 29.96
N ALA I 132 -30.22 -3.62 29.28
CA ALA I 132 -31.13 -2.59 29.75
C ALA I 132 -31.11 -1.42 28.76
N ARG I 133 -32.13 -0.58 28.92
CA ARG I 133 -32.23 0.64 28.10
C ARG I 133 -30.98 1.43 28.61
N GLY I 134 -30.37 2.14 27.68
CA GLY I 134 -29.18 2.93 27.99
C GLY I 134 -27.94 2.10 27.76
N ILE I 135 -28.01 0.80 27.62
CA ILE I 135 -26.82 -0.04 27.39
C ILE I 135 -26.85 -0.49 25.92
N ASN I 136 -25.99 0.08 25.11
CA ASN I 136 -25.97 -0.24 23.67
C ASN I 136 -25.60 -1.68 23.40
N ILE I 137 -24.63 -2.18 24.12
CA ILE I 137 -24.14 -3.58 23.97
C ILE I 137 -24.05 -4.19 25.37
N HIS I 138 -24.64 -5.36 25.57
CA HIS I 138 -24.63 -5.97 26.89
C HIS I 138 -23.26 -6.05 27.55
N LEU I 139 -23.35 -6.03 28.90
CA LEU I 139 -22.18 -6.09 29.78
C LEU I 139 -22.05 -7.51 30.34
N HIS I 140 -20.84 -8.02 30.29
CA HIS I 140 -20.42 -9.30 30.74
C HIS I 140 -19.66 -9.16 32.11
N THR I 141 -20.02 -10.08 32.99
CA THR I 141 -19.43 -10.19 34.31
C THR I 141 -19.42 -11.58 34.87
N ARG I 142 -18.80 -11.72 36.02
CA ARG I 142 -18.72 -13.00 36.72
C ARG I 142 -19.09 -12.82 38.19
N LEU I 143 -19.80 -13.81 38.70
CA LEU I 143 -20.18 -13.78 40.15
C LEU I 143 -19.33 -14.83 40.85
N TYR I 144 -18.59 -14.39 41.85
CA TYR I 144 -17.74 -15.27 42.66
C TYR I 144 -18.33 -15.27 44.10
N PHE I 145 -17.94 -16.28 44.87
CA PHE I 145 -18.47 -16.46 46.25
C PHE I 145 -17.43 -16.19 47.33
N ASP I 146 -17.79 -15.33 48.29
CA ASP I 146 -16.92 -14.93 49.38
C ASP I 146 -16.40 -16.08 50.22
N ASP I 147 -17.13 -17.17 50.28
CA ASP I 147 -16.73 -18.36 51.04
C ASP I 147 -15.84 -19.33 50.28
N GLU I 148 -15.12 -18.84 49.28
CA GLU I 148 -14.22 -19.71 48.48
C GLU I 148 -12.89 -18.99 48.25
N ALA I 149 -12.51 -18.19 49.23
CA ALA I 149 -11.30 -17.41 49.20
C ALA I 149 -10.11 -18.20 48.70
N GLN I 150 -9.93 -19.41 49.15
CA GLN I 150 -8.76 -20.21 48.72
C GLN I 150 -8.73 -20.32 47.20
N ALA I 151 -9.88 -20.72 46.66
CA ALA I 151 -9.99 -20.88 45.18
C ALA I 151 -9.89 -19.51 44.48
N ASN I 152 -10.54 -18.52 45.08
CA ASN I 152 -10.57 -17.19 44.48
C ASN I 152 -9.14 -16.67 44.25
N ALA I 153 -8.29 -16.91 45.24
CA ALA I 153 -6.90 -16.42 45.18
C ALA I 153 -6.14 -17.01 44.01
N LYS I 154 -6.47 -18.23 43.66
CA LYS I 154 -5.83 -18.94 42.56
C LYS I 154 -6.51 -18.80 41.20
N CYS I 155 -7.70 -18.26 41.08
CA CYS I 155 -8.37 -18.17 39.76
C CYS I 155 -7.57 -17.42 38.73
N PRO I 156 -7.35 -18.04 37.59
CA PRO I 156 -6.59 -17.42 36.49
C PRO I 156 -7.37 -16.31 35.87
N VAL I 157 -8.67 -16.22 36.04
CA VAL I 157 -9.46 -15.12 35.45
C VAL I 157 -9.39 -13.93 36.39
N LEU I 158 -9.72 -14.18 37.64
CA LEU I 158 -9.70 -13.15 38.70
C LEU I 158 -8.30 -12.52 38.75
N ASN I 159 -7.28 -13.37 38.60
CA ASN I 159 -5.91 -12.91 38.64
C ASN I 159 -5.53 -12.03 37.47
N LEU I 160 -6.34 -11.97 36.43
CA LEU I 160 -6.09 -11.14 35.25
C LEU I 160 -6.45 -9.68 35.54
N ILE I 161 -7.19 -9.46 36.61
CA ILE I 161 -7.55 -8.06 36.98
C ILE I 161 -6.32 -7.44 37.70
N GLU I 162 -5.76 -6.44 37.03
CA GLU I 162 -4.59 -5.74 37.52
C GLU I 162 -4.65 -5.32 38.99
N GLN I 163 -5.57 -4.45 39.34
CA GLN I 163 -5.71 -3.96 40.71
C GLN I 163 -6.59 -4.86 41.56
N PRO I 164 -6.00 -5.36 42.62
CA PRO I 164 -6.70 -6.21 43.59
C PRO I 164 -8.03 -5.68 44.09
N GLN I 165 -8.15 -4.39 44.28
CA GLN I 165 -9.38 -3.75 44.79
C GLN I 165 -10.57 -4.06 43.88
N ARG I 166 -10.27 -4.06 42.57
CA ARG I 166 -11.29 -4.34 41.56
C ARG I 166 -11.77 -5.79 41.62
N ARG I 167 -10.93 -6.69 42.06
CA ARG I 167 -11.28 -8.12 42.16
C ARG I 167 -12.45 -8.37 43.11
N GLU I 168 -12.47 -7.54 44.16
CA GLU I 168 -13.47 -7.56 45.19
C GLU I 168 -14.89 -7.24 44.69
N THR I 169 -14.98 -6.53 43.58
CA THR I 169 -16.28 -6.14 43.01
C THR I 169 -16.99 -7.38 42.48
N LEU I 170 -16.25 -8.44 42.23
CA LEU I 170 -16.83 -9.66 41.71
C LEU I 170 -17.24 -10.71 42.74
N ILE I 171 -17.05 -10.41 44.00
CA ILE I 171 -17.34 -11.42 45.07
C ILE I 171 -18.67 -11.23 45.73
N ALA I 172 -19.51 -12.26 45.62
CA ALA I 172 -20.86 -12.16 46.26
C ALA I 172 -20.73 -12.41 47.77
N LYS I 173 -21.49 -11.67 48.55
CA LYS I 173 -21.47 -11.78 50.01
C LYS I 173 -22.60 -12.71 50.49
N ARG I 174 -22.15 -13.76 51.14
CA ARG I 174 -23.05 -14.78 51.70
C ARG I 174 -23.91 -14.21 52.84
N CYS I 175 -25.17 -14.56 52.77
CA CYS I 175 -26.15 -14.17 53.80
C CYS I 175 -27.13 -15.34 53.91
N GLU I 176 -28.27 -15.04 54.51
CA GLU I 176 -29.28 -16.13 54.69
C GLU I 176 -30.65 -15.48 54.55
N VAL I 177 -31.44 -16.08 53.69
CA VAL I 177 -32.81 -15.51 53.49
C VAL I 177 -33.77 -16.59 53.99
N ASP I 178 -34.59 -16.21 54.95
CA ASP I 178 -35.54 -17.23 55.49
C ASP I 178 -34.73 -18.49 55.82
N GLY I 179 -33.64 -18.34 56.53
CA GLY I 179 -32.78 -19.47 56.91
C GLY I 179 -32.23 -20.27 55.75
N LYS I 180 -32.33 -19.74 54.54
CA LYS I 180 -31.79 -20.41 53.33
C LYS I 180 -30.47 -19.62 53.00
N THR I 181 -29.52 -20.37 52.49
CA THR I 181 -28.22 -19.84 52.12
C THR I 181 -28.42 -18.93 50.87
N ALA I 182 -28.00 -17.70 51.06
CA ALA I 182 -28.09 -16.71 49.98
C ALA I 182 -26.74 -16.02 49.81
N TYR I 183 -26.61 -15.33 48.70
CA TYR I 183 -25.42 -14.55 48.34
C TYR I 183 -25.97 -13.30 47.61
N ARG I 184 -25.49 -12.17 48.00
CA ARG I 184 -25.92 -10.89 47.41
C ARG I 184 -24.79 -10.40 46.49
N PHE I 185 -25.20 -10.03 45.30
CA PHE I 185 -24.24 -9.51 44.30
C PHE I 185 -24.85 -8.29 43.62
N ASP I 186 -24.33 -7.15 44.01
CA ASP I 186 -24.80 -5.86 43.46
C ASP I 186 -23.85 -5.42 42.34
N ILE I 187 -24.43 -4.81 41.32
CA ILE I 187 -23.63 -4.35 40.17
C ILE I 187 -23.63 -2.83 40.10
N ARG I 188 -22.44 -2.29 40.01
CA ARG I 188 -22.29 -0.83 39.86
C ARG I 188 -21.75 -0.65 38.43
N ILE I 189 -22.67 -0.14 37.61
CA ILE I 189 -22.39 0.10 36.20
C ILE I 189 -21.27 1.11 36.03
N GLN I 190 -21.39 2.16 36.83
CA GLN I 190 -20.42 3.27 36.71
C GLN I 190 -20.10 3.96 38.03
N GLY I 191 -18.86 4.45 38.13
CA GLY I 191 -18.43 5.22 39.29
C GLY I 191 -17.76 4.45 40.39
N GLU I 192 -17.97 4.93 41.60
CA GLU I 192 -17.40 4.38 42.84
C GLU I 192 -17.68 2.91 42.97
N GLY I 193 -16.64 2.10 42.94
CA GLY I 193 -16.78 0.64 43.09
C GLY I 193 -17.41 -0.01 41.88
N GLU I 194 -17.16 0.57 40.72
CA GLU I 194 -17.70 0.10 39.44
C GLU I 194 -17.29 -1.37 39.26
N THR I 195 -18.25 -2.19 38.89
CA THR I 195 -18.03 -3.60 38.68
C THR I 195 -17.17 -3.88 37.40
N VAL I 196 -16.25 -4.84 37.56
CA VAL I 196 -15.42 -5.28 36.48
C VAL I 196 -16.37 -5.97 35.42
N PHE I 197 -16.14 -5.54 34.18
CA PHE I 197 -16.85 -6.04 33.00
C PHE I 197 -15.75 -6.58 32.07
N PHE I 198 -16.05 -7.72 31.51
CA PHE I 198 -15.13 -8.45 30.67
C PHE I 198 -15.40 -8.34 29.17
N ASP I 199 -14.36 -8.64 28.43
CA ASP I 199 -14.40 -8.70 26.96
C ASP I 199 -13.76 -10.04 26.58
N PHE I 200 -14.50 -10.80 25.79
CA PHE I 200 -14.01 -12.13 25.32
C PHE I 200 -14.65 -12.44 23.95
N PRO J 1 -22.83 -33.23 28.71
CA PRO J 1 -22.49 -31.80 28.96
C PRO J 1 -21.73 -31.24 27.77
N ALA J 2 -21.65 -29.90 27.72
CA ALA J 2 -20.93 -29.21 26.62
C ALA J 2 -19.41 -29.34 26.81
N GLN J 3 -18.70 -29.14 25.71
CA GLN J 3 -17.23 -29.20 25.66
C GLN J 3 -16.64 -27.96 24.95
N ASP J 4 -15.48 -27.57 25.44
CA ASP J 4 -14.76 -26.40 24.84
C ASP J 4 -14.01 -26.93 23.61
N ASN J 5 -14.62 -26.76 22.47
CA ASN J 5 -13.99 -27.22 21.22
C ASN J 5 -13.80 -26.07 20.23
N SER J 6 -14.53 -24.99 20.43
CA SER J 6 -14.46 -23.85 19.50
C SER J 6 -13.88 -22.60 20.15
N ARG J 7 -13.55 -21.71 19.27
CA ARG J 7 -13.02 -20.38 19.56
C ARG J 7 -13.92 -19.45 18.70
N PHE J 8 -14.19 -18.29 19.19
CA PHE J 8 -15.02 -17.31 18.49
C PHE J 8 -14.22 -16.11 18.09
N VAL J 9 -14.41 -15.67 16.86
CA VAL J 9 -13.69 -14.45 16.34
C VAL J 9 -13.95 -13.30 17.32
N ILE J 10 -12.91 -12.57 17.66
CA ILE J 10 -13.01 -11.44 18.61
C ILE J 10 -13.99 -10.42 18.12
N ARG J 11 -14.84 -9.84 18.96
CA ARG J 11 -15.76 -8.80 18.50
C ARG J 11 -14.99 -7.53 18.14
N ASP J 12 -15.54 -6.78 17.20
CA ASP J 12 -15.01 -5.49 16.77
C ASP J 12 -15.83 -4.43 17.52
N ARG J 13 -15.25 -3.86 18.55
CA ARG J 13 -15.98 -2.86 19.35
C ARG J 13 -15.98 -1.49 18.74
N ASN J 14 -15.47 -1.45 17.51
CA ASN J 14 -15.53 -0.13 16.79
C ASN J 14 -16.71 -0.22 15.81
N TRP J 15 -17.14 -1.43 15.53
CA TRP J 15 -18.24 -1.74 14.61
C TRP J 15 -19.58 -1.62 15.34
N HIS J 16 -19.62 -2.28 16.51
CA HIS J 16 -20.81 -2.18 17.40
C HIS J 16 -20.77 -0.75 17.99
N PRO J 17 -21.91 -0.28 18.45
CA PRO J 17 -22.02 1.03 19.11
C PRO J 17 -21.19 1.01 20.40
N LYS J 18 -20.66 2.14 20.81
CA LYS J 18 -19.88 2.27 22.07
C LYS J 18 -20.88 2.44 23.23
N ALA J 19 -20.34 2.29 24.45
CA ALA J 19 -21.17 2.44 25.65
C ALA J 19 -21.67 3.89 25.82
N LEU J 20 -20.70 4.83 25.75
CA LEU J 20 -21.06 6.24 25.93
C LEU J 20 -21.32 6.93 24.58
N THR J 21 -22.55 7.28 24.34
CA THR J 21 -23.04 7.95 23.14
C THR J 21 -24.09 8.97 23.67
N PRO J 22 -23.54 10.13 24.06
CA PRO J 22 -24.33 11.16 24.71
C PRO J 22 -25.63 11.58 24.11
N ASP J 23 -25.85 11.44 22.81
CA ASP J 23 -27.15 11.89 22.24
C ASP J 23 -28.28 11.01 22.76
N TYR J 24 -27.86 9.78 23.05
CA TYR J 24 -28.80 8.80 23.64
C TYR J 24 -28.56 9.02 25.16
N LYS J 25 -29.26 9.99 25.69
CA LYS J 25 -29.16 10.41 27.07
C LYS J 25 -29.00 9.36 28.12
N THR J 26 -29.80 8.32 28.13
CA THR J 26 -29.76 7.26 29.13
C THR J 26 -28.41 6.59 29.23
N SER J 27 -27.67 6.62 28.12
CA SER J 27 -26.35 5.95 28.08
C SER J 27 -25.30 6.63 28.94
N ILE J 28 -25.50 7.92 29.24
CA ILE J 28 -24.52 8.68 30.03
C ILE J 28 -24.25 8.03 31.38
N ALA J 29 -25.34 7.77 32.14
CA ALA J 29 -25.28 7.18 33.46
C ALA J 29 -25.20 5.68 33.49
N ARG J 30 -25.42 5.04 32.33
CA ARG J 30 -25.39 3.59 32.24
C ARG J 30 -24.24 3.05 31.45
N SER J 31 -23.12 3.79 31.47
CA SER J 31 -21.91 3.30 30.71
C SER J 31 -20.75 3.27 31.67
N PRO J 32 -20.01 2.18 31.64
CA PRO J 32 -18.82 2.00 32.51
C PRO J 32 -17.79 3.09 32.24
N ARG J 33 -17.00 3.44 33.20
CA ARG J 33 -15.95 4.47 32.98
C ARG J 33 -14.59 3.80 32.94
N GLN J 34 -14.56 2.58 33.48
CA GLN J 34 -13.28 1.81 33.46
C GLN J 34 -13.29 1.01 32.17
N ALA J 35 -12.15 0.58 31.71
CA ALA J 35 -12.03 -0.24 30.49
C ALA J 35 -12.50 -1.67 30.77
N LEU J 36 -13.00 -2.34 29.72
CA LEU J 36 -13.41 -3.78 29.90
C LEU J 36 -12.08 -4.56 30.06
N VAL J 37 -12.14 -5.62 30.81
CA VAL J 37 -10.98 -6.50 31.01
C VAL J 37 -11.12 -7.67 30.01
N SER J 38 -10.10 -7.88 29.20
CA SER J 38 -10.11 -8.96 28.22
C SER J 38 -9.65 -10.24 28.90
N ILE J 39 -10.35 -11.33 28.57
CA ILE J 39 -9.97 -12.64 29.17
C ILE J 39 -10.03 -13.67 28.03
N PRO J 40 -9.13 -14.63 28.10
CA PRO J 40 -9.07 -15.69 27.08
C PRO J 40 -10.37 -16.51 27.18
N GLN J 41 -10.78 -17.03 26.05
CA GLN J 41 -11.99 -17.89 25.97
C GLN J 41 -11.76 -19.21 26.71
N SER J 42 -12.76 -19.63 27.45
CA SER J 42 -12.76 -20.90 28.19
C SER J 42 -14.13 -21.55 27.92
N ILE J 43 -14.25 -22.78 28.43
CA ILE J 43 -15.49 -23.56 28.26
C ILE J 43 -16.65 -22.72 28.81
N SER J 44 -16.33 -21.83 29.73
CA SER J 44 -17.35 -20.94 30.34
C SER J 44 -17.98 -20.00 29.29
N GLU J 45 -17.15 -19.48 28.43
CA GLU J 45 -17.51 -18.57 27.36
C GLU J 45 -17.83 -19.20 26.03
N THR J 46 -17.25 -20.35 25.69
CA THR J 46 -17.48 -20.97 24.39
C THR J 46 -18.64 -21.93 24.34
N THR J 47 -19.49 -21.97 25.35
CA THR J 47 -20.65 -22.87 25.35
C THR J 47 -21.87 -22.01 25.65
N GLY J 48 -23.02 -22.60 25.59
CA GLY J 48 -24.29 -21.93 25.88
C GLY J 48 -25.39 -22.98 25.68
N PRO J 49 -26.61 -22.54 26.00
CA PRO J 49 -27.79 -23.36 25.91
C PRO J 49 -28.22 -23.70 24.49
N ASN J 50 -28.80 -24.89 24.43
CA ASN J 50 -29.39 -25.45 23.20
C ASN J 50 -30.89 -25.51 23.49
N PHE J 51 -31.69 -24.90 22.64
CA PHE J 51 -33.13 -24.83 22.84
C PHE J 51 -33.95 -25.83 22.04
N SER J 52 -33.30 -26.82 21.46
CA SER J 52 -33.88 -27.87 20.67
C SER J 52 -35.07 -28.59 21.32
N HIS J 53 -34.96 -28.87 22.59
CA HIS J 53 -36.04 -29.55 23.31
C HIS J 53 -37.05 -28.63 23.97
N LEU J 54 -37.01 -27.35 23.71
CA LEU J 54 -37.97 -26.39 24.29
C LEU J 54 -39.31 -26.72 23.63
N GLY J 55 -40.36 -26.60 24.42
CA GLY J 55 -41.71 -26.91 23.91
C GLY J 55 -42.36 -25.70 23.31
N PHE J 56 -42.12 -25.46 22.05
CA PHE J 56 -42.69 -24.28 21.34
C PHE J 56 -44.17 -24.48 21.01
N GLY J 57 -44.94 -23.42 21.17
CA GLY J 57 -46.39 -23.44 20.81
C GLY J 57 -46.43 -23.39 19.27
N ALA J 58 -47.56 -23.78 18.71
CA ALA J 58 -47.79 -23.82 17.29
C ALA J 58 -47.84 -22.44 16.65
N HIS J 59 -48.17 -21.43 17.40
CA HIS J 59 -48.20 -20.05 16.87
C HIS J 59 -47.22 -19.16 17.67
N ASP J 60 -46.12 -19.81 18.07
CA ASP J 60 -45.13 -19.01 18.88
C ASP J 60 -44.55 -17.88 18.04
N HIS J 61 -44.46 -18.13 16.76
CA HIS J 61 -43.94 -17.20 15.78
C HIS J 61 -44.97 -16.51 14.93
N ASP J 62 -46.25 -16.60 15.25
CA ASP J 62 -47.31 -15.96 14.45
C ASP J 62 -48.07 -14.95 15.30
N LEU J 63 -47.63 -13.70 15.22
CA LEU J 63 -48.20 -12.61 16.03
C LEU J 63 -49.61 -12.24 15.62
N LEU J 64 -50.03 -12.85 14.51
CA LEU J 64 -51.37 -12.61 13.95
C LEU J 64 -52.39 -13.46 14.70
N LEU J 65 -51.90 -14.53 15.32
CA LEU J 65 -52.81 -15.44 16.03
C LEU J 65 -52.42 -15.83 17.44
N ASN J 66 -51.29 -15.39 17.92
CA ASN J 66 -50.76 -15.81 19.22
C ASN J 66 -51.18 -15.01 20.40
N PHE J 67 -52.01 -13.99 20.28
CA PHE J 67 -52.43 -13.19 21.43
C PHE J 67 -53.75 -13.78 21.94
N GLY J 71 -60.17 -12.07 16.93
CA GLY J 71 -60.03 -11.03 15.90
C GLY J 71 -58.59 -10.99 15.35
N LEU J 72 -58.46 -10.24 14.27
CA LEU J 72 -57.10 -10.12 13.61
C LEU J 72 -56.66 -8.70 14.03
N PRO J 73 -55.37 -8.55 14.21
CA PRO J 73 -54.83 -7.23 14.58
C PRO J 73 -55.02 -6.32 13.36
N ILE J 74 -55.07 -5.03 13.65
CA ILE J 74 -55.18 -4.02 12.57
C ILE J 74 -53.76 -3.54 12.21
N GLY J 75 -53.45 -3.49 10.94
CA GLY J 75 -52.09 -3.01 10.55
C GLY J 75 -51.62 -3.80 9.34
N GLU J 76 -50.45 -3.43 8.85
CA GLU J 76 -49.86 -4.07 7.66
C GLU J 76 -49.37 -5.47 7.94
N ARG J 77 -49.97 -6.42 7.26
CA ARG J 77 -49.61 -7.84 7.41
C ARG J 77 -48.29 -8.05 6.68
N ILE J 78 -47.32 -8.53 7.41
CA ILE J 78 -45.98 -8.80 6.82
C ILE J 78 -45.40 -10.07 7.42
N ILE J 79 -44.49 -10.61 6.64
CA ILE J 79 -43.70 -11.77 7.03
C ILE J 79 -42.24 -11.19 7.17
N VAL J 80 -41.63 -11.54 8.27
CA VAL J 80 -40.24 -11.18 8.59
C VAL J 80 -39.46 -12.51 8.58
N ALA J 81 -38.57 -12.67 7.61
CA ALA J 81 -37.79 -13.92 7.52
C ALA J 81 -36.37 -13.66 7.14
N GLY J 82 -35.51 -14.63 7.36
CA GLY J 82 -34.09 -14.46 6.98
C GLY J 82 -33.34 -15.69 7.52
N ARG J 83 -32.05 -15.58 7.47
CA ARG J 83 -31.17 -16.69 7.90
C ARG J 83 -30.13 -16.15 8.91
N VAL J 84 -29.67 -17.06 9.75
CA VAL J 84 -28.62 -16.77 10.75
C VAL J 84 -27.38 -17.56 10.33
N VAL J 85 -26.31 -16.82 10.12
CA VAL J 85 -25.00 -17.34 9.71
C VAL J 85 -23.92 -16.69 10.62
N ASP J 86 -22.76 -17.30 10.60
CA ASP J 86 -21.63 -16.78 11.37
C ASP J 86 -20.79 -15.99 10.37
N GLN J 87 -19.74 -15.37 10.85
CA GLN J 87 -18.86 -14.55 9.99
C GLN J 87 -18.25 -15.37 8.87
N TYR J 88 -18.20 -16.67 9.03
CA TYR J 88 -17.64 -17.57 8.01
C TYR J 88 -18.65 -17.90 6.93
N GLY J 89 -19.89 -17.45 7.14
CA GLY J 89 -21.01 -17.68 6.23
C GLY J 89 -21.66 -19.05 6.45
N LYS J 90 -21.37 -19.65 7.58
CA LYS J 90 -21.89 -20.98 7.96
C LYS J 90 -23.22 -20.80 8.67
N PRO J 91 -24.20 -21.63 8.27
CA PRO J 91 -25.55 -21.55 8.82
C PRO J 91 -25.53 -21.94 10.30
N VAL J 92 -26.38 -21.29 11.08
CA VAL J 92 -26.50 -21.59 12.53
C VAL J 92 -27.90 -22.20 12.73
N PRO J 93 -27.94 -23.53 12.76
CA PRO J 93 -29.19 -24.28 12.91
C PRO J 93 -29.63 -24.47 14.34
N ASN J 94 -30.93 -24.66 14.50
CA ASN J 94 -31.55 -24.90 15.81
C ASN J 94 -31.14 -23.87 16.86
N THR J 95 -31.18 -22.63 16.44
CA THR J 95 -30.84 -21.49 17.34
C THR J 95 -32.09 -20.73 17.66
N LEU J 96 -32.09 -20.13 18.85
CA LEU J 96 -33.31 -19.42 19.29
C LEU J 96 -33.36 -17.96 18.87
N VAL J 97 -34.43 -17.60 18.20
CA VAL J 97 -34.66 -16.20 17.80
C VAL J 97 -35.94 -15.74 18.50
N GLU J 98 -35.81 -14.61 19.18
CA GLU J 98 -36.98 -14.03 19.92
C GLU J 98 -37.17 -12.60 19.46
N MET J 99 -38.39 -12.15 19.36
CA MET J 99 -38.69 -10.75 18.89
C MET J 99 -39.84 -10.17 19.67
N TRP J 100 -39.91 -8.87 19.78
CA TRP J 100 -40.94 -8.11 20.50
C TRP J 100 -41.05 -6.77 19.76
N GLN J 101 -42.25 -6.19 19.73
CA GLN J 101 -42.46 -4.93 18.99
C GLN J 101 -43.73 -4.22 19.45
N ALA J 102 -43.92 -3.02 18.96
CA ALA J 102 -45.13 -2.22 19.26
C ALA J 102 -46.21 -2.62 18.23
N ASN J 103 -47.41 -2.11 18.42
CA ASN J 103 -48.52 -2.36 17.48
C ASN J 103 -48.38 -1.35 16.31
N ALA J 104 -49.40 -1.36 15.46
CA ALA J 104 -49.39 -0.49 14.26
C ALA J 104 -49.33 0.98 14.59
N GLY J 105 -49.74 1.32 15.82
CA GLY J 105 -49.78 2.69 16.32
C GLY J 105 -48.56 3.15 17.09
N GLY J 106 -47.70 2.18 17.38
CA GLY J 106 -46.46 2.45 18.11
C GLY J 106 -46.66 2.31 19.62
N ARG J 107 -47.61 1.52 20.03
CA ARG J 107 -47.93 1.27 21.44
C ARG J 107 -47.48 -0.14 21.86
N TYR J 108 -46.80 -0.18 22.99
CA TYR J 108 -46.33 -1.50 23.49
C TYR J 108 -47.34 -2.05 24.49
N ARG J 109 -47.45 -3.37 24.50
CA ARG J 109 -48.40 -3.98 25.52
C ARG J 109 -47.54 -4.17 26.81
N HIS J 110 -47.29 -3.03 27.45
CA HIS J 110 -46.49 -2.92 28.68
C HIS J 110 -47.00 -1.78 29.54
N LYS J 111 -47.08 -2.03 30.84
CA LYS J 111 -47.56 -1.15 31.87
C LYS J 111 -47.06 0.30 31.66
N ASN J 112 -45.76 0.34 31.59
CA ASN J 112 -44.99 1.57 31.45
C ASN J 112 -45.26 2.32 30.16
N ASP J 113 -46.00 1.74 29.23
CA ASP J 113 -46.23 2.46 27.96
C ASP J 113 -47.49 3.27 28.10
N ARG J 114 -47.29 4.57 28.26
CA ARG J 114 -48.42 5.50 28.42
C ARG J 114 -48.64 6.35 27.19
N TYR J 115 -48.15 5.92 26.04
CA TYR J 115 -48.34 6.72 24.79
C TYR J 115 -49.83 6.64 24.44
N LEU J 116 -50.38 7.73 23.97
CA LEU J 116 -51.77 7.88 23.63
C LEU J 116 -52.30 7.06 22.50
N ALA J 117 -51.49 6.36 21.73
CA ALA J 117 -52.01 5.49 20.64
C ALA J 117 -52.56 4.25 21.39
N PRO J 118 -53.79 3.87 21.06
CA PRO J 118 -54.44 2.76 21.71
C PRO J 118 -53.73 1.42 21.47
N LEU J 119 -54.06 0.51 22.37
CA LEU J 119 -53.65 -0.89 22.29
C LEU J 119 -54.61 -1.54 21.29
N ASP J 120 -54.17 -2.63 20.73
CA ASP J 120 -54.98 -3.42 19.77
C ASP J 120 -55.39 -4.70 20.51
N PRO J 121 -56.70 -4.85 20.69
CA PRO J 121 -57.25 -6.03 21.38
C PRO J 121 -56.77 -7.35 20.86
N ASN J 122 -56.41 -7.43 19.57
CA ASN J 122 -55.93 -8.73 19.05
C ASN J 122 -54.42 -8.76 18.85
N PHE J 123 -53.69 -7.94 19.57
CA PHE J 123 -52.22 -7.90 19.37
C PHE J 123 -51.42 -7.92 20.63
N GLY J 124 -50.55 -8.96 20.66
CA GLY J 124 -49.64 -9.16 21.81
C GLY J 124 -48.28 -8.46 21.61
N GLY J 125 -47.54 -8.86 20.58
CA GLY J 125 -46.27 -8.37 20.21
C GLY J 125 -45.06 -9.22 20.54
N VAL J 126 -45.21 -10.48 20.88
CA VAL J 126 -44.08 -11.37 21.22
C VAL J 126 -44.04 -12.60 20.29
N GLY J 127 -42.84 -13.00 19.89
CA GLY J 127 -42.75 -14.20 19.02
C GLY J 127 -41.37 -14.83 19.29
N ARG J 128 -41.20 -16.07 18.94
CA ARG J 128 -40.01 -16.86 19.07
C ARG J 128 -40.14 -17.97 17.97
N LEU J 130 -37.30 -21.24 16.43
CA LEU J 130 -36.00 -21.93 16.46
C LEU J 130 -35.56 -22.04 14.99
N THR J 131 -34.34 -21.69 14.63
CA THR J 131 -33.97 -21.76 13.20
C THR J 131 -33.96 -23.24 12.77
N ASP J 132 -34.12 -23.45 11.49
CA ASP J 132 -34.11 -24.78 10.88
C ASP J 132 -32.66 -25.23 10.63
N SER J 133 -32.61 -26.39 9.98
CA SER J 133 -31.30 -27.02 9.65
C SER J 133 -30.49 -26.12 8.75
N ASP J 134 -31.13 -25.16 8.09
CA ASP J 134 -30.36 -24.24 7.23
C ASP J 134 -30.14 -22.86 7.81
N GLY J 135 -30.48 -22.63 9.05
CA GLY J 135 -30.34 -21.30 9.66
C GLY J 135 -31.48 -20.36 9.37
N TYR J 136 -32.59 -20.80 8.80
CA TYR J 136 -33.75 -19.98 8.52
C TYR J 136 -34.74 -19.86 9.66
N TYR J 137 -35.35 -18.72 9.78
CA TYR J 137 -36.37 -18.39 10.76
C TYR J 137 -37.46 -17.60 10.00
N SER J 138 -38.63 -17.55 10.64
CA SER J 138 -39.69 -16.74 10.00
C SER J 138 -40.76 -16.39 11.04
N PHE J 139 -41.30 -15.22 10.84
CA PHE J 139 -42.33 -14.63 11.66
C PHE J 139 -43.42 -13.99 10.78
N ARG J 140 -44.57 -13.95 11.40
CA ARG J 140 -45.73 -13.30 10.69
C ARG J 140 -46.28 -12.30 11.69
N THR J 141 -46.29 -11.05 11.30
CA THR J 141 -46.77 -9.99 12.22
C THR J 141 -47.34 -8.83 11.44
N ILE J 142 -47.51 -7.72 12.13
CA ILE J 142 -47.93 -6.47 11.48
C ILE J 142 -46.71 -5.53 11.69
N LYS J 143 -46.56 -4.59 10.79
CA LYS J 143 -45.48 -3.62 10.80
C LYS J 143 -45.71 -2.62 11.95
N PRO J 144 -44.72 -2.49 12.83
CA PRO J 144 -44.83 -1.58 13.96
C PRO J 144 -44.81 -0.11 13.55
N GLY J 145 -45.44 0.73 14.34
CA GLY J 145 -45.46 2.19 14.11
C GLY J 145 -44.30 2.82 14.91
N PRO J 146 -43.86 3.96 14.43
CA PRO J 146 -42.78 4.71 15.09
C PRO J 146 -43.41 5.22 16.43
N TYR J 147 -42.62 5.74 17.30
CA TYR J 147 -43.15 6.29 18.56
C TYR J 147 -42.20 7.32 19.13
N PRO J 148 -42.77 8.30 19.80
CA PRO J 148 -41.99 9.40 20.43
C PRO J 148 -41.45 8.85 21.75
N TRP J 149 -40.37 9.45 22.22
CA TRP J 149 -39.79 8.94 23.51
C TRP J 149 -39.11 10.16 24.10
N ARG J 150 -39.03 10.21 25.40
CA ARG J 150 -38.45 11.43 26.03
C ARG J 150 -36.95 11.44 26.01
N ASN J 151 -36.35 11.90 24.92
CA ASN J 151 -34.88 12.00 24.73
C ASN J 151 -34.70 13.54 24.54
N GLY J 152 -34.65 13.89 23.27
CA GLY J 152 -34.61 15.36 22.97
C GLY J 152 -36.13 15.73 23.05
N PRO J 153 -36.41 17.00 22.86
CA PRO J 153 -37.81 17.49 22.89
C PRO J 153 -38.67 16.96 21.76
N ASN J 154 -38.16 16.35 20.70
CA ASN J 154 -39.02 15.82 19.60
C ASN J 154 -38.37 14.62 18.95
N ASP J 155 -38.01 13.62 19.70
CA ASP J 155 -37.36 12.41 19.25
C ASP J 155 -38.39 11.30 18.94
N TRP J 156 -38.15 10.60 17.82
CA TRP J 156 -39.08 9.53 17.44
C TRP J 156 -38.32 8.27 17.05
N ARG J 157 -38.64 7.17 17.63
CA ARG J 157 -37.89 5.93 17.16
C ARG J 157 -38.53 5.59 15.80
N PRO J 158 -37.70 5.14 14.88
CA PRO J 158 -38.22 4.67 13.56
C PRO J 158 -38.95 3.32 13.89
N ALA J 159 -39.85 2.94 13.00
CA ALA J 159 -40.54 1.63 13.22
C ALA J 159 -39.40 0.59 13.37
N HIS J 160 -39.57 -0.29 14.40
CA HIS J 160 -38.50 -1.33 14.56
C HIS J 160 -39.00 -2.56 15.28
N ILE J 161 -38.34 -3.68 15.08
CA ILE J 161 -38.70 -4.92 15.81
C ILE J 161 -37.47 -5.27 16.67
N HIS J 162 -37.69 -5.60 17.93
CA HIS J 162 -36.51 -5.93 18.80
C HIS J 162 -36.17 -7.40 18.59
N PHE J 163 -34.88 -7.71 18.46
CA PHE J 163 -34.48 -9.12 18.28
C PHE J 163 -33.42 -9.51 19.33
N GLY J 164 -33.41 -10.78 19.61
CA GLY J 164 -32.46 -11.43 20.51
C GLY J 164 -32.13 -12.79 19.83
N ILE J 165 -30.85 -13.06 19.61
CA ILE J 165 -30.45 -14.33 19.01
C ILE J 165 -29.45 -15.03 19.96
N SER J 166 -29.63 -16.31 20.18
CA SER J 166 -28.75 -17.07 21.10
C SER J 166 -27.43 -17.49 20.52
N GLY J 167 -27.45 -18.23 19.43
CA GLY J 167 -26.26 -18.75 18.77
C GLY J 167 -25.70 -19.93 19.58
N PRO J 168 -24.54 -20.41 19.13
CA PRO J 168 -23.88 -21.55 19.75
C PRO J 168 -23.29 -21.37 21.12
N SER J 169 -23.13 -20.12 21.59
CA SER J 169 -22.52 -19.90 22.90
C SER J 169 -22.97 -18.54 23.45
N ILE J 170 -22.60 -18.33 24.72
CA ILE J 170 -22.95 -17.03 25.36
C ILE J 170 -22.09 -15.94 24.73
N ALA J 171 -21.02 -16.39 24.08
CA ALA J 171 -20.09 -15.50 23.37
C ALA J 171 -20.77 -14.90 22.11
N THR J 172 -21.66 -15.68 21.52
CA THR J 172 -22.39 -15.30 20.34
C THR J 172 -23.67 -14.55 20.60
N LYS J 173 -24.31 -14.73 21.74
CA LYS J 173 -25.58 -14.07 22.06
C LYS J 173 -25.58 -12.59 21.77
N LEU J 174 -26.71 -12.15 21.20
CA LEU J 174 -26.89 -10.73 20.81
C LEU J 174 -28.32 -10.26 20.85
N ILE J 175 -28.49 -9.00 21.21
CA ILE J 175 -29.77 -8.33 21.16
C ILE J 175 -29.55 -7.14 20.16
N THR J 176 -30.57 -6.93 19.35
CA THR J 176 -30.48 -5.86 18.33
C THR J 176 -31.89 -5.38 17.98
N GLN J 177 -31.93 -4.55 16.94
CA GLN J 177 -33.20 -3.99 16.47
C GLN J 177 -33.16 -3.97 14.93
N LEU J 178 -34.25 -4.37 14.35
CA LEU J 178 -34.46 -4.36 12.89
C LEU J 178 -35.20 -3.07 12.54
N TYR J 179 -34.83 -2.42 11.47
CA TYR J 179 -35.41 -1.24 10.90
C TYR J 179 -35.92 -1.58 9.51
N PHE J 180 -36.77 -0.75 8.93
CA PHE J 180 -37.40 -1.00 7.63
C PHE J 180 -36.89 -0.11 6.52
N GLU J 181 -36.53 -0.77 5.43
CA GLU J 181 -36.01 -0.07 4.23
C GLU J 181 -36.83 1.17 3.91
N GLY J 182 -36.15 2.29 3.74
CA GLY J 182 -36.71 3.57 3.37
C GLY J 182 -37.15 4.53 4.45
N ASP J 183 -37.33 4.05 5.66
CA ASP J 183 -37.78 4.88 6.79
C ASP J 183 -36.96 6.15 6.96
N PRO J 184 -37.64 7.27 6.72
CA PRO J 184 -37.05 8.61 6.83
C PRO J 184 -36.55 8.91 8.23
N LEU J 185 -37.07 8.26 9.25
CA LEU J 185 -36.65 8.47 10.64
C LEU J 185 -35.32 7.82 10.98
N ILE J 186 -34.83 6.81 10.29
CA ILE J 186 -33.59 6.13 10.60
C ILE J 186 -32.39 7.01 10.88
N PRO J 187 -32.06 7.86 9.90
CA PRO J 187 -30.90 8.76 10.02
C PRO J 187 -31.06 9.76 11.15
N MET J 188 -32.24 9.97 11.69
CA MET J 188 -32.40 10.97 12.77
C MET J 188 -32.36 10.40 14.17
N CYS J 189 -32.33 9.11 14.32
CA CYS J 189 -32.37 8.44 15.60
C CYS J 189 -31.05 8.34 16.33
N PRO J 190 -31.07 8.92 17.53
CA PRO J 190 -29.89 8.92 18.44
C PRO J 190 -29.53 7.51 18.78
N ILE J 191 -30.48 6.59 18.85
CA ILE J 191 -30.16 5.18 19.14
C ILE J 191 -29.41 4.50 17.98
N VAL J 192 -29.89 4.75 16.77
CA VAL J 192 -29.32 4.24 15.53
C VAL J 192 -27.88 4.83 15.39
N LYS J 193 -27.83 6.13 15.71
CA LYS J 193 -26.56 6.87 15.66
C LYS J 193 -25.53 6.48 16.68
N SER J 194 -25.95 5.58 17.62
CA SER J 194 -24.97 5.10 18.63
C SER J 194 -23.91 4.32 17.83
N ILE J 195 -24.27 3.93 16.61
CA ILE J 195 -23.39 3.17 15.71
C ILE J 195 -22.70 4.23 14.80
N ALA J 196 -21.41 4.33 15.01
CA ALA J 196 -20.60 5.30 14.28
C ALA J 196 -20.45 5.03 12.79
N ASN J 197 -20.37 3.80 12.37
CA ASN J 197 -20.19 3.49 10.92
C ASN J 197 -21.49 3.27 10.17
N PRO J 198 -21.73 4.06 9.14
CA PRO J 198 -22.91 4.01 8.29
C PRO J 198 -23.14 2.64 7.66
N GLU J 199 -22.02 1.97 7.40
CA GLU J 199 -22.02 0.63 6.82
C GLU J 199 -22.61 -0.36 7.81
N ALA J 200 -22.39 -0.16 9.12
CA ALA J 200 -22.93 -1.08 10.15
C ALA J 200 -24.44 -0.92 10.26
N VAL J 201 -24.88 0.30 10.10
CA VAL J 201 -26.28 0.67 10.15
C VAL J 201 -27.11 -0.08 9.11
N GLN J 202 -26.52 -0.19 7.94
CA GLN J 202 -27.13 -0.88 6.80
C GLN J 202 -27.49 -2.31 7.12
N GLN J 203 -26.72 -2.95 7.94
CA GLN J 203 -26.94 -4.34 8.38
C GLN J 203 -28.21 -4.51 9.20
N LEU J 204 -28.77 -3.43 9.69
CA LEU J 204 -29.95 -3.41 10.54
C LEU J 204 -31.23 -3.11 9.76
N ILE J 205 -31.06 -2.85 8.45
CA ILE J 205 -32.20 -2.55 7.62
C ILE J 205 -32.77 -3.77 6.89
N ALA J 206 -34.04 -4.03 7.25
CA ALA J 206 -34.72 -5.21 6.58
C ALA J 206 -35.09 -4.75 5.19
N LYS J 207 -34.93 -5.63 4.18
CA LYS J 207 -35.25 -5.25 2.79
C LYS J 207 -36.60 -5.84 2.37
N LEU J 208 -37.34 -4.99 1.65
CA LEU J 208 -38.65 -5.48 1.12
C LEU J 208 -38.31 -6.73 0.23
N ASP J 209 -39.03 -7.79 0.43
CA ASP J 209 -38.83 -9.05 -0.34
C ASP J 209 -40.12 -9.50 -0.98
N MET J 210 -40.38 -9.07 -2.20
CA MET J 210 -41.61 -9.35 -2.97
C MET J 210 -41.76 -10.82 -3.33
N ASN J 211 -40.66 -11.51 -3.54
CA ASN J 211 -40.59 -12.90 -3.91
C ASN J 211 -41.15 -13.77 -2.77
N ASN J 212 -41.01 -13.30 -1.56
CA ASN J 212 -41.47 -14.08 -0.41
C ASN J 212 -42.85 -13.69 0.10
N ALA J 213 -43.46 -12.71 -0.50
CA ALA J 213 -44.78 -12.20 -0.15
C ALA J 213 -45.87 -13.11 -0.67
N ASN J 214 -47.01 -13.03 0.00
CA ASN J 214 -48.18 -13.87 -0.40
C ASN J 214 -49.13 -12.89 -1.11
N PRO J 215 -49.26 -13.08 -2.40
CA PRO J 215 -50.11 -12.19 -3.23
C PRO J 215 -51.48 -12.01 -2.60
N MET J 216 -52.02 -10.83 -2.60
CA MET J 216 -53.35 -10.52 -2.07
C MET J 216 -53.47 -10.80 -0.57
N ASP J 217 -52.38 -11.07 0.10
CA ASP J 217 -52.38 -11.40 1.53
C ASP J 217 -51.49 -10.51 2.36
N CYS J 218 -50.19 -10.74 2.20
CA CYS J 218 -49.16 -9.99 2.96
C CYS J 218 -47.84 -9.83 2.28
N LEU J 219 -47.14 -8.79 2.72
CA LEU J 219 -45.78 -8.44 2.23
C LEU J 219 -44.75 -9.22 3.04
N ALA J 220 -43.49 -9.06 2.67
CA ALA J 220 -42.36 -9.76 3.30
C ALA J 220 -41.10 -8.88 3.27
N TYR J 221 -40.35 -9.07 4.32
CA TYR J 221 -39.08 -8.41 4.63
C TYR J 221 -38.03 -9.47 4.89
N ARG J 222 -36.87 -9.20 4.39
CA ARG J 222 -35.70 -10.13 4.54
C ARG J 222 -34.75 -9.52 5.57
N PHE J 223 -34.43 -10.32 6.57
CA PHE J 223 -33.49 -9.83 7.62
C PHE J 223 -32.55 -10.96 7.98
N ASP J 224 -31.31 -10.88 7.49
CA ASP J 224 -30.31 -11.94 7.80
C ASP J 224 -29.47 -11.41 8.98
N ILE J 225 -29.04 -12.37 9.80
CA ILE J 225 -28.24 -11.99 11.00
C ILE J 225 -26.93 -12.77 10.94
N VAL J 226 -25.88 -12.07 11.25
CA VAL J 226 -24.52 -12.65 11.25
C VAL J 226 -24.00 -12.65 12.70
N LEU J 227 -23.60 -13.85 13.12
CA LEU J 227 -23.06 -13.98 14.52
C LEU J 227 -21.54 -14.23 14.40
N ARG J 228 -20.85 -14.03 15.51
CA ARG J 228 -19.40 -14.25 15.53
C ARG J 228 -19.02 -15.57 14.85
N GLY J 229 -17.97 -15.49 14.08
CA GLY J 229 -17.42 -16.65 13.35
C GLY J 229 -16.88 -17.63 14.41
N GLN J 230 -17.19 -18.90 14.18
CA GLN J 230 -16.84 -20.04 15.02
C GLN J 230 -15.78 -20.89 14.32
N ARG J 231 -14.69 -21.15 14.97
CA ARG J 231 -13.62 -21.97 14.36
C ARG J 231 -13.18 -23.00 15.42
N LYS J 232 -12.42 -23.96 14.96
CA LYS J 232 -11.87 -25.02 15.87
C LYS J 232 -10.53 -24.43 16.40
N THR J 233 -10.20 -24.88 17.57
CA THR J 233 -8.95 -24.46 18.25
C THR J 233 -7.82 -25.10 17.40
N HIS J 234 -6.64 -24.59 17.50
CA HIS J 234 -5.48 -25.12 16.77
C HIS J 234 -4.18 -24.64 17.46
N PHE J 235 -3.23 -25.55 17.52
CA PHE J 235 -1.92 -25.34 18.14
C PHE J 235 -2.02 -24.62 19.49
N GLU J 236 -3.05 -24.93 20.25
CA GLU J 236 -3.20 -24.24 21.56
C GLU J 236 -2.41 -24.92 22.66
N PRO K 1 -36.65 14.73 4.23
CA PRO K 1 -37.58 15.48 5.05
C PRO K 1 -37.47 16.98 4.71
N ILE K 2 -38.31 17.77 5.34
CA ILE K 2 -38.35 19.21 5.16
C ILE K 2 -37.31 19.84 6.11
N GLU K 3 -36.58 20.78 5.56
CA GLU K 3 -35.57 21.50 6.36
C GLU K 3 -35.79 22.99 6.23
N LEU K 4 -35.77 23.64 7.41
CA LEU K 4 -35.92 25.13 7.45
C LEU K 4 -34.53 25.77 7.42
N LEU K 5 -34.50 27.12 7.45
CA LEU K 5 -33.20 27.83 7.53
C LEU K 5 -32.66 27.38 8.95
N PRO K 6 -31.37 27.18 9.00
CA PRO K 6 -30.73 26.78 10.26
C PRO K 6 -30.62 28.00 11.17
N GLU K 7 -30.80 27.76 12.46
CA GLU K 7 -30.70 28.90 13.42
C GLU K 7 -29.22 29.29 13.51
N THR K 8 -29.04 30.58 13.82
CA THR K 8 -27.65 31.10 13.99
C THR K 8 -27.06 30.38 15.22
N PRO K 9 -25.87 29.84 15.07
CA PRO K 9 -25.21 29.13 16.14
C PRO K 9 -24.83 30.05 17.29
N SER K 10 -24.97 29.44 18.49
CA SER K 10 -24.61 30.14 19.74
C SER K 10 -23.09 30.15 19.91
N GLN K 11 -22.62 31.14 20.67
CA GLN K 11 -21.18 31.28 21.00
C GLN K 11 -21.15 31.76 22.46
N THR K 12 -20.09 31.45 23.18
CA THR K 12 -19.97 31.87 24.59
C THR K 12 -20.11 33.39 24.68
N ALA K 13 -20.65 33.84 25.81
CA ALA K 13 -20.80 35.28 26.07
C ALA K 13 -19.39 35.88 26.25
N GLY K 14 -18.50 35.10 26.76
CA GLY K 14 -17.11 35.50 27.02
C GLY K 14 -17.03 36.23 28.36
N PRO K 15 -15.80 36.54 28.76
CA PRO K 15 -15.51 37.19 30.03
C PRO K 15 -15.91 38.64 30.16
N TYR K 16 -16.09 39.31 29.03
CA TYR K 16 -16.46 40.73 29.08
C TYR K 16 -17.91 40.98 28.84
N VAL K 17 -18.78 40.01 29.02
CA VAL K 17 -20.21 40.21 28.78
C VAL K 17 -20.73 41.48 29.43
N HIS K 18 -20.24 41.72 30.64
CA HIS K 18 -20.63 42.89 31.44
C HIS K 18 -20.65 44.21 30.71
N ILE K 19 -19.62 44.45 29.92
CA ILE K 19 -19.55 45.72 29.19
C ILE K 19 -20.78 45.93 28.33
N GLY K 20 -21.36 44.85 27.77
CA GLY K 20 -22.54 45.00 26.95
C GLY K 20 -23.88 44.91 27.64
N LEU K 21 -23.99 44.01 28.61
CA LEU K 21 -25.22 43.73 29.33
C LEU K 21 -25.29 44.00 30.81
N ALA K 22 -24.25 44.58 31.37
CA ALA K 22 -24.24 44.84 32.85
C ALA K 22 -23.16 45.86 33.12
N LEU K 23 -23.44 47.04 32.57
CA LEU K 23 -22.56 48.21 32.57
C LEU K 23 -22.12 48.57 33.98
N GLU K 24 -23.06 48.69 34.89
CA GLU K 24 -22.73 49.00 36.32
C GLU K 24 -21.70 48.00 36.84
N ALA K 25 -21.99 46.72 36.62
CA ALA K 25 -21.15 45.61 37.04
C ALA K 25 -19.75 45.68 36.46
N ALA K 26 -19.66 46.09 35.21
CA ALA K 26 -18.32 46.18 34.55
C ALA K 26 -17.58 47.41 35.08
N GLY K 27 -18.34 48.24 35.83
CA GLY K 27 -17.78 49.47 36.38
C GLY K 27 -17.61 50.54 35.28
N ASN K 28 -18.57 50.62 34.37
CA ASN K 28 -18.62 51.58 33.29
C ASN K 28 -19.89 52.45 33.46
N PRO K 29 -19.79 53.65 32.91
CA PRO K 29 -20.93 54.61 32.93
C PRO K 29 -22.12 53.96 32.26
N THR K 30 -23.28 54.03 32.87
CA THR K 30 -24.50 53.40 32.32
C THR K 30 -25.29 54.39 31.49
N ARG K 31 -26.30 53.92 30.79
CA ARG K 31 -27.13 54.85 29.96
C ARG K 31 -28.34 55.27 30.81
N ASP K 32 -29.22 56.08 30.25
CA ASP K 32 -30.43 56.55 30.94
C ASP K 32 -31.22 55.33 31.45
N GLN K 33 -31.58 54.48 30.49
CA GLN K 33 -32.36 53.26 30.81
C GLN K 33 -31.51 52.01 30.61
N GLU K 34 -31.49 51.18 31.65
CA GLU K 34 -30.77 49.92 31.71
C GLU K 34 -31.69 48.86 32.33
N ILE K 35 -31.60 47.65 31.83
CA ILE K 35 -32.36 46.48 32.29
C ILE K 35 -31.50 45.84 33.39
N TRP K 36 -32.02 45.81 34.61
CA TRP K 36 -31.24 45.28 35.73
C TRP K 36 -31.92 44.35 36.68
N ASN K 37 -31.48 44.29 37.93
CA ASN K 37 -31.95 43.34 38.92
C ASN K 37 -33.07 43.68 39.86
N ARG K 38 -33.81 44.71 39.61
CA ARG K 38 -34.97 45.11 40.49
C ARG K 38 -36.21 45.03 39.63
N LEU K 39 -36.91 43.89 39.69
CA LEU K 39 -38.11 43.68 38.87
C LEU K 39 -39.36 44.39 39.37
N ALA K 40 -39.43 44.54 40.69
CA ALA K 40 -40.58 45.19 41.33
C ALA K 40 -40.26 46.46 42.11
N LYS K 41 -41.14 47.42 41.88
CA LYS K 41 -41.10 48.73 42.59
C LYS K 41 -41.85 48.45 43.93
N PRO K 42 -41.37 49.08 44.97
CA PRO K 42 -41.89 48.94 46.33
C PRO K 42 -43.39 48.88 46.44
N ASP K 43 -44.08 49.54 45.53
CA ASP K 43 -45.55 49.55 45.58
C ASP K 43 -46.20 48.53 44.68
N ALA K 44 -45.44 47.49 44.33
CA ALA K 44 -46.03 46.44 43.46
C ALA K 44 -46.66 45.39 44.39
N PRO K 45 -47.85 44.99 44.00
CA PRO K 45 -48.59 43.94 44.71
C PRO K 45 -47.77 42.65 44.73
N GLY K 46 -47.99 41.85 45.73
CA GLY K 46 -47.33 40.55 45.91
C GLY K 46 -46.35 40.55 47.05
N GLU K 47 -45.90 39.38 47.44
CA GLU K 47 -44.92 39.25 48.55
C GLU K 47 -43.54 39.62 48.01
N HIS K 48 -42.99 40.75 48.40
CA HIS K 48 -41.66 41.17 47.94
C HIS K 48 -40.64 40.23 48.56
N ILE K 49 -39.69 39.82 47.74
CA ILE K 49 -38.64 38.89 48.24
C ILE K 49 -37.30 39.26 47.59
N LEU K 50 -36.29 38.73 48.23
CA LEU K 50 -34.90 38.90 47.82
C LEU K 50 -34.37 37.53 47.37
N LEU K 51 -33.76 37.53 46.19
CA LEU K 51 -33.17 36.24 45.69
C LEU K 51 -31.66 36.45 45.65
N LEU K 52 -30.96 35.41 46.03
CA LEU K 52 -29.49 35.48 46.03
C LEU K 52 -28.93 34.07 45.84
N GLY K 53 -27.74 34.00 45.28
CA GLY K 53 -27.08 32.71 45.08
C GLY K 53 -25.69 32.90 44.47
N GLN K 54 -25.03 31.78 44.44
CA GLN K 54 -23.67 31.62 43.85
C GLN K 54 -23.74 30.55 42.75
N VAL K 55 -22.70 30.56 41.94
CA VAL K 55 -22.53 29.61 40.84
C VAL K 55 -21.19 28.92 41.00
N TYR K 56 -21.18 27.62 40.97
CA TYR K 56 -20.02 26.77 41.10
C TYR K 56 -19.75 26.02 39.78
N ASP K 57 -18.46 25.78 39.61
CA ASP K 57 -18.00 25.02 38.42
C ASP K 57 -17.85 23.56 38.88
N GLY K 58 -17.39 22.70 38.03
CA GLY K 58 -17.17 21.30 38.29
C GLY K 58 -16.12 21.06 39.35
N ASN K 59 -15.30 22.05 39.65
CA ASN K 59 -14.25 21.86 40.66
C ASN K 59 -14.70 22.36 42.03
N GLY K 60 -15.86 22.98 42.05
CA GLY K 60 -16.42 23.49 43.31
C GLY K 60 -15.99 24.94 43.52
N HIS K 61 -15.44 25.54 42.49
CA HIS K 61 -14.96 26.91 42.47
C HIS K 61 -16.02 27.86 41.93
N LEU K 62 -16.09 29.04 42.50
CA LEU K 62 -17.01 30.10 42.19
C LEU K 62 -16.75 30.64 40.77
N VAL K 63 -17.87 30.82 40.11
CA VAL K 63 -17.85 31.39 38.74
C VAL K 63 -18.18 32.86 38.99
N ARG K 64 -17.16 33.67 38.94
CA ARG K 64 -17.27 35.11 39.18
C ARG K 64 -17.56 35.97 37.99
N ASP K 65 -17.95 35.40 36.85
CA ASP K 65 -18.22 36.20 35.63
C ASP K 65 -19.50 35.76 34.94
N SER K 66 -20.35 35.10 35.70
CA SER K 66 -21.63 34.62 35.16
C SER K 66 -22.60 35.78 35.04
N PHE K 67 -23.50 35.64 34.11
CA PHE K 67 -24.54 36.60 33.75
C PHE K 67 -25.83 35.75 33.66
N LEU K 68 -26.88 36.23 34.33
CA LEU K 68 -28.15 35.51 34.35
C LEU K 68 -29.26 36.42 33.89
N GLU K 69 -30.28 35.82 33.28
CA GLU K 69 -31.47 36.55 32.83
C GLU K 69 -32.65 35.79 33.44
N VAL K 70 -33.66 36.53 33.92
CA VAL K 70 -34.84 35.88 34.56
C VAL K 70 -36.12 36.40 33.92
N TRP K 71 -37.10 35.55 33.94
CA TRP K 71 -38.45 35.72 33.42
C TRP K 71 -39.41 35.06 34.45
N GLN K 72 -40.36 35.86 34.89
CA GLN K 72 -41.34 35.33 35.84
C GLN K 72 -42.69 36.04 35.72
N ALA K 73 -43.66 35.34 36.29
CA ALA K 73 -45.04 35.87 36.40
C ALA K 73 -45.05 36.76 37.67
N ASP K 74 -46.02 37.68 37.61
CA ASP K 74 -46.25 38.60 38.77
C ASP K 74 -47.01 37.75 39.81
N ALA K 75 -47.52 38.49 40.78
CA ALA K 75 -48.26 37.89 41.90
C ALA K 75 -49.55 37.28 41.40
N ASN K 76 -50.12 37.87 40.38
CA ASN K 76 -51.39 37.39 39.80
C ASN K 76 -51.15 36.30 38.78
N GLY K 77 -49.92 35.79 38.77
CA GLY K 77 -49.50 34.69 37.90
C GLY K 77 -49.62 35.10 36.44
N GLU K 78 -49.35 36.38 36.17
CA GLU K 78 -49.41 36.92 34.81
C GLU K 78 -48.05 37.47 34.35
N TYR K 79 -47.79 37.18 33.07
CA TYR K 79 -46.53 37.63 32.43
C TYR K 79 -46.72 38.99 31.78
N GLN K 80 -45.95 39.92 32.33
CA GLN K 80 -45.97 41.34 31.84
C GLN K 80 -44.84 41.50 30.85
N ASP K 81 -45.12 41.25 29.58
CA ASP K 81 -44.10 41.33 28.54
C ASP K 81 -43.79 42.74 28.11
N ALA K 82 -44.65 43.69 28.41
CA ALA K 82 -44.39 45.08 28.00
C ALA K 82 -43.44 45.71 29.02
N TYR K 83 -42.15 45.60 28.74
CA TYR K 83 -41.09 46.13 29.59
C TYR K 83 -41.01 47.65 29.61
N ASN K 84 -41.10 48.19 30.82
CA ASN K 84 -41.03 49.66 31.03
C ASN K 84 -40.54 49.91 32.45
N LEU K 85 -39.60 50.85 32.56
CA LEU K 85 -39.01 51.23 33.85
C LEU K 85 -40.07 51.88 34.75
N GLU K 86 -41.05 52.49 34.11
CA GLU K 86 -42.15 53.16 34.80
C GLU K 86 -43.05 52.14 35.47
N ASN K 87 -43.13 50.93 34.96
CA ASN K 87 -43.95 49.86 35.53
C ASN K 87 -43.55 49.63 37.00
N ALA K 88 -44.49 49.10 37.74
CA ALA K 88 -44.29 48.79 39.17
C ALA K 88 -43.62 47.39 39.25
N PHE K 89 -43.94 46.62 38.21
CA PHE K 89 -43.39 45.26 38.09
C PHE K 89 -43.14 44.94 36.61
N ASN K 90 -41.95 44.35 36.43
CA ASN K 90 -41.47 43.88 35.10
C ASN K 90 -41.13 42.40 35.33
N SER K 91 -41.62 41.60 34.38
CA SER K 91 -41.49 40.14 34.35
C SER K 91 -40.07 39.69 34.00
N PHE K 92 -39.32 40.60 33.36
CA PHE K 92 -37.93 40.35 32.94
C PHE K 92 -36.89 41.13 33.77
N GLY K 93 -35.77 40.45 34.00
CA GLY K 93 -34.65 41.04 34.75
C GLY K 93 -33.28 40.46 34.32
N ARG K 94 -32.25 41.12 34.83
CA ARG K 94 -30.86 40.74 34.61
C ARG K 94 -30.02 40.94 35.87
N THR K 95 -29.09 40.00 36.05
CA THR K 95 -28.17 40.05 37.23
C THR K 95 -26.85 39.41 36.83
N ALA K 96 -25.83 39.62 37.65
CA ALA K 96 -24.48 39.07 37.39
C ALA K 96 -23.80 38.77 38.72
N THR K 97 -22.79 37.90 38.73
CA THR K 97 -22.07 37.57 39.95
C THR K 97 -20.85 38.50 40.09
N THR K 98 -20.74 38.94 41.38
CA THR K 98 -19.65 39.84 41.79
C THR K 98 -18.28 39.21 41.44
N PHE K 99 -17.40 40.06 40.90
CA PHE K 99 -16.04 39.56 40.61
C PHE K 99 -15.35 39.25 41.96
N ASP K 100 -15.84 39.76 43.04
CA ASP K 100 -15.33 39.58 44.41
C ASP K 100 -16.03 38.44 45.16
N ALA K 101 -17.17 38.80 45.75
CA ALA K 101 -18.02 37.87 46.51
C ALA K 101 -18.50 36.75 45.58
N GLY K 102 -18.81 37.15 44.35
CA GLY K 102 -19.29 36.19 43.35
C GLY K 102 -20.72 35.79 43.66
N GLU K 103 -21.52 36.74 44.11
CA GLU K 103 -22.95 36.40 44.41
C GLU K 103 -23.85 37.32 43.63
N TRP K 104 -24.98 36.77 43.23
CA TRP K 104 -25.96 37.57 42.44
C TRP K 104 -27.13 37.82 43.38
N THR K 105 -27.88 38.85 43.05
CA THR K 105 -29.05 39.22 43.82
C THR K 105 -30.09 39.82 42.88
N LEU K 106 -31.31 39.59 43.35
CA LEU K 106 -32.47 40.13 42.55
C LEU K 106 -33.54 40.57 43.55
N HIS K 107 -34.26 41.58 43.13
CA HIS K 107 -35.37 42.18 43.90
C HIS K 107 -36.68 42.01 43.14
N THR K 108 -37.54 41.16 43.65
CA THR K 108 -38.85 40.93 42.96
C THR K 108 -39.96 40.52 43.93
N VAL K 109 -40.99 39.89 43.39
CA VAL K 109 -42.11 39.33 44.12
C VAL K 109 -42.23 37.83 43.83
N LYS K 110 -42.81 37.08 44.77
CA LYS K 110 -43.02 35.62 44.59
C LYS K 110 -44.11 35.50 43.51
N PRO K 111 -43.77 34.85 42.41
CA PRO K 111 -44.67 34.72 41.27
C PRO K 111 -45.87 33.86 41.53
N GLY K 112 -46.99 34.23 40.90
CA GLY K 112 -48.25 33.45 41.04
C GLY K 112 -48.11 32.20 40.18
N VAL K 113 -49.01 31.28 40.34
CA VAL K 113 -49.03 30.01 39.59
C VAL K 113 -49.54 30.20 38.17
N VAL K 114 -49.00 29.43 37.24
CA VAL K 114 -49.47 29.52 35.82
C VAL K 114 -49.71 28.07 35.41
N ASN K 115 -50.51 27.86 34.39
CA ASN K 115 -50.79 26.45 33.99
C ASN K 115 -49.94 26.09 32.76
N ASN K 116 -49.76 24.81 32.60
CA ASN K 116 -49.03 24.31 31.42
C ASN K 116 -50.04 24.35 30.24
N ALA K 117 -49.54 23.84 29.16
CA ALA K 117 -50.28 23.76 27.89
C ALA K 117 -51.53 22.91 28.13
N ALA K 118 -51.41 21.84 28.85
CA ALA K 118 -52.49 20.92 29.18
C ALA K 118 -53.49 21.49 30.14
N GLY K 119 -53.25 22.66 30.68
CA GLY K 119 -54.16 23.28 31.66
C GLY K 119 -53.86 22.88 33.10
N VAL K 120 -52.78 22.16 33.34
CA VAL K 120 -52.35 21.77 34.69
C VAL K 120 -51.43 22.87 35.22
N PRO K 121 -51.71 23.31 36.43
CA PRO K 121 -50.95 24.37 37.09
C PRO K 121 -49.56 23.89 37.52
N MET K 122 -48.62 24.83 37.36
CA MET K 122 -47.19 24.56 37.72
C MET K 122 -46.93 25.31 39.02
N ALA K 123 -46.02 24.78 39.83
CA ALA K 123 -45.72 25.50 41.12
C ALA K 123 -45.07 26.82 40.72
N PRO K 124 -45.21 27.80 41.63
CA PRO K 124 -44.60 29.12 41.36
C PRO K 124 -43.14 28.82 41.00
N HIS K 125 -42.65 29.57 40.01
CA HIS K 125 -41.24 29.37 39.59
C HIS K 125 -40.79 30.60 38.78
N ILE K 126 -39.47 30.70 38.74
CA ILE K 126 -38.71 31.71 38.01
C ILE K 126 -37.82 30.98 36.98
N ASN K 127 -37.94 31.43 35.72
CA ASN K 127 -37.11 30.79 34.67
C ASN K 127 -35.78 31.57 34.62
N ILE K 128 -34.70 30.83 34.61
CA ILE K 128 -33.35 31.43 34.52
C ILE K 128 -32.53 30.88 33.34
N SER K 129 -31.72 31.76 32.79
CA SER K 129 -30.77 31.47 31.70
C SER K 129 -29.37 31.95 32.19
N LEU K 130 -28.45 31.03 32.18
CA LEU K 130 -27.07 31.34 32.62
C LEU K 130 -26.11 31.44 31.44
N PHE K 131 -25.34 32.51 31.47
CA PHE K 131 -24.32 32.80 30.47
C PHE K 131 -22.98 33.03 31.18
N ALA K 132 -21.91 32.70 30.45
CA ALA K 132 -20.55 32.92 30.92
C ALA K 132 -19.50 32.33 30.00
N ARG K 133 -18.31 32.90 30.21
CA ARG K 133 -17.14 32.35 29.48
C ARG K 133 -17.13 30.85 29.89
N GLY K 134 -16.83 30.03 28.88
CA GLY K 134 -16.76 28.59 29.10
C GLY K 134 -18.08 27.91 28.78
N ILE K 135 -19.16 28.65 28.65
CA ILE K 135 -20.48 28.04 28.33
C ILE K 135 -20.80 28.40 26.87
N ASN K 136 -20.75 27.39 26.03
CA ASN K 136 -20.96 27.57 24.57
C ASN K 136 -22.37 28.00 24.18
N ILE K 137 -23.32 27.42 24.84
CA ILE K 137 -24.76 27.68 24.69
C ILE K 137 -25.35 27.77 26.09
N HIS K 138 -26.11 28.82 26.31
CA HIS K 138 -26.67 29.13 27.64
C HIS K 138 -27.50 28.01 28.20
N LEU K 139 -27.48 27.93 29.53
CA LEU K 139 -28.16 26.91 30.35
C LEU K 139 -29.44 27.49 30.93
N HIS K 140 -30.51 26.75 30.74
CA HIS K 140 -31.86 26.95 31.17
C HIS K 140 -32.15 26.13 32.49
N THR K 141 -32.68 26.85 33.48
CA THR K 141 -33.09 26.21 34.75
C THR K 141 -34.32 26.93 35.29
N ARG K 142 -34.88 26.39 36.36
CA ARG K 142 -36.06 27.03 36.97
C ARG K 142 -35.80 27.16 38.47
N LEU K 143 -36.29 28.25 39.04
CA LEU K 143 -36.15 28.38 40.53
C LEU K 143 -37.55 28.10 41.13
N TYR K 144 -37.57 27.25 42.13
CA TYR K 144 -38.69 26.83 42.94
C TYR K 144 -38.41 27.26 44.39
N PHE K 145 -39.50 27.34 45.14
CA PHE K 145 -39.50 27.78 46.56
C PHE K 145 -39.74 26.65 47.53
N ASP K 146 -38.93 26.63 48.59
CA ASP K 146 -39.05 25.54 49.56
C ASP K 146 -40.35 25.61 50.36
N ASP K 147 -40.96 26.77 50.47
CA ASP K 147 -42.21 26.85 51.23
C ASP K 147 -43.42 26.57 50.34
N GLU K 148 -43.22 25.80 49.30
CA GLU K 148 -44.35 25.50 48.37
C GLU K 148 -44.37 24.03 48.02
N ALA K 149 -43.94 23.23 48.97
CA ALA K 149 -43.84 21.79 48.88
C ALA K 149 -45.08 21.15 48.26
N GLN K 150 -46.25 21.59 48.71
CA GLN K 150 -47.50 21.02 48.19
C GLN K 150 -47.51 21.11 46.67
N ALA K 151 -47.47 22.34 46.23
CA ALA K 151 -47.46 22.70 44.81
C ALA K 151 -46.32 22.00 44.05
N ASN K 152 -45.13 22.10 44.62
CA ASN K 152 -43.93 21.52 44.03
C ASN K 152 -44.17 20.03 43.80
N ALA K 153 -44.93 19.45 44.72
CA ALA K 153 -45.21 18.00 44.64
C ALA K 153 -46.02 17.60 43.44
N LYS K 154 -46.85 18.51 42.98
CA LYS K 154 -47.75 18.30 41.86
C LYS K 154 -47.23 18.82 40.54
N CYS K 155 -46.16 19.63 40.57
CA CYS K 155 -45.63 20.23 39.36
C CYS K 155 -45.41 19.21 38.23
N PRO K 156 -46.07 19.52 37.12
CA PRO K 156 -45.97 18.69 35.91
C PRO K 156 -44.58 18.78 35.32
N VAL K 157 -43.88 19.88 35.60
CA VAL K 157 -42.51 20.06 35.05
C VAL K 157 -41.52 19.30 35.91
N LEU K 158 -41.59 19.62 37.18
CA LEU K 158 -40.74 19.02 38.24
C LEU K 158 -40.90 17.52 38.24
N ASN K 159 -42.10 17.02 37.91
CA ASN K 159 -42.38 15.59 37.88
C ASN K 159 -41.82 14.92 36.64
N LEU K 160 -41.25 15.67 35.71
CA LEU K 160 -40.65 15.14 34.50
C LEU K 160 -39.25 14.64 34.84
N ILE K 161 -38.69 15.14 35.92
CA ILE K 161 -37.33 14.69 36.33
C ILE K 161 -37.48 13.28 36.92
N GLU K 162 -36.84 12.32 36.25
CA GLU K 162 -36.89 10.92 36.64
C GLU K 162 -36.55 10.71 38.12
N GLN K 163 -35.35 11.09 38.48
CA GLN K 163 -34.85 10.92 39.85
C GLN K 163 -35.23 12.03 40.80
N PRO K 164 -36.02 11.68 41.78
CA PRO K 164 -36.46 12.62 42.82
C PRO K 164 -35.34 13.43 43.43
N GLN K 165 -34.21 12.81 43.66
CA GLN K 165 -33.06 13.51 44.25
C GLN K 165 -32.67 14.75 43.41
N ARG K 166 -32.84 14.59 42.09
CA ARG K 166 -32.44 15.68 41.17
C ARG K 166 -33.37 16.85 41.29
N ARG K 167 -34.59 16.59 41.74
CA ARG K 167 -35.59 17.65 41.88
C ARG K 167 -35.24 18.70 42.91
N GLU K 168 -34.60 18.27 43.99
CA GLU K 168 -34.21 19.11 45.10
C GLU K 168 -33.22 20.17 44.72
N THR K 169 -32.48 19.90 43.65
CA THR K 169 -31.47 20.85 43.14
C THR K 169 -32.16 22.10 42.60
N LEU K 170 -33.45 22.07 42.35
CA LEU K 170 -34.19 23.22 41.83
C LEU K 170 -34.92 24.04 42.87
N ILE K 171 -34.91 23.58 44.11
CA ILE K 171 -35.62 24.26 45.20
C ILE K 171 -34.80 25.24 45.99
N ALA K 172 -35.25 26.48 45.98
CA ALA K 172 -34.55 27.57 46.73
C ALA K 172 -34.92 27.47 48.22
N LYS K 173 -33.93 27.73 49.06
CA LYS K 173 -34.01 27.68 50.51
C LYS K 173 -34.33 29.05 51.13
N ARG K 174 -35.50 29.05 51.76
CA ARG K 174 -36.02 30.24 52.43
C ARG K 174 -35.12 30.63 53.60
N CYS K 175 -34.89 31.93 53.64
CA CYS K 175 -34.07 32.60 54.65
C CYS K 175 -34.57 34.05 54.78
N GLU K 176 -33.82 34.80 55.60
CA GLU K 176 -34.17 36.23 55.85
C GLU K 176 -32.89 37.04 55.69
N VAL K 177 -33.03 38.22 55.12
CA VAL K 177 -31.85 39.11 54.92
C VAL K 177 -32.22 40.51 55.45
N ASP K 178 -31.67 40.75 56.64
CA ASP K 178 -31.95 42.06 57.32
C ASP K 178 -33.47 42.09 57.50
N GLY K 179 -33.89 40.99 58.15
CA GLY K 179 -35.31 40.82 58.44
C GLY K 179 -36.15 41.03 57.19
N LYS K 180 -35.64 40.51 56.09
CA LYS K 180 -36.40 40.60 54.80
C LYS K 180 -36.43 39.15 54.27
N THR K 181 -37.57 38.78 53.70
CA THR K 181 -37.69 37.40 53.18
C THR K 181 -36.75 37.26 51.95
N ALA K 182 -35.84 36.30 52.10
CA ALA K 182 -34.87 35.99 51.05
C ALA K 182 -34.96 34.51 50.73
N TYR K 183 -34.34 34.12 49.63
CA TYR K 183 -34.32 32.70 49.18
C TYR K 183 -32.98 32.52 48.49
N ARG K 184 -32.24 31.53 48.86
CA ARG K 184 -30.92 31.27 48.29
C ARG K 184 -30.94 30.10 47.29
N PHE K 185 -30.52 30.49 46.07
CA PHE K 185 -30.45 29.53 44.95
C PHE K 185 -29.01 29.46 44.37
N ASP K 186 -28.36 28.37 44.70
CA ASP K 186 -27.00 28.07 44.25
C ASP K 186 -27.11 27.10 43.06
N ILE K 187 -26.34 27.44 42.04
CA ILE K 187 -26.31 26.63 40.80
C ILE K 187 -25.00 25.86 40.76
N ARG K 188 -25.12 24.57 40.49
CA ARG K 188 -23.89 23.73 40.38
C ARG K 188 -23.88 23.25 38.94
N ILE K 189 -22.93 23.79 38.16
CA ILE K 189 -22.86 23.46 36.74
C ILE K 189 -22.54 22.00 36.46
N GLN K 190 -21.68 21.46 37.29
CA GLN K 190 -21.22 20.06 37.05
C GLN K 190 -20.81 19.32 38.29
N GLY K 191 -20.90 18.02 38.30
CA GLY K 191 -20.50 17.18 39.42
C GLY K 191 -21.56 16.89 40.45
N GLU K 192 -21.10 16.79 41.69
CA GLU K 192 -21.96 16.48 42.87
C GLU K 192 -22.98 17.61 43.04
N GLY K 193 -24.24 17.19 43.09
CA GLY K 193 -25.38 18.07 43.21
C GLY K 193 -25.65 18.88 41.96
N GLU K 194 -25.12 18.45 40.83
CA GLU K 194 -25.33 19.19 39.57
C GLU K 194 -26.82 19.55 39.40
N THR K 195 -27.04 20.82 39.13
CA THR K 195 -28.39 21.35 38.93
C THR K 195 -28.98 20.81 37.61
N VAL K 196 -30.31 20.61 37.66
CA VAL K 196 -31.03 20.19 36.46
C VAL K 196 -31.06 21.40 35.48
N PHE K 197 -30.80 21.05 34.24
CA PHE K 197 -30.84 22.05 33.13
C PHE K 197 -31.81 21.44 32.08
N PHE K 198 -32.64 22.33 31.52
CA PHE K 198 -33.65 21.99 30.57
C PHE K 198 -33.33 22.37 29.11
N ASP K 199 -34.09 21.65 28.27
CA ASP K 199 -34.14 21.74 26.84
C ASP K 199 -35.64 21.90 26.46
N PHE K 200 -35.91 22.91 25.67
CA PHE K 200 -37.32 23.16 25.22
C PHE K 200 -37.28 24.04 23.95
N PRO L 1 -51.54 40.85 29.75
CA PRO L 1 -50.34 40.01 29.89
C PRO L 1 -50.07 39.23 28.62
N ALA L 2 -49.00 38.41 28.69
CA ALA L 2 -48.63 37.60 27.49
C ALA L 2 -49.46 36.32 27.53
N GLN L 3 -49.65 35.76 26.34
CA GLN L 3 -50.42 34.51 26.18
C GLN L 3 -49.65 33.48 25.36
N ASP L 4 -49.90 32.23 25.69
CA ASP L 4 -49.29 31.08 25.02
C ASP L 4 -50.01 30.71 23.71
N ASN L 5 -49.53 31.28 22.60
CA ASN L 5 -50.15 30.91 21.32
C ASN L 5 -49.12 30.31 20.37
N SER L 6 -47.84 30.54 20.62
CA SER L 6 -46.85 29.99 19.67
C SER L 6 -46.12 28.77 20.20
N ARG L 7 -45.51 28.12 19.23
CA ARG L 7 -44.66 26.92 19.49
C ARG L 7 -43.38 27.28 18.71
N PHE L 8 -42.25 26.81 19.18
CA PHE L 8 -40.95 27.12 18.54
C PHE L 8 -40.25 25.84 18.15
N VAL L 9 -39.78 25.80 16.91
CA VAL L 9 -39.04 24.65 16.37
C VAL L 9 -37.94 24.26 17.38
N ILE L 10 -37.90 23.00 17.70
CA ILE L 10 -36.86 22.50 18.62
C ILE L 10 -35.47 22.82 18.02
N ARG L 11 -34.60 23.19 18.96
CA ARG L 11 -33.21 23.52 18.65
C ARG L 11 -32.46 22.25 18.22
N ASP L 12 -31.56 22.46 17.28
CA ASP L 12 -30.70 21.39 16.77
C ASP L 12 -29.39 21.52 17.59
N ARG L 13 -29.24 20.70 18.59
CA ARG L 13 -28.08 20.68 19.49
C ARG L 13 -26.80 20.10 18.95
N ASN L 14 -26.87 19.70 17.67
CA ASN L 14 -25.72 19.18 16.93
C ASN L 14 -25.19 20.28 15.99
N TRP L 15 -26.01 21.26 15.73
CA TRP L 15 -25.73 22.41 14.89
C TRP L 15 -24.97 23.46 15.74
N HIS L 16 -25.54 23.70 16.89
CA HIS L 16 -24.93 24.61 17.90
C HIS L 16 -23.73 23.80 18.47
N PRO L 17 -22.78 24.55 19.03
CA PRO L 17 -21.61 23.90 19.67
C PRO L 17 -22.10 23.13 20.92
N LYS L 18 -21.42 22.05 21.18
CA LYS L 18 -21.72 21.24 22.39
C LYS L 18 -21.14 21.96 23.60
N ALA L 19 -21.56 21.49 24.76
CA ALA L 19 -21.16 22.02 26.06
C ALA L 19 -19.67 21.71 26.33
N LEU L 20 -19.28 20.45 26.10
CA LEU L 20 -17.89 20.05 26.37
C LEU L 20 -17.05 20.04 25.11
N THR L 21 -16.18 21.01 24.99
CA THR L 21 -15.28 21.15 23.83
C THR L 21 -13.88 21.44 24.39
N PRO L 22 -13.21 20.34 24.77
CA PRO L 22 -11.90 20.38 25.35
C PRO L 22 -10.89 21.37 24.89
N ASP L 23 -10.75 21.69 23.62
CA ASP L 23 -9.79 22.68 23.16
C ASP L 23 -10.04 24.07 23.74
N TYR L 24 -11.32 24.27 24.03
CA TYR L 24 -11.77 25.53 24.69
C TYR L 24 -11.80 25.11 26.19
N LYS L 25 -10.61 25.26 26.74
CA LYS L 25 -10.20 24.88 28.10
C LYS L 25 -11.23 25.14 29.18
N THR L 26 -11.77 26.34 29.19
CA THR L 26 -12.77 26.72 30.23
C THR L 26 -14.06 25.92 30.16
N SER L 27 -14.42 25.41 29.01
CA SER L 27 -15.65 24.60 28.87
C SER L 27 -15.54 23.30 29.69
N ILE L 28 -14.30 22.84 29.95
CA ILE L 28 -14.11 21.60 30.69
C ILE L 28 -14.85 21.54 32.01
N ALA L 29 -14.59 22.52 32.85
CA ALA L 29 -15.18 22.65 34.19
C ALA L 29 -16.53 23.34 34.19
N ARG L 30 -16.93 23.92 33.09
CA ARG L 30 -18.22 24.61 32.97
C ARG L 30 -19.26 24.01 32.05
N SER L 31 -19.29 22.70 31.98
CA SER L 31 -20.24 21.95 31.15
C SER L 31 -20.86 20.86 32.02
N PRO L 32 -22.18 20.74 31.96
CA PRO L 32 -22.91 19.74 32.74
C PRO L 32 -22.48 18.33 32.33
N ARG L 33 -22.58 17.40 33.27
CA ARG L 33 -22.21 16.00 32.96
C ARG L 33 -23.47 15.18 32.81
N GLN L 34 -24.57 15.69 33.32
CA GLN L 34 -25.87 15.00 33.19
C GLN L 34 -26.52 15.49 31.90
N ALA L 35 -27.42 14.73 31.35
CA ALA L 35 -28.16 15.14 30.13
C ALA L 35 -29.18 16.24 30.49
N LEU L 36 -29.49 17.08 29.55
CA LEU L 36 -30.48 18.16 29.75
C LEU L 36 -31.84 17.42 29.87
N VAL L 37 -32.76 17.94 30.59
CA VAL L 37 -34.10 17.40 30.74
C VAL L 37 -34.98 18.19 29.74
N SER L 38 -35.53 17.44 28.78
CA SER L 38 -36.40 18.10 27.77
C SER L 38 -37.78 18.30 28.41
N ILE L 39 -38.40 19.44 28.08
CA ILE L 39 -39.76 19.64 28.65
C ILE L 39 -40.62 20.33 27.56
N PRO L 40 -41.92 20.06 27.66
CA PRO L 40 -42.88 20.64 26.70
C PRO L 40 -42.87 22.16 26.84
N GLN L 41 -43.20 22.84 25.78
CA GLN L 41 -43.24 24.34 25.83
C GLN L 41 -44.58 24.73 26.50
N SER L 42 -44.48 25.73 27.37
CA SER L 42 -45.62 26.28 28.12
C SER L 42 -45.50 27.80 27.98
N ILE L 43 -46.44 28.51 28.54
CA ILE L 43 -46.43 30.01 28.45
C ILE L 43 -45.14 30.55 29.05
N SER L 44 -44.62 29.75 29.98
CA SER L 44 -43.35 30.13 30.65
C SER L 44 -42.26 30.28 29.60
N GLU L 45 -42.16 29.32 28.71
CA GLU L 45 -41.13 29.30 27.66
C GLU L 45 -41.42 29.99 26.37
N THR L 46 -42.67 30.12 25.98
CA THR L 46 -43.05 30.70 24.70
C THR L 46 -43.34 32.18 24.74
N THR L 47 -43.15 32.83 25.85
CA THR L 47 -43.35 34.30 25.97
C THR L 47 -41.96 34.85 26.34
N GLY L 48 -41.85 36.16 26.24
CA GLY L 48 -40.61 36.88 26.57
C GLY L 48 -40.97 38.37 26.57
N PRO L 49 -40.01 39.15 27.04
CA PRO L 49 -40.16 40.60 27.13
C PRO L 49 -40.11 41.24 25.74
N ASN L 50 -40.73 42.40 25.67
CA ASN L 50 -40.79 43.24 24.47
C ASN L 50 -40.21 44.61 24.93
N PHE L 51 -39.22 45.08 24.19
CA PHE L 51 -38.55 46.31 24.58
C PHE L 51 -38.94 47.52 23.78
N SER L 52 -40.10 47.47 23.16
CA SER L 52 -40.64 48.58 22.36
C SER L 52 -40.65 49.86 23.19
N HIS L 53 -40.99 49.74 24.46
CA HIS L 53 -41.02 50.96 25.30
C HIS L 53 -39.76 51.26 26.03
N LEU L 54 -38.65 50.59 25.69
CA LEU L 54 -37.38 50.95 26.38
C LEU L 54 -36.97 52.32 25.83
N GLY L 55 -36.38 53.14 26.69
CA GLY L 55 -36.01 54.51 26.25
C GLY L 55 -34.60 54.58 25.75
N PHE L 56 -34.40 54.41 24.45
CA PHE L 56 -33.09 54.42 23.81
C PHE L 56 -32.55 55.84 23.54
N GLY L 57 -31.27 55.99 23.79
CA GLY L 57 -30.58 57.28 23.51
C GLY L 57 -30.47 57.31 21.96
N ALA L 58 -30.26 58.52 21.48
CA ALA L 58 -30.16 58.78 20.04
C ALA L 58 -28.87 58.27 19.44
N HIS L 59 -27.92 57.94 20.27
CA HIS L 59 -26.63 57.45 19.73
C HIS L 59 -26.37 56.05 20.25
N ASP L 60 -27.43 55.43 20.73
CA ASP L 60 -27.33 54.09 21.32
C ASP L 60 -26.63 53.10 20.38
N HIS L 61 -26.96 53.20 19.11
CA HIS L 61 -26.36 52.29 18.12
C HIS L 61 -25.17 52.89 17.40
N ASP L 62 -24.68 54.04 17.85
CA ASP L 62 -23.54 54.70 17.18
C ASP L 62 -22.31 54.78 18.04
N LEU L 63 -21.49 53.71 17.99
CA LEU L 63 -20.26 53.60 18.76
C LEU L 63 -19.24 54.66 18.45
N LEU L 64 -19.43 55.38 17.37
CA LEU L 64 -18.51 56.45 16.99
C LEU L 64 -18.79 57.71 17.81
N LEU L 65 -19.98 57.85 18.37
CA LEU L 65 -20.36 59.03 19.14
C LEU L 65 -20.92 58.76 20.52
N ASN L 66 -21.29 57.53 20.82
CA ASN L 66 -21.93 57.30 22.12
C ASN L 66 -21.01 57.19 23.30
N PHE L 67 -19.69 57.34 23.17
CA PHE L 67 -18.86 57.17 24.37
C PHE L 67 -18.58 58.58 25.00
N GLY L 71 -13.76 63.37 20.81
CA GLY L 71 -13.22 63.11 19.47
C GLY L 71 -13.77 61.81 18.86
N LEU L 72 -13.11 61.44 17.77
CA LEU L 72 -13.45 60.21 17.04
C LEU L 72 -12.50 59.09 17.42
N PRO L 73 -13.07 57.90 17.53
CA PRO L 73 -12.25 56.71 17.82
C PRO L 73 -11.28 56.52 16.62
N ILE L 74 -10.15 55.94 16.92
CA ILE L 74 -9.15 55.60 15.87
C ILE L 74 -9.52 54.20 15.34
N GLY L 75 -9.40 53.93 14.05
CA GLY L 75 -9.75 52.59 13.55
C GLY L 75 -10.64 52.68 12.32
N GLU L 76 -10.85 51.51 11.70
CA GLU L 76 -11.67 51.39 10.48
C GLU L 76 -13.16 51.59 10.75
N ARG L 77 -13.63 52.66 10.16
CA ARG L 77 -15.03 53.08 10.27
C ARG L 77 -15.91 52.12 9.42
N ILE L 78 -16.82 51.45 10.09
CA ILE L 78 -17.73 50.52 9.43
C ILE L 78 -19.15 50.60 9.96
N ILE L 79 -20.02 50.08 9.12
CA ILE L 79 -21.44 49.94 9.42
C ILE L 79 -21.71 48.43 9.47
N VAL L 80 -22.33 47.99 10.53
CA VAL L 80 -22.71 46.56 10.67
C VAL L 80 -24.27 46.59 10.62
N ALA L 81 -24.79 46.01 9.57
CA ALA L 81 -26.29 46.02 9.43
C ALA L 81 -26.70 44.64 8.96
N GLY L 82 -27.98 44.35 9.08
CA GLY L 82 -28.51 43.06 8.65
C GLY L 82 -29.97 42.98 9.08
N ARG L 83 -30.49 41.78 8.99
CA ARG L 83 -31.90 41.51 9.35
C ARG L 83 -32.01 40.35 10.33
N VAL L 84 -33.07 40.34 11.10
CA VAL L 84 -33.36 39.26 12.03
C VAL L 84 -34.59 38.54 11.44
N VAL L 85 -34.42 37.30 11.15
CA VAL L 85 -35.57 36.47 10.64
C VAL L 85 -35.64 35.18 11.51
N ASP L 86 -36.71 34.46 11.33
CA ASP L 86 -36.89 33.17 12.03
C ASP L 86 -36.57 32.11 10.99
N GLN L 87 -36.56 30.87 11.38
CA GLN L 87 -36.26 29.77 10.44
C GLN L 87 -37.23 29.70 9.27
N TYR L 88 -38.44 30.24 9.42
CA TYR L 88 -39.45 30.25 8.37
C TYR L 88 -39.22 31.38 7.37
N GLY L 89 -38.25 32.23 7.63
CA GLY L 89 -37.88 33.37 6.81
C GLY L 89 -38.67 34.63 7.13
N LYS L 90 -39.37 34.64 8.23
CA LYS L 90 -40.23 35.78 8.66
C LYS L 90 -39.41 36.77 9.45
N PRO L 91 -39.58 38.05 9.16
CA PRO L 91 -38.84 39.12 9.88
C PRO L 91 -39.31 39.12 11.32
N VAL L 92 -38.41 39.53 12.19
CA VAL L 92 -38.66 39.65 13.65
C VAL L 92 -38.53 41.16 13.95
N PRO L 93 -39.67 41.84 13.89
CA PRO L 93 -39.71 43.30 14.13
C PRO L 93 -39.72 43.62 15.62
N ASN L 94 -39.25 44.78 15.95
CA ASN L 94 -39.06 45.41 17.23
C ASN L 94 -38.39 44.52 18.27
N THR L 95 -37.28 43.92 17.88
CA THR L 95 -36.58 42.99 18.81
C THR L 95 -35.29 43.70 19.21
N LEU L 96 -34.77 43.29 20.38
CA LEU L 96 -33.57 43.92 20.90
C LEU L 96 -32.28 43.24 20.47
N VAL L 97 -31.40 44.02 19.91
CA VAL L 97 -30.08 43.63 19.48
C VAL L 97 -29.03 44.44 20.29
N GLU L 98 -28.17 43.74 20.97
CA GLU L 98 -27.12 44.34 21.78
C GLU L 98 -25.79 43.80 21.33
N MET L 99 -24.78 44.63 21.35
CA MET L 99 -23.43 44.26 20.90
C MET L 99 -22.37 44.99 21.71
N TRP L 100 -21.23 44.37 21.86
CA TRP L 100 -20.06 44.86 22.59
C TRP L 100 -18.85 44.31 21.87
N GLN L 101 -17.75 45.00 21.95
CA GLN L 101 -16.51 44.61 21.28
C GLN L 101 -15.30 45.34 21.85
N ALA L 102 -14.12 44.91 21.45
CA ALA L 102 -12.88 45.59 21.84
C ALA L 102 -12.68 46.73 20.81
N ASN L 103 -11.66 47.54 21.05
CA ASN L 103 -11.30 48.66 20.14
C ASN L 103 -10.42 48.08 18.99
N ALA L 104 -9.92 49.04 18.20
CA ALA L 104 -9.09 48.71 17.04
C ALA L 104 -7.86 47.89 17.31
N GLY L 105 -7.36 47.90 18.52
CA GLY L 105 -6.19 47.19 18.99
C GLY L 105 -6.47 45.91 19.74
N GLY L 106 -7.75 45.60 19.88
CA GLY L 106 -8.16 44.37 20.58
C GLY L 106 -8.23 44.52 22.10
N ARG L 107 -8.31 45.76 22.56
CA ARG L 107 -8.41 46.06 24.00
C ARG L 107 -9.86 46.31 24.42
N TYR L 108 -10.30 45.63 25.46
CA TYR L 108 -11.71 45.84 25.93
C TYR L 108 -11.71 46.93 27.02
N ARG L 109 -12.83 47.63 27.10
CA ARG L 109 -12.96 48.70 28.14
C ARG L 109 -13.62 48.04 29.33
N HIS L 110 -12.84 47.26 30.05
CA HIS L 110 -13.21 46.47 31.21
C HIS L 110 -12.01 46.23 32.13
N LYS L 111 -12.28 46.28 33.41
CA LYS L 111 -11.40 46.14 34.54
C LYS L 111 -10.30 45.09 34.39
N ASN L 112 -10.81 43.88 34.14
CA ASN L 112 -10.02 42.67 34.00
C ASN L 112 -9.22 42.56 32.71
N ASP L 113 -9.39 43.47 31.76
CA ASP L 113 -8.63 43.40 30.49
C ASP L 113 -7.32 44.16 30.67
N ARG L 114 -6.28 43.35 30.84
CA ARG L 114 -4.93 43.86 31.06
C ARG L 114 -4.03 43.65 29.85
N TYR L 115 -4.63 43.56 28.68
CA TYR L 115 -3.83 43.40 27.43
C TYR L 115 -3.14 44.75 27.25
N LEU L 116 -1.90 44.68 26.81
CA LEU L 116 -1.09 45.88 26.63
C LEU L 116 -1.51 46.81 25.55
N ALA L 117 -2.40 46.43 24.63
CA ALA L 117 -2.78 47.46 23.59
C ALA L 117 -3.61 48.46 24.41
N PRO L 118 -3.41 49.73 24.13
CA PRO L 118 -4.07 50.80 24.86
C PRO L 118 -5.55 50.96 24.58
N LEU L 119 -6.17 51.68 25.51
CA LEU L 119 -7.58 52.08 25.42
C LEU L 119 -7.62 53.31 24.50
N ASP L 120 -8.77 53.49 23.91
CA ASP L 120 -9.06 54.62 22.98
C ASP L 120 -10.02 55.51 23.78
N PRO L 121 -9.57 56.72 24.06
CA PRO L 121 -10.35 57.69 24.86
C PRO L 121 -11.69 58.03 24.24
N ASN L 122 -11.89 57.83 22.93
CA ASN L 122 -13.17 58.10 22.30
C ASN L 122 -13.97 56.83 22.05
N PHE L 123 -13.54 55.74 22.63
CA PHE L 123 -14.28 54.48 22.36
C PHE L 123 -14.71 53.75 23.60
N GLY L 124 -16.00 53.36 23.60
CA GLY L 124 -16.59 52.59 24.71
C GLY L 124 -16.74 51.12 24.28
N GLY L 125 -17.44 50.87 23.22
CA GLY L 125 -17.65 49.52 22.68
C GLY L 125 -18.94 48.83 22.95
N VAL L 126 -20.04 49.51 23.14
CA VAL L 126 -21.36 48.96 23.43
C VAL L 126 -22.43 49.73 22.63
N GLY L 127 -23.39 48.96 22.16
CA GLY L 127 -24.50 49.49 21.37
C GLY L 127 -25.71 48.58 21.54
N ARG L 128 -26.84 49.12 21.23
CA ARG L 128 -28.14 48.44 21.29
C ARG L 128 -28.97 49.10 20.18
N LEU L 130 -33.07 48.61 18.25
CA LEU L 130 -34.36 47.79 18.21
C LEU L 130 -34.65 47.59 16.72
N THR L 131 -34.86 46.35 16.29
CA THR L 131 -35.16 46.15 14.85
C THR L 131 -36.46 46.90 14.50
N ASP L 132 -36.52 47.33 13.23
CA ASP L 132 -37.69 48.03 12.70
C ASP L 132 -38.69 46.95 12.25
N SER L 133 -39.75 47.45 11.63
CA SER L 133 -40.85 46.59 11.17
C SER L 133 -40.40 45.54 10.18
N ASP L 134 -39.26 45.67 9.57
CA ASP L 134 -38.79 44.65 8.61
C ASP L 134 -37.73 43.73 9.18
N GLY L 135 -37.42 43.91 10.44
CA GLY L 135 -36.40 43.11 11.11
C GLY L 135 -34.98 43.63 10.88
N TYR L 136 -34.84 44.88 10.42
CA TYR L 136 -33.56 45.50 10.17
C TYR L 136 -32.99 46.23 11.36
N TYR L 137 -31.70 46.09 11.51
CA TYR L 137 -30.96 46.79 12.60
C TYR L 137 -29.66 47.30 11.95
N SER L 138 -29.08 48.29 12.62
CA SER L 138 -27.79 48.78 12.09
C SER L 138 -26.97 49.42 13.20
N PHE L 139 -25.67 49.27 13.04
CA PHE L 139 -24.71 49.86 14.00
C PHE L 139 -23.66 50.62 13.19
N ARG L 140 -23.02 51.51 13.91
CA ARG L 140 -21.90 52.27 13.30
C ARG L 140 -20.75 52.14 14.29
N THR L 141 -19.67 51.50 13.85
CA THR L 141 -18.56 51.29 14.82
C THR L 141 -17.23 51.32 14.08
N ILE L 142 -16.23 50.78 14.80
CA ILE L 142 -14.89 50.64 14.23
C ILE L 142 -14.61 49.11 14.28
N LYS L 143 -13.91 48.61 13.30
CA LYS L 143 -13.62 47.15 13.27
C LYS L 143 -12.63 46.86 14.42
N PRO L 144 -13.00 45.95 15.28
CA PRO L 144 -12.16 45.55 16.41
C PRO L 144 -10.98 44.72 15.90
N GLY L 145 -9.95 44.67 16.69
CA GLY L 145 -8.74 43.92 16.47
C GLY L 145 -8.84 42.58 17.21
N PRO L 146 -8.09 41.62 16.66
CA PRO L 146 -8.00 40.27 17.27
C PRO L 146 -7.27 40.47 18.61
N TYR L 147 -7.30 39.51 19.49
CA TYR L 147 -6.60 39.63 20.78
C TYR L 147 -6.22 38.23 21.30
N PRO L 148 -5.10 38.25 22.01
CA PRO L 148 -4.53 36.99 22.55
C PRO L 148 -5.29 36.67 23.82
N TRP L 149 -5.38 35.41 24.19
CA TRP L 149 -6.10 35.01 25.41
C TRP L 149 -5.38 33.78 25.96
N ARG L 150 -5.54 33.55 27.26
CA ARG L 150 -4.83 32.42 27.88
C ARG L 150 -5.52 31.10 27.67
N ASN L 151 -5.38 30.47 26.54
CA ASN L 151 -6.00 29.15 26.25
C ASN L 151 -4.77 28.25 26.05
N GLY L 152 -4.34 28.16 24.81
CA GLY L 152 -3.09 27.41 24.47
C GLY L 152 -2.04 28.54 24.65
N PRO L 153 -0.79 28.19 24.54
CA PRO L 153 0.32 29.16 24.66
C PRO L 153 0.27 30.25 23.61
N ASN L 154 -0.32 30.02 22.44
CA ASN L 154 -0.34 31.13 21.44
C ASN L 154 -1.71 31.23 20.78
N ASP L 155 -2.76 31.36 21.50
CA ASP L 155 -4.15 31.49 20.98
C ASP L 155 -4.52 32.94 20.78
N TRP L 156 -5.16 33.21 19.66
CA TRP L 156 -5.58 34.59 19.30
C TRP L 156 -7.03 34.54 18.83
N ARG L 157 -7.85 35.39 19.39
CA ARG L 157 -9.27 35.39 18.93
C ARG L 157 -9.27 36.17 17.58
N PRO L 158 -10.08 35.64 16.68
CA PRO L 158 -10.28 36.37 15.38
C PRO L 158 -11.04 37.68 15.80
N ALA L 159 -10.90 38.71 15.02
CA ALA L 159 -11.62 39.98 15.29
C ALA L 159 -13.11 39.60 15.32
N HIS L 160 -13.84 40.20 16.27
CA HIS L 160 -15.28 39.83 16.39
C HIS L 160 -16.06 40.83 17.21
N ILE L 161 -17.38 40.79 17.03
CA ILE L 161 -18.32 41.66 17.77
C ILE L 161 -19.31 40.69 18.45
N HIS L 162 -19.49 40.90 19.76
CA HIS L 162 -20.42 40.03 20.52
C HIS L 162 -21.87 40.51 20.30
N PHE L 163 -22.76 39.57 20.09
CA PHE L 163 -24.17 39.86 19.84
C PHE L 163 -25.08 39.07 20.78
N GLY L 164 -26.18 39.71 21.12
CA GLY L 164 -27.26 39.21 21.97
C GLY L 164 -28.58 39.68 21.31
N ILE L 165 -29.45 38.74 21.08
CA ILE L 165 -30.76 39.03 20.43
C ILE L 165 -31.88 38.38 21.26
N SER L 166 -32.88 39.23 21.55
CA SER L 166 -34.02 38.79 22.35
C SER L 166 -34.96 37.87 21.59
N GLY L 167 -35.52 38.36 20.51
CA GLY L 167 -36.50 37.56 19.77
C GLY L 167 -37.84 37.72 20.52
N PRO L 168 -38.81 36.91 20.08
CA PRO L 168 -40.15 36.94 20.63
C PRO L 168 -40.36 36.22 21.92
N SER L 169 -39.44 35.38 22.34
CA SER L 169 -39.63 34.63 23.62
C SER L 169 -38.24 34.30 24.19
N ILE L 170 -38.23 33.79 25.42
CA ILE L 170 -36.96 33.39 26.06
C ILE L 170 -36.44 32.12 25.35
N ALA L 171 -37.34 31.51 24.60
CA ALA L 171 -36.95 30.26 23.87
C ALA L 171 -36.07 30.63 22.67
N THR L 172 -36.21 31.86 22.19
CA THR L 172 -35.46 32.37 21.06
C THR L 172 -34.23 33.18 21.45
N LYS L 173 -34.17 33.71 22.68
CA LYS L 173 -32.99 34.53 23.08
C LYS L 173 -31.68 33.79 22.71
N LEU L 174 -30.76 34.58 22.16
CA LEU L 174 -29.46 34.10 21.73
C LEU L 174 -28.30 35.04 21.95
N ILE L 175 -27.17 34.43 22.26
CA ILE L 175 -25.87 35.11 22.38
C ILE L 175 -24.94 34.43 21.34
N THR L 176 -24.27 35.30 20.59
CA THR L 176 -23.33 34.80 19.57
C THR L 176 -22.20 35.79 19.32
N GLN L 177 -21.40 35.47 18.30
CA GLN L 177 -20.28 36.33 17.87
C GLN L 177 -20.30 36.44 16.34
N LEU L 178 -19.95 37.57 15.85
CA LEU L 178 -19.83 37.91 14.42
C LEU L 178 -18.30 37.96 14.10
N TYR L 179 -17.94 37.29 13.03
CA TYR L 179 -16.52 37.29 12.56
C TYR L 179 -16.48 38.03 11.23
N PHE L 180 -15.30 38.36 10.75
CA PHE L 180 -15.20 39.13 9.49
C PHE L 180 -14.65 38.30 8.33
N GLU L 181 -15.36 38.37 7.23
CA GLU L 181 -15.05 37.71 5.98
C GLU L 181 -13.55 37.77 5.67
N GLY L 182 -12.97 36.58 5.49
CA GLY L 182 -11.60 36.37 5.14
C GLY L 182 -10.56 36.36 6.23
N ASP L 183 -10.94 36.62 7.44
CA ASP L 183 -9.95 36.61 8.58
C ASP L 183 -9.31 35.24 8.74
N PRO L 184 -7.98 35.24 8.55
CA PRO L 184 -7.19 34.01 8.64
C PRO L 184 -7.17 33.35 9.99
N LEU L 185 -7.53 34.05 11.05
CA LEU L 185 -7.56 33.47 12.39
C LEU L 185 -8.77 32.57 12.62
N ILE L 186 -9.86 32.85 11.88
CA ILE L 186 -11.08 32.10 12.08
C ILE L 186 -10.95 30.59 12.25
N PRO L 187 -10.35 29.93 11.28
CA PRO L 187 -10.20 28.48 11.27
C PRO L 187 -9.30 27.96 12.37
N MET L 188 -8.56 28.82 13.05
CA MET L 188 -7.65 28.31 14.10
C MET L 188 -8.22 28.50 15.49
N CYS L 189 -9.31 29.24 15.64
CA CYS L 189 -9.90 29.52 16.93
C CYS L 189 -10.69 28.34 17.50
N PRO L 190 -10.34 27.94 18.71
CA PRO L 190 -10.98 26.86 19.45
C PRO L 190 -12.40 27.21 19.87
N ILE L 191 -12.70 28.48 20.07
CA ILE L 191 -14.08 28.88 20.41
C ILE L 191 -14.92 28.66 19.11
N VAL L 192 -14.37 29.11 17.98
CA VAL L 192 -14.99 28.95 16.67
C VAL L 192 -15.23 27.43 16.45
N LYS L 193 -14.17 26.68 16.66
CA LYS L 193 -14.22 25.22 16.52
C LYS L 193 -15.10 24.48 17.49
N SER L 194 -15.75 25.19 18.40
CA SER L 194 -16.69 24.52 19.35
C SER L 194 -17.86 24.05 18.45
N ILE L 195 -17.98 24.69 17.30
CA ILE L 195 -19.01 24.39 16.31
C ILE L 195 -18.45 23.28 15.39
N ALA L 196 -18.97 22.10 15.46
CA ALA L 196 -18.52 20.97 14.67
C ALA L 196 -18.79 21.06 13.18
N ASN L 197 -19.85 21.65 12.71
CA ASN L 197 -20.15 21.76 11.28
C ASN L 197 -19.65 23.04 10.64
N PRO L 198 -18.79 22.87 9.65
CA PRO L 198 -18.20 23.99 8.91
C PRO L 198 -19.27 24.90 8.32
N GLU L 199 -20.41 24.30 8.01
CA GLU L 199 -21.53 25.07 7.45
C GLU L 199 -22.11 26.04 8.49
N ALA L 200 -22.12 25.61 9.73
CA ALA L 200 -22.63 26.43 10.85
C ALA L 200 -21.71 27.63 11.07
N VAL L 201 -20.40 27.40 10.94
CA VAL L 201 -19.42 28.48 11.12
C VAL L 201 -19.64 29.64 10.15
N GLN L 202 -19.90 29.26 8.92
CA GLN L 202 -20.14 30.16 7.80
C GLN L 202 -21.20 31.19 8.13
N GLN L 203 -22.19 30.72 8.90
CA GLN L 203 -23.32 31.54 9.32
C GLN L 203 -22.91 32.68 10.25
N LEU L 204 -21.73 32.58 10.83
CA LEU L 204 -21.22 33.58 11.76
C LEU L 204 -20.31 34.63 11.12
N ILE L 205 -20.14 34.49 9.81
CA ILE L 205 -19.25 35.36 9.06
C ILE L 205 -19.92 36.49 8.34
N ALA L 206 -19.64 37.70 8.79
CA ALA L 206 -20.23 38.90 8.18
C ALA L 206 -19.54 39.10 6.83
N LYS L 207 -20.34 39.45 5.84
CA LYS L 207 -19.82 39.67 4.48
C LYS L 207 -19.69 41.16 4.18
N LEU L 208 -18.56 41.46 3.57
CA LEU L 208 -18.27 42.85 3.14
C LEU L 208 -19.45 43.30 2.25
N ASP L 209 -19.96 44.48 2.49
CA ASP L 209 -21.13 44.95 1.69
C ASP L 209 -20.89 46.34 1.13
N MET L 210 -20.27 46.39 -0.03
CA MET L 210 -19.92 47.60 -0.77
C MET L 210 -21.15 48.45 -1.11
N ASN L 211 -22.25 47.77 -1.35
CA ASN L 211 -23.55 48.38 -1.67
C ASN L 211 -24.02 49.28 -0.52
N ASN L 212 -23.71 48.89 0.69
CA ASN L 212 -24.12 49.62 1.88
C ASN L 212 -23.19 50.67 2.42
N ALA L 213 -21.99 50.76 1.88
CA ALA L 213 -20.96 51.68 2.29
C ALA L 213 -21.21 53.14 1.97
N ASN L 214 -20.63 54.04 2.76
CA ASN L 214 -20.77 55.49 2.46
C ASN L 214 -19.42 55.87 1.82
N PRO L 215 -19.42 56.13 0.53
CA PRO L 215 -18.18 56.46 -0.21
C PRO L 215 -17.43 57.55 0.51
N MET L 216 -16.13 57.47 0.49
CA MET L 216 -15.20 58.43 1.10
C MET L 216 -15.44 58.53 2.61
N ASP L 217 -16.10 57.54 3.18
CA ASP L 217 -16.43 57.62 4.63
C ASP L 217 -16.29 56.36 5.42
N CYS L 218 -17.13 55.35 5.19
CA CYS L 218 -17.03 54.07 5.91
C CYS L 218 -17.46 52.88 5.06
N LEU L 219 -16.94 51.73 5.39
CA LEU L 219 -17.30 50.46 4.75
C LEU L 219 -18.53 49.90 5.53
N ALA L 220 -19.03 48.78 5.01
CA ALA L 220 -20.17 48.09 5.57
C ALA L 220 -20.03 46.56 5.46
N TYR L 221 -20.58 45.93 6.47
CA TYR L 221 -20.65 44.51 6.69
C TYR L 221 -22.10 44.12 6.89
N ARG L 222 -22.48 43.02 6.26
CA ARG L 222 -23.86 42.49 6.32
C ARG L 222 -23.87 41.29 7.24
N PHE L 223 -24.78 41.28 8.21
CA PHE L 223 -24.83 40.13 9.17
C PHE L 223 -26.30 39.84 9.47
N ASP L 224 -26.78 38.73 8.89
CA ASP L 224 -28.21 38.38 9.14
C ASP L 224 -28.25 37.34 10.27
N ILE L 225 -29.32 37.40 11.03
CA ILE L 225 -29.49 36.47 12.17
C ILE L 225 -30.75 35.68 12.00
N VAL L 226 -30.69 34.40 12.23
CA VAL L 226 -31.88 33.55 12.13
C VAL L 226 -32.27 33.01 13.52
N LEU L 227 -33.48 33.35 13.97
CA LEU L 227 -33.96 32.85 15.26
C LEU L 227 -34.86 31.61 15.05
N ARG L 228 -35.10 30.89 16.15
CA ARG L 228 -35.93 29.68 16.08
C ARG L 228 -37.24 30.01 15.34
N GLY L 229 -37.63 29.03 14.51
CA GLY L 229 -38.89 29.22 13.73
C GLY L 229 -40.07 29.23 14.71
N GLN L 230 -40.95 30.18 14.50
CA GLN L 230 -42.16 30.37 15.31
C GLN L 230 -43.39 29.90 14.53
N ARG L 231 -44.25 29.13 15.17
CA ARG L 231 -45.48 28.65 14.52
C ARG L 231 -46.63 28.58 15.52
N LYS L 232 -47.81 28.46 14.91
CA LYS L 232 -49.05 28.37 15.77
C LYS L 232 -49.17 26.92 16.24
N THR L 233 -49.84 26.80 17.37
CA THR L 233 -50.05 25.41 17.94
C THR L 233 -51.10 24.77 17.03
N HIS L 234 -51.17 23.47 17.03
CA HIS L 234 -52.20 22.81 16.15
C HIS L 234 -52.51 21.43 16.71
N PHE L 235 -53.81 21.13 16.68
CA PHE L 235 -54.31 19.84 17.13
C PHE L 235 -53.76 19.48 18.51
N GLU L 236 -53.36 20.51 19.23
CA GLU L 236 -52.79 20.30 20.58
C GLU L 236 -53.86 19.93 21.61
#